data_4QYJ
#
_entry.id   4QYJ
#
_cell.length_a   112.090
_cell.length_b   118.690
_cell.length_c   304.740
_cell.angle_alpha   90.00
_cell.angle_beta   90.00
_cell.angle_gamma   90.00
#
_symmetry.space_group_name_H-M   'P 21 21 21'
#
_entity_poly.entity_id   1
_entity_poly.type   'polypeptide(L)'
_entity_poly.pdbx_seq_one_letter_code
;MGSSHHHHHHSSGLVPRGSHMNSSLSAIDGLRLPHQMLIGGQWVSAQSGKTLNVYNPATGDILTEVPDGDVEDVNAAVES
AAATLRSDTWRRMPPSARERILLRLADLLEVHGDELARLETLNNGKLLIYSKLMEVGASAQWLRYMAGWATKLTGSTLDL
SLPLPPEVRSRASTQRVPVGVVAAIIPWNFPLLMAVWKIAPALACGNTVVLKPAEETPLTALRLAELAMEAGLPAGALNV
VTGRGETAGDALVRHPKVAKVAFTGSTEVGRIIGSACGRSLKAVSLELGGKSPVIVLADCDPQEAAEGAAAAIFFNHGQV
CTAGSRLYVHESIYEDVIQRLAVIGESIVVGSGLEQGVHMGPMVSKKHHENVLRHIRNGIEDGADLICGGTEAPCAQGFF
VKPTIFANREKKDIRLLSQEVFGPVLVATPFSDIAEVVNEANRSVYGLGASIWTNDLSAALRINDELEAGTVWVNTHNMV
DPNLPFGGFKDSGVGREHGAAAIEHYTTTRSLVIAY
;
_entity_poly.pdbx_strand_id   A,B,C,D,E,F,G,H
#
# COMPACT_ATOMS: atom_id res chain seq x y z
N GLN A 36 -32.66 39.89 47.77
CA GLN A 36 -31.38 40.21 47.19
C GLN A 36 -31.49 39.26 46.02
N MET A 37 -30.67 39.41 45.01
CA MET A 37 -30.74 38.51 43.89
C MET A 37 -29.55 37.66 43.85
N LEU A 38 -29.49 36.74 42.91
CA LEU A 38 -28.37 35.86 42.83
C LEU A 38 -27.57 36.03 41.59
N ILE A 39 -26.31 36.30 41.76
CA ILE A 39 -25.39 36.47 40.67
C ILE A 39 -24.04 36.00 41.08
N GLY A 40 -23.72 34.78 40.73
CA GLY A 40 -22.42 34.26 40.96
C GLY A 40 -22.30 33.52 42.25
N GLY A 41 -23.41 33.08 42.79
CA GLY A 41 -23.46 32.38 44.04
C GLY A 41 -23.69 33.30 45.16
N GLN A 42 -23.94 34.53 44.81
CA GLN A 42 -23.89 35.65 45.71
C GLN A 42 -25.15 36.39 45.77
N TRP A 43 -25.65 36.59 46.96
CA TRP A 43 -26.84 37.33 47.20
C TRP A 43 -26.43 38.72 47.25
N VAL A 44 -26.96 39.47 46.35
CA VAL A 44 -26.46 40.75 45.94
C VAL A 44 -27.64 41.69 45.77
N SER A 45 -27.46 42.98 46.00
CA SER A 45 -28.54 43.92 45.81
C SER A 45 -28.24 44.67 44.55
N ALA A 46 -29.10 45.57 44.11
CA ALA A 46 -28.88 46.32 42.88
C ALA A 46 -27.81 47.40 43.00
N GLN A 47 -27.02 47.58 41.97
CA GLN A 47 -25.92 48.50 42.05
C GLN A 47 -26.29 49.93 42.34
N SER A 48 -27.48 50.32 41.91
CA SER A 48 -28.11 51.56 42.25
C SER A 48 -28.70 51.66 43.62
N GLY A 49 -29.05 50.50 44.17
CA GLY A 49 -29.52 50.37 45.51
C GLY A 49 -30.87 50.89 45.41
N LYS A 50 -31.45 50.65 44.26
CA LYS A 50 -32.81 50.94 44.04
C LYS A 50 -33.50 49.64 44.16
N THR A 51 -34.80 49.71 44.34
CA THR A 51 -35.57 48.58 44.85
C THR A 51 -37.00 48.74 44.31
N LEU A 52 -37.84 47.71 44.47
CA LEU A 52 -39.23 47.82 44.03
C LEU A 52 -40.16 46.89 44.82
N ASN A 53 -41.41 47.32 45.04
CA ASN A 53 -42.40 46.56 45.82
C ASN A 53 -43.12 45.45 45.06
N VAL A 54 -43.21 44.30 45.73
CA VAL A 54 -44.05 43.15 45.40
C VAL A 54 -45.26 43.17 46.36
N TYR A 55 -46.42 42.66 45.96
CA TYR A 55 -47.68 42.72 46.71
C TYR A 55 -48.36 41.39 47.02
N ASN A 56 -49.29 41.41 47.94
CA ASN A 56 -50.15 40.29 48.18
C ASN A 56 -51.45 40.63 47.52
N PRO A 57 -51.84 39.91 46.49
CA PRO A 57 -53.02 40.32 45.76
C PRO A 57 -54.35 40.13 46.45
N ALA A 58 -54.36 39.64 47.66
CA ALA A 58 -55.61 39.36 48.31
C ALA A 58 -55.99 40.49 49.19
N THR A 59 -55.00 41.07 49.81
CA THR A 59 -55.18 42.19 50.67
C THR A 59 -54.78 43.43 49.93
N GLY A 60 -53.84 43.27 49.03
CA GLY A 60 -53.40 44.31 48.16
C GLY A 60 -52.30 45.17 48.72
N ASP A 61 -51.56 44.65 49.72
CA ASP A 61 -50.51 45.44 50.37
C ASP A 61 -49.08 45.00 49.97
N ILE A 62 -48.07 45.69 50.50
CA ILE A 62 -46.70 45.34 50.19
C ILE A 62 -46.47 44.03 50.91
N LEU A 63 -45.82 43.07 50.27
CA LEU A 63 -45.46 41.84 50.89
C LEU A 63 -44.02 42.01 51.22
N THR A 64 -43.33 42.54 50.25
CA THR A 64 -41.91 42.85 50.37
C THR A 64 -41.34 43.70 49.27
N GLU A 65 -40.01 43.72 49.16
CA GLU A 65 -39.24 44.46 48.18
C GLU A 65 -38.27 43.53 47.49
N VAL A 66 -37.77 43.90 46.34
CA VAL A 66 -36.78 43.08 45.73
C VAL A 66 -35.99 44.04 44.91
N PRO A 67 -34.87 43.68 44.31
CA PRO A 67 -34.06 44.67 43.61
C PRO A 67 -34.49 45.10 42.25
N ASP A 68 -34.47 46.40 41.99
CA ASP A 68 -34.83 47.05 40.76
C ASP A 68 -33.62 47.23 39.89
N GLY A 69 -33.20 46.13 39.29
CA GLY A 69 -32.03 45.98 38.49
C GLY A 69 -32.05 46.56 37.11
N ASP A 70 -30.87 46.93 36.66
CA ASP A 70 -30.76 47.67 35.45
C ASP A 70 -29.66 46.97 34.75
N VAL A 71 -29.01 47.65 33.83
CA VAL A 71 -28.23 47.08 32.77
C VAL A 71 -26.81 46.82 33.17
N GLU A 72 -26.47 47.33 34.34
CA GLU A 72 -25.36 46.99 35.19
C GLU A 72 -25.46 45.64 35.74
N ASP A 73 -26.60 45.32 36.26
CA ASP A 73 -26.85 44.03 36.85
C ASP A 73 -27.49 42.90 36.04
N VAL A 74 -27.66 43.13 34.78
CA VAL A 74 -27.99 42.11 33.87
C VAL A 74 -26.63 41.72 33.37
N ASN A 75 -25.74 42.66 33.31
CA ASN A 75 -24.47 42.42 32.73
C ASN A 75 -23.54 41.55 33.50
N ALA A 76 -23.58 41.66 34.80
CA ALA A 76 -22.78 40.91 35.70
C ALA A 76 -23.28 39.52 35.61
N ALA A 77 -24.59 39.41 35.65
CA ALA A 77 -25.26 38.15 35.64
C ALA A 77 -25.11 37.44 34.37
N VAL A 78 -25.01 38.13 33.26
CA VAL A 78 -24.77 37.43 32.03
C VAL A 78 -23.32 37.12 31.71
N GLU A 79 -22.39 37.67 32.47
CA GLU A 79 -20.99 37.52 32.26
C GLU A 79 -20.55 36.48 33.15
N SER A 80 -21.37 36.17 34.10
CA SER A 80 -21.14 35.17 35.10
C SER A 80 -21.59 33.81 34.69
N ALA A 81 -22.47 33.74 33.74
CA ALA A 81 -23.00 32.52 33.26
C ALA A 81 -22.18 32.18 32.11
N ALA A 82 -21.56 33.13 31.50
CA ALA A 82 -20.74 32.82 30.40
C ALA A 82 -19.40 32.44 30.92
N ALA A 83 -18.98 32.91 32.02
CA ALA A 83 -17.88 32.35 32.75
C ALA A 83 -17.80 30.92 33.07
N THR A 84 -18.96 30.44 33.40
CA THR A 84 -19.32 29.17 34.00
C THR A 84 -19.72 28.17 33.00
N LEU A 85 -20.23 28.64 31.85
CA LEU A 85 -20.55 27.75 30.74
C LEU A 85 -19.24 27.27 30.12
N ARG A 86 -18.25 28.16 30.13
CA ARG A 86 -16.94 27.82 29.67
C ARG A 86 -16.11 27.13 30.68
N SER A 87 -16.46 27.21 31.96
CA SER A 87 -15.72 26.52 32.99
C SER A 87 -15.73 25.07 32.73
N ASP A 88 -14.67 24.40 33.09
CA ASP A 88 -14.54 23.06 32.67
C ASP A 88 -15.35 22.24 33.59
N THR A 89 -15.62 22.80 34.73
CA THR A 89 -16.28 22.07 35.74
C THR A 89 -17.73 21.97 35.42
N TRP A 90 -18.25 22.82 34.57
CA TRP A 90 -19.60 22.69 34.13
C TRP A 90 -19.69 22.04 32.76
N ARG A 91 -18.91 22.49 31.80
CA ARG A 91 -18.88 21.99 30.45
C ARG A 91 -18.63 20.52 30.39
N ARG A 92 -17.70 20.08 31.21
CA ARG A 92 -17.24 18.74 31.19
C ARG A 92 -17.62 17.96 32.40
N MET A 93 -18.71 18.31 33.05
CA MET A 93 -19.34 17.64 34.14
C MET A 93 -19.89 16.41 33.56
N PRO A 94 -19.59 15.25 34.14
CA PRO A 94 -20.12 14.00 33.64
C PRO A 94 -21.61 14.08 33.64
N PRO A 95 -22.28 13.34 32.78
CA PRO A 95 -23.69 13.52 32.54
C PRO A 95 -24.64 12.94 33.59
N SER A 96 -24.16 12.31 34.62
CA SER A 96 -24.99 11.72 35.63
C SER A 96 -24.86 12.58 36.85
N ALA A 97 -24.02 13.57 36.73
CA ALA A 97 -23.77 14.50 37.78
C ALA A 97 -24.69 15.64 37.61
N ARG A 98 -25.07 15.94 36.39
CA ARG A 98 -26.01 16.97 36.02
C ARG A 98 -27.42 16.48 36.13
N GLU A 99 -27.57 15.19 36.13
CA GLU A 99 -28.82 14.50 36.30
C GLU A 99 -29.08 14.44 37.77
N ARG A 100 -28.03 14.38 38.56
CA ARG A 100 -28.18 14.26 39.99
C ARG A 100 -28.44 15.54 40.69
N ILE A 101 -28.06 16.65 40.11
CA ILE A 101 -28.33 17.97 40.64
C ILE A 101 -29.79 18.27 40.47
N LEU A 102 -30.37 17.89 39.36
CA LEU A 102 -31.74 18.15 39.05
C LEU A 102 -32.68 17.21 39.78
N LEU A 103 -32.21 16.01 40.08
CA LEU A 103 -32.75 15.04 40.97
C LEU A 103 -32.73 15.39 42.41
N ARG A 104 -31.65 15.91 42.90
CA ARG A 104 -31.61 16.37 44.27
C ARG A 104 -32.41 17.62 44.54
N LEU A 105 -32.70 18.45 43.57
CA LEU A 105 -33.53 19.62 43.78
C LEU A 105 -35.00 19.37 43.66
N ALA A 106 -35.42 18.45 42.84
CA ALA A 106 -36.80 18.04 42.85
C ALA A 106 -37.14 17.45 44.19
N ASP A 107 -36.17 16.78 44.76
CA ASP A 107 -36.18 16.26 46.11
C ASP A 107 -36.15 17.37 47.18
N LEU A 108 -35.67 18.55 46.86
CA LEU A 108 -35.73 19.73 47.73
C LEU A 108 -36.82 20.75 47.43
N LEU A 109 -37.65 20.51 46.46
CA LEU A 109 -38.76 21.36 46.26
C LEU A 109 -39.85 20.72 47.00
N GLU A 110 -39.78 19.43 47.07
CA GLU A 110 -40.76 18.65 47.81
C GLU A 110 -40.57 18.52 49.27
N VAL A 111 -39.32 18.64 49.68
CA VAL A 111 -38.95 18.71 51.08
C VAL A 111 -39.17 20.12 51.63
N HIS A 112 -39.14 21.12 50.75
CA HIS A 112 -39.35 22.46 51.22
C HIS A 112 -40.62 23.02 50.80
N GLY A 113 -41.60 22.17 50.64
CA GLY A 113 -42.80 22.40 49.89
C GLY A 113 -44.02 23.01 50.45
N ASP A 114 -44.22 22.90 51.74
CA ASP A 114 -45.18 23.76 52.44
C ASP A 114 -44.77 25.24 52.35
N GLU A 115 -43.47 25.54 52.48
CA GLU A 115 -42.96 26.95 52.49
C GLU A 115 -43.04 27.62 51.12
N LEU A 116 -42.54 26.94 50.09
CA LEU A 116 -42.76 27.38 48.73
C LEU A 116 -44.24 27.47 48.33
N ALA A 117 -45.08 26.61 48.80
CA ALA A 117 -46.49 26.75 48.55
C ALA A 117 -47.17 27.86 49.28
N ARG A 118 -46.82 28.17 50.52
CA ARG A 118 -47.34 29.38 51.20
C ARG A 118 -46.83 30.62 50.40
N LEU A 119 -45.57 30.58 49.98
CA LEU A 119 -44.96 31.68 49.22
C LEU A 119 -45.72 32.11 47.95
N GLU A 120 -46.09 31.14 47.15
CA GLU A 120 -46.82 31.33 45.92
C GLU A 120 -48.12 31.96 46.27
N THR A 121 -48.97 31.26 46.97
CA THR A 121 -50.23 31.80 47.48
C THR A 121 -50.24 33.23 48.01
N LEU A 122 -49.26 33.56 48.83
CA LEU A 122 -48.93 34.93 49.19
C LEU A 122 -48.72 35.91 48.04
N ASN A 123 -47.79 35.64 47.15
CA ASN A 123 -47.39 36.49 46.04
C ASN A 123 -48.30 36.51 44.79
N ASN A 124 -48.88 35.37 44.50
CA ASN A 124 -49.65 35.09 43.33
C ASN A 124 -51.19 34.99 43.51
N GLY A 125 -51.66 34.52 44.66
CA GLY A 125 -53.01 34.61 44.98
C GLY A 125 -53.76 33.35 44.86
N LYS A 126 -53.01 32.37 44.45
CA LYS A 126 -53.42 31.11 43.97
C LYS A 126 -53.81 30.33 45.17
N LEU A 127 -54.72 29.38 45.01
CA LEU A 127 -55.14 28.56 46.10
C LEU A 127 -54.07 27.66 46.61
N LEU A 128 -53.90 27.62 47.91
CA LEU A 128 -52.82 26.90 48.52
C LEU A 128 -52.67 25.47 48.09
N ILE A 129 -53.75 24.74 47.94
CA ILE A 129 -53.64 23.36 47.51
C ILE A 129 -53.13 23.20 46.11
N TYR A 130 -53.50 24.08 45.23
CA TYR A 130 -52.91 24.19 43.93
C TYR A 130 -51.51 24.68 43.82
N SER A 131 -51.01 25.28 44.87
CA SER A 131 -49.65 25.71 44.96
C SER A 131 -48.86 24.51 45.29
N LYS A 132 -49.41 23.62 46.06
CA LYS A 132 -48.73 22.46 46.55
C LYS A 132 -48.67 21.36 45.56
N LEU A 133 -49.64 21.37 44.67
CA LEU A 133 -49.87 20.32 43.71
C LEU A 133 -49.40 20.67 42.35
N MET A 134 -49.62 21.92 41.94
CA MET A 134 -49.38 22.31 40.58
C MET A 134 -48.21 23.27 40.45
N GLU A 135 -47.54 23.57 41.57
CA GLU A 135 -46.45 24.45 41.47
C GLU A 135 -45.33 23.84 42.16
N VAL A 136 -45.55 23.26 43.32
CA VAL A 136 -44.46 22.59 43.99
C VAL A 136 -44.32 21.21 43.45
N GLY A 137 -45.43 20.58 43.14
CA GLY A 137 -45.44 19.21 42.80
C GLY A 137 -45.34 18.85 41.36
N ALA A 138 -45.73 19.74 40.48
CA ALA A 138 -45.59 19.53 39.07
C ALA A 138 -44.22 19.96 38.71
N SER A 139 -43.67 20.88 39.47
CA SER A 139 -42.32 21.35 39.30
C SER A 139 -41.30 20.36 39.63
N ALA A 140 -41.56 19.57 40.63
CA ALA A 140 -40.69 18.49 40.97
C ALA A 140 -40.72 17.40 39.96
N GLN A 141 -41.83 17.22 39.28
CA GLN A 141 -42.06 16.23 38.28
C GLN A 141 -41.40 16.54 36.98
N TRP A 142 -41.30 17.83 36.67
CA TRP A 142 -40.66 18.29 35.46
C TRP A 142 -39.14 18.20 35.61
N LEU A 143 -38.66 18.40 36.83
CA LEU A 143 -37.25 18.32 37.10
C LEU A 143 -36.90 16.91 36.80
N ARG A 144 -37.51 15.98 37.49
CA ARG A 144 -37.19 14.59 37.38
C ARG A 144 -37.16 14.24 35.96
N TYR A 145 -38.24 14.42 35.24
CA TYR A 145 -38.26 14.19 33.82
C TYR A 145 -37.23 14.71 32.90
N MET A 146 -36.72 15.87 33.20
CA MET A 146 -35.80 16.50 32.34
C MET A 146 -34.46 16.14 32.76
N ALA A 147 -34.32 15.73 34.00
CA ALA A 147 -33.08 15.28 34.59
C ALA A 147 -32.66 14.00 33.97
N GLY A 148 -33.58 13.17 33.63
CA GLY A 148 -33.36 12.01 32.82
C GLY A 148 -33.07 12.11 31.36
N TRP A 149 -33.06 13.31 30.88
CA TRP A 149 -32.73 13.53 29.55
C TRP A 149 -31.23 13.80 29.53
N ALA A 150 -30.69 14.32 30.61
CA ALA A 150 -29.33 14.79 30.76
C ALA A 150 -28.34 13.77 30.38
N THR A 151 -28.84 12.57 30.31
CA THR A 151 -28.00 11.45 30.25
C THR A 151 -28.23 10.64 28.98
N LYS A 152 -29.14 11.13 28.16
CA LYS A 152 -29.64 10.51 26.98
C LYS A 152 -29.63 11.38 25.74
N LEU A 153 -28.75 12.36 25.70
CA LEU A 153 -28.61 13.32 24.63
C LEU A 153 -27.65 12.87 23.58
N THR A 154 -28.17 12.55 22.41
CA THR A 154 -27.41 11.88 21.37
C THR A 154 -27.36 12.55 20.01
N GLY A 155 -26.27 12.37 19.31
CA GLY A 155 -26.18 12.71 17.93
C GLY A 155 -26.27 11.47 17.08
N SER A 156 -25.76 11.49 15.88
CA SER A 156 -25.90 10.42 14.97
C SER A 156 -24.58 10.07 14.41
N THR A 157 -24.53 8.98 13.70
CA THR A 157 -23.35 8.37 13.19
C THR A 157 -23.81 8.07 11.79
N LEU A 158 -23.12 8.52 10.75
CA LEU A 158 -23.69 8.57 9.42
C LEU A 158 -22.96 7.89 8.29
N ASP A 159 -23.67 7.65 7.19
CA ASP A 159 -23.02 7.14 5.96
C ASP A 159 -22.83 8.41 5.23
N LEU A 160 -22.12 8.33 4.11
CA LEU A 160 -21.87 9.50 3.29
C LEU A 160 -21.27 9.13 1.94
N SER A 161 -21.97 9.49 0.87
CA SER A 161 -21.48 9.20 -0.49
C SER A 161 -20.80 10.45 -1.05
N LEU A 162 -19.50 10.55 -0.77
CA LEU A 162 -18.72 11.78 -0.93
C LEU A 162 -18.38 12.34 -2.32
N PRO A 163 -17.49 11.66 -3.06
CA PRO A 163 -16.90 10.40 -2.64
C PRO A 163 -15.38 10.55 -2.79
N LEU A 164 -14.66 10.61 -1.68
CA LEU A 164 -13.21 10.79 -1.72
C LEU A 164 -12.52 9.74 -2.58
N PRO A 165 -11.25 9.99 -2.88
CA PRO A 165 -10.43 9.05 -3.65
C PRO A 165 -10.47 7.67 -3.02
N PRO A 166 -10.04 6.67 -3.76
CA PRO A 166 -10.06 5.28 -3.31
C PRO A 166 -9.03 5.15 -2.18
N GLU A 167 -8.90 3.95 -1.63
CA GLU A 167 -7.94 3.71 -0.56
C GLU A 167 -8.25 4.62 0.61
N VAL A 168 -9.33 5.40 0.49
CA VAL A 168 -9.73 6.32 1.53
C VAL A 168 -11.06 5.90 2.14
N ARG A 169 -11.30 6.31 3.39
CA ARG A 169 -12.48 5.99 4.07
C ARG A 169 -12.80 7.15 4.93
N SER A 170 -14.02 7.23 5.39
CA SER A 170 -14.44 8.34 6.13
C SER A 170 -15.43 7.88 7.14
N ARG A 171 -15.43 8.49 8.30
CA ARG A 171 -16.46 8.30 9.32
C ARG A 171 -17.02 9.66 9.74
N ALA A 172 -18.34 9.81 9.71
CA ALA A 172 -19.02 11.11 9.94
C ALA A 172 -20.14 11.11 10.97
N SER A 173 -20.07 12.03 11.92
CA SER A 173 -21.03 12.10 13.00
C SER A 173 -21.51 13.52 13.32
N THR A 174 -22.60 13.63 14.05
CA THR A 174 -22.99 14.90 14.64
C THR A 174 -22.92 14.74 16.13
N GLN A 175 -22.70 15.84 16.85
CA GLN A 175 -22.54 15.82 18.27
C GLN A 175 -23.42 16.85 18.89
N ARG A 176 -24.39 16.39 19.65
CA ARG A 176 -25.25 17.29 20.39
C ARG A 176 -24.48 18.07 21.47
N VAL A 177 -24.63 19.39 21.46
CA VAL A 177 -23.86 20.34 22.31
C VAL A 177 -24.83 21.36 22.90
N PRO A 178 -24.45 22.15 23.95
CA PRO A 178 -25.43 23.11 24.46
C PRO A 178 -25.44 24.41 23.65
N VAL A 179 -26.53 25.17 23.75
CA VAL A 179 -26.77 26.40 22.97
C VAL A 179 -25.94 27.60 23.54
N GLY A 180 -25.81 27.68 24.87
CA GLY A 180 -24.97 28.68 25.49
C GLY A 180 -25.66 29.25 26.72
N VAL A 181 -25.59 30.57 26.88
CA VAL A 181 -26.27 31.28 27.95
C VAL A 181 -27.74 31.54 27.61
N VAL A 182 -28.62 31.17 28.53
CA VAL A 182 -30.04 31.27 28.28
C VAL A 182 -30.66 32.43 29.04
N ALA A 183 -31.26 33.35 28.28
CA ALA A 183 -32.09 34.43 28.83
C ALA A 183 -33.53 33.95 29.08
N ALA A 184 -33.92 33.73 30.33
CA ALA A 184 -35.26 33.19 30.60
C ALA A 184 -36.22 34.20 31.22
N ILE A 185 -37.25 34.59 30.48
CA ILE A 185 -38.25 35.50 31.03
C ILE A 185 -39.58 34.83 31.34
N ILE A 186 -40.00 34.90 32.61
CA ILE A 186 -41.13 34.11 33.08
C ILE A 186 -42.35 34.97 33.37
N PRO A 187 -43.54 34.45 33.02
CA PRO A 187 -44.85 35.08 33.27
C PRO A 187 -45.33 34.89 34.71
N TRP A 188 -46.32 35.67 35.13
CA TRP A 188 -46.71 35.74 36.55
C TRP A 188 -47.84 34.80 36.99
N ASN A 189 -48.34 33.95 36.13
CA ASN A 189 -49.46 33.12 36.49
C ASN A 189 -49.10 31.85 37.20
N PHE A 190 -47.88 31.41 37.02
CA PHE A 190 -47.39 30.18 37.66
C PHE A 190 -45.89 30.24 37.98
N PRO A 191 -45.53 31.18 38.79
CA PRO A 191 -44.16 31.57 38.99
C PRO A 191 -43.13 30.50 39.21
N LEU A 192 -43.30 29.58 40.13
CA LEU A 192 -42.42 28.43 40.34
C LEU A 192 -42.33 27.49 39.12
N LEU A 193 -43.48 27.02 38.66
CA LEU A 193 -43.54 26.13 37.53
C LEU A 193 -42.91 26.73 36.28
N MET A 194 -43.47 27.83 35.78
CA MET A 194 -43.04 28.46 34.53
C MET A 194 -41.57 28.84 34.38
N ALA A 195 -40.91 29.02 35.54
CA ALA A 195 -39.45 28.99 35.77
C ALA A 195 -38.70 27.65 35.78
N VAL A 196 -39.32 26.61 36.33
CA VAL A 196 -38.84 25.24 36.15
C VAL A 196 -38.92 24.99 34.63
N TRP A 197 -40.02 25.29 33.96
CA TRP A 197 -40.25 24.97 32.55
C TRP A 197 -39.26 25.40 31.50
N LYS A 198 -38.38 26.30 31.97
CA LYS A 198 -37.21 26.77 31.26
C LYS A 198 -35.89 26.32 31.91
N ILE A 199 -35.69 26.56 33.21
CA ILE A 199 -34.38 26.19 33.79
C ILE A 199 -34.15 24.67 33.77
N ALA A 200 -35.20 23.89 34.05
CA ALA A 200 -35.07 22.44 34.10
C ALA A 200 -34.51 21.90 32.80
N PRO A 201 -35.05 22.26 31.66
CA PRO A 201 -34.55 21.81 30.38
C PRO A 201 -33.30 22.46 29.92
N ALA A 202 -32.94 23.61 30.44
CA ALA A 202 -31.74 24.26 29.96
C ALA A 202 -30.57 23.64 30.69
N LEU A 203 -30.67 23.58 32.01
CA LEU A 203 -29.68 22.87 32.80
C LEU A 203 -29.44 21.38 32.44
N ALA A 204 -30.46 20.62 32.16
CA ALA A 204 -30.31 19.28 31.64
C ALA A 204 -29.34 19.30 30.52
N CYS A 205 -29.55 20.21 29.57
CA CYS A 205 -28.70 20.29 28.37
C CYS A 205 -27.23 20.68 28.58
N GLY A 206 -26.90 21.37 29.67
CA GLY A 206 -25.54 21.89 29.83
C GLY A 206 -25.51 23.39 29.52
N ASN A 207 -26.69 23.97 29.37
CA ASN A 207 -26.76 25.41 29.18
C ASN A 207 -26.72 25.94 30.60
N THR A 208 -26.21 27.17 30.73
CA THR A 208 -26.43 27.99 31.91
C THR A 208 -27.55 29.00 31.61
N VAL A 209 -28.15 29.58 32.67
CA VAL A 209 -29.30 30.47 32.47
C VAL A 209 -29.26 31.76 33.28
N VAL A 210 -29.82 32.82 32.70
CA VAL A 210 -30.09 34.01 33.45
C VAL A 210 -31.60 34.18 33.42
N LEU A 211 -32.20 34.13 34.61
CA LEU A 211 -33.63 34.07 34.72
C LEU A 211 -34.19 35.39 35.23
N LYS A 212 -35.14 35.97 34.49
CA LYS A 212 -35.87 37.12 35.01
C LYS A 212 -37.34 36.80 35.31
N PRO A 213 -37.71 36.75 36.61
CA PRO A 213 -39.14 36.61 36.87
C PRO A 213 -39.93 37.92 36.69
N ALA A 214 -41.24 37.79 36.51
CA ALA A 214 -42.15 38.91 36.35
C ALA A 214 -41.92 39.78 37.55
N GLU A 215 -42.43 41.00 37.51
CA GLU A 215 -42.07 41.97 38.51
C GLU A 215 -43.19 41.89 39.55
N GLU A 216 -44.31 41.29 39.15
CA GLU A 216 -45.43 41.09 40.07
C GLU A 216 -45.23 39.86 40.95
N THR A 217 -44.27 39.03 40.57
CA THR A 217 -43.94 37.80 41.29
C THR A 217 -42.49 37.30 41.24
N PRO A 218 -41.58 37.77 42.10
CA PRO A 218 -40.22 37.27 42.03
C PRO A 218 -39.75 36.27 43.05
N LEU A 219 -40.44 36.12 44.17
CA LEU A 219 -40.01 35.35 45.36
C LEU A 219 -39.76 33.85 45.17
N THR A 220 -40.60 33.14 44.47
CA THR A 220 -40.41 31.71 44.31
C THR A 220 -39.28 31.34 43.41
N ALA A 221 -38.91 32.19 42.50
CA ALA A 221 -37.70 31.91 41.72
C ALA A 221 -36.44 32.24 42.52
N LEU A 222 -36.57 33.11 43.51
CA LEU A 222 -35.41 33.39 44.35
C LEU A 222 -35.08 32.23 45.25
N ARG A 223 -36.09 31.60 45.76
CA ARG A 223 -35.98 30.41 46.55
C ARG A 223 -35.50 29.27 45.69
N LEU A 224 -35.94 29.20 44.47
CA LEU A 224 -35.59 28.19 43.48
C LEU A 224 -34.08 28.23 43.34
N ALA A 225 -33.57 29.40 42.98
CA ALA A 225 -32.16 29.60 42.86
C ALA A 225 -31.21 29.19 44.01
N GLU A 226 -31.61 29.44 45.23
CA GLU A 226 -30.87 28.97 46.35
C GLU A 226 -30.98 27.53 46.72
N LEU A 227 -32.08 26.86 46.36
CA LEU A 227 -32.22 25.44 46.47
C LEU A 227 -31.46 24.77 45.37
N ALA A 228 -31.27 25.48 44.26
CA ALA A 228 -30.50 24.93 43.16
C ALA A 228 -29.08 24.70 43.63
N MET A 229 -28.55 25.66 44.38
CA MET A 229 -27.19 25.56 44.91
C MET A 229 -27.02 24.56 46.05
N GLU A 230 -28.06 24.40 46.89
CA GLU A 230 -28.11 23.35 47.93
C GLU A 230 -28.05 21.92 47.29
N ALA A 231 -28.65 21.76 46.14
CA ALA A 231 -28.61 20.57 45.32
C ALA A 231 -27.31 20.29 44.58
N GLY A 232 -26.38 21.22 44.55
CA GLY A 232 -25.06 21.00 43.98
C GLY A 232 -24.79 21.74 42.68
N LEU A 233 -25.63 22.68 42.33
CA LEU A 233 -25.41 23.48 41.14
C LEU A 233 -24.33 24.50 41.38
N PRO A 234 -23.32 24.53 40.53
CA PRO A 234 -22.19 25.45 40.71
C PRO A 234 -22.62 26.90 40.59
N ALA A 235 -21.99 27.77 41.38
CA ALA A 235 -22.19 29.22 41.25
C ALA A 235 -22.11 29.70 39.79
N GLY A 236 -23.03 30.58 39.43
CA GLY A 236 -23.11 31.17 38.10
C GLY A 236 -24.00 30.43 37.11
N ALA A 237 -24.31 29.16 37.40
CA ALA A 237 -25.12 28.34 36.49
C ALA A 237 -26.57 28.80 36.39
N LEU A 238 -27.10 29.43 37.42
CA LEU A 238 -28.44 29.94 37.42
C LEU A 238 -28.36 31.21 38.17
N ASN A 239 -28.51 32.32 37.47
CA ASN A 239 -28.57 33.62 38.06
C ASN A 239 -29.96 34.09 37.93
N VAL A 240 -30.40 34.87 38.89
CA VAL A 240 -31.73 35.45 38.91
C VAL A 240 -31.59 36.95 39.01
N VAL A 241 -32.00 37.67 37.99
CA VAL A 241 -32.00 39.11 38.02
C VAL A 241 -33.44 39.61 38.21
N THR A 242 -33.68 40.68 38.93
CA THR A 242 -35.04 41.12 39.20
C THR A 242 -35.19 42.53 38.75
N GLY A 243 -36.39 42.97 38.56
CA GLY A 243 -36.65 44.32 38.05
C GLY A 243 -37.89 44.53 37.19
N ARG A 244 -38.25 45.80 37.03
CA ARG A 244 -39.28 46.24 36.09
C ARG A 244 -38.95 45.67 34.67
N GLY A 245 -39.99 45.17 33.98
CA GLY A 245 -39.83 44.48 32.68
C GLY A 245 -39.25 45.37 31.58
N GLU A 246 -39.67 46.63 31.58
CA GLU A 246 -39.23 47.59 30.57
C GLU A 246 -37.72 47.60 30.38
N THR A 247 -36.97 47.67 31.48
CA THR A 247 -35.51 47.78 31.36
C THR A 247 -34.64 46.50 31.64
N ALA A 248 -34.87 45.83 32.76
CA ALA A 248 -34.16 44.57 33.03
C ALA A 248 -34.31 43.63 31.82
N GLY A 249 -35.56 43.34 31.45
CA GLY A 249 -35.87 42.59 30.23
C GLY A 249 -35.04 42.98 29.02
N ASP A 250 -35.09 44.22 28.62
CA ASP A 250 -34.42 44.69 27.42
C ASP A 250 -32.96 44.45 27.43
N ALA A 251 -32.33 44.72 28.55
CA ALA A 251 -30.92 44.51 28.75
C ALA A 251 -30.60 43.03 28.51
N LEU A 252 -31.42 42.14 29.08
CA LEU A 252 -31.22 40.70 28.93
C LEU A 252 -31.28 40.24 27.51
N VAL A 253 -32.26 40.75 26.78
CA VAL A 253 -32.51 40.37 25.38
C VAL A 253 -31.39 40.82 24.47
N ARG A 254 -30.95 42.06 24.66
CA ARG A 254 -29.99 42.70 23.79
C ARG A 254 -28.53 42.46 24.23
N HIS A 255 -28.28 41.40 24.99
CA HIS A 255 -26.91 41.17 25.48
C HIS A 255 -26.23 40.32 24.39
N PRO A 256 -25.09 40.76 23.92
CA PRO A 256 -24.26 40.03 23.00
C PRO A 256 -23.80 38.68 23.38
N LYS A 257 -23.65 38.40 24.66
CA LYS A 257 -23.44 37.03 25.17
C LYS A 257 -24.60 36.11 25.55
N VAL A 258 -25.83 36.55 25.33
CA VAL A 258 -27.01 35.70 25.46
C VAL A 258 -27.26 34.94 24.14
N ALA A 259 -27.37 33.62 24.26
CA ALA A 259 -27.40 32.71 23.12
C ALA A 259 -28.80 32.31 22.68
N LYS A 260 -29.73 32.24 23.64
CA LYS A 260 -31.13 31.97 23.34
C LYS A 260 -32.02 32.85 24.21
N VAL A 261 -33.18 33.23 23.70
CA VAL A 261 -34.19 33.92 24.50
C VAL A 261 -35.51 33.13 24.61
N ALA A 262 -35.85 32.67 25.81
CA ALA A 262 -37.08 31.98 26.09
C ALA A 262 -38.02 32.90 26.80
N PHE A 263 -38.98 33.44 26.08
CA PHE A 263 -39.97 34.36 26.62
C PHE A 263 -41.34 33.71 26.58
N THR A 264 -42.18 34.12 27.53
CA THR A 264 -43.61 33.86 27.54
C THR A 264 -44.27 35.09 28.13
N GLY A 265 -45.30 35.60 27.46
CA GLY A 265 -46.07 36.71 28.01
C GLY A 265 -47.02 37.30 27.00
N SER A 266 -47.13 38.64 26.99
CA SER A 266 -47.86 39.40 25.99
C SER A 266 -47.37 39.03 24.61
N THR A 267 -48.27 38.70 23.70
CA THR A 267 -47.86 38.41 22.34
C THR A 267 -47.22 39.61 21.63
N GLU A 268 -47.58 40.82 22.04
CA GLU A 268 -46.99 42.04 21.50
C GLU A 268 -45.51 42.16 21.85
N VAL A 269 -45.18 42.10 23.14
CA VAL A 269 -43.79 42.22 23.58
C VAL A 269 -42.93 41.14 22.91
N GLY A 270 -43.57 40.03 22.55
CA GLY A 270 -42.93 38.90 21.86
C GLY A 270 -42.43 39.30 20.48
N ARG A 271 -43.18 40.17 19.82
CA ARG A 271 -42.74 40.77 18.55
C ARG A 271 -41.44 41.55 18.77
N ILE A 272 -41.40 42.37 19.83
CA ILE A 272 -40.23 43.19 20.15
C ILE A 272 -39.02 42.29 20.29
N ILE A 273 -39.18 41.22 21.07
CA ILE A 273 -38.12 40.21 21.30
C ILE A 273 -37.69 39.55 19.95
N GLY A 274 -38.69 39.12 19.17
CA GLY A 274 -38.48 38.56 17.84
C GLY A 274 -37.52 39.41 17.04
N SER A 275 -37.96 40.63 16.67
CA SER A 275 -37.15 41.60 15.92
C SER A 275 -35.72 41.62 16.44
N ALA A 276 -35.57 41.96 17.71
CA ALA A 276 -34.26 42.03 18.39
C ALA A 276 -33.40 40.75 18.28
N CYS A 277 -34.05 39.60 18.44
CA CYS A 277 -33.34 38.32 18.44
C CYS A 277 -32.87 37.94 17.05
N GLY A 278 -33.66 38.30 16.05
CA GLY A 278 -33.33 37.98 14.68
C GLY A 278 -32.26 38.78 13.99
N ARG A 279 -32.10 40.02 14.38
CA ARG A 279 -30.99 40.84 13.95
C ARG A 279 -29.83 40.53 14.78
N SER A 280 -30.06 40.10 16.00
CA SER A 280 -28.97 39.44 16.73
C SER A 280 -28.48 38.01 16.36
N LEU A 281 -29.20 37.33 15.47
CA LEU A 281 -28.88 35.95 15.10
C LEU A 281 -28.91 34.99 16.31
N LYS A 282 -29.85 35.22 17.22
CA LYS A 282 -29.99 34.32 18.34
C LYS A 282 -31.29 33.52 18.29
N ALA A 283 -31.24 32.34 18.87
CA ALA A 283 -32.35 31.42 18.92
C ALA A 283 -33.40 32.05 19.85
N VAL A 284 -34.67 31.76 19.58
CA VAL A 284 -35.73 32.39 20.33
C VAL A 284 -36.86 31.43 20.61
N SER A 285 -37.30 31.38 21.85
CA SER A 285 -38.46 30.63 22.25
C SER A 285 -39.48 31.59 22.69
N LEU A 286 -40.65 31.47 22.13
CA LEU A 286 -41.74 32.41 22.37
C LEU A 286 -43.06 31.70 22.55
N GLU A 287 -43.60 31.76 23.77
CA GLU A 287 -44.96 31.34 24.04
C GLU A 287 -45.97 32.46 24.33
N LEU A 288 -46.62 32.97 23.30
CA LEU A 288 -47.49 34.14 23.41
C LEU A 288 -48.97 33.80 23.58
N GLY A 289 -49.85 34.73 23.24
CA GLY A 289 -51.26 34.57 23.54
C GLY A 289 -52.19 33.50 23.02
N GLY A 290 -53.32 33.27 23.68
CA GLY A 290 -54.31 32.32 23.13
C GLY A 290 -55.78 32.72 23.28
N LYS A 291 -56.62 32.20 22.42
CA LYS A 291 -58.06 32.31 22.62
C LYS A 291 -58.65 30.99 22.34
N SER A 292 -58.30 30.01 23.16
CA SER A 292 -58.69 28.62 22.95
C SER A 292 -60.21 28.44 22.85
N PRO A 293 -60.67 27.82 21.75
CA PRO A 293 -62.10 27.51 21.66
C PRO A 293 -62.39 26.16 22.26
N VAL A 294 -63.62 25.98 22.74
CA VAL A 294 -64.05 24.66 23.19
C VAL A 294 -65.41 24.30 22.58
N ILE A 295 -65.50 23.09 22.03
CA ILE A 295 -66.57 22.73 21.12
C ILE A 295 -67.35 21.51 21.62
N VAL A 296 -68.64 21.74 21.89
CA VAL A 296 -69.54 20.70 22.37
C VAL A 296 -70.49 20.21 21.24
N LEU A 297 -70.28 18.99 20.78
CA LEU A 297 -71.09 18.42 19.72
C LEU A 297 -72.42 17.88 20.21
N ALA A 298 -73.33 17.57 19.31
CA ALA A 298 -74.72 17.24 19.63
C ALA A 298 -74.93 16.11 20.67
N ASP A 299 -74.10 15.08 20.58
CA ASP A 299 -74.26 13.85 21.33
C ASP A 299 -73.66 13.90 22.73
N CYS A 300 -72.88 14.94 23.02
CA CYS A 300 -72.19 15.04 24.29
C CYS A 300 -73.17 15.38 25.40
N ASP A 301 -72.96 14.79 26.57
CA ASP A 301 -73.83 15.05 27.72
C ASP A 301 -73.66 16.48 28.24
N PRO A 302 -74.78 17.20 28.41
CA PRO A 302 -74.87 18.55 28.95
C PRO A 302 -74.24 18.77 30.34
N GLN A 303 -74.43 17.85 31.29
CA GLN A 303 -73.78 18.02 32.60
C GLN A 303 -72.27 17.88 32.45
N GLU A 304 -71.83 16.95 31.62
CA GLU A 304 -70.39 16.75 31.40
C GLU A 304 -69.77 17.94 30.64
N ALA A 305 -70.51 18.48 29.67
CA ALA A 305 -70.00 19.59 28.85
C ALA A 305 -69.81 20.83 29.69
N ALA A 306 -70.81 21.20 30.49
CA ALA A 306 -70.76 22.40 31.33
C ALA A 306 -69.79 22.32 32.50
N GLU A 307 -69.60 21.11 33.01
CA GLU A 307 -68.55 20.84 33.99
C GLU A 307 -67.21 20.92 33.28
N GLY A 308 -67.20 20.44 32.02
CA GLY A 308 -66.05 20.55 31.12
C GLY A 308 -65.63 21.97 30.82
N ALA A 309 -66.58 22.80 30.40
CA ALA A 309 -66.28 24.19 30.08
C ALA A 309 -65.79 24.99 31.29
N ALA A 310 -66.47 24.85 32.43
CA ALA A 310 -66.10 25.54 33.68
C ALA A 310 -64.67 25.24 34.08
N ALA A 311 -64.29 23.96 34.02
CA ALA A 311 -62.90 23.60 34.28
C ALA A 311 -61.95 24.16 33.22
N ALA A 312 -62.43 24.26 31.99
CA ALA A 312 -61.63 24.80 30.89
C ALA A 312 -61.31 26.27 31.03
N ILE A 313 -62.10 27.02 31.79
CA ILE A 313 -61.89 28.49 31.91
C ILE A 313 -61.84 29.17 33.31
N PHE A 314 -62.26 28.47 34.34
CA PHE A 314 -62.13 28.94 35.72
C PHE A 314 -60.95 28.33 36.51
N PHE A 315 -60.21 27.43 35.85
CA PHE A 315 -58.91 26.93 36.32
C PHE A 315 -57.83 28.01 36.30
N ASN A 316 -57.26 28.25 37.49
CA ASN A 316 -56.30 29.31 37.72
C ASN A 316 -56.83 30.70 37.35
N HIS A 317 -58.08 30.88 37.72
CA HIS A 317 -58.84 32.08 37.61
C HIS A 317 -58.89 32.57 36.22
N GLY A 318 -58.71 31.68 35.26
CA GLY A 318 -58.68 31.95 33.83
C GLY A 318 -57.39 32.49 33.31
N GLN A 319 -56.38 32.47 34.16
CA GLN A 319 -55.09 33.08 33.96
C GLN A 319 -54.26 31.99 33.41
N VAL A 320 -54.49 31.72 32.16
CA VAL A 320 -53.82 30.59 31.56
C VAL A 320 -53.84 30.85 30.07
N CYS A 321 -52.69 30.72 29.42
CA CYS A 321 -52.62 30.93 27.97
C CYS A 321 -53.72 30.13 27.26
N THR A 322 -53.76 28.84 27.55
CA THR A 322 -54.74 27.94 26.99
C THR A 322 -56.16 27.85 27.50
N ALA A 323 -56.65 28.85 28.23
CA ALA A 323 -57.92 28.78 28.86
C ALA A 323 -58.94 28.94 27.84
N GLY A 324 -60.06 28.26 27.96
CA GLY A 324 -61.01 28.09 26.90
C GLY A 324 -62.05 29.10 27.11
N SER A 325 -61.89 30.18 26.40
CA SER A 325 -62.52 31.40 26.67
C SER A 325 -63.55 31.58 25.68
N ARG A 326 -63.49 30.80 24.63
CA ARG A 326 -64.61 30.74 23.69
C ARG A 326 -65.36 29.42 23.79
N LEU A 327 -66.64 29.45 24.20
CA LEU A 327 -67.45 28.24 24.22
C LEU A 327 -68.42 28.17 23.05
N TYR A 328 -68.39 27.07 22.34
CA TYR A 328 -69.23 26.80 21.20
C TYR A 328 -70.00 25.54 21.47
N VAL A 329 -71.31 25.65 21.58
CA VAL A 329 -72.18 24.54 21.87
C VAL A 329 -73.20 24.39 20.78
N HIS A 330 -73.61 23.18 20.45
CA HIS A 330 -74.50 22.96 19.33
C HIS A 330 -75.82 23.59 19.67
N GLU A 331 -76.54 24.05 18.67
CA GLU A 331 -77.90 24.52 18.75
C GLU A 331 -78.86 23.75 19.59
N SER A 332 -78.78 22.42 19.49
CA SER A 332 -79.73 21.55 20.18
C SER A 332 -79.66 21.60 21.70
N ILE A 333 -78.45 21.63 22.25
CA ILE A 333 -78.27 21.54 23.67
C ILE A 333 -77.63 22.78 24.22
N TYR A 334 -77.60 23.84 23.45
CA TYR A 334 -76.99 25.11 23.84
C TYR A 334 -77.49 25.70 25.11
N GLU A 335 -78.78 25.82 25.25
CA GLU A 335 -79.36 26.39 26.43
C GLU A 335 -79.22 25.47 27.56
N ASP A 336 -79.49 24.20 27.38
CA ASP A 336 -79.28 23.22 28.40
C ASP A 336 -77.94 23.39 29.03
N VAL A 337 -76.88 23.35 28.24
CA VAL A 337 -75.50 23.63 28.65
C VAL A 337 -75.17 24.91 29.34
N ILE A 338 -75.69 26.03 28.90
CA ILE A 338 -75.35 27.29 29.54
C ILE A 338 -76.13 27.58 30.76
N GLN A 339 -77.26 26.94 30.92
CA GLN A 339 -78.01 26.96 32.14
C GLN A 339 -77.21 26.34 33.22
N ARG A 340 -76.64 25.18 32.95
CA ARG A 340 -76.01 24.37 33.96
C ARG A 340 -74.81 25.12 34.35
N LEU A 341 -74.05 25.55 33.38
CA LEU A 341 -72.84 26.32 33.51
C LEU A 341 -72.89 27.56 34.39
N ALA A 342 -74.00 28.27 34.37
CA ALA A 342 -74.19 29.40 35.23
C ALA A 342 -74.50 28.96 36.61
N VAL A 343 -74.98 27.76 36.81
CA VAL A 343 -75.19 27.25 38.15
C VAL A 343 -73.81 27.03 38.71
N ILE A 344 -72.94 26.44 37.93
CA ILE A 344 -71.57 26.18 38.31
C ILE A 344 -70.74 27.39 38.64
N GLY A 345 -70.83 28.45 37.87
CA GLY A 345 -70.08 29.64 38.11
C GLY A 345 -70.65 30.56 39.15
N GLU A 346 -71.92 30.38 39.45
CA GLU A 346 -72.60 31.21 40.40
C GLU A 346 -72.17 30.75 41.75
N SER A 347 -72.03 29.46 41.87
CA SER A 347 -71.53 28.79 43.02
C SER A 347 -70.07 28.74 43.26
N ILE A 348 -69.24 29.46 42.53
CA ILE A 348 -67.84 29.57 42.86
C ILE A 348 -67.68 30.66 43.91
N VAL A 349 -66.98 30.34 44.98
CA VAL A 349 -66.68 31.28 46.05
C VAL A 349 -65.32 31.82 45.85
N VAL A 350 -65.22 33.14 45.77
CA VAL A 350 -63.99 33.88 45.55
C VAL A 350 -63.39 34.38 46.85
N GLY A 351 -62.13 34.15 47.10
CA GLY A 351 -61.54 34.56 48.35
C GLY A 351 -60.06 34.45 48.40
N SER A 352 -59.50 34.60 49.57
CA SER A 352 -58.08 34.47 49.80
C SER A 352 -57.61 33.08 49.52
N GLY A 353 -56.36 32.90 49.17
CA GLY A 353 -55.87 31.59 48.81
C GLY A 353 -55.55 30.67 49.95
N LEU A 354 -55.50 31.24 51.15
CA LEU A 354 -55.22 30.47 52.36
C LEU A 354 -56.47 30.24 53.21
N GLU A 355 -57.63 30.63 52.71
CA GLU A 355 -58.86 30.45 53.43
C GLU A 355 -59.53 29.16 52.99
N GLN A 356 -60.29 28.57 53.87
CA GLN A 356 -60.99 27.34 53.56
C GLN A 356 -62.38 27.59 53.02
N GLY A 357 -62.74 26.91 51.96
CA GLY A 357 -64.06 27.06 51.39
C GLY A 357 -64.08 27.84 50.12
N VAL A 358 -62.90 28.23 49.68
CA VAL A 358 -62.67 29.12 48.57
C VAL A 358 -62.27 28.29 47.36
N HIS A 359 -62.74 28.67 46.19
CA HIS A 359 -62.54 27.94 44.98
C HIS A 359 -61.69 28.69 43.98
N MET A 360 -61.81 29.99 43.98
CA MET A 360 -61.05 30.87 43.12
C MET A 360 -60.44 31.95 43.94
N GLY A 361 -59.30 32.45 43.51
CA GLY A 361 -58.63 33.55 44.17
C GLY A 361 -58.60 34.77 43.31
N PRO A 362 -57.58 35.57 43.45
CA PRO A 362 -57.53 36.86 42.78
C PRO A 362 -56.71 36.94 41.49
N MET A 363 -56.66 38.15 40.94
CA MET A 363 -55.78 38.46 39.87
C MET A 363 -54.52 38.83 40.54
N VAL A 364 -53.44 38.89 39.78
CA VAL A 364 -52.10 38.93 40.30
C VAL A 364 -51.70 40.32 40.58
N SER A 365 -52.23 41.27 39.82
CA SER A 365 -51.93 42.66 39.98
C SER A 365 -53.14 43.49 39.76
N LYS A 366 -53.05 44.76 40.09
CA LYS A 366 -54.13 45.69 39.98
C LYS A 366 -54.25 46.27 38.63
N LYS A 367 -53.24 46.18 37.80
CA LYS A 367 -53.34 46.56 36.43
C LYS A 367 -54.05 45.53 35.63
N HIS A 368 -53.84 44.26 35.91
CA HIS A 368 -54.55 43.18 35.25
C HIS A 368 -55.98 43.05 35.69
N HIS A 369 -56.27 43.33 36.94
CA HIS A 369 -57.60 43.42 37.47
C HIS A 369 -58.41 44.47 36.77
N GLU A 370 -57.82 45.60 36.52
CA GLU A 370 -58.43 46.68 35.82
C GLU A 370 -58.64 46.47 34.36
N ASN A 371 -57.88 45.60 33.77
CA ASN A 371 -57.94 45.30 32.36
C ASN A 371 -58.95 44.25 32.07
N VAL A 372 -59.14 43.40 33.04
CA VAL A 372 -60.06 42.31 33.02
C VAL A 372 -61.43 42.84 33.24
N LEU A 373 -61.54 43.89 34.01
CA LEU A 373 -62.81 44.52 34.25
C LEU A 373 -63.27 45.41 33.16
N ARG A 374 -62.36 45.91 32.35
CA ARG A 374 -62.64 46.72 31.18
C ARG A 374 -63.13 45.91 30.04
N HIS A 375 -62.75 44.65 30.00
CA HIS A 375 -63.19 43.74 29.01
C HIS A 375 -64.51 43.18 29.34
N ILE A 376 -64.81 42.98 30.60
CA ILE A 376 -66.13 42.59 31.05
C ILE A 376 -67.03 43.70 30.60
N ARG A 377 -66.71 44.91 30.97
CA ARG A 377 -67.47 46.06 30.57
C ARG A 377 -67.66 46.39 29.12
N ASN A 378 -66.68 46.23 28.24
CA ASN A 378 -66.92 46.34 26.80
C ASN A 378 -67.89 45.28 26.32
N GLY A 379 -67.82 44.09 26.87
CA GLY A 379 -68.76 43.03 26.60
C GLY A 379 -70.21 43.24 26.90
N ILE A 380 -70.54 43.99 27.95
CA ILE A 380 -71.90 44.38 28.25
C ILE A 380 -72.41 45.42 27.27
N GLU A 381 -71.52 46.29 26.82
CA GLU A 381 -71.87 47.36 25.88
C GLU A 381 -72.00 46.82 24.46
N ASP A 382 -71.29 45.72 24.18
CA ASP A 382 -71.31 45.12 22.88
C ASP A 382 -72.47 44.19 22.74
N GLY A 383 -73.35 44.19 23.70
CA GLY A 383 -74.59 43.50 23.55
C GLY A 383 -74.69 42.03 23.81
N ALA A 384 -73.81 41.52 24.62
CA ALA A 384 -73.87 40.14 24.99
C ALA A 384 -74.63 40.03 26.29
N ASP A 385 -75.09 38.83 26.57
CA ASP A 385 -75.97 38.53 27.66
C ASP A 385 -75.21 38.08 28.85
N LEU A 386 -75.23 38.81 29.91
CA LEU A 386 -74.60 38.40 31.13
C LEU A 386 -75.51 37.45 31.83
N ILE A 387 -75.11 36.19 31.87
CA ILE A 387 -75.87 35.15 32.50
C ILE A 387 -75.29 34.94 33.85
N CYS A 388 -74.00 35.22 33.99
CA CYS A 388 -73.32 34.98 35.26
C CYS A 388 -72.10 35.88 35.40
N GLY A 389 -72.09 36.68 36.47
CA GLY A 389 -70.97 37.57 36.72
C GLY A 389 -71.26 39.03 36.54
N GLY A 390 -70.24 39.87 36.54
CA GLY A 390 -70.35 41.29 36.34
C GLY A 390 -69.12 41.94 36.83
N THR A 391 -69.18 43.17 37.31
CA THR A 391 -67.98 43.91 37.73
C THR A 391 -67.89 44.29 39.16
N GLU A 392 -68.86 43.84 39.93
CA GLU A 392 -69.11 44.09 41.33
C GLU A 392 -68.16 43.31 42.16
N ALA A 393 -67.61 43.93 43.17
CA ALA A 393 -66.43 43.39 43.74
C ALA A 393 -66.92 42.36 44.67
N PRO A 394 -66.35 41.17 44.56
CA PRO A 394 -66.78 40.04 45.39
C PRO A 394 -66.27 40.22 46.81
N CYS A 395 -65.11 40.87 46.92
CA CYS A 395 -64.55 41.20 48.22
C CYS A 395 -64.35 42.68 48.46
N ALA A 396 -63.83 42.99 49.64
CA ALA A 396 -63.56 44.33 50.06
C ALA A 396 -62.16 44.80 49.76
N GLN A 397 -61.21 43.91 49.86
CA GLN A 397 -59.85 44.21 49.54
C GLN A 397 -59.38 43.26 48.47
N GLY A 398 -58.50 43.67 47.59
CA GLY A 398 -57.89 42.76 46.66
C GLY A 398 -58.29 42.87 45.24
N PHE A 399 -57.62 42.12 44.40
CA PHE A 399 -57.83 42.18 42.99
C PHE A 399 -58.74 41.07 42.55
N PHE A 400 -59.95 41.07 43.05
CA PHE A 400 -60.90 40.03 42.83
C PHE A 400 -61.90 40.35 41.73
N VAL A 401 -62.22 39.34 40.93
CA VAL A 401 -63.19 39.41 39.86
C VAL A 401 -64.12 38.25 40.08
N LYS A 402 -65.38 38.42 39.74
CA LYS A 402 -66.35 37.38 39.80
C LYS A 402 -66.23 36.65 38.51
N PRO A 403 -66.40 35.33 38.52
CA PRO A 403 -66.43 34.58 37.28
C PRO A 403 -67.60 34.93 36.40
N THR A 404 -67.37 35.34 35.16
CA THR A 404 -68.35 35.95 34.31
C THR A 404 -68.58 35.13 33.07
N ILE A 405 -69.83 34.89 32.72
CA ILE A 405 -70.19 34.26 31.47
C ILE A 405 -71.09 35.15 30.58
N PHE A 406 -70.72 35.31 29.33
CA PHE A 406 -71.49 36.07 28.38
C PHE A 406 -72.02 35.12 27.38
N ALA A 407 -73.30 35.20 27.09
CA ALA A 407 -73.93 34.41 26.07
C ALA A 407 -74.00 35.13 24.77
N ASN A 408 -73.31 34.69 23.76
CA ASN A 408 -73.46 35.27 22.45
C ASN A 408 -74.48 34.60 21.54
N ARG A 409 -75.73 34.57 21.92
CA ARG A 409 -76.76 34.15 21.03
C ARG A 409 -76.96 35.25 20.05
N GLU A 410 -77.26 34.94 18.82
CA GLU A 410 -77.25 35.95 17.78
C GLU A 410 -75.94 36.24 17.14
N LYS A 411 -74.93 35.45 17.47
CA LYS A 411 -73.72 35.38 16.71
C LYS A 411 -73.17 36.70 16.32
N LYS A 412 -73.25 37.66 17.22
CA LYS A 412 -72.76 38.96 16.95
C LYS A 412 -71.33 38.98 17.36
N ASP A 413 -70.45 39.34 16.47
CA ASP A 413 -69.12 39.22 16.88
C ASP A 413 -68.73 40.42 17.60
N ILE A 414 -69.23 40.53 18.81
CA ILE A 414 -68.62 41.32 19.84
C ILE A 414 -67.27 40.87 19.61
N ARG A 415 -66.30 41.66 20.06
CA ARG A 415 -64.92 41.31 19.85
C ARG A 415 -64.20 40.92 21.12
N LEU A 416 -64.96 40.38 22.07
CA LEU A 416 -64.38 39.80 23.27
C LEU A 416 -64.07 38.40 22.81
N LEU A 417 -64.47 38.13 21.56
CA LEU A 417 -64.17 36.87 20.93
C LEU A 417 -62.77 36.97 20.36
N SER A 418 -62.28 38.21 20.27
CA SER A 418 -60.93 38.44 19.80
C SER A 418 -59.94 38.75 20.93
N GLN A 419 -60.42 39.37 22.00
CA GLN A 419 -59.58 39.74 23.08
C GLN A 419 -59.12 38.69 24.04
N GLU A 420 -57.82 38.41 24.13
CA GLU A 420 -57.40 37.68 25.27
C GLU A 420 -57.57 38.47 26.54
N VAL A 421 -58.28 37.88 27.49
CA VAL A 421 -58.60 38.48 28.77
C VAL A 421 -57.61 38.01 29.82
N PHE A 422 -57.45 36.72 29.95
CA PHE A 422 -56.58 36.17 30.97
C PHE A 422 -57.26 36.36 32.29
N GLY A 423 -58.54 36.20 32.32
CA GLY A 423 -59.27 36.28 33.53
C GLY A 423 -60.42 35.38 33.31
N PRO A 424 -61.24 35.23 34.31
CA PRO A 424 -62.38 34.34 34.29
C PRO A 424 -63.55 34.80 33.50
N VAL A 425 -63.43 34.95 32.19
CA VAL A 425 -64.50 35.47 31.40
C VAL A 425 -64.74 34.57 30.22
N LEU A 426 -65.97 34.12 30.03
CA LEU A 426 -66.32 33.25 28.93
C LEU A 426 -67.38 33.82 28.05
N VAL A 427 -67.24 33.70 26.76
CA VAL A 427 -68.29 33.95 25.80
C VAL A 427 -68.75 32.63 25.22
N ALA A 428 -70.05 32.39 25.25
CA ALA A 428 -70.63 31.15 24.80
C ALA A 428 -71.55 31.33 23.63
N THR A 429 -71.14 30.89 22.46
CA THR A 429 -71.86 31.04 21.22
C THR A 429 -72.41 29.73 20.70
N PRO A 430 -73.50 29.72 19.93
CA PRO A 430 -74.00 28.49 19.36
C PRO A 430 -73.64 28.22 17.92
N PHE A 431 -73.93 27.04 17.45
CA PHE A 431 -73.61 26.65 16.11
C PHE A 431 -74.38 25.50 15.50
N SER A 432 -74.69 25.60 14.23
CA SER A 432 -75.45 24.59 13.55
C SER A 432 -74.74 23.43 12.83
N ASP A 433 -73.77 23.76 12.02
CA ASP A 433 -72.96 22.75 11.35
C ASP A 433 -71.64 22.69 12.02
N ILE A 434 -70.87 21.67 11.67
CA ILE A 434 -69.56 21.45 12.21
C ILE A 434 -68.54 22.16 11.46
N ALA A 435 -68.76 22.36 10.18
CA ALA A 435 -68.03 23.27 9.36
C ALA A 435 -68.01 24.70 9.67
N GLU A 436 -69.05 25.13 10.35
CA GLU A 436 -69.29 26.46 10.87
C GLU A 436 -68.50 26.74 12.10
N VAL A 437 -68.33 25.74 12.91
CA VAL A 437 -67.71 25.90 14.20
C VAL A 437 -66.23 25.87 14.04
N VAL A 438 -65.79 25.15 13.04
CA VAL A 438 -64.42 24.92 12.72
C VAL A 438 -63.93 26.21 12.16
N ASN A 439 -64.69 26.80 11.29
CA ASN A 439 -64.37 28.09 10.78
C ASN A 439 -64.25 29.19 11.77
N GLU A 440 -65.06 29.15 12.81
CA GLU A 440 -65.07 30.10 13.88
C GLU A 440 -63.94 29.92 14.84
N ALA A 441 -63.52 28.68 15.03
CA ALA A 441 -62.41 28.37 15.83
C ALA A 441 -61.13 28.86 15.26
N ASN A 442 -61.04 28.76 13.96
CA ASN A 442 -59.97 29.33 13.16
C ASN A 442 -60.17 30.65 12.54
N ARG A 443 -61.04 31.44 13.12
CA ARG A 443 -61.15 32.86 12.91
C ARG A 443 -60.59 33.48 14.13
N SER A 444 -59.32 33.23 14.36
CA SER A 444 -58.61 33.79 15.47
C SER A 444 -57.26 34.03 14.94
N VAL A 445 -56.49 34.89 15.59
CA VAL A 445 -55.11 35.17 15.18
C VAL A 445 -54.21 34.33 15.97
N TYR A 446 -54.76 33.64 16.90
CA TYR A 446 -53.99 32.79 17.73
C TYR A 446 -54.30 31.40 17.44
N GLY A 447 -53.45 30.49 17.82
CA GLY A 447 -53.80 29.12 17.59
C GLY A 447 -53.32 28.08 18.53
N LEU A 448 -53.31 28.37 19.79
CA LEU A 448 -52.63 27.42 20.66
C LEU A 448 -53.23 26.10 21.14
N GLY A 449 -54.50 26.12 21.50
CA GLY A 449 -55.16 24.95 22.02
C GLY A 449 -56.62 24.88 21.62
N ALA A 450 -57.30 23.79 21.93
CA ALA A 450 -58.69 23.62 21.59
C ALA A 450 -59.23 22.35 22.19
N SER A 451 -60.54 22.27 22.39
CA SER A 451 -61.19 21.06 22.88
C SER A 451 -62.36 20.66 22.01
N ILE A 452 -62.59 19.36 21.84
CA ILE A 452 -63.76 18.81 21.22
C ILE A 452 -64.33 17.89 22.24
N TRP A 453 -65.63 17.87 22.37
CA TRP A 453 -66.35 17.11 23.38
C TRP A 453 -67.39 16.27 22.64
N THR A 454 -67.27 14.95 22.70
CA THR A 454 -67.88 14.07 21.75
C THR A 454 -67.50 12.58 22.03
N ASN A 455 -68.34 11.59 21.70
CA ASN A 455 -67.93 10.22 21.55
C ASN A 455 -68.01 9.82 20.13
N ASP A 456 -68.03 10.79 19.24
CA ASP A 456 -67.95 10.60 17.81
C ASP A 456 -66.60 10.54 17.19
N LEU A 457 -66.08 9.34 16.98
CA LEU A 457 -64.73 9.16 16.44
C LEU A 457 -64.44 9.97 15.17
N SER A 458 -65.33 9.88 14.19
CA SER A 458 -65.10 10.46 12.89
C SER A 458 -64.96 11.93 13.12
N ALA A 459 -65.94 12.55 13.75
CA ALA A 459 -66.03 13.97 13.93
C ALA A 459 -64.88 14.42 14.73
N ALA A 460 -64.71 13.92 15.93
CA ALA A 460 -63.55 14.29 16.72
C ALA A 460 -62.22 14.31 16.03
N LEU A 461 -61.91 13.27 15.31
CA LEU A 461 -60.73 13.20 14.51
C LEU A 461 -60.65 14.04 13.29
N ARG A 462 -61.78 14.41 12.72
CA ARG A 462 -61.84 15.22 11.54
C ARG A 462 -62.04 16.70 11.81
N ILE A 463 -62.43 17.05 13.01
CA ILE A 463 -62.36 18.39 13.54
C ILE A 463 -60.92 18.64 13.78
N ASN A 464 -60.20 17.72 14.40
CA ASN A 464 -58.82 17.87 14.74
C ASN A 464 -57.93 17.96 13.57
N ASP A 465 -58.19 17.24 12.56
CA ASP A 465 -57.79 17.50 11.18
C ASP A 465 -57.84 18.93 10.67
N GLU A 466 -58.91 19.66 10.99
CA GLU A 466 -59.18 20.97 10.36
C GLU A 466 -58.90 22.20 11.26
N LEU A 467 -58.69 21.96 12.53
CA LEU A 467 -58.38 23.00 13.49
C LEU A 467 -57.00 23.46 13.27
N GLU A 468 -56.74 24.74 13.47
CA GLU A 468 -55.44 25.32 13.33
C GLU A 468 -54.93 25.61 14.71
N ALA A 469 -54.78 24.58 15.50
CA ALA A 469 -54.47 24.71 16.89
C ALA A 469 -53.35 23.80 17.14
N GLY A 470 -52.42 24.22 17.95
CA GLY A 470 -51.22 23.47 18.21
C GLY A 470 -51.30 22.38 19.22
N THR A 471 -52.36 22.36 20.03
CA THR A 471 -52.59 21.27 20.99
C THR A 471 -54.08 21.03 21.28
N VAL A 472 -54.72 20.21 20.45
CA VAL A 472 -56.07 19.78 20.69
C VAL A 472 -56.28 18.74 21.75
N TRP A 473 -57.29 18.91 22.59
CA TRP A 473 -57.67 17.96 23.60
C TRP A 473 -59.01 17.46 23.19
N VAL A 474 -59.35 16.24 23.55
CA VAL A 474 -60.67 15.67 23.32
C VAL A 474 -61.21 15.18 24.62
N ASN A 475 -62.27 15.80 25.09
CA ASN A 475 -62.94 15.48 26.34
C ASN A 475 -62.15 15.81 27.57
N THR A 476 -61.29 16.81 27.41
CA THR A 476 -60.48 17.45 28.43
C THR A 476 -60.01 18.80 27.91
N HIS A 477 -59.23 19.51 28.70
CA HIS A 477 -58.64 20.80 28.35
C HIS A 477 -57.59 21.01 29.37
N ASN A 478 -56.58 21.78 29.06
CA ASN A 478 -55.60 22.31 29.97
C ASN A 478 -54.59 21.32 30.49
N MET A 479 -54.45 20.22 29.80
CA MET A 479 -53.62 19.13 30.20
C MET A 479 -52.25 19.23 29.63
N VAL A 480 -51.26 19.31 30.51
CA VAL A 480 -49.87 19.54 30.20
C VAL A 480 -49.00 18.46 30.82
N ASP A 481 -48.01 17.97 30.14
CA ASP A 481 -47.17 16.95 30.73
C ASP A 481 -45.77 17.27 30.39
N PRO A 482 -44.82 16.85 31.18
CA PRO A 482 -43.42 16.95 30.84
C PRO A 482 -43.05 16.26 29.53
N ASN A 483 -43.77 15.25 29.09
CA ASN A 483 -43.48 14.53 27.87
C ASN A 483 -44.27 14.97 26.68
N LEU A 484 -45.21 15.89 26.84
CA LEU A 484 -46.00 16.35 25.70
C LEU A 484 -45.58 17.74 25.20
N PRO A 485 -45.09 17.81 23.97
CA PRO A 485 -44.74 19.09 23.40
C PRO A 485 -45.88 20.09 23.33
N PHE A 486 -45.56 21.36 23.42
CA PHE A 486 -46.53 22.39 23.62
C PHE A 486 -46.10 23.58 22.83
N GLY A 487 -46.98 24.22 22.11
CA GLY A 487 -46.63 25.37 21.35
C GLY A 487 -47.87 25.73 20.63
N GLY A 488 -47.86 26.82 19.90
CA GLY A 488 -49.04 27.24 19.18
C GLY A 488 -48.67 27.63 17.79
N PHE A 489 -49.68 27.92 17.01
CA PHE A 489 -49.54 28.32 15.64
C PHE A 489 -49.90 29.78 15.54
N LYS A 490 -49.65 30.40 14.41
CA LYS A 490 -49.97 31.80 14.19
C LYS A 490 -49.34 32.84 15.08
N ASP A 491 -50.16 33.54 15.85
CA ASP A 491 -49.73 34.61 16.73
C ASP A 491 -49.49 34.16 18.14
N SER A 492 -49.42 32.87 18.35
CA SER A 492 -49.28 32.29 19.66
C SER A 492 -47.87 31.86 19.92
N GLY A 493 -47.03 31.94 18.91
CA GLY A 493 -45.63 31.92 19.13
C GLY A 493 -44.82 31.26 18.07
N VAL A 494 -43.57 31.00 18.39
CA VAL A 494 -42.66 30.19 17.61
C VAL A 494 -42.03 29.12 18.49
N GLY A 495 -42.15 27.86 18.14
CA GLY A 495 -41.41 26.84 18.83
C GLY A 495 -42.22 25.94 19.70
N ARG A 496 -41.60 24.85 20.14
CA ARG A 496 -42.22 23.89 21.03
C ARG A 496 -41.45 23.67 22.32
N GLU A 497 -42.18 23.33 23.36
CA GLU A 497 -41.72 23.48 24.71
C GLU A 497 -41.27 22.29 25.49
N HIS A 498 -41.99 21.19 25.45
CA HIS A 498 -41.67 20.09 26.34
C HIS A 498 -41.27 18.83 25.69
N GLY A 499 -41.24 17.76 26.43
CA GLY A 499 -40.90 16.52 25.80
C GLY A 499 -39.57 16.24 25.19
N ALA A 500 -39.59 15.84 23.94
CA ALA A 500 -38.42 15.68 23.13
C ALA A 500 -38.29 16.86 22.23
N ALA A 501 -39.18 17.81 22.35
CA ALA A 501 -39.06 19.06 21.65
C ALA A 501 -38.17 20.04 22.37
N ALA A 502 -37.92 19.80 23.63
CA ALA A 502 -37.18 20.66 24.49
C ALA A 502 -35.78 20.52 24.07
N ILE A 503 -35.37 19.28 23.92
CA ILE A 503 -34.01 18.88 23.69
C ILE A 503 -33.46 19.45 22.44
N GLU A 504 -34.28 19.43 21.40
CA GLU A 504 -33.89 20.03 20.11
C GLU A 504 -33.80 21.55 20.15
N HIS A 505 -34.49 22.18 21.09
CA HIS A 505 -34.52 23.60 21.19
C HIS A 505 -33.52 24.16 22.15
N TYR A 506 -32.96 23.31 22.98
CA TYR A 506 -31.94 23.68 23.94
C TYR A 506 -30.62 23.02 23.67
N THR A 507 -30.49 22.40 22.52
CA THR A 507 -29.26 21.82 22.06
C THR A 507 -29.13 22.19 20.62
N THR A 508 -27.94 21.98 20.09
CA THR A 508 -27.70 22.08 18.67
C THR A 508 -26.68 21.03 18.28
N THR A 509 -26.21 20.95 17.08
CA THR A 509 -25.21 19.95 16.78
C THR A 509 -23.98 20.56 16.13
N ARG A 510 -22.82 19.90 16.26
CA ARG A 510 -21.68 20.18 15.41
C ARG A 510 -21.38 18.92 14.62
N SER A 511 -20.99 19.07 13.38
CA SER A 511 -20.66 17.92 12.55
C SER A 511 -19.15 17.63 12.56
N LEU A 512 -18.81 16.36 12.36
CA LEU A 512 -17.42 15.93 12.29
C LEU A 512 -17.27 14.83 11.27
N VAL A 513 -16.43 15.10 10.26
CA VAL A 513 -16.14 14.17 9.18
C VAL A 513 -14.64 13.94 9.12
N ILE A 514 -14.21 12.71 9.45
CA ILE A 514 -12.78 12.35 9.41
C ILE A 514 -12.38 11.53 8.18
N ALA A 515 -11.48 12.05 7.35
CA ALA A 515 -10.92 11.29 6.24
C ALA A 515 -9.66 10.57 6.68
N TYR A 516 -9.69 9.26 6.57
CA TYR A 516 -8.64 8.39 6.98
C TYR A 516 -8.59 7.38 5.88
N GLN B 36 -38.87 33.58 -18.56
CA GLN B 36 -40.18 34.08 -18.21
C GLN B 36 -40.32 33.33 -16.98
N MET B 37 -41.14 33.81 -16.09
CA MET B 37 -41.23 33.25 -14.73
C MET B 37 -42.47 32.40 -14.40
N LEU B 38 -42.45 31.60 -13.33
CA LEU B 38 -43.50 30.65 -13.12
C LEU B 38 -44.42 30.95 -11.96
N ILE B 39 -45.71 31.03 -12.19
CA ILE B 39 -46.64 31.32 -11.16
C ILE B 39 -47.95 30.71 -11.46
N GLY B 40 -48.20 29.56 -10.91
CA GLY B 40 -49.47 28.92 -11.04
C GLY B 40 -49.54 27.97 -12.20
N GLY B 41 -48.41 27.51 -12.65
CA GLY B 41 -48.30 26.60 -13.76
C GLY B 41 -48.13 27.34 -15.03
N GLN B 42 -47.95 28.63 -14.89
CA GLN B 42 -48.05 29.56 -15.97
C GLN B 42 -46.85 30.37 -16.16
N TRP B 43 -46.36 30.38 -17.37
CA TRP B 43 -45.20 31.13 -17.74
C TRP B 43 -45.71 32.48 -18.03
N VAL B 44 -45.23 33.39 -17.27
CA VAL B 44 -45.81 34.69 -17.09
C VAL B 44 -44.68 35.72 -17.09
N SER B 45 -44.97 36.90 -17.64
CA SER B 45 -44.04 38.02 -17.59
C SER B 45 -44.38 38.88 -16.39
N ALA B 46 -43.56 39.87 -16.07
CA ALA B 46 -43.81 40.77 -14.97
C ALA B 46 -44.94 41.69 -15.34
N GLN B 47 -45.69 42.13 -14.36
CA GLN B 47 -46.85 42.96 -14.59
C GLN B 47 -46.56 44.33 -15.13
N SER B 48 -45.40 44.86 -14.77
CA SER B 48 -44.87 46.08 -15.33
C SER B 48 -44.25 45.96 -16.69
N GLY B 49 -43.88 44.74 -17.04
CA GLY B 49 -43.37 44.43 -18.35
C GLY B 49 -41.92 44.68 -18.37
N LYS B 50 -41.45 45.15 -17.23
CA LYS B 50 -40.06 45.45 -16.98
C LYS B 50 -39.30 44.18 -16.87
N THR B 51 -38.05 44.29 -17.10
CA THR B 51 -37.20 43.14 -17.40
C THR B 51 -35.79 43.47 -16.92
N LEU B 52 -34.89 42.49 -16.89
CA LEU B 52 -33.50 42.75 -16.49
C LEU B 52 -32.52 41.76 -17.12
N ASN B 53 -31.30 42.23 -17.41
CA ASN B 53 -30.25 41.40 -18.05
C ASN B 53 -29.47 40.48 -17.11
N VAL B 54 -29.31 39.24 -17.58
CA VAL B 54 -28.40 38.23 -17.05
C VAL B 54 -27.19 38.16 -18.02
N TYR B 55 -26.03 37.70 -17.59
CA TYR B 55 -24.89 37.68 -18.47
C TYR B 55 -24.16 36.39 -18.49
N ASN B 56 -23.21 36.27 -19.40
CA ASN B 56 -22.24 35.22 -19.38
C ASN B 56 -21.10 35.93 -18.72
N PRO B 57 -20.34 35.28 -17.85
CA PRO B 57 -19.34 35.98 -17.07
C PRO B 57 -18.04 35.79 -17.77
N ALA B 58 -18.03 35.00 -18.84
CA ALA B 58 -16.77 34.66 -19.49
C ALA B 58 -16.43 35.67 -20.58
N THR B 59 -17.45 35.92 -21.41
CA THR B 59 -17.48 36.96 -22.42
C THR B 59 -18.55 37.89 -21.93
N GLY B 60 -18.12 39.03 -21.42
CA GLY B 60 -18.88 39.83 -20.48
C GLY B 60 -19.97 40.28 -21.41
N ASP B 61 -21.02 39.48 -21.60
CA ASP B 61 -22.09 39.88 -22.51
C ASP B 61 -23.48 39.45 -22.03
N ILE B 62 -24.52 40.09 -22.55
CA ILE B 62 -25.86 39.72 -22.17
C ILE B 62 -26.01 38.30 -22.65
N LEU B 63 -26.60 37.42 -21.85
CA LEU B 63 -26.89 36.08 -22.26
C LEU B 63 -28.33 36.10 -22.61
N THR B 64 -29.05 36.74 -21.73
CA THR B 64 -30.49 36.94 -21.90
C THR B 64 -31.11 37.94 -20.96
N GLU B 65 -32.44 37.89 -20.84
CA GLU B 65 -33.27 38.74 -20.00
C GLU B 65 -34.27 37.93 -19.21
N VAL B 66 -34.71 38.42 -18.08
CA VAL B 66 -35.65 37.66 -17.33
C VAL B 66 -36.50 38.70 -16.69
N PRO B 67 -37.59 38.34 -16.02
CA PRO B 67 -38.46 39.33 -15.39
C PRO B 67 -37.94 40.11 -14.25
N ASP B 68 -38.18 41.42 -14.21
CA ASP B 68 -37.87 42.30 -13.11
C ASP B 68 -39.09 42.55 -12.30
N GLY B 69 -39.45 41.54 -11.50
CA GLY B 69 -40.62 41.47 -10.67
C GLY B 69 -40.64 42.27 -9.42
N ASP B 70 -41.84 42.65 -9.03
CA ASP B 70 -41.99 43.56 -7.98
C ASP B 70 -43.06 42.94 -7.16
N VAL B 71 -43.76 43.72 -6.37
CA VAL B 71 -44.51 43.29 -5.22
C VAL B 71 -45.91 42.88 -5.56
N GLU B 72 -46.27 43.16 -6.80
CA GLU B 72 -47.35 42.61 -7.57
C GLU B 72 -47.16 41.19 -7.88
N ASP B 73 -46.00 40.87 -8.35
CA ASP B 73 -45.68 39.51 -8.70
C ASP B 73 -44.97 38.58 -7.72
N VAL B 74 -44.83 39.03 -6.51
CA VAL B 74 -44.44 38.21 -5.44
C VAL B 74 -45.78 37.83 -4.88
N ASN B 75 -46.71 38.71 -5.04
CA ASN B 75 -47.98 38.58 -4.44
C ASN B 75 -48.84 37.48 -4.97
N ALA B 76 -48.79 37.34 -6.26
CA ALA B 76 -49.55 36.39 -7.00
C ALA B 76 -48.96 35.07 -6.68
N ALA B 77 -47.65 35.03 -6.71
CA ALA B 77 -46.91 33.84 -6.48
C ALA B 77 -47.02 33.35 -5.11
N VAL B 78 -47.17 34.21 -4.14
CA VAL B 78 -47.37 33.73 -2.80
C VAL B 78 -48.79 33.39 -2.44
N GLU B 79 -49.75 33.73 -3.27
CA GLU B 79 -51.14 33.54 -3.03
C GLU B 79 -51.53 32.33 -3.73
N SER B 80 -50.66 31.92 -4.61
CA SER B 80 -50.83 30.74 -5.43
C SER B 80 -50.31 29.51 -4.79
N ALA B 81 -49.42 29.66 -3.83
CA ALA B 81 -48.83 28.59 -3.15
C ALA B 81 -49.63 28.38 -1.97
N ALA B 82 -50.31 29.39 -1.53
CA ALA B 82 -51.12 29.22 -0.38
C ALA B 82 -52.41 28.64 -0.85
N ALA B 83 -52.72 28.76 -2.11
CA ALA B 83 -53.92 28.18 -2.61
C ALA B 83 -53.92 26.72 -2.67
N THR B 84 -52.73 26.28 -3.01
CA THR B 84 -52.27 24.96 -3.29
C THR B 84 -51.75 24.17 -2.15
N LEU B 85 -51.44 24.85 -1.05
CA LEU B 85 -51.01 24.20 0.17
C LEU B 85 -52.26 23.77 0.91
N ARG B 86 -53.32 24.54 0.70
CA ARG B 86 -54.61 24.20 1.22
C ARG B 86 -55.39 23.29 0.33
N SER B 87 -55.00 23.18 -0.92
CA SER B 87 -55.47 22.22 -1.90
C SER B 87 -55.60 20.86 -1.31
N ASP B 88 -56.67 20.13 -1.47
CA ASP B 88 -56.67 18.78 -0.92
C ASP B 88 -55.80 17.86 -1.73
N THR B 89 -55.64 18.16 -3.00
CA THR B 89 -54.72 17.41 -3.85
C THR B 89 -53.30 17.34 -3.27
N TRP B 90 -52.81 18.47 -2.76
CA TRP B 90 -51.47 18.56 -2.24
C TRP B 90 -51.37 18.24 -0.77
N ARG B 91 -52.30 18.71 0.03
CA ARG B 91 -52.31 18.46 1.44
C ARG B 91 -52.47 17.01 1.75
N ARG B 92 -53.36 16.38 1.03
CA ARG B 92 -53.74 15.03 1.28
C ARG B 92 -53.31 14.07 0.22
N MET B 93 -52.23 14.38 -0.49
CA MET B 93 -51.56 13.58 -1.45
C MET B 93 -50.94 12.49 -0.68
N PRO B 94 -51.16 11.24 -1.05
CA PRO B 94 -50.57 10.13 -0.33
C PRO B 94 -49.07 10.30 -0.36
N PRO B 95 -48.38 9.76 0.61
CA PRO B 95 -46.98 10.05 0.81
C PRO B 95 -45.98 9.36 -0.12
N SER B 96 -46.43 8.54 -1.03
CA SER B 96 -45.54 7.85 -1.93
C SER B 96 -45.72 8.46 -3.26
N ALA B 97 -46.63 9.42 -3.32
CA ALA B 97 -46.91 10.13 -4.51
C ALA B 97 -46.07 11.34 -4.55
N ARG B 98 -45.73 11.87 -3.39
CA ARG B 98 -44.86 12.99 -3.23
C ARG B 98 -43.42 12.59 -3.25
N GLU B 99 -43.18 11.34 -2.97
CA GLU B 99 -41.91 10.70 -3.06
C GLU B 99 -41.64 10.41 -4.49
N ARG B 100 -42.66 10.14 -5.28
CA ARG B 100 -42.50 9.78 -6.68
C ARG B 100 -42.31 10.94 -7.59
N ILE B 101 -42.75 12.11 -7.20
CA ILE B 101 -42.57 13.33 -7.95
C ILE B 101 -41.13 13.75 -7.85
N LEU B 102 -40.53 13.60 -6.69
CA LEU B 102 -39.19 13.99 -6.43
C LEU B 102 -38.19 13.00 -7.00
N LEU B 103 -38.63 11.78 -7.13
CA LEU B 103 -37.89 10.76 -7.79
C LEU B 103 -37.95 10.91 -9.27
N ARG B 104 -39.08 11.22 -9.82
CA ARG B 104 -39.20 11.41 -11.23
C ARG B 104 -38.37 12.54 -11.71
N LEU B 105 -38.28 13.60 -10.94
CA LEU B 105 -37.52 14.79 -11.28
C LEU B 105 -36.01 14.75 -11.05
N ALA B 106 -35.52 13.85 -10.24
CA ALA B 106 -34.11 13.54 -10.19
C ALA B 106 -33.73 12.75 -11.40
N ASP B 107 -34.65 11.93 -11.84
CA ASP B 107 -34.61 11.19 -13.09
C ASP B 107 -34.68 12.09 -14.33
N LEU B 108 -35.25 13.28 -14.21
CA LEU B 108 -35.26 14.29 -15.26
C LEU B 108 -34.22 15.41 -15.16
N LEU B 109 -33.43 15.39 -14.15
CA LEU B 109 -32.39 16.34 -14.06
C LEU B 109 -31.28 15.66 -14.76
N GLU B 110 -31.19 14.35 -14.59
CA GLU B 110 -30.16 13.52 -15.20
C GLU B 110 -30.33 13.12 -16.61
N VAL B 111 -31.60 13.11 -17.02
CA VAL B 111 -31.95 12.90 -18.42
C VAL B 111 -31.83 14.21 -19.19
N HIS B 112 -31.91 15.35 -18.51
CA HIS B 112 -31.78 16.60 -19.19
C HIS B 112 -30.56 17.31 -18.90
N GLY B 113 -29.53 16.55 -18.58
CA GLY B 113 -28.34 16.97 -17.90
C GLY B 113 -27.17 17.56 -18.56
N ASP B 114 -26.95 17.24 -19.81
CA ASP B 114 -26.04 18.02 -20.66
C ASP B 114 -26.54 19.46 -20.81
N GLU B 115 -27.85 19.66 -21.00
CA GLU B 115 -28.45 21.02 -21.24
C GLU B 115 -28.41 21.91 -20.01
N LEU B 116 -28.89 21.39 -18.88
CA LEU B 116 -28.70 22.08 -17.61
C LEU B 116 -27.23 22.33 -17.24
N ALA B 117 -26.34 21.45 -17.57
CA ALA B 117 -24.94 21.71 -17.35
C ALA B 117 -24.33 22.72 -18.26
N ARG B 118 -24.69 22.80 -19.53
CA ARG B 118 -24.23 23.90 -20.41
C ARG B 118 -24.82 25.21 -19.83
N LEU B 119 -26.09 25.18 -19.42
CA LEU B 119 -26.76 26.35 -18.85
C LEU B 119 -26.04 27.04 -17.67
N GLU B 120 -25.61 26.25 -16.72
CA GLU B 120 -24.91 26.69 -15.55
C GLU B 120 -23.65 27.33 -16.01
N THR B 121 -22.75 26.58 -16.58
CA THR B 121 -21.52 27.09 -17.18
C THR B 121 -21.60 28.41 -17.95
N LEU B 122 -22.59 28.53 -18.82
CA LEU B 122 -23.00 29.79 -19.40
C LEU B 122 -23.28 30.95 -18.44
N ASN B 123 -24.20 30.78 -17.51
CA ASN B 123 -24.65 31.78 -16.56
C ASN B 123 -23.75 32.07 -15.34
N ASN B 124 -23.11 31.03 -14.85
CA ASN B 124 -22.33 31.01 -13.65
C ASN B 124 -20.78 30.98 -13.83
N GLY B 125 -20.29 30.34 -14.87
CA GLY B 125 -18.94 30.47 -15.21
C GLY B 125 -18.12 29.29 -14.89
N LYS B 126 -18.80 28.35 -14.30
CA LYS B 126 -18.31 27.22 -13.61
C LYS B 126 -17.88 26.27 -14.67
N LEU B 127 -16.91 25.43 -14.36
CA LEU B 127 -16.43 24.45 -15.28
C LEU B 127 -17.43 23.41 -15.62
N LEU B 128 -17.60 23.13 -16.90
CA LEU B 128 -18.63 22.25 -17.37
C LEU B 128 -18.69 20.91 -16.69
N ILE B 129 -17.57 20.28 -16.43
CA ILE B 129 -17.61 19.00 -15.77
C ILE B 129 -18.11 19.05 -14.37
N TYR B 130 -17.79 20.09 -13.65
CA TYR B 130 -18.39 20.39 -12.39
C TYR B 130 -19.83 20.80 -12.36
N SER B 131 -20.36 21.18 -13.49
CA SER B 131 -21.74 21.51 -13.65
C SER B 131 -22.46 20.22 -13.76
N LYS B 132 -21.84 19.24 -14.37
CA LYS B 132 -22.45 17.98 -14.65
C LYS B 132 -22.45 17.07 -13.47
N LEU B 133 -21.48 17.28 -12.62
CA LEU B 133 -21.20 16.43 -11.50
C LEU B 133 -21.69 16.99 -10.20
N MET B 134 -21.55 18.29 -10.02
CA MET B 134 -21.83 18.91 -8.74
C MET B 134 -23.06 19.80 -8.78
N GLU B 135 -23.73 19.86 -9.92
CA GLU B 135 -24.87 20.68 -9.98
C GLU B 135 -25.95 19.88 -10.55
N VAL B 136 -25.69 19.12 -11.59
CA VAL B 136 -26.73 18.28 -12.13
C VAL B 136 -26.79 17.02 -11.35
N GLY B 137 -25.65 16.53 -10.95
CA GLY B 137 -25.56 15.22 -10.37
C GLY B 137 -25.65 15.11 -8.90
N ALA B 138 -25.32 16.16 -8.18
CA ALA B 138 -25.45 16.19 -6.76
C ALA B 138 -26.82 16.58 -6.34
N SER B 139 -27.42 17.44 -7.15
CA SER B 139 -28.83 17.75 -7.07
C SER B 139 -29.69 16.50 -7.22
N ALA B 140 -29.47 15.72 -8.28
CA ALA B 140 -30.25 14.54 -8.43
C ALA B 140 -30.17 13.64 -7.24
N GLN B 141 -29.06 13.65 -6.55
CA GLN B 141 -28.77 12.86 -5.39
C GLN B 141 -29.46 13.35 -4.16
N TRP B 142 -29.62 14.65 -4.09
CA TRP B 142 -30.31 15.31 -3.04
C TRP B 142 -31.76 15.05 -3.12
N LEU B 143 -32.31 15.04 -4.33
CA LEU B 143 -33.71 14.83 -4.56
C LEU B 143 -33.98 13.47 -4.03
N ARG B 144 -33.31 12.48 -4.55
CA ARG B 144 -33.53 11.12 -4.19
C ARG B 144 -33.55 11.01 -2.74
N TYR B 145 -32.49 11.38 -2.07
CA TYR B 145 -32.47 11.40 -0.63
C TYR B 145 -33.53 12.01 0.19
N MET B 146 -34.11 13.06 -0.31
CA MET B 146 -35.07 13.78 0.45
C MET B 146 -36.39 13.26 0.09
N ALA B 147 -36.50 12.64 -1.06
CA ALA B 147 -37.70 12.02 -1.55
C ALA B 147 -38.04 10.84 -0.72
N GLY B 148 -37.04 10.43 0.02
CA GLY B 148 -37.02 9.25 0.84
C GLY B 148 -37.59 9.49 2.18
N TRP B 149 -37.53 10.71 2.63
CA TRP B 149 -38.01 11.08 3.91
C TRP B 149 -39.39 11.60 3.87
N ALA B 150 -40.09 11.34 2.78
CA ALA B 150 -41.39 11.92 2.45
C ALA B 150 -42.26 10.97 3.14
N THR B 151 -41.76 9.79 3.06
CA THR B 151 -42.47 8.60 3.37
C THR B 151 -42.27 8.13 4.81
N LYS B 152 -41.41 8.81 5.53
CA LYS B 152 -40.89 8.42 6.79
C LYS B 152 -40.95 9.50 7.86
N LEU B 153 -41.89 10.41 7.74
CA LEU B 153 -42.10 11.54 8.61
C LEU B 153 -43.03 11.22 9.74
N THR B 154 -42.50 11.13 10.94
CA THR B 154 -43.22 10.61 12.09
C THR B 154 -43.32 11.50 13.31
N GLY B 155 -44.40 11.37 14.04
CA GLY B 155 -44.53 11.94 15.34
C GLY B 155 -44.36 10.88 16.39
N SER B 156 -44.89 11.07 17.56
CA SER B 156 -44.68 10.18 18.66
C SER B 156 -45.98 9.85 19.26
N THR B 157 -45.97 8.90 20.15
CA THR B 157 -47.11 8.31 20.77
C THR B 157 -46.64 8.29 22.19
N LEU B 158 -47.35 8.87 23.14
CA LEU B 158 -46.80 9.19 24.44
C LEU B 158 -47.52 8.73 25.69
N ASP B 159 -46.79 8.61 26.79
CA ASP B 159 -47.36 8.19 28.07
C ASP B 159 -48.07 9.43 28.58
N LEU B 160 -48.42 9.46 29.86
CA LEU B 160 -49.09 10.64 30.40
C LEU B 160 -49.38 10.44 31.86
N SER B 161 -48.90 11.35 32.70
CA SER B 161 -49.06 11.14 34.10
C SER B 161 -49.75 12.47 34.38
N LEU B 162 -51.09 12.52 34.38
CA LEU B 162 -51.92 13.75 34.14
C LEU B 162 -52.38 14.69 35.29
N PRO B 163 -53.34 14.23 36.05
CA PRO B 163 -54.03 13.01 35.67
C PRO B 163 -55.49 13.37 35.62
N LEU B 164 -56.29 12.42 35.21
CA LEU B 164 -57.68 12.61 35.12
C LEU B 164 -58.24 11.70 36.13
N PRO B 165 -59.55 11.64 36.22
CA PRO B 165 -60.22 10.90 37.25
C PRO B 165 -59.78 9.48 37.07
N PRO B 166 -60.18 8.55 37.93
CA PRO B 166 -59.87 7.15 37.69
C PRO B 166 -60.82 6.84 36.55
N GLU B 167 -60.87 5.57 36.15
CA GLU B 167 -61.77 5.12 35.10
C GLU B 167 -61.84 6.09 33.94
N VAL B 168 -60.74 6.76 33.64
CA VAL B 168 -60.73 7.65 32.52
C VAL B 168 -59.27 7.46 32.18
N ARG B 169 -59.07 6.95 31.00
CA ARG B 169 -57.84 6.61 30.39
C ARG B 169 -57.63 7.64 29.26
N SER B 170 -56.39 7.88 28.83
CA SER B 170 -56.09 8.77 27.69
C SER B 170 -55.06 8.24 26.70
N ARG B 171 -55.09 8.77 25.50
CA ARG B 171 -54.08 8.57 24.50
C ARG B 171 -53.53 9.93 24.07
N ALA B 172 -52.21 10.08 24.06
CA ALA B 172 -51.53 11.27 23.54
C ALA B 172 -50.64 11.01 22.33
N SER B 173 -50.61 11.94 21.40
CA SER B 173 -49.65 11.87 20.33
C SER B 173 -49.26 13.24 19.78
N THR B 174 -48.17 13.30 19.01
CA THR B 174 -47.87 14.46 18.21
C THR B 174 -47.91 14.04 16.77
N GLN B 175 -48.19 14.99 15.89
CA GLN B 175 -48.35 14.71 14.49
C GLN B 175 -47.53 15.67 13.69
N ARG B 176 -46.53 15.15 13.01
CA ARG B 176 -45.71 15.95 12.13
C ARG B 176 -46.53 16.49 10.94
N VAL B 177 -46.47 17.81 10.72
CA VAL B 177 -47.29 18.54 9.73
C VAL B 177 -46.37 19.51 8.96
N PRO B 178 -46.80 20.06 7.80
CA PRO B 178 -45.88 21.00 7.11
C PRO B 178 -45.95 22.40 7.69
N VAL B 179 -44.91 23.21 7.45
CA VAL B 179 -44.76 24.56 8.00
C VAL B 179 -45.64 25.59 7.25
N GLY B 180 -45.77 25.43 5.92
CA GLY B 180 -46.67 26.26 5.13
C GLY B 180 -46.01 26.65 3.83
N VAL B 181 -46.17 27.92 3.45
CA VAL B 181 -45.53 28.48 2.27
C VAL B 181 -44.08 28.88 2.55
N VAL B 182 -43.16 28.41 1.70
CA VAL B 182 -41.75 28.63 1.92
C VAL B 182 -41.19 29.69 0.97
N ALA B 183 -40.66 30.76 1.55
CA ALA B 183 -39.89 31.78 0.82
C ALA B 183 -38.42 31.35 0.65
N ALA B 184 -38.02 30.95 -0.55
CA ALA B 184 -36.64 30.44 -0.73
C ALA B 184 -35.75 31.40 -1.51
N ILE B 185 -34.74 31.95 -0.85
CA ILE B 185 -33.82 32.83 -1.56
C ILE B 185 -32.42 32.20 -1.75
N ILE B 186 -32.01 32.08 -3.01
CA ILE B 186 -30.83 31.29 -3.35
C ILE B 186 -29.66 32.16 -3.79
N PRO B 187 -28.45 31.78 -3.35
CA PRO B 187 -27.17 32.43 -3.72
C PRO B 187 -26.67 32.04 -5.12
N TRP B 188 -25.73 32.79 -5.67
CA TRP B 188 -25.33 32.63 -7.07
C TRP B 188 -24.16 31.70 -7.36
N ASN B 189 -23.60 31.05 -6.36
CA ASN B 189 -22.44 30.23 -6.58
C ASN B 189 -22.71 28.85 -7.06
N PHE B 190 -23.90 28.37 -6.79
CA PHE B 190 -24.32 27.02 -7.21
C PHE B 190 -25.81 26.93 -7.53
N PRO B 191 -26.22 27.69 -8.50
CA PRO B 191 -27.61 27.95 -8.75
C PRO B 191 -28.58 26.81 -8.78
N LEU B 192 -28.34 25.75 -9.53
CA LEU B 192 -29.15 24.54 -9.52
C LEU B 192 -29.20 23.81 -8.16
N LEU B 193 -28.02 23.50 -7.64
CA LEU B 193 -27.90 22.81 -6.37
C LEU B 193 -28.50 23.54 -5.15
N MET B 194 -28.17 24.82 -4.99
CA MET B 194 -28.57 25.59 -3.81
C MET B 194 -30.09 25.73 -3.72
N ALA B 195 -30.72 25.85 -4.89
CA ALA B 195 -32.17 25.68 -5.11
C ALA B 195 -32.77 24.32 -4.76
N VAL B 196 -32.16 23.24 -5.25
CA VAL B 196 -32.55 21.89 -4.84
C VAL B 196 -32.46 21.92 -3.30
N TRP B 197 -31.39 22.33 -2.69
CA TRP B 197 -31.19 22.25 -1.25
C TRP B 197 -32.29 22.74 -0.33
N LYS B 198 -33.12 23.55 -0.93
CA LYS B 198 -34.30 24.07 -0.32
C LYS B 198 -35.55 23.44 -0.86
N ILE B 199 -35.80 23.51 -2.16
CA ILE B 199 -37.07 22.96 -2.65
C ILE B 199 -37.21 21.45 -2.37
N ALA B 200 -36.12 20.71 -2.52
CA ALA B 200 -36.15 19.27 -2.31
C ALA B 200 -36.69 18.91 -0.94
N PRO B 201 -36.17 19.51 0.12
CA PRO B 201 -36.66 19.26 1.46
C PRO B 201 -37.94 19.90 1.81
N ALA B 202 -38.37 20.92 1.12
CA ALA B 202 -39.61 21.57 1.47
C ALA B 202 -40.74 20.76 0.86
N LEU B 203 -40.63 20.47 -0.43
CA LEU B 203 -41.58 19.58 -1.08
C LEU B 203 -41.71 18.16 -0.47
N ALA B 204 -40.65 17.53 -0.07
CA ALA B 204 -40.73 16.29 0.68
C ALA B 204 -41.70 16.44 1.79
N CYS B 205 -41.56 17.51 2.56
CA CYS B 205 -42.41 17.75 3.72
C CYS B 205 -43.90 18.01 3.48
N GLY B 206 -44.27 18.47 2.28
CA GLY B 206 -45.66 18.88 2.04
C GLY B 206 -45.78 20.40 2.09
N ASN B 207 -44.64 21.07 2.13
CA ASN B 207 -44.67 22.51 2.06
C ASN B 207 -44.73 22.80 0.58
N THR B 208 -45.31 23.94 0.23
CA THR B 208 -45.14 24.57 -1.07
C THR B 208 -44.07 25.68 -0.97
N VAL B 209 -43.52 26.11 -2.10
CA VAL B 209 -42.42 27.09 -2.05
C VAL B 209 -42.53 28.22 -3.09
N VAL B 210 -42.05 29.39 -2.69
CA VAL B 210 -41.84 30.44 -3.65
C VAL B 210 -40.34 30.71 -3.66
N LEU B 211 -39.74 30.49 -4.81
CA LEU B 211 -38.30 30.50 -4.91
C LEU B 211 -37.83 31.75 -5.65
N LYS B 212 -36.92 32.50 -5.03
CA LYS B 212 -36.25 33.59 -5.75
C LYS B 212 -34.76 33.31 -6.00
N PRO B 213 -34.39 33.07 -7.27
CA PRO B 213 -32.95 32.97 -7.50
C PRO B 213 -32.25 34.34 -7.56
N ALA B 214 -30.93 34.32 -7.36
CA ALA B 214 -30.09 35.50 -7.40
C ALA B 214 -30.37 36.14 -8.73
N GLU B 215 -29.93 37.38 -8.91
CA GLU B 215 -30.35 38.13 -10.06
C GLU B 215 -29.22 37.95 -11.07
N GLU B 216 -28.07 37.49 -10.59
CA GLU B 216 -26.93 37.21 -11.46
C GLU B 216 -27.05 35.84 -12.12
N THR B 217 -27.96 35.02 -11.59
CA THR B 217 -28.21 33.68 -12.09
C THR B 217 -29.63 33.10 -11.95
N PRO B 218 -30.55 33.36 -12.86
CA PRO B 218 -31.88 32.79 -12.71
C PRO B 218 -32.28 31.60 -13.54
N LEU B 219 -31.58 31.31 -14.61
CA LEU B 219 -31.95 30.32 -15.66
C LEU B 219 -32.11 28.86 -15.22
N THR B 220 -31.23 28.34 -14.40
CA THR B 220 -31.34 26.95 -14.00
C THR B 220 -32.45 26.66 -13.04
N ALA B 221 -32.88 27.63 -12.29
CA ALA B 221 -34.06 27.42 -11.47
C ALA B 221 -35.34 27.52 -12.29
N LEU B 222 -35.26 28.22 -13.43
CA LEU B 222 -36.43 28.29 -14.30
C LEU B 222 -36.70 26.98 -14.99
N ARG B 223 -35.63 26.32 -15.38
CA ARG B 223 -35.67 25.01 -15.95
C ARG B 223 -36.08 24.00 -14.91
N LEU B 224 -35.65 24.18 -13.70
CA LEU B 224 -35.93 23.33 -12.55
C LEU B 224 -37.44 23.30 -12.40
N ALA B 225 -38.02 24.48 -12.25
CA ALA B 225 -39.46 24.60 -12.16
C ALA B 225 -40.36 23.96 -13.22
N GLU B 226 -39.97 24.00 -14.47
CA GLU B 226 -40.68 23.32 -15.49
C GLU B 226 -40.47 21.83 -15.60
N LEU B 227 -39.34 21.31 -15.14
CA LEU B 227 -39.10 19.90 -15.00
C LEU B 227 -39.84 19.39 -13.80
N ALA B 228 -40.07 20.27 -12.82
CA ALA B 228 -40.82 19.87 -11.64
C ALA B 228 -42.22 19.48 -12.05
N MET B 229 -42.81 20.26 -12.96
CA MET B 229 -44.14 19.99 -13.45
C MET B 229 -44.24 18.79 -14.42
N GLU B 230 -43.20 18.55 -15.22
CA GLU B 230 -43.08 17.35 -16.06
C GLU B 230 -43.06 16.05 -15.19
N ALA B 231 -42.45 16.12 -14.02
CA ALA B 231 -42.43 15.09 -13.01
C ALA B 231 -43.70 14.87 -12.23
N GLY B 232 -44.69 15.73 -12.35
CA GLY B 232 -46.01 15.52 -11.75
C GLY B 232 -46.33 16.47 -10.60
N LEU B 233 -45.55 17.49 -10.41
CA LEU B 233 -45.82 18.48 -9.37
C LEU B 233 -46.96 19.37 -9.78
N PRO B 234 -47.97 19.48 -8.95
CA PRO B 234 -49.15 20.28 -9.29
C PRO B 234 -48.82 21.76 -9.43
N ALA B 235 -49.50 22.45 -10.34
CA ALA B 235 -49.40 23.91 -10.46
C ALA B 235 -49.51 24.62 -9.11
N GLY B 236 -48.64 25.61 -8.91
CA GLY B 236 -48.60 26.41 -7.70
C GLY B 236 -47.68 25.91 -6.61
N ALA B 237 -47.29 24.63 -6.67
CA ALA B 237 -46.44 24.03 -5.64
C ALA B 237 -45.00 24.60 -5.62
N LEU B 238 -44.52 25.07 -6.74
CA LEU B 238 -43.21 25.66 -6.85
C LEU B 238 -43.37 26.78 -7.80
N ASN B 239 -43.30 27.99 -7.30
CA ASN B 239 -43.30 29.17 -8.11
C ASN B 239 -41.95 29.75 -8.07
N VAL B 240 -41.55 30.37 -9.14
CA VAL B 240 -40.27 31.02 -9.28
C VAL B 240 -40.48 32.47 -9.64
N VAL B 241 -40.14 33.39 -8.76
CA VAL B 241 -40.22 34.78 -9.04
C VAL B 241 -38.82 35.33 -9.32
N THR B 242 -38.64 36.28 -10.21
CA THR B 242 -37.29 36.74 -10.55
C THR B 242 -37.25 38.22 -10.36
N GLY B 243 -36.07 38.76 -10.26
CA GLY B 243 -35.90 40.19 -9.98
C GLY B 243 -34.68 40.62 -9.18
N ARG B 244 -34.40 41.92 -9.24
CA ARG B 244 -33.40 42.58 -8.39
C ARG B 244 -33.71 42.23 -6.90
N GLY B 245 -32.65 41.93 -6.13
CA GLY B 245 -32.78 41.47 -4.74
C GLY B 245 -33.40 42.49 -3.81
N GLU B 246 -33.06 43.76 -4.03
CA GLU B 246 -33.57 44.85 -3.20
C GLU B 246 -35.08 44.84 -3.00
N THR B 247 -35.83 44.62 -4.08
CA THR B 247 -37.29 44.67 -3.99
C THR B 247 -38.07 43.32 -4.03
N ALA B 248 -37.80 42.48 -5.03
CA ALA B 248 -38.42 41.14 -5.05
C ALA B 248 -38.23 40.45 -3.72
N GLY B 249 -36.97 40.30 -3.30
CA GLY B 249 -36.62 39.78 -1.99
C GLY B 249 -37.47 40.33 -0.85
N ASP B 250 -37.51 41.62 -0.66
CA ASP B 250 -38.21 42.25 0.44
C ASP B 250 -39.65 41.92 0.47
N ALA B 251 -40.29 41.96 -0.68
CA ALA B 251 -41.69 41.63 -0.83
C ALA B 251 -41.92 40.19 -0.33
N LEU B 252 -41.04 39.27 -0.75
CA LEU B 252 -41.14 37.87 -0.36
C LEU B 252 -41.07 37.67 1.12
N VAL B 253 -40.13 38.36 1.75
CA VAL B 253 -39.87 38.23 3.19
C VAL B 253 -41.02 38.77 4.02
N ARG B 254 -41.53 39.93 3.62
CA ARG B 254 -42.53 40.65 4.38
C ARG B 254 -43.97 40.25 4.00
N HIS B 255 -44.16 39.06 3.43
CA HIS B 255 -45.50 38.66 2.99
C HIS B 255 -46.14 37.97 4.21
N PRO B 256 -47.31 38.42 4.60
CA PRO B 256 -48.09 37.80 5.64
C PRO B 256 -48.47 36.37 5.51
N LYS B 257 -48.59 35.89 4.29
CA LYS B 257 -48.71 34.43 4.03
C LYS B 257 -47.49 33.53 3.80
N VAL B 258 -46.29 34.08 3.94
CA VAL B 258 -45.07 33.29 3.95
C VAL B 258 -44.78 32.79 5.38
N ALA B 259 -44.59 31.48 5.50
CA ALA B 259 -44.51 30.78 6.78
C ALA B 259 -43.08 30.56 7.26
N LYS B 260 -42.15 30.37 6.32
CA LYS B 260 -40.74 30.25 6.67
C LYS B 260 -39.90 31.00 5.65
N VAL B 261 -38.76 31.55 6.08
CA VAL B 261 -37.79 32.15 5.16
C VAL B 261 -36.42 31.43 5.20
N ALA B 262 -36.06 30.80 4.09
CA ALA B 262 -34.79 30.15 3.93
C ALA B 262 -33.90 30.99 3.06
N PHE B 263 -32.98 31.69 3.67
CA PHE B 263 -32.04 32.57 2.98
C PHE B 263 -30.63 32.01 3.12
N THR B 264 -29.81 32.31 2.12
CA THR B 264 -28.36 32.15 2.13
C THR B 264 -27.79 33.29 1.34
N GLY B 265 -26.80 33.98 1.90
CA GLY B 265 -26.08 35.03 1.17
C GLY B 265 -25.18 35.84 2.06
N SER B 266 -25.16 37.16 1.83
CA SER B 266 -24.47 38.13 2.69
C SER B 266 -24.97 37.97 4.12
N THR B 267 -24.04 37.85 5.06
CA THR B 267 -24.44 37.78 6.45
C THR B 267 -25.17 39.05 6.95
N GLU B 268 -24.86 40.19 6.34
CA GLU B 268 -25.54 41.44 6.65
C GLU B 268 -27.02 41.34 6.31
N VAL B 269 -27.33 41.20 5.03
CA VAL B 269 -28.74 41.06 4.60
C VAL B 269 -29.53 40.06 5.45
N GLY B 270 -28.83 39.06 5.99
CA GLY B 270 -29.39 38.04 6.87
C GLY B 270 -29.93 38.64 8.15
N ARG B 271 -29.28 39.69 8.60
CA ARG B 271 -29.70 40.42 9.74
C ARG B 271 -31.00 41.17 9.47
N ILE B 272 -31.14 41.70 8.28
CA ILE B 272 -32.36 42.39 7.82
C ILE B 272 -33.52 41.41 7.84
N ILE B 273 -33.28 40.22 7.26
CA ILE B 273 -34.27 39.13 7.22
C ILE B 273 -34.67 38.68 8.66
N GLY B 274 -33.65 38.46 9.50
CA GLY B 274 -33.84 38.13 10.92
C GLY B 274 -34.86 39.05 11.56
N SER B 275 -34.49 40.34 11.71
CA SER B 275 -35.36 41.37 12.28
C SER B 275 -36.79 41.20 11.77
N ALA B 276 -36.96 41.32 10.46
CA ALA B 276 -38.26 41.18 9.79
C ALA B 276 -39.04 39.89 10.13
N CYS B 277 -38.32 38.77 10.17
CA CYS B 277 -38.95 37.47 10.38
C CYS B 277 -39.40 37.30 11.82
N GLY B 278 -38.64 37.88 12.75
CA GLY B 278 -38.96 37.79 14.15
C GLY B 278 -40.08 38.61 14.69
N ARG B 279 -40.32 39.77 14.09
CA ARG B 279 -41.48 40.57 14.38
C ARG B 279 -42.62 40.05 13.63
N SER B 280 -42.35 39.44 12.50
CA SER B 280 -43.39 38.59 11.90
C SER B 280 -43.80 37.22 12.51
N LEU B 281 -43.04 36.75 13.50
CA LEU B 281 -43.27 35.44 14.11
C LEU B 281 -43.18 34.29 13.09
N LYS B 282 -42.24 34.42 12.14
CA LYS B 282 -42.04 33.35 11.18
C LYS B 282 -40.70 32.66 11.36
N ALA B 283 -40.68 31.39 11.01
CA ALA B 283 -39.51 30.54 11.10
C ALA B 283 -38.49 31.07 10.08
N VAL B 284 -37.21 30.92 10.39
CA VAL B 284 -36.19 31.46 9.52
C VAL B 284 -35.00 30.54 9.41
N SER B 285 -34.55 30.30 8.21
CA SER B 285 -33.35 29.57 7.93
C SER B 285 -32.38 30.49 7.33
N LEU B 286 -31.21 30.55 7.89
CA LEU B 286 -30.18 31.49 7.50
C LEU B 286 -28.82 30.85 7.43
N GLU B 287 -28.28 30.74 6.21
CA GLU B 287 -26.89 30.37 6.02
C GLU B 287 -25.95 31.47 5.53
N LEU B 288 -25.32 32.19 6.43
CA LEU B 288 -24.58 33.38 6.08
C LEU B 288 -23.09 33.14 6.11
N GLY B 289 -22.30 34.19 6.29
CA GLY B 289 -20.85 34.11 6.10
C GLY B 289 -19.91 33.12 6.79
N GLY B 290 -18.64 33.15 6.39
CA GLY B 290 -17.61 32.36 6.98
C GLY B 290 -16.23 32.83 6.68
N LYS B 291 -15.30 32.30 7.40
CA LYS B 291 -13.89 32.42 7.13
C LYS B 291 -13.18 31.19 7.59
N SER B 292 -13.49 30.02 7.04
CA SER B 292 -13.02 28.72 7.48
C SER B 292 -11.50 28.65 7.61
N PRO B 293 -11.01 28.26 8.80
CA PRO B 293 -9.56 28.06 8.93
C PRO B 293 -9.18 26.64 8.57
N VAL B 294 -7.94 26.46 8.13
CA VAL B 294 -7.42 25.11 7.91
C VAL B 294 -6.06 24.94 8.56
N ILE B 295 -5.91 23.86 9.31
CA ILE B 295 -4.81 23.72 10.28
C ILE B 295 -3.95 22.50 9.98
N VAL B 296 -2.67 22.75 9.67
CA VAL B 296 -1.70 21.70 9.37
C VAL B 296 -0.75 21.47 10.56
N LEU B 297 -0.88 20.34 11.23
CA LEU B 297 -0.05 20.02 12.37
C LEU B 297 1.32 19.49 11.97
N ALA B 298 2.25 19.39 12.91
CA ALA B 298 3.66 19.09 12.64
C ALA B 298 3.94 17.81 11.81
N ASP B 299 3.17 16.77 12.09
CA ASP B 299 3.41 15.42 11.55
C ASP B 299 2.81 15.21 10.16
N CYS B 300 1.98 16.13 9.71
CA CYS B 300 1.30 15.96 8.44
C CYS B 300 2.26 16.17 7.29
N ASP B 301 2.17 15.32 6.28
CA ASP B 301 3.06 15.27 5.15
C ASP B 301 2.97 16.60 4.60
N PRO B 302 3.99 17.13 3.97
CA PRO B 302 3.88 18.49 3.53
C PRO B 302 3.28 18.71 2.16
N GLN B 303 3.33 17.77 1.25
CA GLN B 303 2.70 17.97 -0.02
C GLN B 303 1.27 17.59 0.05
N GLU B 304 0.89 16.85 1.07
CA GLU B 304 -0.45 16.39 1.21
C GLU B 304 -1.26 17.43 1.90
N ALA B 305 -0.57 18.31 2.56
CA ALA B 305 -1.14 19.51 3.18
C ALA B 305 -1.40 20.59 2.13
N ALA B 306 -0.42 20.87 1.28
CA ALA B 306 -0.55 21.89 0.25
C ALA B 306 -1.50 21.55 -0.89
N GLU B 307 -1.62 20.27 -1.18
CA GLU B 307 -2.64 19.78 -2.10
C GLU B 307 -3.99 19.90 -1.40
N GLY B 308 -3.98 19.63 -0.08
CA GLY B 308 -5.13 19.82 0.79
C GLY B 308 -5.64 21.25 0.84
N ALA B 309 -4.76 22.20 1.12
CA ALA B 309 -5.14 23.60 1.18
C ALA B 309 -5.67 24.15 -0.14
N ALA B 310 -4.97 23.85 -1.23
CA ALA B 310 -5.38 24.30 -2.58
C ALA B 310 -6.79 23.85 -2.92
N ALA B 311 -7.08 22.58 -2.65
CA ALA B 311 -8.44 22.09 -2.83
C ALA B 311 -9.43 22.76 -1.88
N ALA B 312 -8.98 23.10 -0.68
CA ALA B 312 -9.82 23.78 0.31
C ALA B 312 -10.22 25.18 -0.07
N ILE B 313 -9.48 25.83 -0.96
CA ILE B 313 -9.76 27.24 -1.33
C ILE B 313 -9.85 27.67 -2.82
N PHE B 314 -9.38 26.82 -3.73
CA PHE B 314 -9.54 27.05 -5.16
C PHE B 314 -10.68 26.23 -5.83
N PHE B 315 -11.37 25.42 -5.03
CA PHE B 315 -12.63 24.76 -5.39
C PHE B 315 -13.77 25.76 -5.56
N ASN B 316 -14.37 25.80 -6.74
CA ASN B 316 -15.42 26.77 -7.03
C ASN B 316 -14.86 28.20 -6.94
N HIS B 317 -13.70 28.38 -7.55
CA HIS B 317 -12.95 29.63 -7.53
C HIS B 317 -13.08 30.35 -6.24
N GLY B 318 -13.09 29.60 -5.16
CA GLY B 318 -13.18 30.10 -3.80
C GLY B 318 -14.50 30.65 -3.37
N GLN B 319 -15.50 30.43 -4.21
CA GLN B 319 -16.82 30.99 -4.11
C GLN B 319 -17.59 29.96 -3.38
N VAL B 320 -17.35 29.91 -2.10
CA VAL B 320 -17.95 28.87 -1.31
C VAL B 320 -17.96 29.38 0.11
N CYS B 321 -19.10 29.30 0.79
CA CYS B 321 -19.19 29.75 2.17
C CYS B 321 -18.06 29.15 3.01
N THR B 322 -17.93 27.83 2.95
CA THR B 322 -16.91 27.11 3.65
C THR B 322 -15.47 27.02 3.15
N ALA B 323 -15.04 27.91 2.27
CA ALA B 323 -13.77 27.80 1.64
C ALA B 323 -12.76 28.21 2.62
N GLY B 324 -11.60 27.59 2.61
CA GLY B 324 -10.65 27.65 3.67
C GLY B 324 -9.68 28.68 3.28
N SER B 325 -9.91 29.85 3.81
CA SER B 325 -9.36 31.05 3.33
C SER B 325 -8.34 31.46 4.27
N ARG B 326 -8.35 30.87 5.43
CA ARG B 326 -7.24 31.04 6.37
C ARG B 326 -6.41 29.77 6.49
N LEU B 327 -5.14 29.81 6.08
CA LEU B 327 -4.25 28.66 6.26
C LEU B 327 -3.29 28.87 7.41
N TYR B 328 -3.26 27.90 8.31
CA TYR B 328 -2.40 27.88 9.47
C TYR B 328 -1.55 26.64 9.42
N VAL B 329 -0.26 26.81 9.28
CA VAL B 329 0.69 25.72 9.19
C VAL B 329 1.71 25.83 10.28
N HIS B 330 2.19 24.72 10.82
CA HIS B 330 3.08 24.75 11.95
C HIS B 330 4.36 25.39 11.50
N GLU B 331 5.04 26.06 12.40
CA GLU B 331 6.37 26.59 12.24
C GLU B 331 7.38 25.75 11.54
N SER B 332 7.40 24.46 11.85
CA SER B 332 8.40 23.54 11.34
C SER B 332 8.34 23.32 9.82
N ILE B 333 7.13 23.18 9.29
CA ILE B 333 6.96 22.83 7.91
C ILE B 333 6.26 23.92 7.15
N TYR B 334 6.14 25.09 7.73
CA TYR B 334 5.46 26.24 7.14
C TYR B 334 5.93 26.64 5.78
N GLU B 335 7.21 26.81 5.61
CA GLU B 335 7.77 27.20 4.34
C GLU B 335 7.69 26.09 3.38
N ASP B 336 8.04 24.89 3.78
CA ASP B 336 7.89 23.73 2.96
C ASP B 336 6.54 23.71 2.30
N VAL B 337 5.48 23.75 3.09
CA VAL B 337 4.09 23.86 2.65
C VAL B 337 3.69 24.99 1.76
N ILE B 338 4.13 26.20 2.00
CA ILE B 338 3.73 27.30 1.15
C ILE B 338 4.49 27.42 -0.11
N GLN B 339 5.65 26.84 -0.17
CA GLN B 339 6.41 26.69 -1.38
C GLN B 339 5.66 25.85 -2.32
N ARG B 340 5.16 24.72 -1.87
CA ARG B 340 4.59 23.71 -2.71
C ARG B 340 3.34 24.30 -3.21
N LEU B 341 2.55 24.84 -2.33
CA LEU B 341 1.29 25.51 -2.60
C LEU B 341 1.29 26.58 -3.66
N ALA B 342 2.35 27.34 -3.78
CA ALA B 342 2.46 28.31 -4.82
C ALA B 342 2.82 27.67 -6.11
N VAL B 343 3.36 26.48 -6.10
CA VAL B 343 3.62 25.77 -7.32
C VAL B 343 2.25 25.37 -7.83
N ILE B 344 1.42 24.88 -6.95
CA ILE B 344 0.07 24.47 -7.28
C ILE B 344 -0.83 25.55 -7.82
N GLY B 345 -0.80 26.73 -7.24
CA GLY B 345 -1.63 27.82 -7.68
C GLY B 345 -1.12 28.56 -8.86
N GLU B 346 0.17 28.42 -9.13
CA GLU B 346 0.80 29.11 -10.21
C GLU B 346 0.41 28.40 -11.46
N SER B 347 0.35 27.11 -11.35
CA SER B 347 -0.11 26.21 -12.37
C SER B 347 -1.56 26.03 -12.59
N ILE B 348 -2.43 26.81 -12.00
CA ILE B 348 -3.84 26.79 -12.33
C ILE B 348 -4.05 27.66 -13.56
N VAL B 349 -4.73 27.13 -14.55
CA VAL B 349 -5.07 27.83 -15.76
C VAL B 349 -6.47 28.33 -15.65
N VAL B 350 -6.66 29.64 -15.80
CA VAL B 350 -7.93 30.32 -15.71
C VAL B 350 -8.54 30.55 -17.08
N GLY B 351 -9.80 30.21 -17.27
CA GLY B 351 -10.40 30.36 -18.57
C GLY B 351 -11.87 30.14 -18.58
N SER B 352 -12.43 30.05 -19.77
CA SER B 352 -13.83 29.81 -19.96
C SER B 352 -14.22 28.45 -19.45
N GLY B 353 -15.47 28.26 -19.06
CA GLY B 353 -15.87 27.01 -18.48
C GLY B 353 -16.13 25.88 -19.44
N LEU B 354 -16.21 26.24 -20.72
CA LEU B 354 -16.44 25.25 -21.77
C LEU B 354 -15.17 24.95 -22.60
N GLU B 355 -14.03 25.50 -22.17
CA GLU B 355 -12.79 25.27 -22.86
C GLU B 355 -12.05 24.13 -22.20
N GLN B 356 -11.24 23.43 -22.97
CA GLN B 356 -10.48 22.33 -22.46
C GLN B 356 -9.11 22.75 -21.98
N GLY B 357 -8.71 22.28 -20.81
CA GLY B 357 -7.41 22.61 -20.27
C GLY B 357 -7.44 23.60 -19.17
N VAL B 358 -8.65 23.98 -18.79
CA VAL B 358 -8.94 25.04 -17.85
C VAL B 358 -9.30 24.40 -16.51
N HIS B 359 -8.85 25.01 -15.44
CA HIS B 359 -9.01 24.48 -14.11
C HIS B 359 -9.91 25.34 -13.26
N MET B 360 -9.87 26.64 -13.47
CA MET B 360 -10.69 27.60 -12.78
C MET B 360 -11.37 28.48 -13.77
N GLY B 361 -12.53 28.99 -13.44
CA GLY B 361 -13.26 29.89 -14.27
C GLY B 361 -13.38 31.25 -13.62
N PRO B 362 -14.44 31.96 -13.90
CA PRO B 362 -14.57 33.33 -13.46
C PRO B 362 -15.40 33.59 -12.20
N MET B 363 -15.54 34.86 -11.87
CA MET B 363 -16.44 35.30 -10.86
C MET B 363 -17.71 35.46 -11.57
N VAL B 364 -18.80 35.59 -10.83
CA VAL B 364 -20.13 35.45 -11.35
C VAL B 364 -20.62 36.74 -11.86
N SER B 365 -20.16 37.84 -11.28
CA SER B 365 -20.53 39.16 -11.68
C SER B 365 -19.38 40.09 -11.60
N LYS B 366 -19.55 41.28 -12.15
CA LYS B 366 -18.53 42.28 -12.20
C LYS B 366 -18.45 43.09 -10.97
N LYS B 367 -19.46 43.08 -10.15
CA LYS B 367 -19.40 43.70 -8.85
C LYS B 367 -18.61 42.86 -7.90
N HIS B 368 -18.76 41.56 -7.94
CA HIS B 368 -17.99 40.67 -7.12
C HIS B 368 -16.54 40.54 -7.53
N HIS B 369 -16.27 40.63 -8.82
CA HIS B 369 -14.95 40.69 -9.36
C HIS B 369 -14.20 41.90 -8.85
N GLU B 370 -14.86 43.02 -8.81
CA GLU B 370 -14.32 44.25 -8.30
C GLU B 370 -14.11 44.30 -6.82
N ASN B 371 -14.82 43.49 -6.09
CA ASN B 371 -14.74 43.44 -4.65
C ASN B 371 -13.67 42.53 -4.19
N VAL B 372 -13.42 41.53 -5.01
CA VAL B 372 -12.43 40.52 -4.79
C VAL B 372 -11.12 41.10 -5.11
N LEU B 373 -11.06 42.00 -6.05
CA LEU B 373 -9.82 42.66 -6.41
C LEU B 373 -9.43 43.75 -5.49
N ARG B 374 -10.37 44.33 -4.77
CA ARG B 374 -10.15 45.33 -3.76
C ARG B 374 -9.62 44.77 -2.49
N HIS B 375 -9.92 43.52 -2.24
CA HIS B 375 -9.43 42.81 -1.11
C HIS B 375 -8.06 42.28 -1.33
N ILE B 376 -7.76 41.89 -2.56
CA ILE B 376 -6.41 41.51 -2.93
C ILE B 376 -5.58 42.74 -2.69
N ARG B 377 -5.97 43.85 -3.26
CA ARG B 377 -5.29 45.09 -3.07
C ARG B 377 -5.13 45.67 -1.70
N ASN B 378 -6.10 45.61 -0.80
CA ASN B 378 -5.87 45.99 0.60
C ASN B 378 -4.84 45.08 1.25
N GLY B 379 -4.85 43.81 0.91
CA GLY B 379 -3.84 42.87 1.35
C GLY B 379 -2.40 43.12 1.01
N ILE B 380 -2.11 43.69 -0.15
CA ILE B 380 -0.77 44.11 -0.51
C ILE B 380 -0.34 45.33 0.26
N GLU B 381 -1.28 46.21 0.57
CA GLU B 381 -1.00 47.44 1.31
C GLU B 381 -0.85 47.16 2.80
N ASP B 382 -1.50 46.09 3.26
CA ASP B 382 -1.44 45.73 4.65
C ASP B 382 -0.23 44.90 4.94
N GLY B 383 0.65 44.80 4.00
CA GLY B 383 1.93 44.22 4.25
C GLY B 383 2.13 42.74 4.25
N ALA B 384 1.28 42.03 3.54
CA ALA B 384 1.43 40.63 3.41
C ALA B 384 2.20 40.34 2.15
N ASP B 385 2.73 39.14 2.08
CA ASP B 385 3.64 38.72 1.05
C ASP B 385 2.92 38.01 -0.03
N LEU B 386 2.90 38.55 -1.21
CA LEU B 386 2.30 37.91 -2.33
C LEU B 386 3.27 36.90 -2.87
N ILE B 387 2.96 35.64 -2.69
CA ILE B 387 3.78 34.55 -3.12
C ILE B 387 3.19 33.96 -4.37
N CYS B 388 1.94 34.33 -4.64
CA CYS B 388 1.22 33.79 -5.78
C CYS B 388 -0.05 34.61 -6.00
N GLY B 389 -0.36 34.87 -7.26
CA GLY B 389 -1.53 35.61 -7.67
C GLY B 389 -1.36 37.08 -7.87
N GLY B 390 -2.40 37.85 -7.60
CA GLY B 390 -2.28 39.28 -7.69
C GLY B 390 -3.41 39.93 -8.42
N THR B 391 -3.23 41.16 -8.84
CA THR B 391 -4.31 41.99 -9.34
C THR B 391 -4.46 42.09 -10.84
N GLU B 392 -3.56 41.47 -11.57
CA GLU B 392 -3.51 41.51 -13.01
C GLU B 392 -4.45 40.52 -13.59
N ALA B 393 -4.97 40.83 -14.76
CA ALA B 393 -6.04 40.09 -15.37
C ALA B 393 -5.49 39.00 -16.20
N PRO B 394 -6.02 37.80 -16.05
CA PRO B 394 -5.47 36.66 -16.68
C PRO B 394 -5.95 36.66 -18.09
N CYS B 395 -7.17 37.13 -18.29
CA CYS B 395 -7.79 37.11 -19.59
C CYS B 395 -8.08 38.50 -20.10
N ALA B 396 -8.63 38.56 -21.30
CA ALA B 396 -8.97 39.79 -21.96
C ALA B 396 -10.40 40.22 -21.72
N GLN B 397 -11.30 39.27 -21.66
CA GLN B 397 -12.67 39.53 -21.40
C GLN B 397 -13.08 38.74 -20.18
N GLY B 398 -14.00 39.25 -19.38
CA GLY B 398 -14.56 38.48 -18.30
C GLY B 398 -14.17 38.85 -16.92
N PHE B 399 -14.80 38.22 -15.97
CA PHE B 399 -14.60 38.54 -14.59
C PHE B 399 -13.63 37.59 -13.96
N PHE B 400 -12.42 37.58 -14.47
CA PHE B 400 -11.39 36.64 -14.06
C PHE B 400 -10.44 37.21 -13.05
N VAL B 401 -10.06 36.38 -12.09
CA VAL B 401 -9.10 36.69 -11.06
C VAL B 401 -8.09 35.56 -11.07
N LYS B 402 -6.86 35.87 -10.78
CA LYS B 402 -5.82 34.91 -10.66
C LYS B 402 -5.91 34.39 -9.26
N PRO B 403 -5.66 33.11 -9.04
CA PRO B 403 -5.58 32.57 -7.69
C PRO B 403 -4.44 33.15 -6.89
N THR B 404 -4.71 33.75 -5.74
CA THR B 404 -3.77 34.55 -5.01
C THR B 404 -3.50 33.99 -3.65
N ILE B 405 -2.24 33.88 -3.28
CA ILE B 405 -1.85 33.51 -1.93
C ILE B 405 -1.01 34.58 -1.22
N PHE B 406 -1.40 34.93 -0.02
CA PHE B 406 -0.67 35.89 0.80
C PHE B 406 -0.09 35.16 1.94
N ALA B 407 1.18 35.37 2.20
CA ALA B 407 1.85 34.81 3.33
C ALA B 407 1.87 35.75 4.50
N ASN B 408 1.19 35.44 5.58
CA ASN B 408 1.31 36.25 6.76
C ASN B 408 2.35 35.81 7.77
N ARG B 409 3.59 35.84 7.31
CA ARG B 409 4.68 35.60 8.13
C ARG B 409 4.51 36.75 9.04
N GLU B 410 5.05 36.68 10.23
CA GLU B 410 4.91 37.76 11.17
C GLU B 410 3.62 37.86 11.96
N LYS B 411 2.63 37.10 11.56
CA LYS B 411 1.47 36.88 12.37
C LYS B 411 0.86 38.19 12.77
N LYS B 412 0.75 39.09 11.82
CA LYS B 412 0.02 40.35 11.94
C LYS B 412 -1.42 40.27 11.49
N ASP B 413 -2.31 40.94 12.20
CA ASP B 413 -3.73 40.84 11.91
C ASP B 413 -4.13 41.82 10.82
N ILE B 414 -3.66 41.57 9.60
CA ILE B 414 -4.00 42.46 8.50
C ILE B 414 -5.48 42.12 8.37
N ARG B 415 -6.11 42.70 7.35
CA ARG B 415 -7.49 42.36 7.00
C ARG B 415 -7.95 41.49 5.80
N LEU B 416 -7.19 40.44 5.51
CA LEU B 416 -7.59 39.43 4.56
C LEU B 416 -7.96 38.23 5.42
N LEU B 417 -7.96 38.48 6.72
CA LEU B 417 -8.26 37.45 7.71
C LEU B 417 -9.66 37.61 8.29
N SER B 418 -10.17 38.84 8.33
CA SER B 418 -11.48 39.01 8.91
C SER B 418 -12.55 39.33 7.90
N GLN B 419 -12.17 39.43 6.66
CA GLN B 419 -13.04 39.75 5.57
C GLN B 419 -13.28 38.58 4.69
N GLU B 420 -14.52 38.17 4.58
CA GLU B 420 -14.88 37.17 3.63
C GLU B 420 -14.83 37.66 2.19
N VAL B 421 -13.97 37.02 1.41
CA VAL B 421 -13.69 37.40 0.06
C VAL B 421 -14.64 36.69 -0.89
N PHE B 422 -14.73 35.40 -0.80
CA PHE B 422 -15.55 34.62 -1.70
C PHE B 422 -14.87 34.62 -3.05
N GLY B 423 -13.58 34.54 -3.04
CA GLY B 423 -12.86 34.45 -4.26
C GLY B 423 -11.65 33.68 -3.89
N PRO B 424 -10.81 33.42 -4.87
CA PRO B 424 -9.63 32.61 -4.68
C PRO B 424 -8.48 33.28 -3.98
N VAL B 425 -8.63 33.64 -2.73
CA VAL B 425 -7.60 34.36 -2.03
C VAL B 425 -7.31 33.69 -0.73
N LEU B 426 -6.06 33.35 -0.47
CA LEU B 426 -5.66 32.70 0.76
C LEU B 426 -4.64 33.49 1.52
N VAL B 427 -4.79 33.58 2.82
CA VAL B 427 -3.76 34.05 3.72
C VAL B 427 -3.21 32.89 4.50
N ALA B 428 -1.91 32.71 4.52
CA ALA B 428 -1.25 31.62 5.17
C ALA B 428 -0.35 32.07 6.29
N THR B 429 -0.74 31.80 7.51
CA THR B 429 -0.03 32.20 8.71
C THR B 429 0.58 31.04 9.44
N PRO B 430 1.67 31.23 10.19
CA PRO B 430 2.25 30.15 10.98
C PRO B 430 1.89 30.11 12.44
N PHE B 431 2.26 29.04 13.10
CA PHE B 431 1.95 28.88 14.51
C PHE B 431 2.79 27.90 15.28
N SER B 432 3.08 28.24 16.52
CA SER B 432 3.91 27.40 17.37
C SER B 432 3.26 26.35 18.26
N ASP B 433 2.29 26.75 19.06
CA ASP B 433 1.49 25.84 19.85
C ASP B 433 0.22 25.51 19.16
N ILE B 434 -0.51 24.58 19.74
CA ILE B 434 -1.79 24.18 19.24
C ILE B 434 -2.87 24.97 19.88
N ALA B 435 -2.66 25.38 21.09
CA ALA B 435 -3.45 26.37 21.75
C ALA B 435 -3.56 27.73 21.19
N GLU B 436 -2.54 28.15 20.49
CA GLU B 436 -2.53 29.40 19.79
C GLU B 436 -3.28 29.34 18.50
N VAL B 437 -3.29 28.21 17.83
CA VAL B 437 -3.92 28.12 16.53
C VAL B 437 -5.38 28.02 16.70
N VAL B 438 -5.78 27.44 17.82
CA VAL B 438 -7.15 27.21 18.17
C VAL B 438 -7.71 28.53 18.51
N ASN B 439 -6.99 29.31 19.26
CA ASN B 439 -7.39 30.64 19.55
C ASN B 439 -7.58 31.54 18.38
N GLU B 440 -6.76 31.37 17.35
CA GLU B 440 -6.81 32.13 16.14
C GLU B 440 -7.92 31.71 15.23
N ALA B 441 -8.26 30.44 15.26
CA ALA B 441 -9.34 29.93 14.52
C ALA B 441 -10.65 30.43 15.01
N ASN B 442 -10.74 30.55 16.31
CA ASN B 442 -11.84 31.18 17.00
C ASN B 442 -11.73 32.60 17.39
N ARG B 443 -10.91 33.33 16.68
CA ARG B 443 -10.89 34.77 16.65
C ARG B 443 -11.47 35.13 15.32
N SER B 444 -12.72 34.76 15.15
CA SER B 444 -13.46 35.09 13.96
C SER B 444 -14.82 35.33 14.46
N VAL B 445 -15.60 36.02 13.65
CA VAL B 445 -16.94 36.43 13.92
C VAL B 445 -17.91 35.42 13.34
N TYR B 446 -17.33 34.53 12.56
CA TYR B 446 -17.96 33.35 12.09
C TYR B 446 -17.28 32.06 12.48
N GLY B 447 -18.09 31.08 12.67
CA GLY B 447 -17.76 29.66 12.85
C GLY B 447 -18.54 28.60 12.05
N LEU B 448 -18.47 28.63 10.71
CA LEU B 448 -19.02 27.64 9.80
C LEU B 448 -18.38 26.29 9.52
N GLY B 449 -17.07 26.26 9.32
CA GLY B 449 -16.33 25.06 9.05
C GLY B 449 -14.87 25.14 9.46
N ALA B 450 -14.12 24.06 9.33
CA ALA B 450 -12.73 24.04 9.69
C ALA B 450 -12.10 22.73 9.32
N SER B 451 -10.80 22.68 9.13
CA SER B 451 -10.06 21.45 8.85
C SER B 451 -8.88 21.28 9.77
N ILE B 452 -8.57 20.04 10.14
CA ILE B 452 -7.37 19.69 10.87
C ILE B 452 -6.75 18.64 10.01
N TRP B 453 -5.43 18.68 9.87
CA TRP B 453 -4.67 17.80 9.02
C TRP B 453 -3.59 17.16 9.88
N THR B 454 -3.62 15.85 10.04
CA THR B 454 -2.97 15.18 11.13
C THR B 454 -3.24 13.65 11.12
N ASN B 455 -2.35 12.87 11.70
CA ASN B 455 -2.59 11.45 11.96
C ASN B 455 -2.70 11.27 13.47
N ASP B 456 -2.63 12.40 14.17
CA ASP B 456 -2.70 12.46 15.62
C ASP B 456 -4.05 12.42 16.24
N LEU B 457 -4.50 11.25 16.66
CA LEU B 457 -5.83 11.09 17.23
C LEU B 457 -6.18 12.07 18.34
N SER B 458 -5.29 12.21 19.32
CA SER B 458 -5.57 13.00 20.49
C SER B 458 -5.80 14.39 20.01
N ALA B 459 -4.86 14.94 19.29
CA ALA B 459 -4.85 16.31 18.86
C ALA B 459 -6.02 16.55 18.00
N ALA B 460 -6.16 15.84 16.90
CA ALA B 460 -7.33 16.00 16.07
C ALA B 460 -8.66 16.06 16.76
N LEU B 461 -8.91 15.14 17.65
CA LEU B 461 -10.10 15.14 18.44
C LEU B 461 -10.23 16.17 19.51
N ARG B 462 -9.12 16.70 20.01
CA ARG B 462 -9.12 17.70 21.02
C ARG B 462 -9.02 19.12 20.50
N ILE B 463 -8.64 19.29 19.25
CA ILE B 463 -8.79 20.51 18.50
C ILE B 463 -10.25 20.62 18.23
N ASN B 464 -10.89 19.57 17.77
CA ASN B 464 -12.28 19.56 17.41
C ASN B 464 -13.18 19.81 18.57
N ASP B 465 -12.88 19.29 19.70
CA ASP B 465 -13.31 19.76 21.00
C ASP B 465 -13.34 21.26 21.26
N GLU B 466 -12.33 21.99 20.82
CA GLU B 466 -12.15 23.39 21.20
C GLU B 466 -12.48 24.43 20.11
N LEU B 467 -12.68 23.96 18.90
CA LEU B 467 -13.04 24.80 17.77
C LEU B 467 -14.46 25.22 17.93
N GLU B 468 -14.79 26.41 17.50
CA GLU B 468 -16.12 26.93 17.55
C GLU B 468 -16.64 26.94 16.14
N ALA B 469 -16.71 25.79 15.55
CA ALA B 469 -17.03 25.66 14.16
C ALA B 469 -18.09 24.65 14.07
N GLY B 470 -19.04 24.86 13.20
CA GLY B 470 -20.20 24.01 13.07
C GLY B 470 -20.04 22.77 12.27
N THR B 471 -18.98 22.67 11.48
CA THR B 471 -18.68 21.47 10.72
C THR B 471 -17.17 21.26 10.46
N VAL B 472 -16.48 20.64 11.42
CA VAL B 472 -15.11 20.26 11.25
C VAL B 472 -14.83 19.06 10.39
N TRP B 473 -13.83 19.15 9.53
CA TRP B 473 -13.38 18.06 8.70
C TRP B 473 -12.02 17.73 9.18
N VAL B 474 -11.60 16.49 9.03
CA VAL B 474 -10.26 16.05 9.35
C VAL B 474 -9.67 15.37 8.15
N ASN B 475 -8.65 15.97 7.57
CA ASN B 475 -7.95 15.48 6.39
C ASN B 475 -8.76 15.54 5.13
N THR B 476 -9.68 16.50 5.12
CA THR B 476 -10.51 16.90 4.01
C THR B 476 -11.07 18.28 4.28
N HIS B 477 -11.89 18.80 3.39
CA HIS B 477 -12.55 20.10 3.52
C HIS B 477 -13.61 20.06 2.49
N ASN B 478 -14.67 20.81 2.66
CA ASN B 478 -15.69 21.12 1.67
C ASN B 478 -16.62 19.99 1.34
N MET B 479 -16.69 19.02 2.21
CA MET B 479 -17.46 17.82 2.01
C MET B 479 -18.84 17.94 2.56
N VAL B 480 -19.83 17.80 1.68
CA VAL B 480 -21.22 17.99 1.96
C VAL B 480 -22.03 16.78 1.53
N ASP B 481 -22.92 16.26 2.36
CA ASP B 481 -23.76 15.15 1.96
C ASP B 481 -25.17 15.58 2.13
N PRO B 482 -26.10 14.91 1.46
CA PRO B 482 -27.51 14.95 1.82
C PRO B 482 -27.84 14.46 3.22
N ASN B 483 -27.06 13.60 3.83
CA ASN B 483 -27.30 13.08 5.14
C ASN B 483 -26.55 13.77 6.24
N LEU B 484 -25.68 14.70 5.92
CA LEU B 484 -24.93 15.45 6.91
C LEU B 484 -25.50 16.81 7.19
N PRO B 485 -25.93 17.08 8.41
CA PRO B 485 -26.36 18.41 8.75
C PRO B 485 -25.28 19.47 8.65
N PHE B 486 -25.68 20.69 8.34
CA PHE B 486 -24.77 21.73 7.96
C PHE B 486 -25.28 23.00 8.54
N GLY B 487 -24.44 23.81 9.13
CA GLY B 487 -24.87 25.06 9.68
C GLY B 487 -23.66 25.61 10.32
N GLY B 488 -23.74 26.81 10.87
CA GLY B 488 -22.60 27.41 11.48
C GLY B 488 -23.00 28.02 12.79
N PHE B 489 -22.01 28.49 13.49
CA PHE B 489 -22.17 29.12 14.78
C PHE B 489 -21.91 30.60 14.63
N LYS B 490 -22.21 31.38 15.64
CA LYS B 490 -21.97 32.82 15.61
C LYS B 490 -22.66 33.64 14.56
N ASP B 491 -21.88 34.25 13.68
CA ASP B 491 -22.38 35.13 12.63
C ASP B 491 -22.57 34.43 11.32
N SER B 492 -22.56 33.11 11.33
CA SER B 492 -22.67 32.31 10.14
C SER B 492 -24.04 31.76 9.97
N GLY B 493 -24.89 31.96 10.95
CA GLY B 493 -26.29 31.82 10.75
C GLY B 493 -27.06 31.30 11.91
N VAL B 494 -28.29 30.91 11.64
CA VAL B 494 -29.15 30.19 12.55
C VAL B 494 -29.71 28.96 11.89
N GLY B 495 -29.51 27.78 12.44
CA GLY B 495 -30.19 26.61 11.94
C GLY B 495 -29.33 25.63 11.23
N ARG B 496 -29.83 24.43 11.01
CA ARG B 496 -29.13 23.41 10.25
C ARG B 496 -29.91 22.95 9.05
N GLU B 497 -29.19 22.44 8.07
CA GLU B 497 -29.72 22.32 6.76
C GLU B 497 -30.06 20.96 6.22
N HIS B 498 -29.22 19.96 6.40
CA HIS B 498 -29.47 18.70 5.70
C HIS B 498 -29.79 17.54 6.56
N GLY B 499 -29.76 16.37 6.02
CA GLY B 499 -30.03 15.24 6.84
C GLY B 499 -31.33 14.97 7.51
N ALA B 500 -31.30 14.81 8.82
CA ALA B 500 -32.46 14.72 9.65
C ALA B 500 -32.67 16.03 10.33
N ALA B 501 -31.84 16.99 10.04
CA ALA B 501 -32.04 18.34 10.52
C ALA B 501 -32.98 19.12 9.63
N ALA B 502 -33.16 18.65 8.40
CA ALA B 502 -33.97 19.35 7.43
C ALA B 502 -35.44 19.09 7.67
N ILE B 503 -35.75 17.91 8.18
CA ILE B 503 -37.13 17.55 8.47
C ILE B 503 -37.64 18.28 9.70
N GLU B 504 -36.75 18.53 10.65
CA GLU B 504 -37.14 19.22 11.88
C GLU B 504 -37.32 20.72 11.66
N HIS B 505 -36.79 21.21 10.55
CA HIS B 505 -36.85 22.60 10.20
C HIS B 505 -37.87 22.92 9.16
N TYR B 506 -38.38 21.91 8.49
CA TYR B 506 -39.42 22.04 7.50
C TYR B 506 -40.70 21.36 7.89
N THR B 507 -40.80 20.95 9.12
CA THR B 507 -41.98 20.37 9.69
C THR B 507 -42.16 20.97 11.04
N THR B 508 -43.32 20.79 11.60
CA THR B 508 -43.58 21.12 12.99
C THR B 508 -44.53 20.08 13.54
N THR B 509 -45.01 20.18 14.75
CA THR B 509 -45.94 19.18 15.23
C THR B 509 -47.22 19.83 15.77
N ARG B 510 -48.32 19.09 15.75
CA ARG B 510 -49.50 19.44 16.56
C ARG B 510 -49.71 18.31 17.54
N SER B 511 -50.12 18.65 18.75
CA SER B 511 -50.39 17.65 19.77
C SER B 511 -51.87 17.27 19.82
N LEU B 512 -52.13 16.03 20.23
CA LEU B 512 -53.49 15.54 20.38
C LEU B 512 -53.59 14.63 21.57
N VAL B 513 -54.45 15.02 22.52
CA VAL B 513 -54.68 14.27 23.75
C VAL B 513 -56.17 13.95 23.86
N ILE B 514 -56.52 12.67 23.76
CA ILE B 514 -57.93 12.23 23.86
C ILE B 514 -58.28 11.61 25.21
N ALA B 515 -59.21 12.21 25.94
CA ALA B 515 -59.74 11.61 27.17
C ALA B 515 -60.94 10.75 26.88
N TYR B 516 -60.84 9.50 27.20
CA TYR B 516 -61.83 8.51 26.96
C TYR B 516 -61.82 7.69 28.21
N GLN C 36 -34.27 -16.19 52.82
CA GLN C 36 -35.55 -16.73 52.43
C GLN C 36 -35.60 -16.25 51.03
N MET C 37 -36.65 -16.55 50.28
CA MET C 37 -36.73 -16.02 48.94
C MET C 37 -38.02 -15.25 48.78
N LEU C 38 -38.13 -14.44 47.75
CA LEU C 38 -39.24 -13.55 47.65
C LEU C 38 -40.25 -13.90 46.58
N ILE C 39 -41.50 -14.05 46.95
CA ILE C 39 -42.52 -14.40 46.00
C ILE C 39 -43.83 -13.86 46.44
N GLY C 40 -44.19 -12.72 45.91
CA GLY C 40 -45.48 -12.15 46.17
C GLY C 40 -45.48 -11.20 47.32
N GLY C 41 -44.32 -10.67 47.66
CA GLY C 41 -44.16 -9.76 48.76
C GLY C 41 -43.83 -10.48 50.00
N GLN C 42 -43.60 -11.75 49.85
CA GLN C 42 -43.55 -12.69 50.93
C GLN C 42 -42.23 -13.33 50.98
N TRP C 43 -41.71 -13.47 52.18
CA TRP C 43 -40.46 -14.10 52.41
C TRP C 43 -40.86 -15.46 52.75
N VAL C 44 -40.41 -16.36 51.94
CA VAL C 44 -40.93 -17.69 51.81
C VAL C 44 -39.76 -18.65 51.72
N SER C 45 -39.93 -19.84 52.28
CA SER C 45 -38.95 -20.91 52.13
C SER C 45 -39.36 -21.80 50.99
N ALA C 46 -38.52 -22.74 50.58
CA ALA C 46 -38.83 -23.66 49.51
C ALA C 46 -39.86 -24.63 49.98
N GLN C 47 -40.68 -25.13 49.09
CA GLN C 47 -41.77 -26.01 49.43
C GLN C 47 -41.35 -27.36 49.94
N SER C 48 -40.21 -27.83 49.47
CA SER C 48 -39.56 -29.01 49.98
C SER C 48 -38.81 -28.85 51.26
N GLY C 49 -38.47 -27.63 51.58
CA GLY C 49 -37.87 -27.28 52.82
C GLY C 49 -36.41 -27.45 52.70
N LYS C 50 -36.03 -27.91 51.53
CA LYS C 50 -34.66 -28.12 51.14
C LYS C 50 -33.99 -26.81 50.96
N THR C 51 -32.70 -26.86 51.06
CA THR C 51 -31.90 -25.67 51.29
C THR C 51 -30.53 -25.93 50.66
N LEU C 52 -29.68 -24.90 50.55
CA LEU C 52 -28.33 -25.09 50.01
C LEU C 52 -27.34 -24.03 50.54
N ASN C 53 -26.08 -24.44 50.71
CA ASN C 53 -25.02 -23.56 51.24
C ASN C 53 -24.38 -22.59 50.24
N VAL C 54 -24.24 -21.35 50.68
CA VAL C 54 -23.44 -20.30 50.07
C VAL C 54 -22.15 -20.16 50.91
N TYR C 55 -21.03 -19.78 50.30
CA TYR C 55 -19.74 -19.71 50.98
C TYR C 55 -18.98 -18.45 50.81
N ASN C 56 -17.92 -18.32 51.59
CA ASN C 56 -17.04 -17.21 51.54
C ASN C 56 -15.73 -17.52 50.88
N PRO C 57 -15.49 -17.06 49.69
CA PRO C 57 -14.33 -17.46 48.94
C PRO C 57 -12.97 -17.22 49.58
N ALA C 58 -12.87 -16.46 50.65
CA ALA C 58 -11.59 -16.12 51.19
C ALA C 58 -11.14 -17.01 52.30
N THR C 59 -12.09 -17.52 53.08
CA THR C 59 -11.89 -18.52 54.09
C THR C 59 -12.94 -19.45 53.66
N GLY C 60 -12.68 -20.53 52.98
CA GLY C 60 -13.82 -21.12 52.30
C GLY C 60 -14.90 -21.79 53.14
N ASP C 61 -15.55 -21.08 54.04
CA ASP C 61 -16.55 -21.69 54.92
C ASP C 61 -17.97 -21.20 54.65
N ILE C 62 -18.95 -21.99 55.07
CA ILE C 62 -20.34 -21.63 54.92
C ILE C 62 -20.52 -20.21 55.41
N LEU C 63 -21.23 -19.37 54.67
CA LEU C 63 -21.55 -18.04 55.10
C LEU C 63 -22.95 -18.14 55.59
N THR C 64 -23.71 -18.82 54.79
CA THR C 64 -25.12 -19.09 55.09
C THR C 64 -25.78 -20.13 54.21
N GLU C 65 -27.11 -20.15 54.24
CA GLU C 65 -27.97 -21.04 53.48
C GLU C 65 -29.07 -20.30 52.79
N VAL C 66 -29.61 -20.82 51.72
CA VAL C 66 -30.66 -20.11 51.07
C VAL C 66 -31.51 -21.19 50.50
N PRO C 67 -32.67 -20.90 49.96
CA PRO C 67 -33.54 -21.93 49.41
C PRO C 67 -33.10 -22.70 48.21
N ASP C 68 -33.27 -24.02 48.20
CA ASP C 68 -33.02 -24.88 47.08
C ASP C 68 -34.31 -25.20 46.37
N GLY C 69 -34.79 -24.22 45.62
CA GLY C 69 -36.04 -24.20 44.92
C GLY C 69 -36.15 -25.01 43.67
N ASP C 70 -37.35 -25.46 43.41
CA ASP C 70 -37.56 -26.38 42.37
C ASP C 70 -38.73 -25.83 41.65
N VAL C 71 -39.46 -26.64 40.94
CA VAL C 71 -40.35 -26.25 39.87
C VAL C 71 -41.72 -25.92 40.35
N GLU C 72 -41.94 -26.22 41.62
CA GLU C 72 -42.97 -25.73 42.49
C GLU C 72 -42.83 -24.30 42.78
N ASP C 73 -41.66 -23.91 43.13
CA ASP C 73 -41.36 -22.54 43.46
C ASP C 73 -40.81 -21.57 42.41
N VAL C 74 -40.76 -22.03 41.20
CA VAL C 74 -40.52 -21.17 40.09
C VAL C 74 -41.93 -20.87 39.66
N ASN C 75 -42.81 -21.80 39.85
CA ASN C 75 -44.12 -21.66 39.35
C ASN C 75 -45.00 -20.65 40.05
N ALA C 76 -44.82 -20.54 41.34
CA ALA C 76 -45.55 -19.63 42.15
C ALA C 76 -45.07 -18.29 41.77
N ALA C 77 -43.76 -18.18 41.68
CA ALA C 77 -43.11 -16.94 41.37
C ALA C 77 -43.39 -16.46 40.02
N VAL C 78 -43.58 -17.35 39.07
CA VAL C 78 -43.94 -16.87 37.75
C VAL C 78 -45.41 -16.61 37.52
N GLU C 79 -46.26 -17.01 38.46
CA GLU C 79 -47.68 -16.89 38.35
C GLU C 79 -48.05 -15.70 39.09
N SER C 80 -47.13 -15.23 39.88
CA SER C 80 -47.28 -14.08 40.71
C SER C 80 -46.89 -12.82 40.03
N ALA C 81 -46.09 -12.91 38.99
CA ALA C 81 -45.62 -11.81 38.25
C ALA C 81 -46.56 -11.66 37.15
N ALA C 82 -47.21 -12.71 36.77
CA ALA C 82 -48.14 -12.59 35.72
C ALA C 82 -49.41 -12.06 36.31
N ALA C 83 -49.58 -12.20 37.59
CA ALA C 83 -50.77 -11.68 38.21
C ALA C 83 -50.83 -10.22 38.27
N THR C 84 -49.65 -9.70 38.40
CA THR C 84 -49.25 -8.36 38.74
C THR C 84 -48.99 -7.54 37.53
N LEU C 85 -48.53 -8.19 36.47
CA LEU C 85 -48.35 -7.53 35.18
C LEU C 85 -49.71 -7.16 34.62
N ARG C 86 -50.68 -8.03 34.86
CA ARG C 86 -52.04 -7.77 34.47
C ARG C 86 -52.76 -6.90 35.43
N SER C 87 -52.26 -6.76 36.64
CA SER C 87 -52.69 -5.82 37.66
C SER C 87 -52.95 -4.47 37.09
N ASP C 88 -54.05 -3.82 37.37
CA ASP C 88 -54.25 -2.50 36.88
C ASP C 88 -53.25 -1.58 37.50
N THR C 89 -53.00 -1.75 38.80
CA THR C 89 -52.02 -0.94 39.51
C THR C 89 -50.67 -0.80 38.80
N TRP C 90 -50.19 -1.90 38.20
CA TRP C 90 -48.89 -1.95 37.60
C TRP C 90 -48.94 -1.64 36.14
N ARG C 91 -49.92 -2.15 35.44
CA ARG C 91 -50.07 -1.91 34.03
C ARG C 91 -50.35 -0.48 33.74
N ARG C 92 -51.19 0.12 34.55
CA ARG C 92 -51.67 1.44 34.33
C ARG C 92 -51.19 2.43 35.35
N MET C 93 -50.04 2.17 35.95
CA MET C 93 -49.32 3.02 36.84
C MET C 93 -48.83 4.13 36.01
N PRO C 94 -49.08 5.37 36.39
CA PRO C 94 -48.62 6.50 35.62
C PRO C 94 -47.12 6.42 35.51
N PRO C 95 -46.55 6.99 34.48
CA PRO C 95 -45.16 6.77 34.14
C PRO C 95 -44.12 7.52 34.96
N SER C 96 -44.52 8.32 35.92
CA SER C 96 -43.59 9.07 36.73
C SER C 96 -43.61 8.45 38.08
N ALA C 97 -44.45 7.45 38.22
CA ALA C 97 -44.58 6.72 39.43
C ALA C 97 -43.67 5.55 39.39
N ARG C 98 -43.42 5.05 38.20
CA ARG C 98 -42.51 3.96 37.95
C ARG C 98 -41.10 4.44 37.82
N GLU C 99 -40.95 5.71 37.54
CA GLU C 99 -39.72 6.41 37.49
C GLU C 99 -39.32 6.72 38.90
N ARG C 100 -40.27 6.94 39.77
CA ARG C 100 -39.99 7.31 41.14
C ARG C 100 -39.55 6.15 41.96
N ILE C 101 -40.15 5.00 41.77
CA ILE C 101 -39.75 3.78 42.42
C ILE C 101 -38.32 3.43 42.18
N LEU C 102 -37.84 3.61 40.97
CA LEU C 102 -36.51 3.29 40.57
C LEU C 102 -35.52 4.34 41.05
N LEU C 103 -35.97 5.56 41.12
CA LEU C 103 -35.26 6.60 41.77
C LEU C 103 -35.16 6.44 43.27
N ARG C 104 -36.21 6.11 43.99
CA ARG C 104 -36.04 5.89 45.41
C ARG C 104 -35.16 4.78 45.77
N LEU C 105 -35.18 3.75 44.98
CA LEU C 105 -34.33 2.60 45.24
C LEU C 105 -32.86 2.72 44.86
N ALA C 106 -32.49 3.64 44.01
CA ALA C 106 -31.12 4.03 43.82
C ALA C 106 -30.66 4.84 44.99
N ASP C 107 -31.57 5.62 45.52
CA ASP C 107 -31.45 6.36 46.75
C ASP C 107 -31.36 5.45 48.00
N LEU C 108 -31.87 4.25 47.93
CA LEU C 108 -31.72 3.24 48.99
C LEU C 108 -30.64 2.17 48.77
N LEU C 109 -29.96 2.22 47.66
CA LEU C 109 -28.85 1.36 47.51
C LEU C 109 -27.73 2.10 48.12
N GLU C 110 -27.74 3.39 47.91
CA GLU C 110 -26.71 4.28 48.41
C GLU C 110 -26.76 4.67 49.83
N VAL C 111 -27.97 4.62 50.38
CA VAL C 111 -28.20 4.81 51.80
C VAL C 111 -27.93 3.52 52.57
N HIS C 112 -28.03 2.37 51.89
CA HIS C 112 -27.76 1.14 52.55
C HIS C 112 -26.53 0.49 52.13
N GLY C 113 -25.58 1.31 51.73
CA GLY C 113 -24.45 0.94 50.92
C GLY C 113 -23.18 0.42 51.46
N ASP C 114 -22.85 0.75 52.69
CA ASP C 114 -21.84 0.04 53.44
C ASP C 114 -22.23 -1.44 53.65
N GLU C 115 -23.52 -1.70 53.96
CA GLU C 115 -24.00 -3.09 54.26
C GLU C 115 -24.05 -3.99 53.03
N LEU C 116 -24.65 -3.49 51.94
CA LEU C 116 -24.55 -4.18 50.67
C LEU C 116 -23.12 -4.35 50.16
N ALA C 117 -22.25 -3.42 50.40
CA ALA C 117 -20.87 -3.61 50.05
C ALA C 117 -20.11 -4.59 50.88
N ARG C 118 -20.34 -4.68 52.19
CA ARG C 118 -19.75 -5.75 53.01
C ARG C 118 -20.32 -7.09 52.49
N LEU C 119 -21.61 -7.12 52.20
CA LEU C 119 -22.28 -8.34 51.70
C LEU C 119 -21.65 -8.98 50.47
N GLU C 120 -21.35 -8.19 49.48
CA GLU C 120 -20.75 -8.58 48.24
C GLU C 120 -19.41 -9.16 48.57
N THR C 121 -18.50 -8.35 49.06
CA THR C 121 -17.20 -8.81 49.53
C THR C 121 -17.12 -10.11 50.30
N LEU C 122 -18.02 -10.29 51.26
CA LEU C 122 -18.31 -11.57 51.89
C LEU C 122 -18.61 -12.74 50.95
N ASN C 123 -19.62 -12.62 50.12
CA ASN C 123 -20.11 -13.66 49.22
C ASN C 123 -19.33 -13.89 47.91
N ASN C 124 -18.79 -12.83 47.37
CA ASN C 124 -18.13 -12.77 46.09
C ASN C 124 -16.58 -12.66 46.12
N GLY C 125 -16.01 -11.99 47.11
CA GLY C 125 -14.63 -12.04 47.31
C GLY C 125 -13.93 -10.82 46.92
N LYS C 126 -14.71 -9.93 46.40
CA LYS C 126 -14.35 -8.78 45.67
C LYS C 126 -13.86 -7.79 46.67
N LEU C 127 -12.98 -6.90 46.27
CA LEU C 127 -12.46 -5.90 47.14
C LEU C 127 -13.49 -4.91 47.59
N LEU C 128 -13.54 -4.63 48.86
CA LEU C 128 -14.57 -3.82 49.45
C LEU C 128 -14.76 -2.49 48.78
N ILE C 129 -13.71 -1.79 48.41
CA ILE C 129 -13.88 -0.52 47.75
C ILE C 129 -14.58 -0.64 46.44
N TYR C 130 -14.18 -1.58 45.63
CA TYR C 130 -14.92 -1.97 44.46
C TYR C 130 -16.35 -2.38 44.58
N SER C 131 -16.71 -2.90 45.73
CA SER C 131 -18.07 -3.25 46.04
C SER C 131 -18.84 -2.01 46.23
N LYS C 132 -18.21 -1.00 46.76
CA LYS C 132 -18.86 0.24 47.11
C LYS C 132 -19.02 1.14 45.95
N LEU C 133 -18.13 0.98 44.99
CA LEU C 133 -18.00 1.84 43.85
C LEU C 133 -18.59 1.25 42.61
N MET C 134 -18.40 -0.04 42.42
CA MET C 134 -18.76 -0.68 41.17
C MET C 134 -19.93 -1.64 41.32
N GLU C 135 -20.49 -1.73 42.53
CA GLU C 135 -21.57 -2.61 42.70
C GLU C 135 -22.64 -1.87 43.37
N VAL C 136 -22.32 -1.09 44.37
CA VAL C 136 -23.35 -0.31 45.02
C VAL C 136 -23.55 0.95 44.26
N GLY C 137 -22.48 1.50 43.74
CA GLY C 137 -22.50 2.80 43.17
C GLY C 137 -22.75 2.90 41.71
N ALA C 138 -22.44 1.87 40.95
CA ALA C 138 -22.71 1.83 39.55
C ALA C 138 -24.10 1.35 39.40
N SER C 139 -24.56 0.57 40.36
CA SER C 139 -25.92 0.11 40.40
C SER C 139 -26.92 1.15 40.66
N ALA C 140 -26.57 2.09 41.47
CA ALA C 140 -27.40 3.22 41.69
C ALA C 140 -27.49 4.12 40.50
N GLN C 141 -26.45 4.17 39.70
CA GLN C 141 -26.31 4.97 38.53
C GLN C 141 -27.10 4.44 37.37
N TRP C 142 -27.19 3.13 37.30
CA TRP C 142 -27.94 2.39 36.32
C TRP C 142 -29.41 2.50 36.56
N LEU C 143 -29.82 2.60 37.80
CA LEU C 143 -31.20 2.74 38.18
C LEU C 143 -31.60 4.07 37.67
N ARG C 144 -30.93 5.10 38.13
CA ARG C 144 -31.26 6.45 37.80
C ARG C 144 -31.43 6.55 36.35
N TYR C 145 -30.42 6.23 35.57
CA TYR C 145 -30.54 6.21 34.15
C TYR C 145 -31.64 5.54 33.43
N MET C 146 -32.11 4.45 33.98
CA MET C 146 -33.10 3.69 33.33
C MET C 146 -34.40 4.14 33.81
N ALA C 147 -34.43 4.75 34.97
CA ALA C 147 -35.61 5.31 35.57
C ALA C 147 -36.10 6.47 34.78
N GLY C 148 -35.23 7.21 34.20
CA GLY C 148 -35.53 8.22 33.23
C GLY C 148 -35.95 7.86 31.85
N TRP C 149 -36.04 6.58 31.57
CA TRP C 149 -36.53 6.12 30.31
C TRP C 149 -37.98 5.72 30.50
N ALA C 150 -38.38 5.58 31.73
CA ALA C 150 -39.70 5.15 32.09
C ALA C 150 -40.74 6.10 31.62
N THR C 151 -40.27 7.27 31.31
CA THR C 151 -41.13 8.38 31.11
C THR C 151 -40.98 8.96 29.70
N LYS C 152 -40.17 8.29 28.91
CA LYS C 152 -39.79 8.70 27.59
C LYS C 152 -39.91 7.61 26.54
N LEU C 153 -40.78 6.65 26.74
CA LEU C 153 -41.01 5.51 25.89
C LEU C 153 -42.06 5.78 24.87
N THR C 154 -41.66 5.89 23.62
CA THR C 154 -42.51 6.37 22.55
C THR C 154 -42.69 5.47 21.34
N GLY C 155 -43.83 5.53 20.73
CA GLY C 155 -44.06 4.95 19.44
C GLY C 155 -44.06 6.01 18.39
N SER C 156 -44.68 5.80 17.26
CA SER C 156 -44.63 6.69 16.16
C SER C 156 -46.00 6.94 15.68
N THR C 157 -46.12 7.89 14.79
CA THR C 157 -47.35 8.40 14.29
C THR C 157 -47.02 8.45 12.83
N LEU C 158 -47.80 7.83 11.95
CA LEU C 158 -47.36 7.53 10.60
C LEU C 158 -48.22 7.95 9.43
N ASP C 159 -47.59 8.14 8.28
CA ASP C 159 -48.30 8.48 7.06
C ASP C 159 -48.68 7.15 6.43
N LEU C 160 -49.54 7.17 5.42
CA LEU C 160 -50.04 5.92 4.88
C LEU C 160 -50.58 6.05 3.47
N SER C 161 -49.91 5.41 2.53
CA SER C 161 -50.41 5.34 1.10
C SER C 161 -51.09 3.99 0.97
N LEU C 162 -52.42 3.97 1.06
CA LEU C 162 -53.28 2.80 1.39
C LEU C 162 -53.81 1.72 0.39
N PRO C 163 -54.86 2.07 -0.39
CA PRO C 163 -55.51 3.38 -0.31
C PRO C 163 -57.06 3.28 -0.27
N LEU C 164 -57.67 3.66 0.84
CA LEU C 164 -59.06 3.61 1.06
C LEU C 164 -59.76 4.37 0.02
N PRO C 165 -61.07 4.24 0.08
CA PRO C 165 -61.89 5.02 -0.85
C PRO C 165 -61.52 6.47 -0.61
N PRO C 166 -62.18 7.37 -1.33
CA PRO C 166 -61.94 8.82 -1.16
C PRO C 166 -62.66 9.34 0.08
N GLU C 167 -62.47 10.53 0.48
CA GLU C 167 -63.33 10.85 1.57
C GLU C 167 -63.14 9.85 2.65
N VAL C 168 -62.01 9.15 2.65
CA VAL C 168 -61.77 8.11 3.64
C VAL C 168 -60.37 8.47 4.09
N ARG C 169 -60.26 8.92 5.33
CA ARG C 169 -59.05 9.49 5.77
C ARG C 169 -58.68 8.49 6.88
N SER C 170 -57.40 8.37 7.21
CA SER C 170 -56.99 7.40 8.21
C SER C 170 -55.85 7.96 9.03
N ARG C 171 -55.70 7.48 10.26
CA ARG C 171 -54.56 7.85 11.14
C ARG C 171 -53.97 6.58 11.74
N ALA C 172 -52.65 6.41 11.60
CA ALA C 172 -51.94 5.17 11.99
C ALA C 172 -50.72 5.36 12.90
N SER C 173 -50.70 4.61 14.00
CA SER C 173 -49.64 4.73 14.98
C SER C 173 -49.12 3.38 15.49
N THR C 174 -47.97 3.38 16.14
CA THR C 174 -47.52 2.24 16.91
C THR C 174 -47.45 2.66 18.35
N GLN C 175 -47.60 1.71 19.25
CA GLN C 175 -47.63 1.98 20.66
C GLN C 175 -46.68 1.07 21.37
N ARG C 176 -45.65 1.65 21.94
CA ARG C 176 -44.71 0.90 22.75
C ARG C 176 -45.38 0.32 24.01
N VAL C 177 -45.22 -0.99 24.23
CA VAL C 177 -45.90 -1.76 25.29
C VAL C 177 -44.85 -2.67 25.96
N PRO C 178 -45.14 -3.25 27.16
CA PRO C 178 -44.11 -4.12 27.76
C PRO C 178 -44.16 -5.53 27.19
N VAL C 179 -43.06 -6.28 27.32
CA VAL C 179 -42.89 -7.63 26.75
C VAL C 179 -43.64 -8.70 27.59
N GLY C 180 -43.65 -8.55 28.92
CA GLY C 180 -44.42 -9.41 29.79
C GLY C 180 -43.61 -9.77 31.02
N VAL C 181 -43.66 -11.04 31.42
CA VAL C 181 -42.88 -11.55 32.53
C VAL C 181 -41.45 -11.88 32.10
N VAL C 182 -40.48 -11.36 32.86
CA VAL C 182 -39.09 -11.51 32.51
C VAL C 182 -38.39 -12.53 33.40
N ALA C 183 -37.86 -13.57 32.76
CA ALA C 183 -36.98 -14.54 33.41
C ALA C 183 -35.51 -14.04 33.45
N ALA C 184 -35.02 -13.61 34.60
CA ALA C 184 -33.66 -13.03 34.64
C ALA C 184 -32.64 -13.94 35.33
N ILE C 185 -31.67 -14.44 34.58
CA ILE C 185 -30.63 -15.25 35.19
C ILE C 185 -29.27 -14.55 35.24
N ILE C 186 -28.75 -14.41 36.45
CA ILE C 186 -27.57 -13.55 36.68
C ILE C 186 -26.32 -14.35 37.00
N PRO C 187 -25.18 -13.92 36.44
CA PRO C 187 -23.84 -14.50 36.69
C PRO C 187 -23.23 -14.06 38.03
N TRP C 188 -22.20 -14.77 38.49
CA TRP C 188 -21.68 -14.58 39.84
C TRP C 188 -20.52 -13.59 40.01
N ASN C 189 -20.11 -12.91 38.97
CA ASN C 189 -18.97 -12.03 39.07
C ASN C 189 -19.27 -10.66 39.57
N PHE C 190 -20.51 -10.25 39.44
CA PHE C 190 -20.96 -8.92 39.89
C PHE C 190 -22.41 -8.91 40.36
N PRO C 191 -22.68 -9.70 41.35
CA PRO C 191 -24.02 -10.02 41.74
C PRO C 191 -25.05 -8.94 41.87
N LEU C 192 -24.80 -7.86 42.58
CA LEU C 192 -25.67 -6.69 42.67
C LEU C 192 -25.89 -5.98 41.31
N LEU C 193 -24.77 -5.60 40.68
CA LEU C 193 -24.82 -4.92 39.41
C LEU C 193 -25.50 -5.68 38.25
N MET C 194 -25.12 -6.93 38.05
CA MET C 194 -25.59 -7.74 36.92
C MET C 194 -27.11 -7.95 36.98
N ALA C 195 -27.61 -8.10 38.21
CA ALA C 195 -29.04 -8.02 38.56
C ALA C 195 -29.74 -6.69 38.28
N VAL C 196 -29.15 -5.58 38.71
CA VAL C 196 -29.64 -4.25 38.33
C VAL C 196 -29.54 -3.99 36.81
N TRP C 197 -28.66 -4.66 36.11
CA TRP C 197 -28.57 -4.58 34.63
C TRP C 197 -29.79 -5.08 33.88
N LYS C 198 -30.42 -6.08 34.47
CA LYS C 198 -31.64 -6.64 34.02
C LYS C 198 -32.91 -6.11 34.68
N ILE C 199 -33.04 -6.06 35.98
CA ILE C 199 -34.30 -5.58 36.60
C ILE C 199 -34.55 -4.08 36.34
N ALA C 200 -33.48 -3.28 36.36
CA ALA C 200 -33.62 -1.83 36.18
C ALA C 200 -34.30 -1.53 34.87
N PRO C 201 -33.86 -2.09 33.75
CA PRO C 201 -34.49 -1.87 32.47
C PRO C 201 -35.76 -2.58 32.24
N ALA C 202 -36.06 -3.62 32.99
CA ALA C 202 -37.31 -4.34 32.75
C ALA C 202 -38.40 -3.59 33.47
N LEU C 203 -38.18 -3.29 34.74
CA LEU C 203 -39.11 -2.44 35.48
C LEU C 203 -39.38 -1.04 34.89
N ALA C 204 -38.39 -0.35 34.38
CA ALA C 204 -38.62 0.87 33.66
C ALA C 204 -39.68 0.67 32.65
N CYS C 205 -39.55 -0.40 31.87
CA CYS C 205 -40.51 -0.68 30.78
C CYS C 205 -41.95 -1.02 31.18
N GLY C 206 -42.18 -1.50 32.41
CA GLY C 206 -43.51 -1.98 32.78
C GLY C 206 -43.55 -3.50 32.74
N ASN C 207 -42.39 -4.11 32.59
CA ASN C 207 -42.33 -5.56 32.66
C ASN C 207 -42.23 -5.83 34.14
N THR C 208 -42.70 -7.01 34.53
CA THR C 208 -42.38 -7.62 35.82
C THR C 208 -41.28 -8.68 35.61
N VAL C 209 -40.58 -9.06 36.69
CA VAL C 209 -39.45 -9.99 36.54
C VAL C 209 -39.40 -11.11 37.57
N VAL C 210 -38.89 -12.26 37.13
CA VAL C 210 -38.54 -13.29 38.06
C VAL C 210 -37.03 -13.49 37.91
N LEU C 211 -36.33 -13.23 39.01
CA LEU C 211 -34.89 -13.17 38.97
C LEU C 211 -34.29 -14.38 39.66
N LYS C 212 -33.40 -15.08 38.95
CA LYS C 212 -32.61 -16.13 39.59
C LYS C 212 -31.12 -15.77 39.70
N PRO C 213 -30.64 -15.50 40.93
CA PRO C 213 -29.19 -15.32 41.02
C PRO C 213 -28.41 -16.65 41.00
N ALA C 214 -27.13 -16.57 40.68
CA ALA C 214 -26.21 -17.70 40.63
C ALA C 214 -26.33 -18.35 41.99
N GLU C 215 -25.81 -19.56 42.12
CA GLU C 215 -26.06 -20.34 43.30
C GLU C 215 -24.86 -20.08 44.19
N GLU C 216 -23.79 -19.56 43.60
CA GLU C 216 -22.58 -19.22 44.36
C GLU C 216 -22.72 -17.85 45.02
N THR C 217 -23.72 -17.09 44.59
CA THR C 217 -23.99 -15.75 45.12
C THR C 217 -25.44 -15.26 45.12
N PRO C 218 -26.26 -15.56 46.12
CA PRO C 218 -27.63 -15.06 46.09
C PRO C 218 -28.01 -13.89 46.96
N LEU C 219 -27.22 -13.56 47.96
CA LEU C 219 -27.54 -12.60 49.04
C LEU C 219 -27.81 -11.14 48.62
N THR C 220 -27.05 -10.58 47.72
CA THR C 220 -27.27 -9.20 47.33
C THR C 220 -28.49 -8.98 46.48
N ALA C 221 -28.93 -9.97 45.77
CA ALA C 221 -30.20 -9.83 45.07
C ALA C 221 -31.38 -9.99 46.02
N LEU C 222 -31.15 -10.67 47.14
CA LEU C 222 -32.22 -10.81 48.12
C LEU C 222 -32.49 -9.51 48.84
N ARG C 223 -31.44 -8.79 49.12
CA ARG C 223 -31.48 -7.48 49.69
C ARG C 223 -32.05 -6.51 48.71
N LEU C 224 -31.73 -6.67 47.45
CA LEU C 224 -32.17 -5.84 46.34
C LEU C 224 -33.70 -5.89 46.34
N ALA C 225 -34.22 -7.10 46.24
CA ALA C 225 -35.64 -7.30 46.29
C ALA C 225 -36.47 -6.70 47.44
N GLU C 226 -35.97 -6.73 48.64
CA GLU C 226 -36.60 -6.06 49.73
C GLU C 226 -36.46 -4.57 49.82
N LEU C 227 -35.42 -4.00 49.26
CA LEU C 227 -35.27 -2.57 49.09
C LEU C 227 -36.13 -2.11 47.97
N ALA C 228 -36.42 -3.00 47.02
CA ALA C 228 -37.31 -2.65 45.91
C ALA C 228 -38.67 -2.33 46.47
N MET C 229 -39.12 -3.14 47.42
CA MET C 229 -40.42 -2.93 48.05
C MET C 229 -40.49 -1.74 49.02
N GLU C 230 -39.39 -1.45 49.71
CA GLU C 230 -39.25 -0.22 50.54
C GLU C 230 -39.39 1.06 49.67
N ALA C 231 -38.88 1.02 48.45
CA ALA C 231 -39.03 2.05 47.44
C ALA C 231 -40.37 2.20 46.79
N GLY C 232 -41.31 1.29 47.01
CA GLY C 232 -42.67 1.41 46.53
C GLY C 232 -43.06 0.45 45.42
N LEU C 233 -42.25 -0.53 45.16
CA LEU C 233 -42.57 -1.54 44.15
C LEU C 233 -43.61 -2.48 44.67
N PRO C 234 -44.70 -2.66 43.94
CA PRO C 234 -45.79 -3.51 44.38
C PRO C 234 -45.37 -4.98 44.49
N ALA C 235 -45.91 -5.69 45.47
CA ALA C 235 -45.72 -7.15 45.58
C ALA C 235 -45.93 -7.86 44.24
N GLY C 236 -45.03 -8.80 43.96
CA GLY C 236 -45.07 -9.62 42.76
C GLY C 236 -44.29 -9.07 41.58
N ALA C 237 -43.97 -7.77 41.61
CA ALA C 237 -43.25 -7.13 40.50
C ALA C 237 -41.80 -7.62 40.34
N LEU C 238 -41.18 -8.06 41.40
CA LEU C 238 -39.84 -8.58 41.38
C LEU C 238 -39.85 -9.70 42.34
N ASN C 239 -39.75 -10.91 41.84
CA ASN C 239 -39.63 -12.08 42.64
C ASN C 239 -38.25 -12.58 42.48
N VAL C 240 -37.70 -13.18 43.50
CA VAL C 240 -36.38 -13.76 43.50
C VAL C 240 -36.49 -15.22 43.89
N VAL C 241 -36.18 -16.11 42.97
CA VAL C 241 -36.16 -17.52 43.26
C VAL C 241 -34.72 -17.98 43.40
N THR C 242 -34.39 -18.92 44.26
CA THR C 242 -33.00 -19.31 44.48
C THR C 242 -32.90 -20.79 44.27
N GLY C 243 -31.71 -21.27 44.05
CA GLY C 243 -31.49 -22.68 43.76
C GLY C 243 -30.33 -23.05 42.85
N ARG C 244 -29.97 -24.33 42.88
CA ARG C 244 -29.03 -24.94 41.94
C ARG C 244 -29.50 -24.62 40.49
N GLY C 245 -28.54 -24.26 39.61
CA GLY C 245 -28.82 -23.82 38.24
C GLY C 245 -29.50 -24.88 37.38
N GLU C 246 -29.07 -26.13 37.56
CA GLU C 246 -29.59 -27.24 36.79
C GLU C 246 -31.11 -27.18 36.74
N THR C 247 -31.75 -27.22 37.91
CA THR C 247 -33.22 -27.26 37.95
C THR C 247 -34.06 -25.94 38.06
N ALA C 248 -33.74 -25.09 39.03
CA ALA C 248 -34.43 -23.80 39.12
C ALA C 248 -34.40 -23.09 37.76
N GLY C 249 -33.21 -22.89 37.23
CA GLY C 249 -33.01 -22.36 35.88
C GLY C 249 -33.94 -22.94 34.83
N ASP C 250 -33.90 -24.26 34.65
CA ASP C 250 -34.67 -24.92 33.60
C ASP C 250 -36.16 -24.59 33.73
N ALA C 251 -36.67 -24.73 34.94
CA ALA C 251 -38.06 -24.47 35.23
C ALA C 251 -38.41 -23.05 34.75
N LEU C 252 -37.55 -22.09 35.08
CA LEU C 252 -37.77 -20.69 34.70
C LEU C 252 -37.85 -20.49 33.23
N VAL C 253 -36.94 -21.13 32.50
CA VAL C 253 -36.82 -21.00 31.05
C VAL C 253 -38.02 -21.60 30.34
N ARG C 254 -38.43 -22.78 30.79
CA ARG C 254 -39.46 -23.56 30.13
C ARG C 254 -40.88 -23.24 30.65
N HIS C 255 -41.07 -22.05 31.24
CA HIS C 255 -42.38 -21.73 31.81
C HIS C 255 -43.17 -21.07 30.65
N PRO C 256 -44.34 -21.59 30.38
CA PRO C 256 -45.26 -21.02 29.42
C PRO C 256 -45.70 -19.61 29.59
N LYS C 257 -45.73 -19.13 30.82
CA LYS C 257 -45.91 -17.67 31.09
C LYS C 257 -44.71 -16.71 31.20
N VAL C 258 -43.50 -17.21 30.94
CA VAL C 258 -42.33 -16.34 30.81
C VAL C 258 -42.22 -15.85 29.37
N ALA C 259 -42.11 -14.52 29.23
CA ALA C 259 -42.18 -13.83 27.95
C ALA C 259 -40.83 -13.52 27.32
N LYS C 260 -39.82 -13.28 28.16
CA LYS C 260 -38.46 -13.08 27.68
C LYS C 260 -37.49 -13.80 28.62
N VAL C 261 -36.38 -14.28 28.07
CA VAL C 261 -35.28 -14.82 28.89
C VAL C 261 -33.97 -14.03 28.72
N ALA C 262 -33.53 -13.38 29.79
CA ALA C 262 -32.28 -12.66 29.83
C ALA C 262 -31.27 -13.45 30.60
N PHE C 263 -30.39 -14.10 29.90
CA PHE C 263 -29.33 -14.92 30.50
C PHE C 263 -27.98 -14.30 30.22
N THR C 264 -27.05 -14.54 31.14
CA THR C 264 -25.62 -14.30 30.97
C THR C 264 -24.91 -15.42 31.71
N GLY C 265 -23.94 -16.05 31.05
CA GLY C 265 -23.10 -17.06 31.71
C GLY C 265 -22.24 -17.82 30.73
N SER C 266 -22.14 -19.13 30.96
CA SER C 266 -21.48 -20.07 30.04
C SER C 266 -22.12 -19.94 28.66
N THR C 267 -21.30 -19.78 27.64
CA THR C 267 -21.84 -19.74 26.29
C THR C 267 -22.54 -21.04 25.87
N GLU C 268 -22.12 -22.16 26.45
CA GLU C 268 -22.76 -23.45 26.20
C GLU C 268 -24.20 -23.47 26.68
N VAL C 269 -24.40 -23.25 27.98
CA VAL C 269 -25.76 -23.23 28.56
C VAL C 269 -26.68 -22.28 27.79
N GLY C 270 -26.09 -21.26 27.19
CA GLY C 270 -26.79 -20.26 26.35
C GLY C 270 -27.41 -20.90 25.13
N ARG C 271 -26.77 -21.86 24.55
CA ARG C 271 -27.34 -22.61 23.48
C ARG C 271 -28.46 -23.54 23.89
N ILE C 272 -28.47 -24.03 25.13
CA ILE C 272 -29.60 -24.77 25.70
C ILE C 272 -30.81 -23.85 25.79
N ILE C 273 -30.58 -22.66 26.35
CA ILE C 273 -31.62 -21.62 26.50
C ILE C 273 -32.17 -21.19 25.11
N GLY C 274 -31.26 -20.93 24.16
CA GLY C 274 -31.59 -20.61 22.77
C GLY C 274 -32.62 -21.59 22.24
N SER C 275 -32.21 -22.85 22.05
CA SER C 275 -33.07 -23.93 21.56
C SER C 275 -34.46 -23.84 22.21
N ALA C 276 -34.48 -23.96 23.53
CA ALA C 276 -35.72 -23.89 24.32
C ALA C 276 -36.60 -22.65 24.06
N CYS C 277 -35.95 -21.49 23.96
CA CYS C 277 -36.66 -20.22 23.81
C CYS C 277 -37.26 -20.09 22.42
N GLY C 278 -36.56 -20.63 21.43
CA GLY C 278 -37.03 -20.55 20.07
C GLY C 278 -38.15 -21.44 19.63
N ARG C 279 -38.27 -22.61 20.24
CA ARG C 279 -39.40 -23.47 20.07
C ARG C 279 -40.49 -23.01 20.94
N SER C 280 -40.15 -22.38 22.04
CA SER C 280 -41.16 -21.58 22.73
C SER C 280 -41.70 -20.25 22.16
N LEU C 281 -41.07 -19.73 21.11
CA LEU C 281 -41.44 -18.44 20.53
C LEU C 281 -41.30 -17.28 21.53
N LYS C 282 -40.27 -17.36 22.38
CA LYS C 282 -40.03 -16.28 23.32
C LYS C 282 -38.75 -15.51 23.01
N ALA C 283 -38.77 -14.24 23.36
CA ALA C 283 -37.66 -13.34 23.14
C ALA C 283 -36.52 -13.80 24.07
N VAL C 284 -35.29 -13.58 23.63
CA VAL C 284 -34.16 -14.08 24.39
C VAL C 284 -33.01 -13.08 24.39
N SER C 285 -32.46 -12.82 25.55
CA SER C 285 -31.28 -12.01 25.70
C SER C 285 -30.21 -12.89 26.20
N LEU C 286 -29.10 -12.89 25.53
CA LEU C 286 -27.98 -13.77 25.83
C LEU C 286 -26.65 -13.06 25.76
N GLU C 287 -26.02 -12.91 26.91
CA GLU C 287 -24.62 -12.47 26.97
C GLU C 287 -23.59 -13.51 27.37
N LEU C 288 -23.04 -14.21 26.39
CA LEU C 288 -22.16 -15.34 26.62
C LEU C 288 -20.66 -15.00 26.58
N GLY C 289 -19.80 -15.97 26.33
CA GLY C 289 -18.38 -15.78 26.47
C GLY C 289 -17.50 -14.81 25.68
N GLY C 290 -16.33 -14.48 26.18
CA GLY C 290 -15.41 -13.66 25.39
C GLY C 290 -13.92 -14.04 25.47
N LYS C 291 -13.18 -13.63 24.48
CA LYS C 291 -11.76 -13.78 24.51
C LYS C 291 -11.14 -12.53 24.00
N SER C 292 -11.44 -11.41 24.64
CA SER C 292 -11.08 -10.09 24.15
C SER C 292 -9.58 -9.94 23.87
N PRO C 293 -9.24 -9.52 22.65
CA PRO C 293 -7.82 -9.25 22.37
C PRO C 293 -7.49 -7.81 22.70
N VAL C 294 -6.22 -7.55 23.01
CA VAL C 294 -5.75 -6.19 23.18
C VAL C 294 -4.47 -5.95 22.40
N ILE C 295 -4.44 -4.85 21.63
CA ILE C 295 -3.46 -4.67 20.58
C ILE C 295 -2.64 -3.39 20.78
N VAL C 296 -1.33 -3.58 20.96
CA VAL C 296 -0.39 -2.47 21.16
C VAL C 296 0.43 -2.20 19.88
N LEU C 297 0.17 -1.09 19.24
CA LEU C 297 0.87 -0.72 18.02
C LEU C 297 2.24 -0.12 18.28
N ALA C 298 3.06 0.03 17.25
CA ALA C 298 4.47 0.40 17.39
C ALA C 298 4.77 1.70 18.18
N ASP C 299 3.92 2.70 17.98
CA ASP C 299 4.14 4.05 18.50
C ASP C 299 3.67 4.24 19.94
N CYS C 300 2.94 3.27 20.47
CA CYS C 300 2.37 3.42 21.80
C CYS C 300 3.45 3.27 22.86
N ASP C 301 3.34 4.05 23.93
CA ASP C 301 4.32 3.99 25.00
C ASP C 301 4.20 2.69 25.79
N PRO C 302 5.34 1.99 25.98
CA PRO C 302 5.49 0.76 26.73
C PRO C 302 5.00 0.80 28.19
N GLN C 303 5.28 1.87 28.94
CA GLN C 303 4.75 1.94 30.31
C GLN C 303 3.23 2.05 30.28
N GLU C 304 2.70 2.84 29.36
CA GLU C 304 1.25 3.00 29.24
C GLU C 304 0.58 1.70 28.75
N ALA C 305 1.22 0.99 27.84
CA ALA C 305 0.65 -0.24 27.28
C ALA C 305 0.55 -1.32 28.34
N ALA C 306 1.62 -1.54 29.09
CA ALA C 306 1.66 -2.57 30.12
C ALA C 306 0.81 -2.27 31.36
N GLU C 307 0.64 -0.99 31.66
CA GLU C 307 -0.31 -0.56 32.67
C GLU C 307 -1.70 -0.75 32.11
N GLY C 308 -1.84 -0.49 30.81
CA GLY C 308 -3.06 -0.75 30.04
C GLY C 308 -3.49 -2.19 30.04
N ALA C 309 -2.59 -3.10 29.68
CA ALA C 309 -2.91 -4.51 29.64
C ALA C 309 -3.27 -5.09 31.02
N ALA C 310 -2.49 -4.74 32.04
CA ALA C 310 -2.74 -5.22 33.43
C ALA C 310 -4.12 -4.84 33.91
N ALA C 311 -4.52 -3.59 33.66
CA ALA C 311 -5.87 -3.17 33.96
C ALA C 311 -6.91 -3.90 33.12
N ALA C 312 -6.56 -4.23 31.88
CA ALA C 312 -7.46 -4.94 30.98
C ALA C 312 -7.75 -6.36 31.39
N ILE C 313 -6.88 -6.97 32.21
CA ILE C 313 -7.06 -8.40 32.60
C ILE C 313 -6.98 -8.82 34.10
N PHE C 314 -6.47 -7.94 34.95
CA PHE C 314 -6.47 -8.17 36.40
C PHE C 314 -7.58 -7.42 37.17
N PHE C 315 -8.39 -6.65 36.44
CA PHE C 315 -9.63 -6.05 36.92
C PHE C 315 -10.71 -7.11 37.21
N ASN C 316 -11.18 -7.19 38.45
CA ASN C 316 -12.18 -8.20 38.81
C ASN C 316 -11.59 -9.61 38.78
N HIS C 317 -10.30 -9.69 39.08
CA HIS C 317 -9.54 -10.90 39.11
C HIS C 317 -9.62 -11.63 37.84
N GLY C 318 -9.89 -10.91 36.74
CA GLY C 318 -10.05 -11.42 35.39
C GLY C 318 -11.39 -12.05 35.10
N GLN C 319 -12.31 -11.87 36.02
CA GLN C 319 -13.59 -12.50 36.05
C GLN C 319 -14.49 -11.52 35.41
N VAL C 320 -14.38 -11.47 34.10
CA VAL C 320 -15.12 -10.45 33.39
C VAL C 320 -15.23 -10.98 31.98
N CYS C 321 -16.44 -10.95 31.41
CA CYS C 321 -16.63 -11.41 30.04
C CYS C 321 -15.62 -10.77 29.10
N THR C 322 -15.56 -9.44 29.15
CA THR C 322 -14.65 -8.67 28.35
C THR C 322 -13.19 -8.50 28.71
N ALA C 323 -12.62 -9.36 29.54
CA ALA C 323 -11.30 -9.18 30.04
C ALA C 323 -10.37 -9.54 28.97
N GLY C 324 -9.26 -8.86 28.87
CA GLY C 324 -8.41 -8.88 27.71
C GLY C 324 -7.35 -9.85 28.01
N SER C 325 -7.57 -11.03 27.50
CA SER C 325 -6.91 -12.19 27.93
C SER C 325 -5.96 -12.55 26.89
N ARG C 326 -6.13 -11.97 25.73
CA ARG C 326 -5.11 -12.10 24.69
C ARG C 326 -4.36 -10.77 24.50
N LEU C 327 -3.06 -10.75 24.78
CA LEU C 327 -2.25 -9.55 24.52
C LEU C 327 -1.39 -9.70 23.27
N TYR C 328 -1.50 -8.75 22.37
CA TYR C 328 -0.76 -8.69 21.13
C TYR C 328 0.02 -7.41 21.10
N VAL C 329 1.33 -7.50 21.11
CA VAL C 329 2.22 -6.37 21.11
C VAL C 329 3.12 -6.42 19.91
N HIS C 330 3.49 -5.29 19.35
CA HIS C 330 4.27 -5.29 18.12
C HIS C 330 5.62 -5.85 18.44
N GLU C 331 6.24 -6.49 17.48
CA GLU C 331 7.61 -6.94 17.51
C GLU C 331 8.64 -6.04 18.11
N SER C 332 8.56 -4.76 17.79
CA SER C 332 9.55 -3.78 18.22
C SER C 332 9.62 -3.57 19.74
N ILE C 333 8.47 -3.48 20.38
CA ILE C 333 8.42 -3.15 21.78
C ILE C 333 7.85 -4.26 22.60
N TYR C 334 7.74 -5.44 22.03
CA TYR C 334 7.18 -6.61 22.69
C TYR C 334 7.81 -6.99 24.00
N GLU C 335 9.11 -7.09 24.03
CA GLU C 335 9.81 -7.44 25.24
C GLU C 335 9.76 -6.33 26.20
N ASP C 336 10.00 -5.12 25.76
CA ASP C 336 9.89 -3.97 26.62
C ASP C 336 8.60 -4.01 27.39
N VAL C 337 7.47 -4.11 26.70
CA VAL C 337 6.14 -4.30 27.28
C VAL C 337 5.89 -5.43 28.22
N ILE C 338 6.37 -6.63 27.93
CA ILE C 338 6.10 -7.74 28.81
C ILE C 338 7.00 -7.82 29.99
N GLN C 339 8.13 -7.17 29.94
CA GLN C 339 9.00 -6.98 31.06
C GLN C 339 8.28 -6.17 32.08
N ARG C 340 7.70 -5.07 31.67
CA ARG C 340 7.14 -4.09 32.57
C ARG C 340 6.00 -4.75 33.20
N LEU C 341 5.15 -5.34 32.39
CA LEU C 341 3.96 -6.06 32.78
C LEU C 341 4.11 -7.14 33.84
N ALA C 342 5.22 -7.84 33.85
CA ALA C 342 5.50 -8.80 34.87
C ALA C 342 5.93 -8.12 36.13
N VAL C 343 6.42 -6.91 36.06
CA VAL C 343 6.75 -6.18 37.25
C VAL C 343 5.43 -5.85 37.90
N ILE C 344 4.49 -5.41 37.11
CA ILE C 344 3.16 -5.07 37.56
C ILE C 344 2.36 -6.19 38.19
N GLY C 345 2.40 -7.37 37.60
CA GLY C 345 1.68 -8.51 38.12
C GLY C 345 2.35 -9.22 39.24
N GLU C 346 3.63 -9.00 39.39
CA GLU C 346 4.41 -9.66 40.40
C GLU C 346 4.10 -8.96 41.69
N SER C 347 3.97 -7.67 41.59
CA SER C 347 3.56 -6.80 42.65
C SER C 347 2.14 -6.69 43.01
N ILE C 348 1.25 -7.53 42.50
CA ILE C 348 -0.11 -7.58 42.97
C ILE C 348 -0.16 -8.45 44.21
N VAL C 349 -0.76 -7.95 45.27
CA VAL C 349 -0.95 -8.67 46.50
C VAL C 349 -2.33 -9.24 46.53
N VAL C 350 -2.42 -10.56 46.70
CA VAL C 350 -3.66 -11.31 46.73
C VAL C 350 -4.13 -11.56 48.16
N GLY C 351 -5.37 -11.29 48.47
CA GLY C 351 -5.83 -11.46 49.82
C GLY C 351 -7.30 -11.32 49.98
N SER C 352 -7.74 -11.26 51.21
CA SER C 352 -9.15 -11.09 51.55
C SER C 352 -9.65 -9.76 51.07
N GLY C 353 -10.93 -9.64 50.81
CA GLY C 353 -11.45 -8.41 50.27
C GLY C 353 -11.68 -7.31 51.26
N LEU C 354 -11.61 -7.65 52.53
CA LEU C 354 -11.79 -6.67 53.60
C LEU C 354 -10.47 -6.31 54.29
N GLU C 355 -9.35 -6.79 53.77
CA GLU C 355 -8.07 -6.50 54.31
C GLU C 355 -7.44 -5.32 53.60
N GLN C 356 -6.61 -4.57 54.29
CA GLN C 356 -5.96 -3.43 53.69
C GLN C 356 -4.63 -3.77 53.09
N GLY C 357 -4.36 -3.30 51.89
CA GLY C 357 -3.11 -3.56 51.23
C GLY C 357 -3.19 -4.56 50.13
N VAL C 358 -4.41 -5.00 49.87
CA VAL C 358 -4.75 -6.08 48.96
C VAL C 358 -5.26 -5.47 47.67
N HIS C 359 -4.88 -6.05 46.54
CA HIS C 359 -5.21 -5.54 45.25
C HIS C 359 -6.14 -6.44 44.49
N MET C 360 -6.00 -7.74 44.70
CA MET C 360 -6.83 -8.75 44.09
C MET C 360 -7.36 -9.66 45.14
N GLY C 361 -8.52 -10.23 44.92
CA GLY C 361 -9.13 -11.18 45.82
C GLY C 361 -9.23 -12.53 45.18
N PRO C 362 -10.22 -13.30 45.57
CA PRO C 362 -10.33 -14.67 45.14
C PRO C 362 -11.26 -14.98 43.97
N MET C 363 -11.36 -16.26 43.65
CA MET C 363 -12.32 -16.75 42.74
C MET C 363 -13.51 -16.98 43.57
N VAL C 364 -14.65 -17.17 42.94
CA VAL C 364 -15.94 -17.11 43.58
C VAL C 364 -16.30 -18.43 44.15
N SER C 365 -15.85 -19.49 43.51
CA SER C 365 -16.10 -20.83 43.94
C SER C 365 -14.91 -21.69 43.76
N LYS C 366 -14.97 -22.89 44.31
CA LYS C 366 -13.89 -23.83 44.27
C LYS C 366 -13.90 -24.65 43.04
N LYS C 367 -14.98 -24.69 42.32
CA LYS C 367 -15.01 -25.32 41.02
C LYS C 367 -14.37 -24.44 40.00
N HIS C 368 -14.57 -23.14 40.06
CA HIS C 368 -13.94 -22.21 39.16
C HIS C 368 -12.47 -22.01 39.43
N HIS C 369 -12.07 -22.07 40.69
CA HIS C 369 -10.70 -22.07 41.09
C HIS C 369 -9.94 -23.24 40.51
N GLU C 370 -10.55 -24.38 40.53
CA GLU C 370 -9.99 -25.58 39.97
C GLU C 370 -9.92 -25.63 38.49
N ASN C 371 -10.74 -24.87 37.82
CA ASN C 371 -10.81 -24.81 36.39
C ASN C 371 -9.84 -23.86 35.82
N VAL C 372 -9.57 -22.85 36.61
CA VAL C 372 -8.65 -21.78 36.31
C VAL C 372 -7.28 -22.28 36.48
N LEU C 373 -7.10 -23.18 37.41
CA LEU C 373 -5.80 -23.77 37.66
C LEU C 373 -5.43 -24.84 36.69
N ARG C 374 -6.40 -25.47 36.08
CA ARG C 374 -6.23 -26.46 35.04
C ARG C 374 -5.86 -25.88 33.74
N HIS C 375 -6.25 -24.66 33.51
CA HIS C 375 -5.91 -23.93 32.33
C HIS C 375 -4.56 -23.32 32.43
N ILE C 376 -4.15 -22.91 33.61
CA ILE C 376 -2.81 -22.46 33.85
C ILE C 376 -1.93 -23.63 33.54
N ARG C 377 -2.20 -24.76 34.14
CA ARG C 377 -1.49 -25.97 33.88
C ARG C 377 -1.42 -26.55 32.50
N ASN C 378 -2.46 -26.42 31.72
CA ASN C 378 -2.46 -26.79 30.35
C ASN C 378 -1.50 -25.93 29.53
N GLY C 379 -1.52 -24.69 29.90
CA GLY C 379 -0.62 -23.71 29.36
C GLY C 379 0.88 -23.87 29.53
N ILE C 380 1.31 -24.42 30.65
CA ILE C 380 2.69 -24.76 30.89
C ILE C 380 3.13 -25.96 30.08
N GLU C 381 2.20 -26.90 29.87
CA GLU C 381 2.48 -28.11 29.10
C GLU C 381 2.46 -27.83 27.60
N ASP C 382 1.71 -26.80 27.20
CA ASP C 382 1.62 -26.44 25.81
C ASP C 382 2.74 -25.55 25.40
N GLY C 383 3.72 -25.40 26.27
CA GLY C 383 4.92 -24.74 25.89
C GLY C 383 5.04 -23.27 25.88
N ALA C 384 4.23 -22.59 26.66
CA ALA C 384 4.31 -21.18 26.78
C ALA C 384 5.18 -20.85 27.95
N ASP C 385 5.66 -19.63 27.98
CA ASP C 385 6.64 -19.14 28.91
C ASP C 385 5.99 -18.48 30.06
N LEU C 386 6.11 -19.01 31.23
CA LEU C 386 5.61 -18.39 32.41
C LEU C 386 6.57 -17.33 32.84
N ILE C 387 6.16 -16.09 32.70
CA ILE C 387 6.96 -14.96 33.05
C ILE C 387 6.47 -14.40 34.35
N CYS C 388 5.29 -14.80 34.76
CA CYS C 388 4.70 -14.22 35.96
C CYS C 388 3.59 -15.14 36.44
N GLY C 389 3.60 -15.42 37.74
CA GLY C 389 2.58 -16.25 38.32
C GLY C 389 2.76 -17.72 38.25
N GLY C 390 1.71 -18.45 38.52
CA GLY C 390 1.72 -19.85 38.28
C GLY C 390 0.60 -20.53 39.01
N THR C 391 0.89 -21.64 39.63
CA THR C 391 -0.12 -22.52 40.10
C THR C 391 -0.11 -22.77 41.55
N GLU C 392 0.88 -22.22 42.18
CA GLU C 392 1.07 -22.26 43.60
C GLU C 392 0.14 -21.33 44.27
N ALA C 393 -0.26 -21.64 45.48
CA ALA C 393 -1.30 -20.97 46.20
C ALA C 393 -0.72 -19.84 46.97
N PRO C 394 -1.34 -18.68 46.87
CA PRO C 394 -0.77 -17.49 47.46
C PRO C 394 -1.12 -17.52 48.90
N CYS C 395 -2.29 -18.06 49.22
CA CYS C 395 -2.78 -18.06 50.58
C CYS C 395 -2.93 -19.47 51.11
N ALA C 396 -3.36 -19.54 52.36
CA ALA C 396 -3.58 -20.79 53.04
C ALA C 396 -4.99 -21.30 52.95
N GLN C 397 -5.94 -20.39 52.98
CA GLN C 397 -7.32 -20.73 52.85
C GLN C 397 -7.89 -19.97 51.68
N GLY C 398 -8.85 -20.53 50.97
CA GLY C 398 -9.55 -19.80 49.95
C GLY C 398 -9.29 -20.16 48.54
N PHE C 399 -10.04 -19.55 47.65
CA PHE C 399 -9.97 -19.87 46.26
C PHE C 399 -9.11 -18.88 45.54
N PHE C 400 -7.85 -18.79 45.92
CA PHE C 400 -6.93 -17.81 45.44
C PHE C 400 -6.05 -18.32 44.32
N VAL C 401 -5.81 -17.48 43.34
CA VAL C 401 -4.94 -17.75 42.21
C VAL C 401 -4.00 -16.57 42.13
N LYS C 402 -2.78 -16.81 41.72
CA LYS C 402 -1.81 -15.79 41.50
C LYS C 402 -2.06 -15.29 40.11
N PRO C 403 -1.91 -14.00 39.87
CA PRO C 403 -1.99 -13.47 38.52
C PRO C 403 -0.90 -13.98 37.61
N THR C 404 -1.25 -14.61 36.49
CA THR C 404 -0.35 -15.36 35.67
C THR C 404 -0.24 -14.78 34.29
N ILE C 405 0.96 -14.61 33.79
CA ILE C 405 1.21 -14.23 32.42
C ILE C 405 2.03 -15.26 31.63
N PHE C 406 1.54 -15.64 30.46
CA PHE C 406 2.24 -16.55 29.59
C PHE C 406 2.66 -15.80 28.39
N ALA C 407 3.92 -15.95 28.04
CA ALA C 407 4.54 -15.34 26.87
C ALA C 407 4.50 -16.35 25.77
N ASN C 408 3.72 -16.12 24.75
CA ASN C 408 3.63 -17.02 23.67
C ASN C 408 4.51 -16.62 22.52
N ARG C 409 5.79 -16.41 22.80
CA ARG C 409 6.74 -16.05 21.75
C ARG C 409 6.71 -17.28 20.87
N GLU C 410 7.03 -17.12 19.58
CA GLU C 410 7.04 -18.22 18.63
C GLU C 410 5.68 -18.53 17.98
N LYS C 411 4.65 -17.82 18.43
CA LYS C 411 3.30 -18.00 17.98
C LYS C 411 2.67 -19.33 17.69
N LYS C 412 2.59 -20.16 18.71
CA LYS C 412 2.01 -21.47 18.66
C LYS C 412 0.55 -21.32 19.00
N ASP C 413 -0.29 -22.12 18.36
CA ASP C 413 -1.71 -22.14 18.67
C ASP C 413 -1.87 -22.95 19.95
N ILE C 414 -1.31 -22.37 21.02
CA ILE C 414 -1.30 -22.97 22.35
C ILE C 414 -2.73 -22.61 22.67
N ARG C 415 -3.54 -23.66 22.77
CA ARG C 415 -4.97 -23.54 22.69
C ARG C 415 -5.58 -22.96 23.95
N LEU C 416 -4.76 -22.27 24.75
CA LEU C 416 -5.27 -21.41 25.81
C LEU C 416 -5.75 -20.10 25.17
N LEU C 417 -5.53 -19.99 23.87
CA LEU C 417 -5.93 -18.81 23.12
C LEU C 417 -7.35 -19.02 22.61
N SER C 418 -7.93 -20.16 22.95
CA SER C 418 -9.25 -20.48 22.52
C SER C 418 -10.13 -20.78 23.70
N GLN C 419 -9.57 -20.73 24.88
CA GLN C 419 -10.32 -21.09 26.04
C GLN C 419 -10.53 -19.92 26.94
N GLU C 420 -11.77 -19.52 27.19
CA GLU C 420 -12.09 -18.57 28.21
C GLU C 420 -11.79 -19.12 29.55
N VAL C 421 -10.99 -18.39 30.28
CA VAL C 421 -10.55 -18.75 31.60
C VAL C 421 -11.43 -18.10 32.63
N PHE C 422 -11.60 -16.80 32.56
CA PHE C 422 -12.37 -16.07 33.53
C PHE C 422 -11.57 -16.02 34.80
N GLY C 423 -10.30 -15.89 34.68
CA GLY C 423 -9.46 -15.75 35.82
C GLY C 423 -8.34 -14.92 35.32
N PRO C 424 -7.42 -14.61 36.22
CA PRO C 424 -6.31 -13.73 35.92
C PRO C 424 -5.21 -14.34 35.12
N VAL C 425 -5.44 -14.71 33.88
CA VAL C 425 -4.46 -15.38 33.09
C VAL C 425 -4.33 -14.70 31.76
N LEU C 426 -3.13 -14.30 31.38
CA LEU C 426 -2.89 -13.63 30.12
C LEU C 426 -1.92 -14.37 29.26
N VAL C 427 -2.17 -14.47 27.98
CA VAL C 427 -1.22 -14.90 26.99
C VAL C 427 -0.82 -13.71 26.15
N ALA C 428 0.47 -13.47 26.01
CA ALA C 428 1.00 -12.34 25.29
C ALA C 428 1.81 -12.74 24.09
N THR C 429 1.28 -12.50 22.91
CA THR C 429 1.89 -12.87 21.66
C THR C 429 2.37 -11.68 20.86
N PRO C 430 3.39 -11.83 20.01
CA PRO C 430 3.83 -10.71 19.17
C PRO C 430 3.32 -10.69 17.75
N PHE C 431 3.57 -9.61 17.06
CA PHE C 431 3.12 -9.48 15.70
C PHE C 431 3.82 -8.46 14.84
N SER C 432 4.01 -8.77 13.57
CA SER C 432 4.70 -7.91 12.65
C SER C 432 3.91 -6.89 11.83
N ASP C 433 2.88 -7.36 11.13
CA ASP C 433 2.03 -6.49 10.34
C ASP C 433 0.67 -6.36 11.03
N ILE C 434 -0.02 -5.25 10.77
CA ILE C 434 -1.32 -5.01 11.35
C ILE C 434 -2.42 -5.82 10.81
N ALA C 435 -2.28 -6.27 9.59
CA ALA C 435 -3.10 -7.29 9.02
C ALA C 435 -3.08 -8.65 9.58
N GLU C 436 -2.03 -8.96 10.28
CA GLU C 436 -1.97 -10.24 10.86
C GLU C 436 -2.45 -10.25 12.27
N VAL C 437 -2.57 -9.08 12.87
CA VAL C 437 -2.95 -9.03 14.25
C VAL C 437 -4.44 -9.01 14.24
N VAL C 438 -4.97 -8.47 13.16
CA VAL C 438 -6.37 -8.30 12.94
C VAL C 438 -6.90 -9.66 12.66
N ASN C 439 -6.20 -10.43 11.84
CA ASN C 439 -6.54 -11.80 11.60
C ASN C 439 -6.62 -12.63 12.82
N GLU C 440 -5.68 -12.44 13.71
CA GLU C 440 -5.57 -13.20 14.93
C GLU C 440 -6.61 -12.83 15.94
N ALA C 441 -7.01 -11.58 15.94
CA ALA C 441 -8.05 -11.13 16.78
C ALA C 441 -9.36 -11.69 16.42
N ASN C 442 -9.58 -11.82 15.13
CA ASN C 442 -10.72 -12.53 14.57
C ASN C 442 -10.56 -13.94 14.17
N ARG C 443 -9.63 -14.62 14.79
CA ARG C 443 -9.53 -16.06 14.82
C ARG C 443 -9.97 -16.44 16.18
N SER C 444 -11.21 -16.14 16.48
CA SER C 444 -11.81 -16.49 17.74
C SER C 444 -13.21 -16.82 17.39
N VAL C 445 -13.85 -17.54 18.26
CA VAL C 445 -15.20 -18.02 18.12
C VAL C 445 -16.15 -17.06 18.80
N TYR C 446 -15.52 -16.12 19.52
CA TYR C 446 -16.18 -15.00 20.19
C TYR C 446 -15.87 -13.79 19.42
N GLY C 447 -16.66 -12.75 19.70
CA GLY C 447 -16.36 -11.38 19.33
C GLY C 447 -17.01 -10.25 20.13
N LEU C 448 -16.79 -10.25 21.45
CA LEU C 448 -17.36 -9.27 22.36
C LEU C 448 -16.72 -7.89 22.49
N GLY C 449 -15.41 -7.85 22.72
CA GLY C 449 -14.71 -6.61 22.92
C GLY C 449 -13.29 -6.62 22.37
N ALA C 450 -12.61 -5.50 22.42
CA ALA C 450 -11.26 -5.40 21.93
C ALA C 450 -10.67 -4.05 22.24
N SER C 451 -9.35 -3.94 22.30
CA SER C 451 -8.66 -2.68 22.51
C SER C 451 -7.59 -2.45 21.47
N ILE C 452 -7.38 -1.20 21.07
CA ILE C 452 -6.28 -0.77 20.24
C ILE C 452 -5.63 0.31 21.03
N TRP C 453 -4.31 0.33 21.03
CA TRP C 453 -3.51 1.26 21.81
C TRP C 453 -2.56 1.95 20.85
N THR C 454 -2.68 3.22 20.67
CA THR C 454 -2.02 3.72 19.57
C THR C 454 -2.42 5.13 19.61
N ASN C 455 -1.82 5.92 18.77
CA ASN C 455 -2.15 7.28 18.66
C ASN C 455 -2.21 7.60 17.25
N ASP C 456 -2.39 6.57 16.47
CA ASP C 456 -2.50 6.61 15.07
C ASP C 456 -3.97 6.65 14.72
N LEU C 457 -4.43 7.76 14.16
CA LEU C 457 -5.83 7.87 13.76
C LEU C 457 -6.22 6.86 12.69
N SER C 458 -5.48 6.82 11.59
CA SER C 458 -5.79 5.96 10.48
C SER C 458 -5.87 4.53 10.89
N ALA C 459 -4.91 4.06 11.66
CA ALA C 459 -4.74 2.68 12.03
C ALA C 459 -5.80 2.39 13.01
N ALA C 460 -5.88 3.09 14.12
CA ALA C 460 -6.95 2.89 15.06
C ALA C 460 -8.34 2.75 14.51
N LEU C 461 -8.75 3.56 13.57
CA LEU C 461 -10.10 3.55 13.05
C LEU C 461 -10.45 2.43 12.12
N ARG C 462 -9.47 2.06 11.37
CA ARG C 462 -9.31 1.04 10.37
C ARG C 462 -9.12 -0.35 10.94
N ILE C 463 -8.39 -0.48 12.02
CA ILE C 463 -8.40 -1.70 12.78
C ILE C 463 -9.81 -1.90 13.20
N ASN C 464 -10.47 -0.88 13.71
CA ASN C 464 -11.81 -0.96 14.20
C ASN C 464 -12.80 -1.25 13.14
N ASP C 465 -12.64 -0.72 11.99
CA ASP C 465 -13.17 -1.20 10.74
C ASP C 465 -13.16 -2.71 10.49
N GLU C 466 -12.06 -3.37 10.82
CA GLU C 466 -11.84 -4.78 10.41
C GLU C 466 -12.02 -5.84 11.54
N LEU C 467 -12.12 -5.37 12.76
CA LEU C 467 -12.32 -6.22 13.91
C LEU C 467 -13.72 -6.71 13.90
N GLU C 468 -13.94 -7.92 14.35
CA GLU C 468 -15.24 -8.51 14.43
C GLU C 468 -15.63 -8.54 15.89
N ALA C 469 -15.70 -7.39 16.49
CA ALA C 469 -15.88 -7.28 17.90
C ALA C 469 -16.99 -6.32 18.10
N GLY C 470 -17.83 -6.58 19.06
CA GLY C 470 -19.00 -5.79 19.30
C GLY C 470 -18.85 -4.54 20.08
N THR C 471 -17.71 -4.39 20.77
CA THR C 471 -17.40 -3.15 21.49
C THR C 471 -15.89 -2.87 21.60
N VAL C 472 -15.34 -2.22 20.58
CA VAL C 472 -13.98 -1.77 20.61
C VAL C 472 -13.68 -0.55 21.45
N TRP C 473 -12.60 -0.58 22.21
CA TRP C 473 -12.13 0.53 22.99
C TRP C 473 -10.84 0.94 22.38
N VAL C 474 -10.47 2.20 22.48
CA VAL C 474 -9.20 2.70 22.04
C VAL C 474 -8.54 3.42 23.17
N ASN C 475 -7.43 2.88 23.64
CA ASN C 475 -6.64 3.41 24.75
C ASN C 475 -7.32 3.31 26.09
N THR C 476 -8.18 2.31 26.19
CA THR C 476 -8.88 1.87 27.37
C THR C 476 -9.39 0.46 27.15
N HIS C 477 -10.10 -0.11 28.12
CA HIS C 477 -10.69 -1.43 28.05
C HIS C 477 -11.64 -1.44 29.19
N ASN C 478 -12.67 -2.25 29.12
CA ASN C 478 -13.56 -2.61 30.20
C ASN C 478 -14.53 -1.53 30.62
N MET C 479 -14.73 -0.57 29.77
CA MET C 479 -15.54 0.58 30.04
C MET C 479 -16.95 0.39 29.63
N VAL C 480 -17.85 0.48 30.60
CA VAL C 480 -19.27 0.21 30.46
C VAL C 480 -20.09 1.38 30.97
N ASP C 481 -21.08 1.86 30.23
CA ASP C 481 -21.95 2.91 30.71
C ASP C 481 -23.33 2.39 30.74
N PRO C 482 -24.24 3.08 31.43
CA PRO C 482 -25.65 2.92 31.22
C PRO C 482 -26.15 3.39 29.86
N ASN C 483 -25.48 4.28 29.18
CA ASN C 483 -25.89 4.78 27.89
C ASN C 483 -25.21 4.12 26.73
N LEU C 484 -24.25 3.25 26.96
CA LEU C 484 -23.57 2.53 25.91
C LEU C 484 -24.09 1.15 25.67
N PRO C 485 -24.62 0.85 24.50
CA PRO C 485 -25.01 -0.51 24.21
C PRO C 485 -23.88 -1.52 24.20
N PHE C 486 -24.17 -2.75 24.54
CA PHE C 486 -23.19 -3.74 24.84
C PHE C 486 -23.68 -5.04 24.31
N GLY C 487 -22.85 -5.80 23.64
CA GLY C 487 -23.27 -7.06 23.13
C GLY C 487 -22.10 -7.56 22.37
N GLY C 488 -22.16 -8.76 21.84
CA GLY C 488 -21.06 -9.31 21.12
C GLY C 488 -21.56 -9.94 19.86
N PHE C 489 -20.61 -10.37 19.04
CA PHE C 489 -20.87 -11.00 17.78
C PHE C 489 -20.51 -12.47 17.91
N LYS C 490 -20.87 -13.27 16.94
CA LYS C 490 -20.55 -14.69 16.93
C LYS C 490 -21.09 -15.56 18.06
N ASP C 491 -20.20 -16.12 18.85
CA ASP C 491 -20.54 -17.01 19.94
C ASP C 491 -20.65 -16.32 21.27
N SER C 492 -20.70 -15.00 21.26
CA SER C 492 -20.73 -14.20 22.45
C SER C 492 -22.11 -13.71 22.76
N GLY C 493 -23.03 -13.97 21.86
CA GLY C 493 -24.43 -13.90 22.20
C GLY C 493 -25.32 -13.43 21.12
N VAL C 494 -26.54 -13.10 21.51
CA VAL C 494 -27.53 -12.44 20.69
C VAL C 494 -28.08 -11.23 21.41
N GLY C 495 -28.01 -10.05 20.84
CA GLY C 495 -28.69 -8.91 21.40
C GLY C 495 -27.81 -7.89 22.03
N ARG C 496 -28.35 -6.71 22.29
CA ARG C 496 -27.64 -5.65 22.99
C ARG C 496 -28.32 -5.23 24.26
N GLU C 497 -27.54 -4.66 25.16
CA GLU C 497 -27.93 -4.57 26.52
C GLU C 497 -28.29 -3.22 27.10
N HIS C 498 -27.53 -2.19 26.83
CA HIS C 498 -27.78 -0.95 27.55
C HIS C 498 -28.25 0.19 26.72
N GLY C 499 -28.23 1.36 27.26
CA GLY C 499 -28.64 2.48 26.46
C GLY C 499 -30.02 2.66 25.93
N ALA C 500 -30.12 2.82 24.63
CA ALA C 500 -31.36 2.85 23.92
C ALA C 500 -31.57 1.53 23.25
N ALA C 501 -30.66 0.61 23.46
CA ALA C 501 -30.83 -0.75 23.01
C ALA C 501 -31.64 -1.57 23.97
N ALA C 502 -31.77 -1.11 25.19
CA ALA C 502 -32.42 -1.80 26.25
C ALA C 502 -33.85 -1.72 25.95
N ILE C 503 -34.31 -0.49 25.70
CA ILE C 503 -35.71 -0.18 25.53
C ILE C 503 -36.30 -0.97 24.38
N GLU C 504 -35.51 -1.18 23.34
CA GLU C 504 -36.02 -1.92 22.22
C GLU C 504 -36.06 -3.41 22.41
N HIS C 505 -35.40 -3.87 23.44
CA HIS C 505 -35.35 -5.26 23.79
C HIS C 505 -36.26 -5.63 24.92
N TYR C 506 -36.74 -4.64 25.64
CA TYR C 506 -37.67 -4.82 26.74
C TYR C 506 -39.02 -4.21 26.48
N THR C 507 -39.25 -3.80 25.25
CA THR C 507 -40.52 -3.30 24.81
C THR C 507 -40.80 -3.92 23.48
N THR C 508 -42.02 -3.81 23.03
CA THR C 508 -42.40 -4.15 21.68
C THR C 508 -43.45 -3.17 21.21
N THR C 509 -44.03 -3.30 20.06
CA THR C 509 -45.07 -2.36 19.68
C THR C 509 -46.35 -3.07 19.26
N ARG C 510 -47.49 -2.40 19.39
CA ARG C 510 -48.71 -2.81 18.71
C ARG C 510 -49.09 -1.70 17.75
N SER C 511 -49.60 -2.07 16.59
CA SER C 511 -50.01 -1.08 15.61
C SER C 511 -51.51 -0.77 15.70
N LEU C 512 -51.88 0.44 15.31
CA LEU C 512 -53.27 0.86 15.31
C LEU C 512 -53.53 1.75 14.12
N VAL C 513 -54.46 1.32 13.26
CA VAL C 513 -54.85 2.05 12.07
C VAL C 513 -56.36 2.29 12.10
N ILE C 514 -56.76 3.55 12.24
CA ILE C 514 -58.20 3.91 12.27
C ILE C 514 -58.71 4.50 10.96
N ALA C 515 -59.68 3.85 10.34
CA ALA C 515 -60.35 4.41 9.16
C ALA C 515 -61.57 5.21 9.57
N TYR C 516 -61.65 6.43 9.12
CA TYR C 516 -62.79 7.27 9.34
C TYR C 516 -62.84 8.17 8.17
N GLN D 36 -34.23 -21.95 -14.55
CA GLN D 36 -33.39 -22.54 -13.52
C GLN D 36 -33.26 -21.61 -12.31
N MET D 37 -32.29 -21.89 -11.46
CA MET D 37 -32.05 -21.07 -10.26
C MET D 37 -30.89 -20.08 -10.32
N LEU D 38 -30.77 -19.17 -9.38
CA LEU D 38 -29.69 -18.21 -9.44
C LEU D 38 -28.68 -18.32 -8.33
N ILE D 39 -27.41 -18.45 -8.66
CA ILE D 39 -26.39 -18.58 -7.68
C ILE D 39 -25.12 -18.04 -8.20
N GLY D 40 -24.82 -16.80 -7.88
CA GLY D 40 -23.57 -16.21 -8.23
C GLY D 40 -23.61 -15.48 -9.52
N GLY D 41 -24.79 -15.09 -9.95
CA GLY D 41 -25.00 -14.38 -11.18
C GLY D 41 -25.28 -15.32 -12.29
N GLN D 42 -25.45 -16.57 -11.92
CA GLN D 42 -25.42 -17.68 -12.83
C GLN D 42 -26.65 -18.48 -12.76
N TRP D 43 -27.24 -18.70 -13.91
CA TRP D 43 -28.41 -19.49 -14.04
C TRP D 43 -27.94 -20.87 -14.13
N VAL D 44 -28.35 -21.64 -13.19
CA VAL D 44 -27.75 -22.90 -12.83
C VAL D 44 -28.86 -23.89 -12.57
N SER D 45 -28.61 -25.15 -12.94
CA SER D 45 -29.53 -26.23 -12.61
C SER D 45 -29.08 -26.89 -11.32
N ALA D 46 -29.87 -27.79 -10.76
CA ALA D 46 -29.51 -28.50 -9.54
C ALA D 46 -28.42 -29.48 -9.85
N GLN D 47 -27.58 -29.76 -8.88
CA GLN D 47 -26.44 -30.62 -9.07
C GLN D 47 -26.77 -32.06 -9.34
N SER D 48 -27.89 -32.51 -8.80
CA SER D 48 -28.46 -33.79 -9.09
C SER D 48 -29.21 -33.90 -10.39
N GLY D 49 -29.63 -32.77 -10.90
CA GLY D 49 -30.24 -32.67 -12.20
C GLY D 49 -31.68 -32.92 -12.04
N LYS D 50 -32.05 -33.18 -10.80
CA LYS D 50 -33.41 -33.41 -10.38
C LYS D 50 -34.16 -32.14 -10.42
N THR D 51 -35.43 -32.27 -10.52
CA THR D 51 -36.31 -31.18 -10.94
C THR D 51 -37.66 -31.41 -10.28
N LEU D 52 -38.57 -30.42 -10.33
CA LEU D 52 -39.91 -30.60 -9.78
C LEU D 52 -40.96 -29.71 -10.47
N ASN D 53 -42.19 -30.21 -10.57
CA ASN D 53 -43.30 -29.50 -11.24
C ASN D 53 -43.99 -28.42 -10.41
N VAL D 54 -44.20 -27.27 -11.06
CA VAL D 54 -45.07 -26.18 -10.64
C VAL D 54 -46.36 -26.26 -11.49
N TYR D 55 -47.49 -25.81 -10.98
CA TYR D 55 -48.81 -25.93 -11.60
C TYR D 55 -49.58 -24.64 -11.84
N ASN D 56 -50.62 -24.71 -12.65
CA ASN D 56 -51.61 -23.66 -12.84
C ASN D 56 -52.71 -24.14 -11.93
N PRO D 57 -53.26 -23.25 -11.12
CA PRO D 57 -54.27 -23.62 -10.13
C PRO D 57 -55.70 -23.55 -10.67
N ALA D 58 -55.88 -22.97 -11.84
CA ALA D 58 -57.20 -22.83 -12.44
C ALA D 58 -57.50 -24.06 -13.30
N THR D 59 -56.54 -24.38 -14.17
CA THR D 59 -56.60 -25.57 -15.01
C THR D 59 -55.45 -26.39 -14.44
N GLY D 60 -55.81 -27.51 -13.83
CA GLY D 60 -54.90 -28.27 -13.00
C GLY D 60 -53.93 -28.86 -14.00
N ASP D 61 -52.82 -28.18 -14.25
CA ASP D 61 -51.83 -28.70 -15.20
C ASP D 61 -50.42 -28.17 -14.92
N ILE D 62 -49.42 -28.91 -15.37
CA ILE D 62 -48.05 -28.49 -15.18
C ILE D 62 -47.94 -27.18 -15.91
N LEU D 63 -47.30 -26.18 -15.32
CA LEU D 63 -47.05 -24.93 -15.98
C LEU D 63 -45.64 -25.03 -16.44
N THR D 64 -44.84 -25.52 -15.55
CA THR D 64 -43.42 -25.76 -15.80
C THR D 64 -42.71 -26.59 -14.76
N GLU D 65 -41.38 -26.53 -14.78
CA GLU D 65 -40.47 -27.24 -13.89
C GLU D 65 -39.41 -26.32 -13.33
N VAL D 66 -38.87 -26.61 -12.19
CA VAL D 66 -37.87 -25.75 -11.66
C VAL D 66 -36.95 -26.67 -10.94
N PRO D 67 -35.82 -26.22 -10.44
CA PRO D 67 -34.89 -27.10 -9.73
C PRO D 67 -35.30 -27.67 -8.42
N ASP D 68 -35.05 -28.95 -8.19
CA ASP D 68 -35.26 -29.62 -6.92
C ASP D 68 -33.96 -29.74 -6.19
N GLY D 69 -33.54 -28.62 -5.61
CA GLY D 69 -32.30 -28.41 -4.93
C GLY D 69 -32.16 -28.99 -3.55
N ASP D 70 -30.93 -29.31 -3.22
CA ASP D 70 -30.68 -30.03 -2.04
C ASP D 70 -29.55 -29.29 -1.44
N VAL D 71 -28.78 -29.93 -0.59
CA VAL D 71 -27.93 -29.32 0.39
C VAL D 71 -26.57 -28.99 -0.13
N GLU D 72 -26.32 -29.48 -1.34
CA GLU D 72 -25.31 -29.09 -2.29
C GLU D 72 -25.54 -27.74 -2.82
N ASP D 73 -26.73 -27.48 -3.22
CA ASP D 73 -27.09 -26.21 -3.78
C ASP D 73 -27.71 -25.12 -2.90
N VAL D 74 -27.74 -25.35 -1.63
CA VAL D 74 -28.05 -24.35 -0.70
C VAL D 74 -26.66 -23.90 -0.32
N ASN D 75 -25.73 -24.79 -0.35
CA ASN D 75 -24.42 -24.48 0.12
C ASN D 75 -23.61 -23.56 -0.74
N ALA D 76 -23.78 -23.68 -2.03
CA ALA D 76 -23.09 -22.88 -3.00
C ALA D 76 -23.67 -21.53 -2.85
N ALA D 77 -24.97 -21.47 -2.77
CA ALA D 77 -25.69 -20.25 -2.69
C ALA D 77 -25.46 -19.53 -1.43
N VAL D 78 -25.22 -20.22 -0.35
CA VAL D 78 -24.90 -19.51 0.86
C VAL D 78 -23.45 -19.13 1.04
N GLU D 79 -22.57 -19.63 0.20
CA GLU D 79 -21.17 -19.41 0.27
C GLU D 79 -20.86 -18.35 -0.66
N SER D 80 -21.79 -18.08 -1.51
CA SER D 80 -21.70 -17.07 -2.53
C SER D 80 -22.17 -15.74 -2.06
N ALA D 81 -22.97 -15.70 -1.03
CA ALA D 81 -23.51 -14.53 -0.49
C ALA D 81 -22.60 -14.13 0.57
N ALA D 82 -21.88 -15.07 1.12
CA ALA D 82 -20.98 -14.71 2.13
C ALA D 82 -19.74 -14.23 1.46
N ALA D 83 -19.54 -14.56 0.22
CA ALA D 83 -18.38 -14.09 -0.48
C ALA D 83 -18.39 -12.66 -0.79
N THR D 84 -19.60 -12.24 -1.01
CA THR D 84 -20.08 -10.99 -1.57
C THR D 84 -20.40 -10.01 -0.52
N LEU D 85 -20.83 -10.49 0.64
CA LEU D 85 -21.06 -9.63 1.80
C LEU D 85 -19.73 -9.10 2.29
N ARG D 86 -18.69 -9.92 2.19
CA ARG D 86 -17.36 -9.53 2.54
C ARG D 86 -16.68 -8.79 1.44
N SER D 87 -17.18 -8.89 0.22
CA SER D 87 -16.80 -8.12 -0.94
C SER D 87 -16.63 -6.69 -0.61
N ASP D 88 -15.61 -5.94 -0.99
CA ASP D 88 -15.61 -4.52 -0.63
C ASP D 88 -16.61 -3.82 -1.53
N THR D 89 -16.74 -4.32 -2.75
CA THR D 89 -17.75 -3.78 -3.67
C THR D 89 -19.15 -3.60 -3.04
N TRP D 90 -19.52 -4.50 -2.13
CA TRP D 90 -20.83 -4.52 -1.54
C TRP D 90 -20.80 -3.96 -0.15
N ARG D 91 -19.80 -4.29 0.63
CA ARG D 91 -19.67 -3.80 1.97
C ARG D 91 -19.48 -2.33 2.01
N ARG D 92 -18.66 -1.84 1.11
CA ARG D 92 -18.27 -0.47 1.10
C ARG D 92 -18.80 0.29 -0.06
N MET D 93 -19.93 -0.12 -0.62
CA MET D 93 -20.69 0.53 -1.63
C MET D 93 -21.24 1.72 -1.00
N PRO D 94 -21.07 2.90 -1.60
CA PRO D 94 -21.60 4.11 -1.04
C PRO D 94 -23.08 3.96 -0.90
N PRO D 95 -23.70 4.67 0.03
CA PRO D 95 -25.07 4.42 0.39
C PRO D 95 -26.15 4.96 -0.55
N SER D 96 -25.79 5.61 -1.63
CA SER D 96 -26.75 6.15 -2.54
C SER D 96 -26.69 5.31 -3.77
N ALA D 97 -25.79 4.35 -3.74
CA ALA D 97 -25.61 3.45 -4.81
C ALA D 97 -26.44 2.25 -4.56
N ARG D 98 -26.68 1.94 -3.31
CA ARG D 98 -27.53 0.86 -2.87
C ARG D 98 -28.97 1.27 -2.83
N GLU D 99 -29.19 2.56 -2.76
CA GLU D 99 -30.46 3.18 -2.84
C GLU D 99 -30.86 3.23 -4.28
N ARG D 100 -29.92 3.34 -5.18
CA ARG D 100 -30.21 3.47 -6.60
C ARG D 100 -30.47 2.17 -7.28
N ILE D 101 -29.98 1.07 -6.74
CA ILE D 101 -30.24 -0.25 -7.25
C ILE D 101 -31.66 -0.63 -6.95
N LEU D 102 -32.15 -0.28 -5.79
CA LEU D 102 -33.46 -0.60 -5.34
C LEU D 102 -34.51 0.29 -5.98
N LEU D 103 -34.13 1.52 -6.31
CA LEU D 103 -34.81 2.45 -7.13
C LEU D 103 -34.90 2.11 -8.58
N ARG D 104 -33.85 1.64 -9.18
CA ARG D 104 -33.92 1.19 -10.54
C ARG D 104 -34.68 -0.10 -10.74
N LEU D 105 -34.78 -0.98 -9.75
CA LEU D 105 -35.56 -2.20 -9.82
C LEU D 105 -37.03 -2.10 -9.46
N ALA D 106 -37.46 -1.08 -8.76
CA ALA D 106 -38.85 -0.74 -8.65
C ALA D 106 -39.36 -0.17 -9.94
N ASP D 107 -38.48 0.55 -10.59
CA ASP D 107 -38.64 1.07 -11.94
C ASP D 107 -38.67 -0.04 -13.01
N LEU D 108 -38.09 -1.19 -12.74
CA LEU D 108 -38.17 -2.36 -13.61
C LEU D 108 -39.18 -3.44 -13.22
N LEU D 109 -39.96 -3.18 -12.21
CA LEU D 109 -40.97 -4.07 -11.77
C LEU D 109 -42.16 -3.56 -12.45
N GLU D 110 -42.16 -2.27 -12.56
CA GLU D 110 -43.25 -1.54 -13.22
C GLU D 110 -43.20 -1.39 -14.68
N VAL D 111 -41.98 -1.46 -15.21
CA VAL D 111 -41.75 -1.50 -16.64
C VAL D 111 -41.94 -2.92 -17.18
N HIS D 112 -41.79 -3.92 -16.31
CA HIS D 112 -41.97 -5.28 -16.75
C HIS D 112 -43.16 -5.91 -16.23
N GLY D 113 -44.17 -5.09 -15.96
CA GLY D 113 -45.28 -5.38 -15.10
C GLY D 113 -46.51 -6.06 -15.55
N ASP D 114 -46.84 -5.96 -16.82
CA ASP D 114 -47.81 -6.85 -17.44
C ASP D 114 -47.33 -8.31 -17.38
N GLU D 115 -46.04 -8.55 -17.65
CA GLU D 115 -45.46 -9.94 -17.71
C GLU D 115 -45.38 -10.61 -16.35
N LEU D 116 -44.82 -9.90 -15.36
CA LEU D 116 -44.89 -10.36 -13.98
C LEU D 116 -46.32 -10.53 -13.46
N ALA D 117 -47.23 -9.70 -13.84
CA ALA D 117 -48.60 -9.92 -13.46
C ALA D 117 -49.30 -11.07 -14.12
N ARG D 118 -49.04 -11.36 -15.39
CA ARG D 118 -49.57 -12.59 -16.02
C ARG D 118 -48.93 -13.79 -15.28
N LEU D 119 -47.63 -13.70 -14.98
CA LEU D 119 -46.90 -14.76 -14.29
C LEU D 119 -47.52 -15.23 -12.96
N GLU D 120 -47.85 -14.29 -12.12
CA GLU D 120 -48.45 -14.51 -10.83
C GLU D 120 -49.75 -15.21 -11.06
N THR D 121 -50.69 -14.55 -11.67
CA THR D 121 -51.97 -15.15 -12.06
C THR D 121 -51.96 -16.58 -12.59
N LEU D 122 -51.04 -16.85 -13.51
CA LEU D 122 -50.69 -18.20 -13.91
C LEU D 122 -50.32 -19.18 -12.79
N ASN D 123 -49.33 -18.86 -11.99
CA ASN D 123 -48.78 -19.70 -10.93
C ASN D 123 -49.56 -19.75 -9.60
N ASN D 124 -50.16 -18.65 -9.25
CA ASN D 124 -50.83 -18.41 -8.00
C ASN D 124 -52.37 -18.40 -8.04
N GLY D 125 -52.98 -17.94 -9.13
CA GLY D 125 -54.35 -18.11 -9.32
C GLY D 125 -55.15 -16.89 -9.13
N LYS D 126 -54.41 -15.86 -8.78
CA LYS D 126 -54.84 -14.63 -8.25
C LYS D 126 -55.38 -13.86 -9.41
N LEU D 127 -56.32 -12.97 -9.17
CA LEU D 127 -56.88 -12.16 -10.20
C LEU D 127 -55.91 -11.21 -10.80
N LEU D 128 -55.87 -11.15 -12.11
CA LEU D 128 -54.88 -10.39 -12.82
C LEU D 128 -54.77 -8.95 -12.39
N ILE D 129 -55.87 -8.26 -12.14
CA ILE D 129 -55.78 -6.89 -11.71
C ILE D 129 -55.15 -6.71 -10.37
N TYR D 130 -55.40 -7.61 -9.47
CA TYR D 130 -54.68 -7.69 -8.22
C TYR D 130 -53.25 -8.11 -8.25
N SER D 131 -52.82 -8.69 -9.35
CA SER D 131 -51.46 -9.04 -9.57
C SER D 131 -50.75 -7.80 -9.97
N LYS D 132 -51.43 -6.94 -10.67
CA LYS D 132 -50.86 -5.75 -11.22
C LYS D 132 -50.76 -4.65 -10.23
N LEU D 133 -51.63 -4.70 -9.26
CA LEU D 133 -51.83 -3.66 -8.27
C LEU D 133 -51.21 -4.00 -6.95
N MET D 134 -51.33 -5.25 -6.55
CA MET D 134 -50.93 -5.65 -5.21
C MET D 134 -49.72 -6.55 -5.21
N GLU D 135 -49.14 -6.80 -6.38
CA GLU D 135 -48.00 -7.64 -6.40
C GLU D 135 -47.00 -6.95 -7.19
N VAL D 136 -47.35 -6.39 -8.31
CA VAL D 136 -46.36 -5.67 -9.08
C VAL D 136 -46.23 -4.29 -8.55
N GLY D 137 -47.34 -3.72 -8.12
CA GLY D 137 -47.39 -2.34 -7.78
C GLY D 137 -47.17 -1.98 -6.36
N ALA D 138 -47.43 -2.89 -5.45
CA ALA D 138 -47.16 -2.67 -4.06
C ALA D 138 -45.75 -3.03 -3.83
N SER D 139 -45.23 -3.93 -4.64
CA SER D 139 -43.84 -4.33 -4.61
C SER D 139 -42.91 -3.28 -5.04
N ALA D 140 -43.30 -2.51 -6.00
CA ALA D 140 -42.53 -1.38 -6.41
C ALA D 140 -42.51 -0.30 -5.39
N GLN D 141 -43.56 -0.17 -4.61
CA GLN D 141 -43.76 0.80 -3.58
C GLN D 141 -42.95 0.52 -2.36
N TRP D 142 -42.78 -0.74 -2.06
CA TRP D 142 -42.00 -1.26 -0.97
C TRP D 142 -40.54 -1.10 -1.24
N LEU D 143 -40.12 -1.20 -2.48
CA LEU D 143 -38.75 -1.05 -2.87
C LEU D 143 -38.44 0.38 -2.61
N ARG D 144 -39.15 1.27 -3.23
CA ARG D 144 -38.90 2.68 -3.14
C ARG D 144 -38.76 3.03 -1.73
N TYR D 145 -39.75 2.79 -0.91
CA TYR D 145 -39.65 3.02 0.51
C TYR D 145 -38.51 2.54 1.32
N MET D 146 -37.98 1.41 0.96
CA MET D 146 -36.94 0.83 1.74
C MET D 146 -35.66 1.27 1.19
N ALA D 147 -35.67 1.67 -0.06
CA ALA D 147 -34.51 2.20 -0.76
C ALA D 147 -34.10 3.49 -0.17
N GLY D 148 -35.02 4.27 0.27
CA GLY D 148 -34.79 5.45 1.06
C GLY D 148 -34.36 5.35 2.48
N TRP D 149 -34.21 4.15 2.96
CA TRP D 149 -33.73 3.91 4.28
C TRP D 149 -32.30 3.43 4.18
N ALA D 150 -31.80 3.27 2.98
CA ALA D 150 -30.45 2.86 2.70
C ALA D 150 -29.47 3.94 2.99
N THR D 151 -30.07 5.09 3.07
CA THR D 151 -29.42 6.36 3.00
C THR D 151 -29.46 7.09 4.37
N LYS D 152 -30.19 6.52 5.29
CA LYS D 152 -30.60 7.13 6.52
C LYS D 152 -30.44 6.25 7.74
N LEU D 153 -29.51 5.32 7.70
CA LEU D 153 -29.22 4.35 8.74
C LEU D 153 -28.19 4.86 9.70
N THR D 154 -28.61 5.15 10.92
CA THR D 154 -27.79 5.85 11.88
C THR D 154 -27.57 5.18 13.23
N GLY D 155 -26.43 5.42 13.82
CA GLY D 155 -26.19 5.08 15.19
C GLY D 155 -26.26 6.31 16.05
N SER D 156 -25.64 6.32 17.19
CA SER D 156 -25.75 7.38 18.12
C SER D 156 -24.39 7.79 18.55
N THR D 157 -24.33 8.88 19.26
CA THR D 157 -23.14 9.56 19.66
C THR D 157 -23.49 9.82 21.11
N LEU D 158 -22.68 9.42 22.07
CA LEU D 158 -23.12 9.32 23.44
C LEU D 158 -22.28 9.99 24.52
N ASP D 159 -22.92 10.32 25.64
CA ASP D 159 -22.22 10.92 26.77
C ASP D 159 -21.65 9.75 27.56
N LEU D 160 -20.97 10.01 28.66
CA LEU D 160 -20.43 8.89 29.41
C LEU D 160 -19.94 9.25 30.80
N SER D 161 -20.48 8.58 31.81
CA SER D 161 -19.94 8.73 33.16
C SER D 161 -19.09 7.49 33.41
N LEU D 162 -17.76 7.63 33.30
CA LEU D 162 -16.81 6.49 33.22
C LEU D 162 -16.25 5.82 34.51
N PRO D 163 -15.34 6.50 35.20
CA PRO D 163 -14.83 7.81 34.79
C PRO D 163 -13.31 7.81 34.82
N LEU D 164 -12.70 7.81 33.64
CA LEU D 164 -11.29 7.72 33.47
C LEU D 164 -10.66 8.74 34.29
N PRO D 165 -9.34 8.70 34.36
CA PRO D 165 -8.59 9.68 35.10
C PRO D 165 -9.00 11.05 34.66
N PRO D 166 -8.50 12.06 35.34
CA PRO D 166 -8.69 13.43 34.94
C PRO D 166 -7.55 13.72 34.00
N GLU D 167 -7.80 14.66 33.10
CA GLU D 167 -6.97 14.84 31.93
C GLU D 167 -7.31 13.94 30.73
N VAL D 168 -8.18 12.94 30.93
CA VAL D 168 -8.51 12.07 29.85
C VAL D 168 -10.01 12.20 29.62
N ARG D 169 -10.32 12.52 28.39
CA ARG D 169 -11.61 12.76 27.85
C ARG D 169 -11.91 11.55 26.94
N SER D 170 -13.16 11.30 26.63
CA SER D 170 -13.51 10.16 25.81
C SER D 170 -14.68 10.51 24.91
N ARG D 171 -14.79 9.82 23.77
CA ARG D 171 -15.93 9.96 22.86
C ARG D 171 -16.45 8.58 22.48
N ALA D 172 -17.76 8.36 22.64
CA ALA D 172 -18.39 7.03 22.47
C ALA D 172 -19.61 6.98 21.54
N SER D 173 -19.58 6.05 20.59
CA SER D 173 -20.64 5.95 19.61
C SER D 173 -21.07 4.50 19.34
N THR D 174 -22.22 4.33 18.69
CA THR D 174 -22.59 3.06 18.14
C THR D 174 -22.68 3.22 16.65
N GLN D 175 -22.47 2.13 15.92
CA GLN D 175 -22.44 2.17 14.49
C GLN D 175 -23.33 1.09 13.94
N ARG D 176 -24.39 1.49 13.27
CA ARG D 176 -25.28 0.57 12.61
C ARG D 176 -24.57 -0.17 11.47
N VAL D 177 -24.65 -1.51 11.48
CA VAL D 177 -23.92 -2.40 10.56
C VAL D 177 -24.91 -3.49 10.05
N PRO D 178 -24.57 -4.24 8.98
CA PRO D 178 -25.55 -5.26 8.55
C PRO D 178 -25.42 -6.54 9.35
N VAL D 179 -26.47 -7.37 9.35
CA VAL D 179 -26.57 -8.61 10.14
C VAL D 179 -25.75 -9.76 9.49
N GLY D 180 -25.74 -9.83 8.15
CA GLY D 180 -24.92 -10.79 7.44
C GLY D 180 -25.70 -11.40 6.28
N VAL D 181 -25.57 -12.72 6.11
CA VAL D 181 -26.30 -13.46 5.10
C VAL D 181 -27.73 -13.79 5.59
N VAL D 182 -28.71 -13.47 4.75
CA VAL D 182 -30.10 -13.63 5.13
C VAL D 182 -30.72 -14.82 4.43
N ALA D 183 -31.20 -15.77 5.24
CA ALA D 183 -32.03 -16.89 4.76
C ALA D 183 -33.51 -16.49 4.65
N ALA D 184 -34.02 -16.29 3.44
CA ALA D 184 -35.42 -15.81 3.31
C ALA D 184 -36.37 -16.87 2.78
N ILE D 185 -37.30 -17.30 3.62
CA ILE D 185 -38.30 -18.27 3.15
C ILE D 185 -39.70 -17.67 2.98
N ILE D 186 -40.22 -17.76 1.76
CA ILE D 186 -41.44 -17.02 1.40
C ILE D 186 -42.63 -17.94 1.22
N PRO D 187 -43.80 -17.48 1.70
CA PRO D 187 -45.11 -18.18 1.55
C PRO D 187 -45.74 -18.01 0.16
N TRP D 188 -46.72 -18.84 -0.17
CA TRP D 188 -47.24 -18.92 -1.54
C TRP D 188 -48.44 -18.04 -1.86
N ASN D 189 -48.90 -17.22 -0.95
CA ASN D 189 -50.09 -16.44 -1.20
C ASN D 189 -49.86 -15.16 -1.94
N PHE D 190 -48.65 -14.65 -1.87
CA PHE D 190 -48.29 -13.41 -2.54
C PHE D 190 -46.83 -13.39 -3.01
N PRO D 191 -46.50 -14.31 -3.86
CA PRO D 191 -45.14 -14.62 -4.19
C PRO D 191 -44.18 -13.51 -4.50
N LEU D 192 -44.49 -12.59 -5.40
CA LEU D 192 -43.69 -11.41 -5.67
C LEU D 192 -43.52 -10.47 -4.46
N LEU D 193 -44.66 -10.04 -3.89
CA LEU D 193 -44.65 -9.16 -2.76
C LEU D 193 -43.95 -9.68 -1.50
N MET D 194 -44.25 -10.89 -1.09
CA MET D 194 -43.75 -11.46 0.17
C MET D 194 -42.22 -11.59 0.15
N ALA D 195 -41.70 -11.93 -1.04
CA ALA D 195 -40.28 -11.81 -1.41
C ALA D 195 -39.66 -10.41 -1.36
N VAL D 196 -40.32 -9.43 -1.98
CA VAL D 196 -39.90 -8.04 -1.84
C VAL D 196 -39.84 -7.80 -0.31
N TRP D 197 -40.91 -8.03 0.43
CA TRP D 197 -40.97 -7.76 1.87
C TRP D 197 -39.76 -8.07 2.71
N LYS D 198 -39.04 -9.11 2.29
CA LYS D 198 -37.75 -9.49 2.85
C LYS D 198 -36.55 -8.92 2.09
N ILE D 199 -36.42 -9.21 0.79
CA ILE D 199 -35.19 -8.78 0.09
C ILE D 199 -35.03 -7.23 0.10
N ALA D 200 -36.14 -6.52 -0.07
CA ALA D 200 -36.09 -5.06 -0.12
C ALA D 200 -35.43 -4.49 1.11
N PRO D 201 -35.84 -4.88 2.31
CA PRO D 201 -35.24 -4.41 3.53
C PRO D 201 -33.94 -5.00 3.87
N ALA D 202 -33.57 -6.13 3.32
CA ALA D 202 -32.28 -6.72 3.67
C ALA D 202 -31.24 -6.04 2.83
N LEU D 203 -31.46 -5.97 1.53
CA LEU D 203 -30.58 -5.22 0.65
C LEU D 203 -30.39 -3.73 1.00
N ALA D 204 -31.41 -3.02 1.38
CA ALA D 204 -31.27 -1.67 1.89
C ALA D 204 -30.21 -1.65 2.92
N CYS D 205 -30.27 -2.56 3.87
CA CYS D 205 -29.32 -2.60 4.98
C CYS D 205 -27.85 -2.92 4.64
N GLY D 206 -27.60 -3.58 3.52
CA GLY D 206 -26.23 -4.04 3.23
C GLY D 206 -26.10 -5.53 3.53
N ASN D 207 -27.23 -6.18 3.78
CA ASN D 207 -27.21 -7.62 3.96
C ASN D 207 -27.28 -8.14 2.55
N THR D 208 -26.73 -9.34 2.36
CA THR D 208 -27.01 -10.17 1.20
C THR D 208 -28.06 -11.24 1.59
N VAL D 209 -28.71 -11.85 0.60
CA VAL D 209 -29.79 -12.80 0.90
C VAL D 209 -29.77 -14.08 0.08
N VAL D 210 -30.21 -15.16 0.71
CA VAL D 210 -30.49 -16.37 -0.03
C VAL D 210 -31.99 -16.61 0.14
N LEU D 211 -32.69 -16.59 -0.97
CA LEU D 211 -34.14 -16.61 -0.94
C LEU D 211 -34.67 -17.95 -1.42
N LYS D 212 -35.52 -18.57 -0.59
CA LYS D 212 -36.24 -19.76 -1.05
C LYS D 212 -37.74 -19.51 -1.21
N PRO D 213 -38.23 -19.49 -2.46
CA PRO D 213 -39.69 -19.41 -2.58
C PRO D 213 -40.39 -20.77 -2.34
N ALA D 214 -41.68 -20.69 -2.03
CA ALA D 214 -42.52 -21.86 -1.80
C ALA D 214 -42.35 -22.72 -3.01
N GLU D 215 -42.81 -23.96 -2.93
CA GLU D 215 -42.50 -24.91 -3.97
C GLU D 215 -43.71 -24.88 -4.89
N GLU D 216 -44.82 -24.34 -4.39
CA GLU D 216 -46.03 -24.21 -5.20
C GLU D 216 -45.96 -22.96 -6.09
N THR D 217 -45.02 -22.08 -5.79
CA THR D 217 -44.82 -20.84 -6.54
C THR D 217 -43.40 -20.27 -6.63
N PRO D 218 -42.55 -20.68 -7.56
CA PRO D 218 -41.22 -20.11 -7.63
C PRO D 218 -40.91 -19.08 -8.68
N LEU D 219 -41.70 -18.98 -9.71
CA LEU D 219 -41.43 -18.20 -10.94
C LEU D 219 -41.24 -16.67 -10.78
N THR D 220 -42.04 -16.01 -9.98
CA THR D 220 -41.90 -14.57 -9.84
C THR D 220 -40.71 -14.14 -9.05
N ALA D 221 -40.21 -14.97 -8.18
CA ALA D 221 -38.96 -14.63 -7.52
C ALA D 221 -37.76 -14.89 -8.43
N LEU D 222 -37.94 -15.77 -9.42
CA LEU D 222 -36.86 -16.00 -10.36
C LEU D 222 -36.66 -14.83 -11.29
N ARG D 223 -37.76 -14.24 -11.69
CA ARG D 223 -37.78 -13.04 -12.47
C ARG D 223 -37.28 -11.88 -11.66
N LEU D 224 -37.60 -11.84 -10.41
CA LEU D 224 -37.22 -10.81 -9.45
C LEU D 224 -35.69 -10.78 -9.45
N ALA D 225 -35.11 -11.92 -9.14
CA ALA D 225 -33.67 -12.04 -9.17
C ALA D 225 -32.86 -11.60 -10.40
N GLU D 226 -33.36 -11.86 -11.58
CA GLU D 226 -32.75 -11.36 -12.76
C GLU D 226 -32.97 -9.92 -13.10
N LEU D 227 -34.06 -9.31 -12.65
CA LEU D 227 -34.29 -7.89 -12.73
C LEU D 227 -33.46 -7.19 -11.70
N ALA D 228 -33.13 -7.89 -10.62
CA ALA D 228 -32.28 -7.30 -9.58
C ALA D 228 -30.92 -7.00 -10.19
N MET D 229 -30.43 -7.93 -11.00
CA MET D 229 -29.13 -7.77 -11.64
C MET D 229 -29.13 -6.76 -12.81
N GLU D 230 -30.24 -6.64 -13.54
CA GLU D 230 -30.45 -5.60 -14.56
C GLU D 230 -30.39 -4.16 -13.92
N ALA D 231 -30.89 -4.04 -12.72
CA ALA D 231 -30.82 -2.85 -11.90
C ALA D 231 -29.49 -2.51 -11.28
N GLY D 232 -28.50 -3.39 -11.35
CA GLY D 232 -27.14 -3.10 -10.90
C GLY D 232 -26.71 -3.84 -9.64
N LEU D 233 -27.47 -4.81 -9.21
CA LEU D 233 -27.10 -5.61 -8.05
C LEU D 233 -26.00 -6.57 -8.40
N PRO D 234 -24.91 -6.55 -7.66
CA PRO D 234 -23.77 -7.41 -7.95
C PRO D 234 -24.10 -8.88 -7.81
N ALA D 235 -23.51 -9.72 -8.65
CA ALA D 235 -23.62 -11.19 -8.51
C ALA D 235 -23.38 -11.64 -7.07
N GLY D 236 -24.22 -12.58 -6.63
CA GLY D 236 -24.14 -13.17 -5.30
C GLY D 236 -24.98 -12.47 -4.24
N ALA D 237 -25.37 -11.22 -4.48
CA ALA D 237 -26.12 -10.44 -3.49
C ALA D 237 -27.54 -10.98 -3.25
N LEU D 238 -28.13 -11.63 -4.23
CA LEU D 238 -29.44 -12.21 -4.11
C LEU D 238 -29.37 -13.48 -4.87
N ASN D 239 -29.40 -14.59 -4.16
CA ASN D 239 -29.45 -15.88 -4.75
C ASN D 239 -30.79 -16.43 -4.49
N VAL D 240 -31.28 -17.23 -5.41
CA VAL D 240 -32.57 -17.87 -5.30
C VAL D 240 -32.38 -19.37 -5.44
N VAL D 241 -32.64 -20.11 -4.38
CA VAL D 241 -32.58 -21.55 -4.43
C VAL D 241 -33.99 -22.11 -4.49
N THR D 242 -34.25 -23.20 -5.18
CA THR D 242 -35.62 -23.70 -5.31
C THR D 242 -35.64 -25.12 -4.87
N GLY D 243 -36.81 -25.63 -4.57
CA GLY D 243 -36.95 -26.99 -4.04
C GLY D 243 -38.09 -27.25 -3.07
N ARG D 244 -38.37 -28.55 -2.89
CA ARG D 244 -39.28 -29.03 -1.85
C ARG D 244 -38.85 -28.44 -0.47
N GLY D 245 -39.83 -28.01 0.33
CA GLY D 245 -39.59 -27.32 1.61
C GLY D 245 -38.86 -28.17 2.63
N GLU D 246 -39.21 -29.46 2.67
CA GLU D 246 -38.63 -30.39 3.63
C GLU D 246 -37.12 -30.33 3.68
N THR D 247 -36.47 -30.35 2.52
CA THR D 247 -35.00 -30.39 2.47
C THR D 247 -34.23 -29.08 2.13
N ALA D 248 -34.59 -28.41 1.05
CA ALA D 248 -33.98 -27.11 0.73
C ALA D 248 -34.06 -26.19 1.94
N GLY D 249 -35.27 -25.96 2.44
CA GLY D 249 -35.50 -25.23 3.68
C GLY D 249 -34.56 -25.58 4.80
N ASP D 250 -34.53 -26.84 5.21
CA ASP D 250 -33.71 -27.26 6.35
C ASP D 250 -32.25 -26.88 6.17
N ALA D 251 -31.73 -27.18 5.00
CA ALA D 251 -30.35 -26.90 4.67
C ALA D 251 -30.08 -25.40 4.89
N LEU D 252 -31.00 -24.56 4.40
CA LEU D 252 -30.86 -23.11 4.54
C LEU D 252 -30.81 -22.65 5.96
N VAL D 253 -31.68 -23.22 6.78
CA VAL D 253 -31.81 -22.85 8.19
C VAL D 253 -30.59 -23.25 8.99
N ARG D 254 -30.12 -24.47 8.75
CA ARG D 254 -29.04 -25.05 9.53
C ARG D 254 -27.64 -24.74 8.96
N HIS D 255 -27.52 -23.67 8.18
CA HIS D 255 -26.22 -23.37 7.56
C HIS D 255 -25.48 -22.49 8.58
N PRO D 256 -24.28 -22.88 8.94
CA PRO D 256 -23.41 -22.10 9.79
C PRO D 256 -23.05 -20.72 9.38
N LYS D 257 -23.04 -20.45 8.09
CA LYS D 257 -22.94 -19.05 7.56
C LYS D 257 -24.18 -18.19 7.29
N VAL D 258 -25.37 -18.71 7.63
CA VAL D 258 -26.58 -17.91 7.63
C VAL D 258 -26.75 -17.17 8.96
N ALA D 259 -26.94 -15.85 8.88
CA ALA D 259 -26.90 -14.94 10.01
C ALA D 259 -28.28 -14.63 10.58
N LYS D 260 -29.29 -14.59 9.72
CA LYS D 260 -30.67 -14.40 10.15
C LYS D 260 -31.59 -15.31 9.37
N VAL D 261 -32.69 -15.75 9.98
CA VAL D 261 -33.73 -16.49 9.27
C VAL D 261 -35.09 -15.76 9.30
N ALA D 262 -35.56 -15.33 8.14
CA ALA D 262 -36.84 -14.70 7.98
C ALA D 262 -37.81 -15.66 7.36
N PHE D 263 -38.66 -16.24 8.16
CA PHE D 263 -39.66 -17.21 7.71
C PHE D 263 -41.05 -16.63 7.89
N THR D 264 -41.94 -17.08 7.02
CA THR D 264 -43.39 -16.90 7.15
C THR D 264 -44.03 -18.16 6.62
N GLY D 265 -44.97 -18.73 7.37
CA GLY D 265 -45.74 -19.89 6.90
C GLY D 265 -46.56 -20.52 7.99
N SER D 266 -46.59 -21.85 7.99
CA SER D 266 -47.20 -22.66 9.06
C SER D 266 -46.57 -22.27 10.39
N THR D 267 -47.41 -21.97 11.38
CA THR D 267 -46.89 -21.67 12.70
C THR D 267 -46.11 -22.84 13.33
N GLU D 268 -46.46 -24.07 12.96
CA GLU D 268 -45.76 -25.25 13.42
C GLU D 268 -44.31 -25.23 12.95
N VAL D 269 -44.12 -25.32 11.63
CA VAL D 269 -42.76 -25.27 11.06
C VAL D 269 -41.90 -24.14 11.64
N GLY D 270 -42.56 -23.06 12.07
CA GLY D 270 -41.91 -21.91 12.71
C GLY D 270 -41.27 -22.29 14.02
N ARG D 271 -41.90 -23.19 14.75
CA ARG D 271 -41.31 -23.77 15.96
C ARG D 271 -40.01 -24.49 15.62
N ILE D 272 -40.03 -25.31 14.56
CA ILE D 272 -38.86 -26.07 14.13
C ILE D 272 -37.70 -25.11 13.87
N ILE D 273 -37.99 -24.04 13.11
CA ILE D 273 -37.02 -22.98 12.79
C ILE D 273 -36.50 -22.30 14.09
N GLY D 274 -37.43 -21.92 14.98
CA GLY D 274 -37.12 -21.35 16.29
C GLY D 274 -36.05 -22.16 16.98
N SER D 275 -36.39 -23.40 17.39
CA SER D 275 -35.47 -24.32 18.05
C SER D 275 -34.09 -24.26 17.40
N ALA D 276 -34.05 -24.61 16.11
CA ALA D 276 -32.81 -24.61 15.32
C ALA D 276 -32.01 -23.28 15.36
N CYS D 277 -32.71 -22.17 15.27
CA CYS D 277 -32.09 -20.86 15.19
C CYS D 277 -31.50 -20.45 16.54
N GLY D 278 -32.18 -20.84 17.61
CA GLY D 278 -31.73 -20.53 18.94
C GLY D 278 -30.56 -21.26 19.52
N ARG D 279 -30.37 -22.50 19.12
CA ARG D 279 -29.20 -23.25 19.42
C ARG D 279 -28.13 -22.89 18.49
N SER D 280 -28.50 -22.47 17.31
CA SER D 280 -27.51 -21.75 16.48
C SER D 280 -27.06 -20.30 16.81
N LEU D 281 -27.74 -19.66 17.77
CA LEU D 281 -27.45 -18.26 18.11
C LEU D 281 -27.64 -17.31 16.92
N LYS D 282 -28.66 -17.58 16.11
CA LYS D 282 -28.95 -16.69 15.00
C LYS D 282 -30.27 -15.97 15.18
N ALA D 283 -30.33 -14.77 14.62
CA ALA D 283 -31.49 -13.92 14.67
C ALA D 283 -32.59 -14.60 13.85
N VAL D 284 -33.84 -14.37 14.24
CA VAL D 284 -34.94 -15.06 13.58
C VAL D 284 -36.13 -14.15 13.41
N SER D 285 -36.69 -14.12 12.22
CA SER D 285 -37.91 -13.43 11.94
C SER D 285 -38.93 -14.44 11.60
N LEU D 286 -40.04 -14.37 12.26
CA LEU D 286 -41.10 -15.37 12.13
C LEU D 286 -42.47 -14.73 12.08
N GLU D 287 -43.11 -14.81 10.91
CA GLU D 287 -44.53 -14.46 10.78
C GLU D 287 -45.50 -15.63 10.56
N LEU D 288 -46.02 -16.17 11.66
CA LEU D 288 -46.83 -17.38 11.62
C LEU D 288 -48.33 -17.12 11.61
N GLY D 289 -49.14 -18.09 12.02
CA GLY D 289 -50.57 -17.99 11.85
C GLY D 289 -51.50 -16.97 12.47
N GLY D 290 -52.69 -16.81 11.92
CA GLY D 290 -53.67 -15.91 12.56
C GLY D 290 -55.13 -16.38 12.55
N LYS D 291 -55.89 -15.92 13.54
CA LYS D 291 -57.34 -16.08 13.52
C LYS D 291 -58.00 -14.77 13.81
N SER D 292 -57.77 -13.80 12.93
CA SER D 292 -58.20 -12.43 13.18
C SER D 292 -59.71 -12.34 13.43
N PRO D 293 -60.09 -11.73 14.57
CA PRO D 293 -61.52 -11.50 14.80
C PRO D 293 -61.94 -10.16 14.23
N VAL D 294 -63.21 -10.04 13.88
CA VAL D 294 -63.75 -8.75 13.48
C VAL D 294 -65.06 -8.46 14.21
N ILE D 295 -65.15 -7.25 14.78
CA ILE D 295 -66.15 -6.95 15.80
C ILE D 295 -67.04 -5.77 15.38
N VAL D 296 -68.33 -6.07 15.23
CA VAL D 296 -69.34 -5.07 14.85
C VAL D 296 -70.19 -4.63 16.06
N LEU D 297 -69.99 -3.40 16.51
CA LEU D 297 -70.72 -2.88 17.64
C LEU D 297 -72.12 -2.41 17.29
N ALA D 298 -72.96 -2.14 18.27
CA ALA D 298 -74.39 -1.88 18.08
C ALA D 298 -74.76 -0.76 17.07
N ASP D 299 -73.96 0.31 17.10
CA ASP D 299 -74.26 1.54 16.36
C ASP D 299 -73.79 1.51 14.91
N CYS D 300 -73.00 0.51 14.55
CA CYS D 300 -72.43 0.46 13.21
C CYS D 300 -73.50 0.06 12.21
N ASP D 301 -73.42 0.67 11.02
CA ASP D 301 -74.38 0.37 9.97
C ASP D 301 -74.19 -1.06 9.41
N PRO D 302 -75.29 -1.83 9.34
CA PRO D 302 -75.36 -3.18 8.81
C PRO D 302 -74.85 -3.37 7.37
N GLN D 303 -75.19 -2.51 6.45
CA GLN D 303 -74.60 -2.76 5.20
C GLN D 303 -73.13 -2.42 5.14
N GLU D 304 -72.67 -1.42 5.88
CA GLU D 304 -71.24 -1.16 5.96
C GLU D 304 -70.48 -2.31 6.65
N ALA D 305 -71.09 -2.89 7.69
CA ALA D 305 -70.46 -3.97 8.44
C ALA D 305 -70.29 -5.21 7.58
N ALA D 306 -71.35 -5.62 6.87
CA ALA D 306 -71.31 -6.81 6.04
C ALA D 306 -70.47 -6.68 4.77
N GLU D 307 -70.38 -5.46 4.26
CA GLU D 307 -69.44 -5.15 3.18
C GLU D 307 -68.03 -5.16 3.76
N GLY D 308 -67.93 -4.69 5.00
CA GLY D 308 -66.70 -4.72 5.80
C GLY D 308 -66.19 -6.12 6.04
N ALA D 309 -67.04 -7.01 6.55
CA ALA D 309 -66.64 -8.37 6.83
C ALA D 309 -66.23 -9.15 5.57
N ALA D 310 -67.02 -9.04 4.51
CA ALA D 310 -66.74 -9.72 3.22
C ALA D 310 -65.37 -9.34 2.69
N ALA D 311 -65.06 -8.05 2.72
CA ALA D 311 -63.73 -7.62 2.33
C ALA D 311 -62.65 -8.13 3.29
N ALA D 312 -62.99 -8.25 4.57
CA ALA D 312 -62.06 -8.75 5.58
C ALA D 312 -61.69 -10.21 5.41
N ILE D 313 -62.51 -10.99 4.71
CA ILE D 313 -62.24 -12.45 4.57
C ILE D 313 -62.29 -13.13 3.17
N PHE D 314 -62.85 -12.45 2.18
CA PHE D 314 -62.82 -12.91 0.80
C PHE D 314 -61.75 -12.23 -0.10
N PHE D 315 -60.99 -11.31 0.49
CA PHE D 315 -59.78 -10.73 -0.09
C PHE D 315 -58.64 -11.76 -0.19
N ASN D 316 -58.16 -12.02 -1.40
CA ASN D 316 -57.11 -13.02 -1.59
C ASN D 316 -57.60 -14.44 -1.32
N HIS D 317 -58.88 -14.65 -1.60
CA HIS D 317 -59.58 -15.88 -1.41
C HIS D 317 -59.46 -16.37 -0.03
N GLY D 318 -59.24 -15.47 0.91
CA GLY D 318 -59.06 -15.73 2.34
C GLY D 318 -57.70 -16.22 2.72
N GLN D 319 -56.78 -16.14 1.78
CA GLN D 319 -55.45 -16.70 1.85
C GLN D 319 -54.64 -15.57 2.32
N VAL D 320 -54.75 -15.30 3.59
CA VAL D 320 -54.07 -14.14 4.13
C VAL D 320 -53.95 -14.41 5.62
N CYS D 321 -52.75 -14.21 6.17
CA CYS D 321 -52.53 -14.43 7.60
C CYS D 321 -53.58 -13.69 8.41
N THR D 322 -53.72 -12.40 8.13
CA THR D 322 -54.69 -11.55 8.79
C THR D 322 -56.16 -11.54 8.42
N ALA D 323 -56.66 -12.55 7.74
CA ALA D 323 -57.99 -12.54 7.22
C ALA D 323 -58.90 -12.76 8.34
N GLY D 324 -60.06 -12.14 8.33
CA GLY D 324 -60.91 -12.01 9.47
C GLY D 324 -61.91 -13.08 9.35
N SER D 325 -61.63 -14.15 10.04
CA SER D 325 -62.22 -15.40 9.82
C SER D 325 -63.14 -15.64 10.91
N ARG D 326 -63.02 -14.85 11.95
CA ARG D 326 -64.05 -14.85 13.00
C ARG D 326 -64.88 -13.57 12.97
N LEU D 327 -66.17 -13.66 12.69
CA LEU D 327 -67.05 -12.49 12.75
C LEU D 327 -67.90 -12.48 14.01
N TYR D 328 -67.86 -11.38 14.73
CA TYR D 328 -68.61 -11.15 15.94
C TYR D 328 -69.46 -9.93 15.75
N VAL D 329 -70.76 -10.10 15.76
CA VAL D 329 -71.71 -9.04 15.56
C VAL D 329 -72.63 -8.94 16.75
N HIS D 330 -73.07 -7.76 17.13
CA HIS D 330 -73.85 -7.58 18.32
C HIS D 330 -75.16 -8.27 18.11
N GLU D 331 -75.76 -8.77 19.16
CA GLU D 331 -77.10 -9.30 19.22
C GLU D 331 -78.17 -8.59 18.48
N SER D 332 -78.16 -7.26 18.57
CA SER D 332 -79.22 -6.43 17.99
C SER D 332 -79.28 -6.48 16.46
N ILE D 333 -78.13 -6.44 15.80
CA ILE D 333 -78.09 -6.34 14.37
C ILE D 333 -77.45 -7.55 13.75
N TYR D 334 -77.28 -8.61 14.51
CA TYR D 334 -76.65 -9.84 14.06
C TYR D 334 -77.25 -10.46 12.85
N GLU D 335 -78.54 -10.65 12.82
CA GLU D 335 -79.20 -11.24 11.71
C GLU D 335 -79.21 -10.32 10.55
N ASP D 336 -79.53 -9.06 10.78
CA ASP D 336 -79.46 -8.07 9.75
C ASP D 336 -78.18 -8.17 8.99
N VAL D 337 -77.05 -8.08 9.68
CA VAL D 337 -75.71 -8.29 9.15
C VAL D 337 -75.38 -9.55 8.41
N ILE D 338 -75.79 -10.70 8.90
CA ILE D 338 -75.45 -11.93 8.22
C ILE D 338 -76.33 -12.27 7.07
N GLN D 339 -77.50 -11.68 7.02
CA GLN D 339 -78.37 -11.73 5.87
C GLN D 339 -77.70 -11.08 4.74
N ARG D 340 -77.17 -9.89 4.95
CA ARG D 340 -76.68 -9.05 3.89
C ARG D 340 -75.49 -9.73 3.39
N LEU D 341 -74.62 -10.12 4.29
CA LEU D 341 -73.38 -10.84 4.02
C LEU D 341 -73.46 -12.08 3.16
N ALA D 342 -74.53 -12.84 3.27
CA ALA D 342 -74.73 -13.97 2.43
C ALA D 342 -75.20 -13.55 1.08
N VAL D 343 -75.76 -12.38 0.94
CA VAL D 343 -76.13 -11.88 -0.37
C VAL D 343 -74.81 -11.58 -1.06
N ILE D 344 -73.90 -10.96 -0.35
CA ILE D 344 -72.60 -10.62 -0.87
C ILE D 344 -71.74 -11.80 -1.29
N GLY D 345 -71.71 -12.86 -0.51
CA GLY D 345 -70.91 -14.01 -0.84
C GLY D 345 -71.54 -14.94 -1.82
N GLU D 346 -72.83 -14.84 -1.99
CA GLU D 346 -73.57 -15.70 -2.88
C GLU D 346 -73.29 -15.21 -4.26
N SER D 347 -73.22 -13.92 -4.38
CA SER D 347 -72.86 -13.22 -5.58
C SER D 347 -71.44 -13.10 -5.96
N ILE D 348 -70.52 -13.77 -5.32
CA ILE D 348 -69.14 -13.83 -5.77
C ILE D 348 -69.03 -14.89 -6.84
N VAL D 349 -68.45 -14.54 -7.97
CA VAL D 349 -68.21 -15.46 -9.06
C VAL D 349 -66.81 -15.94 -9.00
N VAL D 350 -66.63 -17.25 -8.94
CA VAL D 350 -65.36 -17.92 -8.85
C VAL D 350 -64.87 -18.40 -10.20
N GLY D 351 -63.64 -18.10 -10.57
CA GLY D 351 -63.16 -18.48 -11.87
C GLY D 351 -61.69 -18.28 -12.06
N SER D 352 -61.24 -18.41 -13.28
CA SER D 352 -59.86 -18.21 -13.64
C SER D 352 -59.45 -16.80 -13.40
N GLY D 353 -58.17 -16.55 -13.17
CA GLY D 353 -57.72 -15.22 -12.85
C GLY D 353 -57.55 -14.29 -14.00
N LEU D 354 -57.58 -14.86 -15.21
CA LEU D 354 -57.47 -14.06 -16.43
C LEU D 354 -58.79 -13.90 -17.17
N GLU D 355 -59.88 -14.35 -16.56
CA GLU D 355 -61.18 -14.23 -17.16
C GLU D 355 -61.87 -12.98 -16.64
N GLN D 356 -62.74 -12.42 -17.44
CA GLN D 356 -63.46 -11.24 -17.06
C GLN D 356 -64.79 -11.55 -16.40
N GLY D 357 -65.08 -10.89 -15.30
CA GLY D 357 -66.32 -11.10 -14.61
C GLY D 357 -66.18 -11.89 -13.35
N VAL D 358 -64.95 -12.21 -13.02
CA VAL D 358 -64.57 -13.10 -11.95
C VAL D 358 -64.10 -12.25 -10.78
N HIS D 359 -64.45 -12.65 -9.57
CA HIS D 359 -64.16 -11.91 -8.37
C HIS D 359 -63.19 -12.61 -7.47
N MET D 360 -63.24 -13.93 -7.46
CA MET D 360 -62.36 -14.77 -6.69
C MET D 360 -61.76 -15.82 -7.57
N GLY D 361 -60.58 -16.27 -7.26
CA GLY D 361 -59.92 -17.33 -7.98
C GLY D 361 -59.74 -18.54 -7.12
N PRO D 362 -58.70 -19.30 -7.38
CA PRO D 362 -58.53 -20.58 -6.73
C PRO D 362 -57.59 -20.63 -5.52
N MET D 363 -57.41 -21.82 -4.98
CA MET D 363 -56.43 -22.10 -3.99
C MET D 363 -55.22 -22.40 -4.78
N VAL D 364 -54.08 -22.40 -4.13
CA VAL D 364 -52.79 -22.37 -4.78
C VAL D 364 -52.34 -23.75 -5.11
N SER D 365 -52.75 -24.71 -4.31
CA SER D 365 -52.41 -26.09 -4.50
C SER D 365 -53.54 -26.98 -4.16
N LYS D 366 -53.42 -28.24 -4.51
CA LYS D 366 -54.44 -29.23 -4.31
C LYS D 366 -54.40 -29.82 -2.95
N LYS D 367 -53.32 -29.68 -2.23
CA LYS D 367 -53.27 -30.07 -0.86
C LYS D 367 -53.96 -29.07 0.01
N HIS D 368 -53.83 -27.79 -0.27
CA HIS D 368 -54.53 -26.75 0.45
C HIS D 368 -56.00 -26.70 0.15
N HIS D 369 -56.38 -26.99 -1.07
CA HIS D 369 -57.75 -27.14 -1.47
C HIS D 369 -58.45 -28.23 -0.69
N GLU D 370 -57.78 -29.33 -0.52
CA GLU D 370 -58.27 -30.45 0.24
C GLU D 370 -58.34 -30.25 1.72
N ASN D 371 -57.58 -29.33 2.23
CA ASN D 371 -57.52 -29.03 3.64
C ASN D 371 -58.55 -28.05 4.03
N VAL D 372 -58.88 -27.20 3.08
CA VAL D 372 -59.85 -26.16 3.21
C VAL D 372 -61.19 -26.75 3.12
N LEU D 373 -61.33 -27.81 2.35
CA LEU D 373 -62.58 -28.50 2.23
C LEU D 373 -62.89 -29.42 3.35
N ARG D 374 -61.89 -29.88 4.07
CA ARG D 374 -62.00 -30.69 5.25
C ARG D 374 -62.42 -29.92 6.44
N HIS D 375 -62.11 -28.65 6.45
CA HIS D 375 -62.50 -27.75 7.49
C HIS D 375 -63.88 -27.25 7.29
N ILE D 376 -64.29 -27.07 6.06
CA ILE D 376 -65.67 -26.74 5.75
C ILE D 376 -66.47 -27.90 6.27
N ARG D 377 -66.13 -29.09 5.86
CA ARG D 377 -66.78 -30.28 6.32
C ARG D 377 -66.82 -30.62 7.78
N ASN D 378 -65.77 -30.42 8.57
CA ASN D 378 -65.87 -30.55 10.03
C ASN D 378 -66.85 -29.53 10.59
N GLY D 379 -66.88 -28.33 10.05
CA GLY D 379 -67.84 -27.33 10.41
C GLY D 379 -69.30 -27.61 10.25
N ILE D 380 -69.70 -28.37 9.24
CA ILE D 380 -71.06 -28.83 9.07
C ILE D 380 -71.42 -29.90 10.08
N GLU D 381 -70.44 -30.72 10.44
CA GLU D 381 -70.66 -31.80 11.40
C GLU D 381 -70.67 -31.27 12.83
N ASP D 382 -69.99 -30.15 13.05
CA ASP D 382 -69.93 -29.55 14.35
C ASP D 382 -71.10 -28.67 14.61
N GLY D 383 -72.07 -28.72 13.74
CA GLY D 383 -73.31 -28.09 14.01
C GLY D 383 -73.52 -26.64 13.77
N ALA D 384 -72.74 -26.07 12.88
CA ALA D 384 -72.91 -24.71 12.51
C ALA D 384 -73.78 -24.63 11.30
N ASP D 385 -74.33 -23.45 11.07
CA ASP D 385 -75.33 -23.19 10.07
C ASP D 385 -74.71 -22.70 8.83
N LEU D 386 -74.80 -23.44 7.76
CA LEU D 386 -74.32 -22.99 6.50
C LEU D 386 -75.33 -22.08 5.89
N ILE D 387 -75.00 -20.81 5.81
CA ILE D 387 -75.87 -19.81 5.28
C ILE D 387 -75.40 -19.45 3.90
N CYS D 388 -74.18 -19.85 3.56
CA CYS D 388 -73.63 -19.48 2.26
C CYS D 388 -72.46 -20.38 1.94
N GLY D 389 -72.46 -20.92 0.73
CA GLY D 389 -71.36 -21.70 0.25
C GLY D 389 -71.46 -23.16 0.49
N GLY D 390 -70.33 -23.81 0.55
CA GLY D 390 -70.24 -25.19 0.90
C GLY D 390 -69.09 -25.91 0.27
N THR D 391 -69.32 -27.18 0.07
CA THR D 391 -68.31 -28.14 -0.26
C THR D 391 -68.30 -28.59 -1.72
N GLU D 392 -69.29 -28.15 -2.48
CA GLU D 392 -69.47 -28.44 -3.89
C GLU D 392 -68.59 -27.58 -4.70
N ALA D 393 -68.17 -28.08 -5.85
CA ALA D 393 -67.17 -27.47 -6.68
C ALA D 393 -67.79 -26.53 -7.63
N PRO D 394 -67.25 -25.35 -7.72
CA PRO D 394 -67.88 -24.30 -8.50
C PRO D 394 -67.52 -24.55 -9.93
N CYS D 395 -66.32 -25.07 -10.14
CA CYS D 395 -65.82 -25.27 -11.48
C CYS D 395 -65.57 -26.74 -11.76
N ALA D 396 -65.14 -27.00 -12.98
CA ALA D 396 -64.84 -28.33 -13.44
C ALA D 396 -63.40 -28.74 -13.27
N GLN D 397 -62.50 -27.79 -13.45
CA GLN D 397 -61.10 -28.02 -13.28
C GLN D 397 -60.60 -27.05 -12.25
N GLY D 398 -59.61 -27.42 -11.47
CA GLY D 398 -58.96 -26.49 -10.59
C GLY D 398 -59.21 -26.61 -9.13
N PHE D 399 -58.50 -25.83 -8.36
CA PHE D 399 -58.58 -25.91 -6.93
C PHE D 399 -59.50 -24.85 -6.40
N PHE D 400 -60.74 -24.91 -6.79
CA PHE D 400 -61.73 -23.91 -6.46
C PHE D 400 -62.60 -24.28 -5.27
N VAL D 401 -62.88 -23.30 -4.45
CA VAL D 401 -63.74 -23.41 -3.30
C VAL D 401 -64.75 -22.29 -3.41
N LYS D 402 -65.97 -22.54 -2.96
CA LYS D 402 -66.99 -21.55 -2.91
C LYS D 402 -66.77 -20.81 -1.64
N PRO D 403 -67.01 -19.50 -1.61
CA PRO D 403 -66.97 -18.74 -0.38
C PRO D 403 -68.02 -19.16 0.61
N THR D 404 -67.65 -19.57 1.81
CA THR D 404 -68.52 -20.22 2.74
C THR D 404 -68.67 -19.42 4.01
N ILE D 405 -69.89 -19.24 4.47
CA ILE D 405 -70.16 -18.64 5.76
C ILE D 405 -70.92 -19.56 6.72
N PHE D 406 -70.43 -19.72 7.93
CA PHE D 406 -71.07 -20.51 8.95
C PHE D 406 -71.56 -19.59 10.01
N ALA D 407 -72.79 -19.74 10.41
CA ALA D 407 -73.37 -18.98 11.48
C ALA D 407 -73.27 -19.70 12.79
N ASN D 408 -72.54 -19.19 13.74
CA ASN D 408 -72.49 -19.85 14.98
C ASN D 408 -73.45 -19.36 16.02
N ARG D 409 -74.71 -19.24 15.69
CA ARG D 409 -75.67 -18.95 16.73
C ARG D 409 -75.51 -20.06 17.70
N GLU D 410 -75.92 -19.87 18.93
CA GLU D 410 -75.69 -20.89 19.93
C GLU D 410 -74.35 -20.95 20.58
N LYS D 411 -73.49 -20.09 20.13
CA LYS D 411 -72.15 -20.01 20.65
C LYS D 411 -71.45 -21.23 21.16
N LYS D 412 -71.30 -22.21 20.29
CA LYS D 412 -70.65 -23.46 20.57
C LYS D 412 -69.20 -23.29 20.19
N ASP D 413 -68.28 -23.82 20.98
CA ASP D 413 -66.90 -23.78 20.59
C ASP D 413 -66.87 -24.88 19.62
N ILE D 414 -67.12 -24.58 18.35
CA ILE D 414 -67.16 -25.58 17.31
C ILE D 414 -65.73 -25.83 16.88
N ARG D 415 -64.88 -24.84 17.13
CA ARG D 415 -63.45 -25.01 16.88
C ARG D 415 -63.12 -24.90 15.38
N LEU D 416 -63.95 -24.18 14.64
CA LEU D 416 -63.64 -23.81 13.27
C LEU D 416 -63.01 -22.48 13.55
N LEU D 417 -63.28 -22.00 14.76
CA LEU D 417 -62.66 -20.80 15.26
C LEU D 417 -61.26 -21.07 15.82
N SER D 418 -60.86 -22.33 15.98
CA SER D 418 -59.54 -22.55 16.51
C SER D 418 -58.57 -22.97 15.46
N GLN D 419 -59.09 -23.13 14.28
CA GLN D 419 -58.31 -23.63 13.20
C GLN D 419 -58.16 -22.63 12.10
N GLU D 420 -56.95 -22.18 11.84
CA GLU D 420 -56.67 -21.40 10.66
C GLU D 420 -56.92 -22.20 9.41
N VAL D 421 -57.77 -21.66 8.55
CA VAL D 421 -58.17 -22.27 7.32
C VAL D 421 -57.31 -21.75 6.19
N PHE D 422 -57.22 -20.45 6.04
CA PHE D 422 -56.49 -19.86 4.96
C PHE D 422 -57.28 -20.07 3.70
N GLY D 423 -58.57 -19.98 3.80
CA GLY D 423 -59.40 -20.09 2.65
C GLY D 423 -60.57 -19.26 2.99
N PRO D 424 -61.50 -19.16 2.07
CA PRO D 424 -62.67 -18.31 2.20
C PRO D 424 -63.73 -18.84 3.11
N VAL D 425 -63.49 -18.97 4.39
CA VAL D 425 -64.44 -19.56 5.29
C VAL D 425 -64.61 -18.67 6.49
N LEU D 426 -65.84 -18.28 6.79
CA LEU D 426 -66.13 -17.43 7.92
C LEU D 426 -67.06 -18.06 8.90
N VAL D 427 -66.81 -17.93 10.18
CA VAL D 427 -67.74 -18.23 11.23
C VAL D 427 -68.23 -16.94 11.85
N ALA D 428 -69.53 -16.76 11.95
CA ALA D 428 -70.12 -15.56 12.46
C ALA D 428 -70.91 -15.79 13.71
N THR D 429 -70.42 -15.32 14.83
CA THR D 429 -71.01 -15.51 16.14
C THR D 429 -71.56 -14.24 16.72
N PRO D 430 -72.58 -14.28 17.58
CA PRO D 430 -73.09 -13.07 18.21
C PRO D 430 -72.60 -12.79 19.61
N PHE D 431 -72.91 -11.62 20.12
CA PHE D 431 -72.48 -11.22 21.43
C PHE D 431 -73.25 -10.12 22.11
N SER D 432 -73.42 -10.23 23.41
CA SER D 432 -74.18 -9.26 24.16
C SER D 432 -73.46 -8.07 24.81
N ASP D 433 -72.46 -8.31 25.62
CA ASP D 433 -71.62 -7.23 26.09
C ASP D 433 -70.21 -7.28 25.60
N ILE D 434 -69.58 -6.12 25.62
CA ILE D 434 -68.35 -5.83 24.95
C ILE D 434 -67.21 -6.51 25.60
N ALA D 435 -67.30 -6.70 26.89
CA ALA D 435 -66.46 -7.58 27.63
C ALA D 435 -66.40 -9.00 27.31
N GLU D 436 -67.48 -9.53 26.77
CA GLU D 436 -67.55 -10.88 26.31
C GLU D 436 -66.90 -11.05 24.96
N VAL D 437 -66.96 -10.05 24.10
CA VAL D 437 -66.46 -10.19 22.77
C VAL D 437 -64.98 -10.08 22.79
N VAL D 438 -64.48 -9.33 23.74
CA VAL D 438 -63.09 -9.05 23.93
C VAL D 438 -62.50 -10.30 24.44
N ASN D 439 -63.14 -10.93 25.37
CA ASN D 439 -62.71 -12.21 25.85
C ASN D 439 -62.63 -13.30 24.83
N GLU D 440 -63.54 -13.29 23.88
CA GLU D 440 -63.60 -14.24 22.81
C GLU D 440 -62.58 -14.00 21.74
N ALA D 441 -62.24 -12.75 21.53
CA ALA D 441 -61.23 -12.39 20.62
C ALA D 441 -59.88 -12.81 21.07
N ASN D 442 -59.67 -12.71 22.36
CA ASN D 442 -58.50 -13.21 23.03
C ASN D 442 -58.57 -14.56 23.67
N ARG D 443 -59.46 -15.38 23.18
CA ARG D 443 -59.47 -16.81 23.39
C ARG D 443 -59.01 -17.39 22.11
N SER D 444 -57.78 -17.08 21.76
CA SER D 444 -57.15 -17.61 20.59
C SER D 444 -55.75 -17.78 20.98
N VAL D 445 -55.05 -18.61 20.25
CA VAL D 445 -53.68 -18.97 20.47
C VAL D 445 -52.78 -18.09 19.64
N TYR D 446 -53.43 -17.38 18.71
CA TYR D 446 -52.81 -16.32 17.90
C TYR D 446 -53.55 -14.98 18.02
N GLY D 447 -52.75 -13.91 18.04
CA GLY D 447 -53.16 -12.51 18.09
C GLY D 447 -52.49 -11.50 17.16
N LEU D 448 -52.45 -11.84 15.86
CA LEU D 448 -52.02 -11.05 14.73
C LEU D 448 -52.70 -9.76 14.27
N GLY D 449 -54.02 -9.75 14.20
CA GLY D 449 -54.79 -8.59 13.79
C GLY D 449 -56.20 -8.59 14.34
N ALA D 450 -56.96 -7.54 14.09
CA ALA D 450 -58.32 -7.44 14.57
C ALA D 450 -58.98 -6.20 14.03
N SER D 451 -60.30 -6.18 13.96
CA SER D 451 -61.06 -5.01 13.53
C SER D 451 -62.15 -4.67 14.52
N ILE D 452 -62.43 -3.38 14.71
CA ILE D 452 -63.56 -2.89 15.46
C ILE D 452 -64.26 -2.00 14.49
N TRP D 453 -65.59 -2.06 14.48
CA TRP D 453 -66.43 -1.32 13.55
C TRP D 453 -67.44 -0.54 14.39
N THR D 454 -67.35 0.76 14.36
CA THR D 454 -68.08 1.48 15.29
C THR D 454 -67.75 2.88 15.01
N ASN D 455 -68.48 3.76 15.63
CA ASN D 455 -68.20 5.13 15.57
C ASN D 455 -68.27 5.67 16.95
N ASP D 456 -67.88 4.84 17.88
CA ASP D 456 -67.84 5.15 19.27
C ASP D 456 -66.40 5.25 19.58
N LEU D 457 -65.96 6.42 20.02
CA LEU D 457 -64.55 6.65 20.34
C LEU D 457 -64.08 5.91 21.60
N SER D 458 -64.90 5.94 22.65
CA SER D 458 -64.52 5.37 23.92
C SER D 458 -64.33 3.91 23.67
N ALA D 459 -65.34 3.24 23.13
CA ALA D 459 -65.38 1.81 22.95
C ALA D 459 -64.28 1.43 22.03
N ALA D 460 -64.24 1.93 20.82
CA ALA D 460 -63.15 1.63 19.93
C ALA D 460 -61.77 1.68 20.49
N LEU D 461 -61.45 2.63 21.32
CA LEU D 461 -60.10 2.82 21.80
C LEU D 461 -59.66 1.80 22.83
N ARG D 462 -60.62 1.70 23.73
CA ARG D 462 -60.77 0.69 24.74
C ARG D 462 -60.86 -0.70 24.17
N ILE D 463 -61.40 -0.91 22.97
CA ILE D 463 -61.53 -2.30 22.70
C ILE D 463 -60.11 -2.62 22.44
N ASN D 464 -59.44 -1.63 21.89
CA ASN D 464 -58.08 -1.72 21.42
C ASN D 464 -57.09 -1.77 22.52
N ASP D 465 -57.29 -1.06 23.55
CA ASP D 465 -56.74 -1.30 24.87
C ASP D 465 -56.67 -2.73 25.38
N GLU D 466 -57.72 -3.50 25.17
CA GLU D 466 -57.86 -4.84 25.80
C GLU D 466 -57.61 -6.04 24.88
N LEU D 467 -57.53 -5.79 23.59
CA LEU D 467 -57.27 -6.81 22.60
C LEU D 467 -55.85 -7.21 22.69
N GLU D 468 -55.55 -8.46 22.45
CA GLU D 468 -54.22 -8.99 22.48
C GLU D 468 -53.82 -9.24 21.05
N ALA D 469 -53.81 -8.21 20.25
CA ALA D 469 -53.62 -8.33 18.84
C ALA D 469 -52.57 -7.35 18.49
N GLY D 470 -51.71 -7.73 17.59
CA GLY D 470 -50.58 -6.92 17.22
C GLY D 470 -50.81 -5.83 16.22
N THR D 471 -51.94 -5.86 15.52
CA THR D 471 -52.31 -4.79 14.60
C THR D 471 -53.83 -4.62 14.45
N VAL D 472 -54.44 -3.84 15.35
CA VAL D 472 -55.82 -3.48 15.24
C VAL D 472 -56.18 -2.44 14.20
N TRP D 473 -57.25 -2.67 13.47
CA TRP D 473 -57.78 -1.73 12.51
C TRP D 473 -59.10 -1.31 13.05
N VAL D 474 -59.53 -0.11 12.73
CA VAL D 474 -60.84 0.39 13.09
C VAL D 474 -61.54 0.87 11.84
N ASN D 475 -62.60 0.19 11.47
CA ASN D 475 -63.41 0.48 10.29
C ASN D 475 -62.72 0.19 9.00
N THR D 476 -61.80 -0.76 9.07
CA THR D 476 -61.06 -1.36 7.97
C THR D 476 -60.47 -2.68 8.43
N HIS D 477 -59.73 -3.36 7.56
CA HIS D 477 -59.06 -4.61 7.85
C HIS D 477 -58.10 -4.76 6.74
N ASN D 478 -57.03 -5.49 6.94
CA ASN D 478 -56.11 -5.97 5.94
C ASN D 478 -55.21 -4.93 5.33
N MET D 479 -55.06 -3.83 6.01
CA MET D 479 -54.33 -2.69 5.54
C MET D 479 -52.90 -2.73 5.97
N VAL D 480 -52.00 -2.75 5.01
CA VAL D 480 -50.58 -2.90 5.19
C VAL D 480 -49.82 -1.79 4.48
N ASP D 481 -48.86 -1.15 5.13
CA ASP D 481 -48.06 -0.13 4.47
C ASP D 481 -46.65 -0.57 4.54
N PRO D 482 -45.78 0.03 3.73
CA PRO D 482 -44.35 0.00 3.96
C PRO D 482 -43.89 0.71 5.22
N ASN D 483 -44.62 1.68 5.74
CA ASN D 483 -44.25 2.41 6.92
C ASN D 483 -44.90 1.93 8.19
N LEU D 484 -45.80 0.96 8.11
CA LEU D 484 -46.45 0.41 9.27
C LEU D 484 -45.86 -0.89 9.74
N PRO D 485 -45.31 -0.95 10.94
CA PRO D 485 -44.85 -2.21 11.47
C PRO D 485 -45.92 -3.26 11.64
N PHE D 486 -45.54 -4.52 11.51
CA PHE D 486 -46.48 -5.61 11.40
C PHE D 486 -45.92 -6.77 12.14
N GLY D 487 -46.70 -7.45 12.93
CA GLY D 487 -46.21 -8.59 13.64
C GLY D 487 -47.37 -9.00 14.48
N GLY D 488 -47.24 -10.09 15.21
CA GLY D 488 -48.31 -10.57 16.01
C GLY D 488 -47.79 -10.95 17.36
N PHE D 489 -48.71 -11.29 18.24
CA PHE D 489 -48.42 -11.68 19.59
C PHE D 489 -48.70 -13.16 19.72
N LYS D 490 -48.31 -13.77 20.82
CA LYS D 490 -48.54 -15.19 21.06
C LYS D 490 -47.95 -16.19 20.10
N ASP D 491 -48.80 -16.93 19.41
CA ASP D 491 -48.40 -17.97 18.49
C ASP D 491 -48.31 -17.51 17.06
N SER D 492 -48.33 -16.22 16.85
CA SER D 492 -48.34 -15.63 15.54
C SER D 492 -46.99 -15.13 15.16
N GLY D 493 -46.06 -15.17 16.07
CA GLY D 493 -44.68 -15.08 15.72
C GLY D 493 -43.81 -14.38 16.71
N VAL D 494 -42.61 -14.06 16.27
CA VAL D 494 -41.68 -13.20 16.96
C VAL D 494 -41.18 -12.10 16.03
N GLY D 495 -41.33 -10.85 16.40
CA GLY D 495 -40.71 -9.79 15.65
C GLY D 495 -41.64 -8.94 14.86
N ARG D 496 -41.17 -7.79 14.40
CA ARG D 496 -41.93 -6.92 13.53
C ARG D 496 -41.27 -6.67 12.21
N GLU D 497 -42.07 -6.34 11.22
CA GLU D 497 -41.66 -6.44 9.87
C GLU D 497 -41.38 -5.20 9.08
N HIS D 498 -42.21 -4.18 9.16
CA HIS D 498 -42.03 -3.06 8.24
C HIS D 498 -41.63 -1.77 8.85
N GLY D 499 -41.72 -0.70 8.13
CA GLY D 499 -41.39 0.55 8.72
C GLY D 499 -40.03 0.90 9.21
N ALA D 500 -39.94 1.29 10.47
CA ALA D 500 -38.71 1.50 11.16
C ALA D 500 -38.43 0.33 12.03
N ALA D 501 -39.27 -0.66 11.99
CA ALA D 501 -39.04 -1.90 12.67
C ALA D 501 -38.17 -2.83 11.86
N ALA D 502 -38.06 -2.57 10.58
CA ALA D 502 -37.35 -3.39 9.65
C ALA D 502 -35.94 -3.19 9.93
N ILE D 503 -35.55 -1.94 10.03
CA ILE D 503 -34.17 -1.50 10.11
C ILE D 503 -33.54 -1.71 11.42
N GLU D 504 -34.23 -1.94 12.45
CA GLU D 504 -33.79 -2.62 13.63
C GLU D 504 -33.67 -4.12 13.71
N HIS D 505 -34.28 -4.79 12.77
CA HIS D 505 -34.25 -6.21 12.66
C HIS D 505 -33.33 -6.72 11.60
N TYR D 506 -32.89 -5.84 10.73
CA TYR D 506 -31.94 -6.14 9.69
C TYR D 506 -30.64 -5.43 9.83
N THR D 507 -30.43 -4.80 10.97
CA THR D 507 -29.19 -4.16 11.32
C THR D 507 -28.90 -4.53 12.73
N THR D 508 -27.69 -4.26 13.15
CA THR D 508 -27.30 -4.35 14.54
C THR D 508 -26.32 -3.25 14.82
N THR D 509 -25.73 -3.15 15.98
CA THR D 509 -24.76 -2.10 16.20
C THR D 509 -23.44 -2.65 16.72
N ARG D 510 -22.34 -1.94 16.48
CA ARG D 510 -21.11 -2.15 17.22
C ARG D 510 -20.80 -0.87 17.98
N SER D 511 -20.27 -1.01 19.18
CA SER D 511 -19.92 0.15 19.98
C SER D 511 -18.45 0.52 19.84
N LEU D 512 -18.16 1.80 20.00
CA LEU D 512 -16.80 2.30 19.95
C LEU D 512 -16.59 3.40 20.95
N VAL D 513 -15.65 3.17 21.88
CA VAL D 513 -15.31 4.12 22.93
C VAL D 513 -13.82 4.43 22.85
N ILE D 514 -13.49 5.67 22.49
CA ILE D 514 -12.06 6.10 22.40
C ILE D 514 -11.60 6.94 23.59
N ALA D 515 -10.60 6.47 24.32
CA ALA D 515 -9.97 7.26 25.38
C ALA D 515 -8.81 8.04 24.83
N TYR D 516 -8.89 9.34 24.94
CA TYR D 516 -7.92 10.26 24.45
C TYR D 516 -7.82 11.27 25.54
N GLN E 36 38.08 -35.08 -51.93
CA GLN E 36 37.01 -35.84 -51.33
C GLN E 36 36.76 -34.88 -50.18
N MET E 37 35.65 -34.98 -49.50
CA MET E 37 35.41 -34.10 -48.41
C MET E 37 35.45 -34.83 -47.13
N LEU E 38 35.30 -34.15 -46.03
CA LEU E 38 35.35 -34.79 -44.77
C LEU E 38 34.06 -34.75 -44.01
N ILE E 39 33.57 -35.90 -43.66
CA ILE E 39 32.36 -36.04 -42.92
C ILE E 39 32.44 -37.23 -42.05
N GLY E 40 32.79 -37.04 -40.80
CA GLY E 40 32.80 -38.09 -39.85
C GLY E 40 34.11 -38.77 -39.72
N GLY E 41 35.16 -38.10 -40.14
CA GLY E 41 36.51 -38.63 -40.10
C GLY E 41 36.85 -39.29 -41.37
N GLN E 42 35.96 -39.15 -42.32
CA GLN E 42 35.94 -39.94 -43.51
C GLN E 42 35.98 -39.13 -44.73
N TRP E 43 36.90 -39.47 -45.59
CA TRP E 43 37.07 -38.82 -46.85
C TRP E 43 36.14 -39.47 -47.75
N VAL E 44 35.24 -38.70 -48.24
CA VAL E 44 34.01 -39.13 -48.83
C VAL E 44 33.76 -38.31 -50.08
N SER E 45 33.18 -38.94 -51.09
CA SER E 45 32.75 -38.23 -52.29
C SER E 45 31.28 -37.84 -52.15
N ALA E 46 30.75 -37.06 -53.06
CA ALA E 46 29.36 -36.66 -53.03
C ALA E 46 28.51 -37.83 -53.39
N GLN E 47 27.30 -37.89 -52.87
CA GLN E 47 26.41 -38.99 -53.07
C GLN E 47 25.92 -39.18 -54.48
N SER E 48 25.81 -38.08 -55.20
CA SER E 48 25.54 -38.04 -56.62
C SER E 48 26.69 -38.38 -57.50
N GLY E 49 27.90 -38.17 -56.99
CA GLY E 49 29.11 -38.53 -57.65
C GLY E 49 29.23 -37.51 -58.68
N LYS E 50 28.74 -36.35 -58.33
CA LYS E 50 28.91 -35.21 -59.14
C LYS E 50 30.02 -34.46 -58.52
N THR E 51 30.57 -33.55 -59.29
CA THR E 51 31.88 -32.98 -58.99
C THR E 51 31.93 -31.59 -59.60
N LEU E 52 32.94 -30.78 -59.28
CA LEU E 52 33.07 -29.45 -59.88
C LEU E 52 34.53 -28.97 -59.93
N ASN E 53 34.88 -28.21 -60.96
CA ASN E 53 36.25 -27.70 -61.17
C ASN E 53 36.62 -26.46 -60.36
N VAL E 54 37.82 -26.52 -59.77
CA VAL E 54 38.55 -25.42 -59.17
C VAL E 54 39.68 -25.02 -60.16
N TYR E 55 40.11 -23.77 -60.17
CA TYR E 55 41.08 -23.21 -61.14
C TYR E 55 42.32 -22.57 -60.57
N ASN E 56 43.32 -22.36 -61.40
CA ASN E 56 44.46 -21.58 -61.04
C ASN E 56 44.25 -20.25 -61.68
N PRO E 57 44.07 -19.19 -60.93
CA PRO E 57 43.73 -17.93 -61.53
C PRO E 57 44.82 -17.24 -62.32
N ALA E 58 46.00 -17.82 -62.42
CA ALA E 58 47.08 -17.13 -63.07
C ALA E 58 47.19 -17.59 -64.47
N THR E 59 46.93 -18.85 -64.69
CA THR E 59 46.94 -19.44 -65.97
C THR E 59 45.54 -19.60 -66.45
N GLY E 60 44.65 -19.79 -65.50
CA GLY E 60 43.23 -19.87 -65.76
C GLY E 60 42.74 -21.24 -66.11
N ASP E 61 43.49 -22.28 -65.73
CA ASP E 61 43.11 -23.66 -66.07
C ASP E 61 42.59 -24.46 -64.88
N ILE E 62 42.19 -25.72 -65.12
CA ILE E 62 41.68 -26.54 -64.05
C ILE E 62 42.88 -26.86 -63.20
N LEU E 63 42.75 -26.80 -61.89
CA LEU E 63 43.80 -27.18 -60.99
C LEU E 63 43.42 -28.55 -60.54
N THR E 64 42.17 -28.65 -60.23
CA THR E 64 41.54 -29.91 -59.81
C THR E 64 40.04 -29.90 -59.77
N GLU E 65 39.48 -30.90 -59.09
CA GLU E 65 38.05 -31.11 -58.89
C GLU E 65 37.74 -31.27 -57.43
N VAL E 66 36.52 -31.10 -57.01
CA VAL E 66 36.21 -31.35 -55.66
C VAL E 66 34.76 -31.72 -55.70
N PRO E 67 34.14 -32.19 -54.63
CA PRO E 67 32.77 -32.64 -54.72
C PRO E 67 31.68 -31.61 -54.73
N ASP E 68 30.71 -31.75 -55.64
CA ASP E 68 29.57 -30.90 -55.84
C ASP E 68 28.41 -31.40 -55.05
N GLY E 69 28.46 -31.15 -53.74
CA GLY E 69 27.55 -31.59 -52.73
C GLY E 69 26.21 -30.90 -52.66
N ASP E 70 25.26 -31.66 -52.19
CA ASP E 70 23.91 -31.21 -52.23
C ASP E 70 23.42 -31.53 -50.88
N VAL E 71 22.12 -31.67 -50.72
CA VAL E 71 21.41 -31.55 -49.48
C VAL E 71 21.34 -32.85 -48.73
N GLU E 72 21.76 -33.90 -49.42
CA GLU E 72 22.17 -35.19 -48.94
C GLU E 72 23.40 -35.12 -48.15
N ASP E 73 24.38 -34.45 -48.68
CA ASP E 73 25.66 -34.33 -48.03
C ASP E 73 25.97 -33.11 -47.15
N VAL E 74 24.98 -32.31 -46.92
CA VAL E 74 25.06 -31.30 -45.94
C VAL E 74 24.43 -32.02 -44.76
N ASN E 75 23.51 -32.87 -45.03
CA ASN E 75 22.78 -33.50 -43.99
C ASN E 75 23.51 -34.49 -43.15
N ALA E 76 24.40 -35.22 -43.78
CA ALA E 76 25.20 -36.21 -43.13
C ALA E 76 26.14 -35.46 -42.27
N ALA E 77 26.71 -34.43 -42.85
CA ALA E 77 27.69 -33.62 -42.19
C ALA E 77 27.14 -32.87 -41.07
N VAL E 78 25.90 -32.46 -41.13
CA VAL E 78 25.33 -31.78 -39.99
C VAL E 78 24.76 -32.68 -38.90
N GLU E 79 24.65 -33.97 -39.17
CA GLU E 79 24.08 -34.93 -38.29
C GLU E 79 25.18 -35.57 -37.60
N SER E 80 26.34 -35.39 -38.14
CA SER E 80 27.58 -35.94 -37.65
C SER E 80 28.23 -35.06 -36.65
N ALA E 81 27.92 -33.79 -36.65
CA ALA E 81 28.47 -32.83 -35.78
C ALA E 81 27.56 -32.75 -34.65
N ALA E 82 26.33 -33.10 -34.86
CA ALA E 82 25.43 -33.05 -33.78
C ALA E 82 25.56 -34.33 -33.03
N ALA E 83 25.91 -35.40 -33.61
CA ALA E 83 26.37 -36.56 -32.93
C ALA E 83 27.41 -36.50 -31.89
N THR E 84 28.36 -35.67 -32.22
CA THR E 84 29.67 -35.46 -31.65
C THR E 84 29.69 -34.35 -30.68
N LEU E 85 28.77 -33.39 -30.84
CA LEU E 85 28.61 -32.32 -29.88
C LEU E 85 27.97 -32.90 -28.62
N ARG E 86 27.09 -33.87 -28.82
CA ARG E 86 26.48 -34.57 -27.73
C ARG E 86 27.34 -35.66 -27.18
N SER E 87 28.32 -36.13 -27.91
CA SER E 87 29.21 -37.16 -27.42
C SER E 87 29.88 -36.70 -26.19
N ASP E 88 30.16 -37.59 -25.29
CA ASP E 88 30.59 -37.16 -24.02
C ASP E 88 32.03 -36.88 -24.15
N THR E 89 32.62 -37.44 -25.16
CA THR E 89 34.01 -37.34 -25.31
C THR E 89 34.37 -35.98 -25.82
N TRP E 90 33.44 -35.27 -26.41
CA TRP E 90 33.70 -33.92 -26.80
C TRP E 90 33.13 -32.92 -25.80
N ARG E 91 31.88 -33.09 -25.39
CA ARG E 91 31.20 -32.22 -24.47
C ARG E 91 31.93 -32.08 -23.18
N ARG E 92 32.45 -33.19 -22.70
CA ARG E 92 33.06 -33.26 -21.42
C ARG E 92 34.53 -33.49 -21.46
N MET E 93 35.19 -33.07 -22.54
CA MET E 93 36.59 -33.05 -22.75
C MET E 93 37.11 -32.02 -21.85
N PRO E 94 38.11 -32.34 -21.02
CA PRO E 94 38.67 -31.37 -20.11
C PRO E 94 39.17 -30.20 -20.91
N PRO E 95 39.22 -29.02 -20.33
CA PRO E 95 39.46 -27.81 -21.07
C PRO E 95 40.90 -27.52 -21.49
N SER E 96 41.84 -28.37 -21.17
CA SER E 96 43.22 -28.16 -21.53
C SER E 96 43.54 -29.14 -22.59
N ALA E 97 42.57 -29.96 -22.91
CA ALA E 97 42.68 -30.94 -23.91
C ALA E 97 42.21 -30.37 -25.20
N ARG E 98 41.29 -29.45 -25.13
CA ARG E 98 40.76 -28.72 -26.26
C ARG E 98 41.63 -27.55 -26.61
N GLU E 99 42.46 -27.14 -25.69
CA GLU E 99 43.44 -26.12 -25.84
C GLU E 99 44.63 -26.74 -26.49
N ARG E 100 44.85 -28.01 -26.24
CA ARG E 100 46.01 -28.68 -26.77
C ARG E 100 45.85 -29.15 -28.17
N ILE E 101 44.64 -29.36 -28.62
CA ILE E 101 44.34 -29.73 -29.98
C ILE E 101 44.56 -28.54 -30.88
N LEU E 102 44.20 -27.37 -30.43
CA LEU E 102 44.31 -26.16 -31.19
C LEU E 102 45.74 -25.64 -31.20
N LEU E 103 46.50 -25.92 -30.15
CA LEU E 103 47.90 -25.80 -30.02
C LEU E 103 48.74 -26.71 -30.83
N ARG E 104 48.39 -27.97 -30.90
CA ARG E 104 49.08 -28.87 -31.76
C ARG E 104 48.83 -28.66 -33.25
N LEU E 105 47.74 -28.06 -33.67
CA LEU E 105 47.50 -27.78 -35.06
C LEU E 105 48.10 -26.50 -35.54
N ALA E 106 48.21 -25.49 -34.71
CA ALA E 106 48.95 -24.32 -35.08
C ALA E 106 50.39 -24.69 -35.32
N ASP E 107 50.84 -25.64 -34.53
CA ASP E 107 52.13 -26.30 -34.66
C ASP E 107 52.23 -27.16 -35.93
N LEU E 108 51.12 -27.61 -36.48
CA LEU E 108 51.08 -28.31 -37.76
C LEU E 108 50.66 -27.50 -38.98
N LEU E 109 50.39 -26.24 -38.83
CA LEU E 109 50.15 -25.43 -39.96
C LEU E 109 51.45 -24.86 -40.28
N GLU E 110 52.25 -24.67 -39.27
CA GLU E 110 53.61 -24.15 -39.45
C GLU E 110 54.67 -25.12 -39.82
N VAL E 111 54.42 -26.37 -39.46
CA VAL E 111 55.27 -27.47 -39.87
C VAL E 111 54.91 -27.91 -41.28
N HIS E 112 53.67 -27.65 -41.72
CA HIS E 112 53.28 -28.03 -43.04
C HIS E 112 53.11 -26.92 -43.95
N GLY E 113 53.85 -25.87 -43.70
CA GLY E 113 53.62 -24.53 -44.17
C GLY E 113 54.10 -24.03 -45.47
N ASP E 114 55.16 -24.57 -45.99
CA ASP E 114 55.51 -24.42 -47.40
C ASP E 114 54.42 -25.00 -48.31
N GLU E 115 53.87 -26.17 -47.97
CA GLU E 115 52.86 -26.87 -48.81
C GLU E 115 51.50 -26.17 -48.83
N LEU E 116 50.98 -25.83 -47.65
CA LEU E 116 49.81 -24.97 -47.58
C LEU E 116 50.02 -23.59 -48.22
N ALA E 117 51.17 -23.02 -48.15
CA ALA E 117 51.41 -21.79 -48.86
C ALA E 117 51.52 -21.90 -50.34
N ARG E 118 52.10 -22.96 -50.89
CA ARG E 118 52.07 -23.19 -52.35
C ARG E 118 50.58 -23.39 -52.75
N LEU E 119 49.84 -24.16 -51.94
CA LEU E 119 48.42 -24.44 -52.20
C LEU E 119 47.53 -23.21 -52.40
N GLU E 120 47.66 -22.24 -51.53
CA GLU E 120 46.93 -21.00 -51.55
C GLU E 120 47.28 -20.30 -52.82
N THR E 121 48.50 -19.88 -52.97
CA THR E 121 49.00 -19.30 -54.21
C THR E 121 48.55 -19.89 -55.54
N LEU E 122 48.59 -21.21 -55.63
CA LEU E 122 47.92 -21.97 -56.67
C LEU E 122 46.43 -21.69 -56.88
N ASN E 123 45.62 -21.87 -55.86
CA ASN E 123 44.16 -21.72 -55.90
C ASN E 123 43.59 -20.29 -55.86
N ASN E 124 44.26 -19.42 -55.15
CA ASN E 124 43.85 -18.08 -54.85
C ASN E 124 44.60 -16.95 -55.61
N GLY E 125 45.87 -17.13 -55.92
CA GLY E 125 46.54 -16.27 -56.79
C GLY E 125 47.47 -15.34 -56.13
N LYS E 126 47.49 -15.48 -54.84
CA LYS E 126 48.04 -14.60 -53.88
C LYS E 126 49.50 -14.83 -53.93
N LEU E 127 50.27 -13.82 -53.59
CA LEU E 127 51.70 -13.92 -53.57
C LEU E 127 52.21 -14.87 -52.55
N LEU E 128 53.12 -15.74 -52.93
CA LEU E 128 53.59 -16.80 -52.08
C LEU E 128 54.07 -16.35 -50.73
N ILE E 129 54.79 -15.26 -50.63
CA ILE E 129 55.25 -14.81 -49.34
C ILE E 129 54.16 -14.37 -48.42
N TYR E 130 53.13 -13.76 -48.94
CA TYR E 130 51.92 -13.51 -48.24
C TYR E 130 51.04 -14.65 -47.88
N SER E 131 51.27 -15.79 -48.51
CA SER E 131 50.59 -17.00 -48.20
C SER E 131 51.24 -17.57 -47.01
N LYS E 132 52.52 -17.37 -46.89
CA LYS E 132 53.32 -17.95 -45.84
C LYS E 132 53.23 -17.18 -44.58
N LEU E 133 52.94 -15.91 -44.70
CA LEU E 133 52.96 -14.96 -43.63
C LEU E 133 51.59 -14.62 -43.14
N MET E 134 50.64 -14.48 -44.06
CA MET E 134 49.34 -13.98 -43.72
C MET E 134 48.25 -15.04 -43.84
N GLU E 135 48.64 -16.27 -44.18
CA GLU E 135 47.65 -17.26 -44.29
C GLU E 135 48.12 -18.42 -43.53
N VAL E 136 49.37 -18.78 -43.64
CA VAL E 136 49.85 -19.89 -42.84
C VAL E 136 50.23 -19.39 -41.49
N GLY E 137 50.77 -18.20 -41.43
CA GLY E 137 51.35 -17.70 -40.23
C GLY E 137 50.48 -16.88 -39.34
N ALA E 138 49.46 -16.26 -39.87
CA ALA E 138 48.53 -15.52 -39.10
C ALA E 138 47.52 -16.48 -38.62
N SER E 139 47.32 -17.54 -39.36
CA SER E 139 46.44 -18.62 -38.98
C SER E 139 46.90 -19.41 -37.85
N ALA E 140 48.17 -19.60 -37.75
CA ALA E 140 48.74 -20.26 -36.62
C ALA E 140 48.67 -19.41 -35.38
N GLN E 141 48.69 -18.12 -35.52
CA GLN E 141 48.63 -17.14 -34.47
C GLN E 141 47.28 -16.99 -33.89
N TRP E 142 46.26 -17.17 -34.73
CA TRP E 142 44.88 -17.08 -34.29
C TRP E 142 44.48 -18.35 -33.53
N LEU E 143 45.07 -19.48 -33.92
CA LEU E 143 44.80 -20.72 -33.27
C LEU E 143 45.30 -20.53 -31.88
N ARG E 144 46.56 -20.24 -31.74
CA ARG E 144 47.19 -20.12 -30.46
C ARG E 144 46.36 -19.26 -29.60
N TYR E 145 46.13 -18.04 -30.01
CA TYR E 145 45.25 -17.16 -29.28
C TYR E 145 43.91 -17.56 -28.83
N MET E 146 43.25 -18.38 -29.59
CA MET E 146 41.93 -18.75 -29.29
C MET E 146 41.96 -19.98 -28.51
N ALA E 147 43.05 -20.71 -28.61
CA ALA E 147 43.28 -21.92 -27.87
C ALA E 147 43.44 -21.64 -26.43
N GLY E 148 44.02 -20.53 -26.11
CA GLY E 148 44.04 -19.98 -24.77
C GLY E 148 42.83 -19.40 -24.14
N TRP E 149 41.77 -19.40 -24.88
CA TRP E 149 40.56 -18.94 -24.37
C TRP E 149 39.84 -20.18 -23.84
N ALA E 150 40.12 -21.34 -24.39
CA ALA E 150 39.46 -22.60 -24.15
C ALA E 150 39.43 -22.94 -22.71
N THR E 151 40.27 -22.27 -22.00
CA THR E 151 40.59 -22.65 -20.69
C THR E 151 40.22 -21.55 -19.68
N LYS E 152 39.68 -20.47 -20.19
CA LYS E 152 39.38 -19.27 -19.49
C LYS E 152 37.96 -18.75 -19.69
N LEU E 153 37.04 -19.63 -19.99
CA LEU E 153 35.65 -19.35 -20.26
C LEU E 153 34.81 -19.40 -19.02
N THR E 154 34.35 -18.25 -18.57
CA THR E 154 33.72 -18.11 -17.28
C THR E 154 32.32 -17.52 -17.23
N GLY E 155 31.53 -17.94 -16.29
CA GLY E 155 30.30 -17.29 -15.97
C GLY E 155 30.46 -16.47 -14.72
N SER E 156 29.34 -16.17 -14.08
CA SER E 156 29.33 -15.27 -12.94
C SER E 156 28.62 -15.88 -11.75
N THR E 157 29.04 -15.47 -10.56
CA THR E 157 28.43 -15.88 -9.31
C THR E 157 27.78 -14.63 -8.76
N LEU E 158 26.47 -14.69 -8.55
CA LEU E 158 25.64 -13.49 -8.25
C LEU E 158 24.97 -13.34 -6.88
N ASP E 159 24.65 -12.09 -6.56
CA ASP E 159 23.87 -11.69 -5.38
C ASP E 159 22.33 -11.71 -5.58
N LEU E 160 21.50 -11.99 -4.63
CA LEU E 160 20.18 -11.88 -5.18
C LEU E 160 19.10 -11.55 -4.17
N SER E 161 18.23 -10.62 -4.53
CA SER E 161 17.07 -10.28 -3.71
C SER E 161 15.87 -10.78 -4.51
N LEU E 162 15.39 -11.97 -4.17
CA LEU E 162 14.29 -12.60 -4.90
C LEU E 162 12.92 -12.00 -4.55
N PRO E 163 12.52 -12.11 -3.29
CA PRO E 163 13.37 -12.71 -2.27
C PRO E 163 12.61 -13.97 -1.88
N LEU E 164 13.08 -14.64 -0.82
CA LEU E 164 12.42 -15.84 -0.33
C LEU E 164 11.96 -15.64 1.11
N PRO E 165 11.72 -16.76 1.78
CA PRO E 165 11.30 -16.79 3.19
C PRO E 165 12.47 -16.56 4.14
N PRO E 166 12.17 -16.05 5.33
CA PRO E 166 13.20 -15.80 6.35
C PRO E 166 13.89 -17.13 6.62
N GLU E 167 15.22 -17.12 6.63
CA GLU E 167 15.99 -18.34 6.86
C GLU E 167 16.33 -19.20 5.66
N VAL E 168 15.93 -18.75 4.48
CA VAL E 168 16.20 -19.45 3.28
C VAL E 168 17.28 -18.61 2.67
N ARG E 169 18.33 -19.32 2.30
CA ARG E 169 19.41 -18.74 1.50
C ARG E 169 19.35 -19.21 0.06
N SER E 170 20.12 -18.55 -0.80
CA SER E 170 20.15 -18.88 -2.17
C SER E 170 21.50 -18.58 -2.69
N ARG E 171 21.97 -19.38 -3.63
CA ARG E 171 23.20 -19.10 -4.38
C ARG E 171 22.89 -19.20 -5.88
N ALA E 172 23.25 -18.17 -6.64
CA ALA E 172 22.91 -18.03 -8.07
C ALA E 172 24.06 -17.74 -9.02
N SER E 173 24.16 -18.53 -10.08
CA SER E 173 25.26 -18.40 -11.03
C SER E 173 24.82 -18.51 -12.49
N THR E 174 25.67 -18.10 -13.41
CA THR E 174 25.49 -18.41 -14.81
C THR E 174 26.63 -19.28 -15.23
N GLN E 175 26.41 -20.09 -16.26
CA GLN E 175 27.39 -21.03 -16.71
C GLN E 175 27.55 -20.92 -18.20
N ARG E 176 28.72 -20.48 -18.62
CA ARG E 176 29.04 -20.41 -20.03
C ARG E 176 29.07 -21.82 -20.67
N VAL E 177 28.33 -21.97 -21.77
CA VAL E 177 28.11 -23.27 -22.45
C VAL E 177 28.28 -23.06 -23.97
N PRO E 178 28.44 -24.13 -24.80
CA PRO E 178 28.59 -23.86 -26.24
C PRO E 178 27.24 -23.66 -26.92
N VAL E 179 27.26 -23.03 -28.10
CA VAL E 179 26.05 -22.66 -28.87
C VAL E 179 25.46 -23.89 -29.61
N GLY E 180 26.32 -24.77 -30.12
CA GLY E 180 25.88 -26.01 -30.74
C GLY E 180 26.67 -26.29 -32.00
N VAL E 181 25.97 -26.72 -33.05
CA VAL E 181 26.57 -26.95 -34.35
C VAL E 181 26.70 -25.64 -35.14
N VAL E 182 27.90 -25.40 -35.65
CA VAL E 182 28.18 -24.14 -36.33
C VAL E 182 28.26 -24.34 -37.84
N ALA E 183 27.39 -23.64 -38.56
CA ALA E 183 27.46 -23.52 -40.02
C ALA E 183 28.44 -22.42 -40.46
N ALA E 184 29.60 -22.79 -40.97
CA ALA E 184 30.62 -21.76 -41.31
C ALA E 184 30.80 -21.57 -42.81
N ILE E 185 30.42 -20.42 -43.33
CA ILE E 185 30.63 -20.15 -44.75
C ILE E 185 31.73 -19.11 -45.02
N ILE E 186 32.75 -19.53 -45.76
CA ILE E 186 33.97 -18.74 -45.89
C ILE E 186 34.11 -18.11 -47.27
N PRO E 187 34.59 -16.86 -47.31
CA PRO E 187 34.88 -16.11 -48.56
C PRO E 187 36.21 -16.51 -49.21
N TRP E 188 36.41 -16.14 -50.48
CA TRP E 188 37.53 -16.66 -51.26
C TRP E 188 38.81 -15.82 -51.27
N ASN E 189 38.87 -14.75 -50.51
CA ASN E 189 40.03 -13.89 -50.57
C ASN E 189 41.17 -14.31 -49.68
N PHE E 190 40.85 -15.08 -48.66
CA PHE E 190 41.85 -15.57 -47.72
C PHE E 190 41.51 -16.95 -47.15
N PRO E 191 41.41 -17.90 -48.02
CA PRO E 191 40.84 -19.18 -47.73
C PRO E 191 41.25 -19.90 -46.48
N LEU E 192 42.52 -20.09 -46.19
CA LEU E 192 43.02 -20.66 -44.95
C LEU E 192 42.67 -19.83 -43.69
N LEU E 193 43.04 -18.55 -43.72
CA LEU E 193 42.78 -17.67 -42.61
C LEU E 193 41.28 -17.58 -42.28
N MET E 194 40.47 -17.09 -43.23
CA MET E 194 39.05 -16.84 -43.01
C MET E 194 38.18 -18.01 -42.51
N ALA E 195 38.67 -19.23 -42.79
CA ALA E 195 38.34 -20.51 -42.14
C ALA E 195 38.86 -20.83 -40.73
N VAL E 196 40.09 -20.43 -40.44
CA VAL E 196 40.61 -20.41 -39.07
C VAL E 196 39.69 -19.42 -38.32
N TRP E 197 39.42 -18.23 -38.83
CA TRP E 197 38.67 -17.17 -38.14
C TRP E 197 37.30 -17.45 -37.58
N LYS E 198 36.80 -18.59 -38.03
CA LYS E 198 35.58 -19.23 -37.54
C LYS E 198 35.84 -20.54 -36.80
N ILE E 199 36.57 -21.50 -37.39
CA ILE E 199 36.73 -22.78 -36.68
C ILE E 199 37.53 -22.64 -35.37
N ALA E 200 38.57 -21.79 -35.40
CA ALA E 200 39.42 -21.60 -34.23
C ALA E 200 38.61 -21.20 -33.02
N PRO E 201 37.76 -20.19 -33.14
CA PRO E 201 36.92 -19.75 -32.03
C PRO E 201 35.76 -20.61 -31.75
N ALA E 202 35.31 -21.45 -32.66
CA ALA E 202 34.14 -22.27 -32.39
C ALA E 202 34.62 -23.47 -31.61
N LEU E 203 35.65 -24.14 -32.13
CA LEU E 203 36.27 -25.23 -31.40
C LEU E 203 36.82 -24.88 -29.98
N ALA E 204 37.43 -23.75 -29.79
CA ALA E 204 37.79 -23.30 -28.46
C ALA E 204 36.62 -23.42 -27.56
N CYS E 205 35.47 -22.91 -28.00
CA CYS E 205 34.26 -22.91 -27.18
C CYS E 205 33.64 -24.27 -26.84
N GLY E 206 33.90 -25.31 -27.63
CA GLY E 206 33.21 -26.59 -27.44
C GLY E 206 32.09 -26.75 -28.45
N ASN E 207 32.06 -25.86 -29.44
CA ASN E 207 31.11 -26.01 -30.51
C ASN E 207 31.79 -26.96 -31.46
N THR E 208 30.99 -27.70 -32.22
CA THR E 208 31.43 -28.38 -33.42
C THR E 208 31.03 -27.54 -34.66
N VAL E 209 31.66 -27.80 -35.81
CA VAL E 209 31.39 -26.97 -36.98
C VAL E 209 31.21 -27.74 -38.29
N VAL E 210 30.37 -27.20 -39.16
CA VAL E 210 30.31 -27.67 -40.51
C VAL E 210 30.73 -26.49 -41.39
N LEU E 211 31.82 -26.69 -42.10
CA LEU E 211 32.46 -25.60 -42.80
C LEU E 211 32.25 -25.74 -44.31
N LYS E 212 31.72 -24.69 -44.93
CA LYS E 212 31.69 -24.65 -46.38
C LYS E 212 32.62 -23.60 -46.99
N PRO E 213 33.71 -24.04 -47.64
CA PRO E 213 34.50 -23.02 -48.33
C PRO E 213 33.88 -22.58 -49.67
N ALA E 214 34.30 -21.41 -50.14
CA ALA E 214 33.85 -20.83 -51.40
C ALA E 214 34.12 -21.89 -52.43
N GLU E 215 33.55 -21.72 -53.62
CA GLU E 215 33.58 -22.80 -54.59
C GLU E 215 34.76 -22.48 -55.48
N GLU E 216 35.25 -21.24 -55.40
CA GLU E 216 36.43 -20.84 -56.17
C GLU E 216 37.72 -21.24 -55.46
N THR E 217 37.59 -21.60 -54.19
CA THR E 217 38.71 -22.02 -53.35
C THR E 217 38.46 -23.02 -52.23
N PRO E 218 38.46 -24.34 -52.47
CA PRO E 218 38.22 -25.27 -51.39
C PRO E 218 39.39 -26.00 -50.78
N LEU E 219 40.53 -26.07 -51.44
CA LEU E 219 41.68 -26.93 -51.11
C LEU E 219 42.34 -26.69 -49.74
N THR E 220 42.56 -25.47 -49.32
CA THR E 220 43.23 -25.23 -48.06
C THR E 220 42.38 -25.53 -46.85
N ALA E 221 41.09 -25.48 -46.97
CA ALA E 221 40.26 -25.92 -45.86
C ALA E 221 40.19 -27.45 -45.80
N LEU E 222 40.43 -28.11 -46.93
CA LEU E 222 40.45 -29.56 -46.92
C LEU E 222 41.66 -30.10 -46.20
N ARG E 223 42.77 -29.45 -46.40
CA ARG E 223 44.00 -29.73 -45.72
C ARG E 223 43.89 -29.38 -44.27
N LEU E 224 43.20 -28.32 -43.96
CA LEU E 224 42.97 -27.81 -42.61
C LEU E 224 42.29 -28.93 -41.84
N ALA E 225 41.16 -29.37 -42.37
CA ALA E 225 40.44 -30.47 -41.77
C ALA E 225 41.17 -31.79 -41.45
N GLU E 226 42.04 -32.23 -42.30
CA GLU E 226 42.86 -33.36 -42.01
C GLU E 226 44.03 -33.16 -41.09
N LEU E 227 44.56 -31.96 -40.98
CA LEU E 227 45.53 -31.59 -39.98
C LEU E 227 44.86 -31.42 -38.66
N ALA E 228 43.57 -31.09 -38.69
CA ALA E 228 42.81 -30.95 -37.43
C ALA E 228 42.77 -32.30 -36.75
N MET E 229 42.56 -33.35 -37.53
CA MET E 229 42.51 -34.70 -36.99
C MET E 229 43.88 -35.28 -36.57
N GLU E 230 44.94 -34.91 -37.28
CA GLU E 230 46.34 -35.24 -36.90
C GLU E 230 46.69 -34.62 -35.50
N ALA E 231 46.18 -33.43 -35.23
CA ALA E 231 46.27 -32.75 -33.95
C ALA E 231 45.43 -33.29 -32.83
N GLY E 232 44.53 -34.21 -33.07
CA GLY E 232 43.77 -34.88 -32.02
C GLY E 232 42.30 -34.52 -31.96
N LEU E 233 41.79 -33.85 -32.96
CA LEU E 233 40.38 -33.51 -33.02
C LEU E 233 39.56 -34.72 -33.37
N PRO E 234 38.56 -35.03 -32.57
CA PRO E 234 37.75 -36.23 -32.79
C PRO E 234 36.95 -36.14 -34.09
N ALA E 235 36.79 -37.27 -34.77
CA ALA E 235 35.89 -37.36 -35.93
C ALA E 235 34.54 -36.68 -35.70
N GLY E 236 34.09 -35.93 -36.70
CA GLY E 236 32.82 -35.24 -36.67
C GLY E 236 32.86 -33.82 -36.15
N ALA E 237 33.93 -33.46 -35.43
CA ALA E 237 34.05 -32.12 -34.83
C ALA E 237 34.23 -31.00 -35.87
N LEU E 238 34.79 -31.32 -37.02
CA LEU E 238 34.98 -30.38 -38.09
C LEU E 238 34.73 -31.14 -39.32
N ASN E 239 33.62 -30.85 -39.98
CA ASN E 239 33.32 -31.42 -41.26
C ASN E 239 33.44 -30.35 -42.26
N VAL E 240 33.83 -30.71 -43.46
CA VAL E 240 33.98 -29.80 -44.56
C VAL E 240 33.12 -30.29 -45.71
N VAL E 241 32.10 -29.54 -46.07
CA VAL E 241 31.28 -29.86 -47.21
C VAL E 241 31.63 -28.95 -48.37
N THR E 242 31.61 -29.39 -49.61
CA THR E 242 32.03 -28.56 -50.72
C THR E 242 30.92 -28.49 -51.72
N GLY E 243 30.96 -27.53 -52.59
CA GLY E 243 29.89 -27.32 -53.56
C GLY E 243 29.60 -25.89 -54.00
N ARG E 244 28.86 -25.79 -55.10
CA ARG E 244 28.30 -24.53 -55.58
C ARG E 244 27.50 -23.86 -54.42
N GLY E 245 27.66 -22.52 -54.27
CA GLY E 245 27.07 -21.76 -53.15
C GLY E 245 25.55 -21.79 -53.13
N GLU E 246 24.96 -21.73 -54.32
CA GLU E 246 23.50 -21.69 -54.46
C GLU E 246 22.76 -22.79 -53.71
N THR E 247 23.31 -24.00 -53.70
CA THR E 247 22.62 -25.14 -53.07
C THR E 247 23.26 -25.70 -51.76
N ALA E 248 24.55 -26.03 -51.79
CA ALA E 248 25.22 -26.46 -50.56
C ALA E 248 24.96 -25.45 -49.44
N GLY E 249 25.31 -24.19 -49.68
CA GLY E 249 25.00 -23.09 -48.77
C GLY E 249 23.59 -23.13 -48.19
N ASP E 250 22.58 -23.11 -49.05
CA ASP E 250 21.19 -23.04 -48.59
C ASP E 250 20.87 -24.18 -47.63
N ALA E 251 21.26 -25.38 -48.03
CA ALA E 251 21.01 -26.57 -47.24
C ALA E 251 21.60 -26.36 -45.84
N LEU E 252 22.82 -25.85 -45.78
CA LEU E 252 23.50 -25.61 -44.51
C LEU E 252 22.77 -24.66 -43.63
N VAL E 253 22.29 -23.57 -44.23
CA VAL E 253 21.61 -22.50 -43.49
C VAL E 253 20.28 -22.96 -42.94
N ARG E 254 19.52 -23.68 -43.77
CA ARG E 254 18.16 -24.07 -43.44
C ARG E 254 18.09 -25.42 -42.71
N HIS E 255 19.17 -25.84 -42.06
CA HIS E 255 19.18 -27.14 -41.40
C HIS E 255 18.65 -26.88 -39.98
N PRO E 256 17.63 -27.61 -39.57
CA PRO E 256 17.11 -27.57 -38.23
C PRO E 256 18.02 -27.87 -37.09
N LYS E 257 19.04 -28.67 -37.32
CA LYS E 257 20.14 -28.83 -36.34
C LYS E 257 21.39 -27.93 -36.35
N VAL E 258 21.41 -26.92 -37.22
CA VAL E 258 22.44 -25.88 -37.18
C VAL E 258 22.02 -24.78 -36.20
N ALA E 259 22.92 -24.46 -35.27
CA ALA E 259 22.65 -23.58 -34.14
C ALA E 259 23.08 -22.14 -34.35
N LYS E 260 24.15 -21.95 -35.12
CA LYS E 260 24.60 -20.61 -35.49
C LYS E 260 25.04 -20.60 -36.94
N VAL E 261 24.86 -19.46 -37.63
CA VAL E 261 25.40 -19.27 -38.97
C VAL E 261 26.42 -18.11 -39.05
N ALA E 262 27.67 -18.44 -39.33
CA ALA E 262 28.72 -17.48 -39.51
C ALA E 262 29.03 -17.34 -40.96
N PHE E 263 28.55 -16.29 -41.57
CA PHE E 263 28.75 -16.01 -42.99
C PHE E 263 29.61 -14.76 -43.14
N THR E 264 30.35 -14.72 -44.25
CA THR E 264 31.03 -13.54 -44.76
C THR E 264 30.95 -13.63 -46.27
N GLY E 265 30.55 -12.55 -46.92
CA GLY E 265 30.56 -12.48 -48.38
C GLY E 265 29.83 -11.28 -48.91
N SER E 266 29.07 -11.49 -50.00
CA SER E 266 28.16 -10.48 -50.56
C SER E 266 27.20 -10.01 -49.48
N THR E 267 27.09 -8.70 -49.33
CA THR E 267 26.12 -8.18 -48.36
C THR E 267 24.66 -8.55 -48.70
N GLU E 268 24.38 -8.74 -49.98
CA GLU E 268 23.06 -9.18 -50.43
C GLU E 268 22.73 -10.56 -49.87
N VAL E 269 23.48 -11.57 -50.30
CA VAL E 269 23.29 -12.94 -49.80
C VAL E 269 23.13 -13.00 -48.27
N GLY E 270 23.77 -12.05 -47.58
CA GLY E 270 23.69 -11.91 -46.12
C GLY E 270 22.29 -11.61 -45.66
N ARG E 271 21.57 -10.82 -46.44
CA ARG E 271 20.15 -10.57 -46.18
C ARG E 271 19.37 -11.88 -46.24
N ILE E 272 19.64 -12.70 -47.28
CA ILE E 272 18.95 -13.99 -47.46
C ILE E 272 19.15 -14.85 -46.21
N ILE E 273 20.41 -14.93 -45.77
CA ILE E 273 20.78 -15.68 -44.55
C ILE E 273 20.05 -15.10 -43.30
N GLY E 274 20.10 -13.77 -43.15
CA GLY E 274 19.40 -13.05 -42.09
C GLY E 274 17.96 -13.55 -41.98
N SER E 275 17.14 -13.24 -42.99
CA SER E 275 15.73 -13.66 -43.05
C SER E 275 15.58 -15.10 -42.55
N ALA E 276 16.24 -16.02 -43.25
CA ALA E 276 16.21 -17.46 -42.92
C ALA E 276 16.58 -17.79 -41.46
N CYS E 277 17.60 -17.13 -40.95
CA CYS E 277 18.12 -17.42 -39.61
C CYS E 277 17.17 -16.91 -38.54
N GLY E 278 16.52 -15.78 -38.81
CA GLY E 278 15.60 -15.20 -37.87
C GLY E 278 14.25 -15.82 -37.69
N ARG E 279 13.73 -16.44 -38.73
CA ARG E 279 12.54 -17.25 -38.65
C ARG E 279 12.90 -18.57 -38.15
N SER E 280 14.11 -19.00 -38.42
CA SER E 280 14.63 -20.13 -37.65
C SER E 280 15.04 -20.01 -36.15
N LEU E 281 15.07 -18.77 -35.63
CA LEU E 281 15.49 -18.52 -34.25
C LEU E 281 16.94 -18.98 -34.00
N LYS E 282 17.80 -18.80 -34.99
CA LYS E 282 19.20 -19.15 -34.81
C LYS E 282 20.11 -17.92 -34.82
N ALA E 283 21.20 -18.04 -34.08
CA ALA E 283 22.18 -16.99 -33.95
C ALA E 283 22.86 -16.83 -35.31
N VAL E 284 23.29 -15.60 -35.61
CA VAL E 284 23.85 -15.34 -36.92
C VAL E 284 25.03 -14.39 -36.83
N SER E 285 26.11 -14.75 -37.49
CA SER E 285 27.26 -13.90 -37.64
C SER E 285 27.37 -13.54 -39.06
N LEU E 286 27.47 -12.28 -39.32
CA LEU E 286 27.48 -11.75 -40.69
C LEU E 286 28.50 -10.66 -40.86
N GLU E 287 29.54 -10.95 -41.65
CA GLU E 287 30.48 -9.93 -42.11
C GLU E 287 30.39 -9.54 -43.59
N LEU E 288 29.58 -8.56 -43.90
CA LEU E 288 29.28 -8.18 -45.28
C LEU E 288 30.13 -7.02 -45.81
N GLY E 289 29.67 -6.33 -46.83
CA GLY E 289 30.49 -5.36 -47.53
C GLY E 289 31.08 -4.09 -46.94
N GLY E 290 32.10 -3.53 -47.57
CA GLY E 290 32.62 -2.23 -47.12
C GLY E 290 33.03 -1.25 -48.21
N LYS E 291 33.02 0.03 -47.89
CA LYS E 291 33.63 1.03 -48.76
C LYS E 291 34.42 1.94 -47.92
N SER E 292 35.46 1.42 -47.31
CA SER E 292 36.27 2.14 -46.34
C SER E 292 36.85 3.43 -46.91
N PRO E 293 36.60 4.55 -46.22
CA PRO E 293 37.23 5.81 -46.66
C PRO E 293 38.56 5.98 -45.98
N VAL E 294 39.46 6.72 -46.63
CA VAL E 294 40.73 7.09 -46.00
C VAL E 294 40.99 8.59 -46.15
N ILE E 295 41.34 9.22 -45.04
CA ILE E 295 41.28 10.67 -44.93
C ILE E 295 42.64 11.27 -44.57
N VAL E 296 43.16 12.09 -45.49
CA VAL E 296 44.46 12.76 -45.31
C VAL E 296 44.27 14.24 -44.95
N LEU E 297 44.58 14.61 -43.73
CA LEU E 297 44.45 15.98 -43.27
C LEU E 297 45.60 16.87 -43.70
N ALA E 298 45.47 18.17 -43.56
CA ALA E 298 46.41 19.16 -44.11
C ALA E 298 47.90 18.97 -43.74
N ASP E 299 48.13 18.58 -42.49
CA ASP E 299 49.47 18.54 -41.91
C ASP E 299 50.23 17.25 -42.20
N CYS E 300 49.54 16.26 -42.74
CA CYS E 300 50.16 14.96 -42.98
C CYS E 300 51.10 15.02 -44.16
N ASP E 301 52.22 14.31 -44.05
CA ASP E 301 53.20 14.29 -45.12
C ASP E 301 52.68 13.55 -46.36
N PRO E 302 52.78 14.18 -47.53
CA PRO E 302 52.39 13.65 -48.83
C PRO E 302 53.04 12.32 -49.24
N GLN E 303 54.34 12.12 -48.99
CA GLN E 303 54.95 10.82 -49.31
C GLN E 303 54.37 9.74 -48.40
N GLU E 304 54.17 10.06 -47.13
CA GLU E 304 53.61 9.10 -46.19
C GLU E 304 52.14 8.79 -46.50
N ALA E 305 51.39 9.81 -46.91
CA ALA E 305 49.95 9.64 -47.20
C ALA E 305 49.74 8.74 -48.41
N ALA E 306 50.48 9.00 -49.50
CA ALA E 306 50.35 8.22 -50.73
C ALA E 306 50.90 6.80 -50.65
N GLU E 307 51.91 6.61 -49.81
CA GLU E 307 52.39 5.27 -49.47
C GLU E 307 51.34 4.61 -48.59
N GLY E 308 50.73 5.42 -47.73
CA GLY E 308 49.60 5.01 -46.88
C GLY E 308 48.39 4.54 -47.66
N ALA E 309 47.93 5.35 -48.61
CA ALA E 309 46.77 4.99 -49.42
C ALA E 309 46.99 3.75 -50.28
N ALA E 310 48.15 3.66 -50.94
CA ALA E 310 48.49 2.51 -51.79
C ALA E 310 48.45 1.20 -51.01
N ALA E 311 49.02 1.22 -49.80
CA ALA E 311 48.93 0.06 -48.94
C ALA E 311 47.49 -0.22 -48.50
N ALA E 312 46.70 0.84 -48.32
CA ALA E 312 45.31 0.73 -47.92
C ALA E 312 44.42 0.08 -48.96
N ILE E 313 44.81 0.10 -50.22
CA ILE E 313 43.96 -0.44 -51.31
C ILE E 313 44.55 -1.42 -52.36
N PHE E 314 45.86 -1.53 -52.43
CA PHE E 314 46.52 -2.53 -53.27
C PHE E 314 47.03 -3.79 -52.52
N PHE E 315 46.81 -3.80 -51.20
CA PHE E 315 46.98 -4.98 -50.35
C PHE E 315 45.94 -6.07 -50.65
N ASN E 316 46.39 -7.26 -51.04
CA ASN E 316 45.46 -8.34 -51.39
C ASN E 316 44.69 -8.04 -52.68
N HIS E 317 45.35 -7.30 -53.56
CA HIS E 317 44.84 -6.88 -54.83
C HIS E 317 43.56 -6.16 -54.69
N GLY E 318 43.33 -5.56 -53.53
CA GLY E 318 42.14 -4.83 -53.16
C GLY E 318 40.97 -5.66 -52.75
N GLN E 319 41.23 -6.94 -52.57
CA GLN E 319 40.26 -7.97 -52.33
C GLN E 319 40.21 -8.09 -50.87
N VAL E 320 39.55 -7.13 -50.26
CA VAL E 320 39.54 -7.08 -48.82
C VAL E 320 38.33 -6.27 -48.46
N CYS E 321 37.52 -6.76 -47.54
CA CYS E 321 36.33 -6.04 -47.11
C CYS E 321 36.68 -4.59 -46.74
N THR E 322 37.67 -4.45 -45.86
CA THR E 322 38.15 -3.16 -45.43
C THR E 322 39.09 -2.31 -46.27
N ALA E 323 39.19 -2.55 -47.57
CA ALA E 323 40.16 -1.90 -48.38
C ALA E 323 39.69 -0.54 -48.62
N GLY E 324 40.58 0.42 -48.69
CA GLY E 324 40.28 1.81 -48.61
C GLY E 324 40.20 2.30 -50.00
N SER E 325 38.99 2.35 -50.47
CA SER E 325 38.69 2.43 -51.84
C SER E 325 38.23 3.78 -52.10
N ARG E 326 37.92 4.50 -51.06
CA ARG E 326 37.68 5.94 -51.20
C ARG E 326 38.82 6.76 -50.58
N LEU E 327 39.55 7.53 -51.40
CA LEU E 327 40.58 8.41 -50.86
C LEU E 327 40.12 9.87 -50.84
N TYR E 328 40.24 10.49 -49.69
CA TYR E 328 39.89 11.87 -49.45
C TYR E 328 41.11 12.59 -48.95
N VAL E 329 41.61 13.53 -49.73
CA VAL E 329 42.78 14.30 -49.41
C VAL E 329 42.45 15.76 -49.36
N HIS E 330 43.08 16.53 -48.50
CA HIS E 330 42.72 17.92 -48.33
C HIS E 330 43.07 18.63 -49.60
N GLU E 331 42.33 19.68 -49.92
CA GLU E 331 42.62 20.62 -50.99
C GLU E 331 44.02 21.05 -51.19
N SER E 332 44.71 21.34 -50.09
CA SER E 332 46.06 21.89 -50.15
C SER E 332 47.10 20.94 -50.75
N ILE E 333 47.04 19.67 -50.38
CA ILE E 333 48.05 18.73 -50.77
C ILE E 333 47.49 17.65 -51.65
N TYR E 334 46.29 17.83 -52.15
CA TYR E 334 45.60 16.85 -52.98
C TYR E 334 46.34 16.40 -54.19
N GLU E 335 46.84 17.31 -54.98
CA GLU E 335 47.57 16.98 -56.17
C GLU E 335 48.88 16.41 -55.83
N ASP E 336 49.60 17.00 -54.91
CA ASP E 336 50.83 16.46 -54.43
C ASP E 336 50.71 14.99 -54.15
N VAL E 337 49.77 14.61 -53.29
CA VAL E 337 49.40 13.24 -52.98
C VAL E 337 49.02 12.30 -54.08
N ILE E 338 48.22 12.73 -55.04
CA ILE E 338 47.82 11.83 -56.10
C ILE E 338 48.81 11.67 -57.18
N GLN E 339 49.72 12.61 -57.31
CA GLN E 339 50.86 12.51 -58.17
C GLN E 339 51.71 11.38 -57.71
N ARG E 340 52.01 11.33 -56.43
CA ARG E 340 52.98 10.43 -55.88
C ARG E 340 52.39 9.10 -56.02
N LEU E 341 51.15 8.97 -55.60
CA LEU E 341 50.36 7.76 -55.65
C LEU E 341 50.27 7.05 -56.99
N ALA E 342 50.24 7.78 -58.08
CA ALA E 342 50.26 7.18 -59.38
C ALA E 342 51.63 6.74 -59.74
N VAL E 343 52.66 7.25 -59.12
CA VAL E 343 53.99 6.77 -59.35
C VAL E 343 54.03 5.41 -58.72
N ILE E 344 53.50 5.29 -57.53
CA ILE E 344 53.44 4.05 -56.80
C ILE E 344 52.66 2.93 -57.46
N GLY E 345 51.51 3.24 -58.02
CA GLY E 345 50.70 2.23 -58.67
C GLY E 345 51.12 1.90 -60.06
N GLU E 346 51.90 2.77 -60.68
CA GLU E 346 52.34 2.58 -62.02
C GLU E 346 53.43 1.57 -61.98
N SER E 347 54.22 1.67 -60.95
CA SER E 347 55.27 0.75 -60.64
C SER E 347 54.95 -0.53 -59.97
N ILE E 348 53.71 -0.92 -59.84
CA ILE E 348 53.36 -2.24 -59.36
C ILE E 348 53.42 -3.20 -60.54
N VAL E 349 54.11 -4.30 -60.37
CA VAL E 349 54.23 -5.35 -61.36
C VAL E 349 53.26 -6.44 -61.04
N VAL E 350 52.39 -6.75 -61.98
CA VAL E 350 51.36 -7.75 -61.87
C VAL E 350 51.79 -9.08 -62.48
N GLY E 351 51.64 -10.18 -61.76
CA GLY E 351 52.09 -11.44 -62.27
C GLY E 351 51.66 -12.62 -61.47
N SER E 352 52.21 -13.76 -61.77
CA SER E 352 51.93 -14.99 -61.07
C SER E 352 52.38 -14.90 -59.65
N GLY E 353 51.79 -15.65 -58.75
CA GLY E 353 52.13 -15.55 -57.35
C GLY E 353 53.37 -16.26 -56.92
N LEU E 354 53.89 -17.11 -57.81
CA LEU E 354 55.11 -17.85 -57.54
C LEU E 354 56.31 -17.31 -58.31
N GLU E 355 56.14 -16.19 -58.99
CA GLU E 355 57.21 -15.60 -59.74
C GLU E 355 57.90 -14.53 -58.90
N GLN E 356 59.17 -14.30 -59.15
CA GLN E 356 59.91 -13.31 -58.42
C GLN E 356 59.88 -11.96 -59.10
N GLY E 357 59.65 -10.92 -58.33
CA GLY E 357 59.63 -9.58 -58.87
C GLY E 357 58.25 -9.00 -59.00
N VAL E 358 57.28 -9.76 -58.55
CA VAL E 358 55.87 -9.51 -58.69
C VAL E 358 55.35 -8.96 -57.38
N HIS E 359 54.46 -7.98 -57.45
CA HIS E 359 53.94 -7.29 -56.31
C HIS E 359 52.47 -7.56 -56.08
N MET E 360 51.73 -7.73 -57.15
CA MET E 360 50.33 -8.04 -57.13
C MET E 360 50.05 -9.22 -57.98
N GLY E 361 49.04 -9.99 -57.65
CA GLY E 361 48.62 -11.13 -58.43
C GLY E 361 47.27 -10.92 -59.02
N PRO E 362 46.52 -11.98 -59.20
CA PRO E 362 45.27 -11.91 -59.92
C PRO E 362 43.98 -11.84 -59.07
N MET E 363 42.86 -11.83 -59.76
CA MET E 363 41.58 -11.97 -59.16
C MET E 363 41.40 -13.43 -59.07
N VAL E 364 40.42 -13.86 -58.29
CA VAL E 364 40.29 -15.22 -57.87
C VAL E 364 39.53 -16.01 -58.86
N SER E 365 38.61 -15.36 -59.56
CA SER E 365 37.80 -15.98 -60.56
C SER E 365 37.57 -15.07 -61.71
N LYS E 366 37.02 -15.61 -62.78
CA LYS E 366 36.80 -14.89 -64.00
C LYS E 366 35.52 -14.15 -63.99
N LYS E 367 34.61 -14.46 -63.09
CA LYS E 367 33.43 -13.68 -62.90
C LYS E 367 33.73 -12.43 -62.14
N HIS E 368 34.60 -12.48 -61.16
CA HIS E 368 35.02 -11.32 -60.42
C HIS E 368 35.93 -10.41 -61.19
N HIS E 369 36.76 -10.96 -62.04
CA HIS E 369 37.58 -10.23 -62.96
C HIS E 369 36.75 -9.40 -63.92
N GLU E 370 35.68 -9.98 -64.40
CA GLU E 370 34.76 -9.32 -65.28
C GLU E 370 33.91 -8.27 -64.64
N ASN E 371 33.73 -8.35 -63.36
CA ASN E 371 32.92 -7.43 -62.60
C ASN E 371 33.68 -6.24 -62.19
N VAL E 372 34.96 -6.46 -61.99
CA VAL E 372 35.93 -5.48 -61.59
C VAL E 372 36.26 -4.64 -62.76
N LEU E 373 36.24 -5.22 -63.92
CA LEU E 373 36.50 -4.50 -65.14
C LEU E 373 35.35 -3.69 -65.64
N ARG E 374 34.14 -4.05 -65.26
CA ARG E 374 32.92 -3.34 -65.56
C ARG E 374 32.75 -2.13 -64.73
N HIS E 375 33.32 -2.13 -63.56
CA HIS E 375 33.31 -1.02 -62.67
C HIS E 375 34.36 -0.04 -63.02
N ILE E 376 35.50 -0.49 -63.51
CA ILE E 376 36.53 0.39 -64.02
C ILE E 376 35.88 1.11 -65.16
N ARG E 377 35.31 0.39 -66.10
CA ARG E 377 34.62 0.96 -67.20
C ARG E 377 33.44 1.88 -66.99
N ASN E 378 32.55 1.64 -66.03
CA ASN E 378 31.53 2.65 -65.68
C ASN E 378 32.17 3.91 -65.14
N GLY E 379 33.25 3.79 -64.39
CA GLY E 379 34.01 4.92 -63.93
C GLY E 379 34.63 5.85 -64.94
N ILE E 380 35.06 5.35 -66.09
CA ILE E 380 35.54 6.17 -67.17
C ILE E 380 34.40 6.91 -67.85
N GLU E 381 33.24 6.27 -67.91
CA GLU E 381 32.07 6.87 -68.54
C GLU E 381 31.41 7.90 -67.63
N ASP E 382 31.59 7.72 -66.33
CA ASP E 382 31.02 8.62 -65.37
C ASP E 382 31.89 9.82 -65.15
N GLY E 383 32.90 9.96 -65.96
CA GLY E 383 33.65 11.17 -65.98
C GLY E 383 34.74 11.42 -64.99
N ALA E 384 35.31 10.36 -64.48
CA ALA E 384 36.42 10.50 -63.59
C ALA E 384 37.68 10.37 -64.38
N ASP E 385 38.77 10.83 -63.78
CA ASP E 385 40.05 10.97 -64.41
C ASP E 385 40.90 9.79 -64.14
N LEU E 386 41.24 9.03 -65.14
CA LEU E 386 42.13 7.93 -64.99
C LEU E 386 43.53 8.46 -64.98
N ILE E 387 44.16 8.39 -63.81
CA ILE E 387 45.50 8.85 -63.62
C ILE E 387 46.42 7.68 -63.58
N CYS E 388 45.87 6.49 -63.43
CA CYS E 388 46.71 5.31 -63.30
C CYS E 388 45.87 4.07 -63.56
N GLY E 389 46.39 3.20 -64.42
CA GLY E 389 45.76 1.93 -64.67
C GLY E 389 44.80 1.91 -65.80
N GLY E 390 43.88 0.99 -65.75
CA GLY E 390 42.80 0.92 -66.69
C GLY E 390 42.29 -0.47 -66.93
N THR E 391 41.96 -0.73 -68.17
CA THR E 391 41.27 -1.97 -68.57
C THR E 391 41.95 -3.08 -69.39
N GLU E 392 43.17 -2.79 -69.79
CA GLU E 392 43.89 -3.57 -70.72
C GLU E 392 44.52 -4.63 -69.92
N ALA E 393 45.01 -5.69 -70.53
CA ALA E 393 45.32 -6.83 -69.75
C ALA E 393 46.77 -6.75 -69.56
N PRO E 394 47.19 -6.88 -68.31
CA PRO E 394 48.61 -6.78 -67.96
C PRO E 394 49.34 -8.02 -68.41
N CYS E 395 48.62 -9.14 -68.38
CA CYS E 395 49.16 -10.41 -68.86
C CYS E 395 48.38 -11.02 -70.02
N ALA E 396 48.85 -12.18 -70.46
CA ALA E 396 48.28 -12.92 -71.54
C ALA E 396 47.26 -13.96 -71.09
N GLN E 397 47.53 -14.57 -69.97
CA GLN E 397 46.64 -15.53 -69.41
C GLN E 397 46.26 -15.08 -68.02
N GLY E 398 45.06 -15.37 -67.56
CA GLY E 398 44.70 -15.12 -66.19
C GLY E 398 43.75 -14.01 -65.91
N PHE E 399 43.36 -13.91 -64.67
CA PHE E 399 42.37 -12.94 -64.27
C PHE E 399 43.03 -11.73 -63.70
N PHE E 400 43.83 -11.06 -64.49
CA PHE E 400 44.64 -9.95 -64.05
C PHE E 400 44.02 -8.60 -64.36
N VAL E 401 44.16 -7.68 -63.43
CA VAL E 401 43.70 -6.32 -63.55
C VAL E 401 44.88 -5.45 -63.18
N LYS E 402 44.99 -4.30 -63.82
CA LYS E 402 46.00 -3.35 -63.51
C LYS E 402 45.46 -2.54 -62.37
N PRO E 403 46.30 -2.13 -61.43
CA PRO E 403 45.87 -1.23 -60.38
C PRO E 403 45.45 0.12 -60.89
N THR E 404 44.23 0.56 -60.61
CA THR E 404 43.61 1.70 -61.23
C THR E 404 43.29 2.76 -60.23
N ILE E 405 43.63 3.99 -60.53
CA ILE E 405 43.22 5.14 -59.73
C ILE E 405 42.40 6.17 -60.51
N PHE E 406 41.26 6.55 -59.97
CA PHE E 406 40.40 7.55 -60.56
C PHE E 406 40.44 8.76 -59.70
N ALA E 407 40.65 9.91 -60.28
CA ALA E 407 40.61 11.15 -59.58
C ALA E 407 39.26 11.81 -59.66
N ASN E 408 38.54 11.93 -58.58
CA ASN E 408 37.32 12.67 -58.60
C ASN E 408 37.42 14.15 -58.23
N ARG E 409 38.16 14.92 -58.98
CA ARG E 409 38.15 16.35 -58.80
C ARG E 409 36.85 16.82 -59.38
N GLU E 410 36.26 17.83 -58.81
CA GLU E 410 34.92 18.20 -59.17
C GLU E 410 33.81 17.48 -58.50
N LYS E 411 34.13 16.65 -57.54
CA LYS E 411 33.20 16.14 -56.59
C LYS E 411 31.93 15.75 -57.27
N LYS E 412 31.99 14.78 -58.13
CA LYS E 412 30.81 14.36 -58.78
C LYS E 412 30.66 13.02 -58.18
N ASP E 413 29.41 12.59 -58.01
CA ASP E 413 29.11 11.24 -57.55
C ASP E 413 29.23 10.35 -58.77
N ILE E 414 30.19 9.45 -58.74
CA ILE E 414 30.60 8.73 -59.93
C ILE E 414 30.12 7.31 -59.88
N ARG E 415 29.49 6.92 -58.78
CA ARG E 415 29.02 5.55 -58.70
C ARG E 415 29.98 4.49 -58.35
N LEU E 416 31.25 4.86 -58.22
CA LEU E 416 32.27 3.94 -57.74
C LEU E 416 32.36 4.29 -56.27
N LEU E 417 31.84 5.46 -55.93
CA LEU E 417 31.78 5.89 -54.54
C LEU E 417 30.73 5.09 -53.76
N SER E 418 29.88 4.37 -54.48
CA SER E 418 28.87 3.57 -53.86
C SER E 418 28.92 2.08 -54.07
N GLN E 419 29.80 1.65 -54.95
CA GLN E 419 29.89 0.28 -55.35
C GLN E 419 31.14 -0.37 -54.85
N GLU E 420 31.01 -1.33 -53.98
CA GLU E 420 32.12 -2.15 -53.64
C GLU E 420 32.62 -2.92 -54.85
N VAL E 421 33.91 -2.78 -55.12
CA VAL E 421 34.59 -3.39 -56.22
C VAL E 421 35.27 -4.67 -55.78
N PHE E 422 36.07 -4.60 -54.75
CA PHE E 422 36.82 -5.74 -54.29
C PHE E 422 37.91 -6.02 -55.29
N GLY E 423 38.48 -4.98 -55.81
CA GLY E 423 39.58 -5.11 -56.70
C GLY E 423 40.35 -3.89 -56.49
N PRO E 424 41.47 -3.78 -57.17
CA PRO E 424 42.39 -2.68 -57.02
C PRO E 424 41.97 -1.38 -57.66
N VAL E 425 40.90 -0.77 -57.20
CA VAL E 425 40.40 0.42 -57.84
C VAL E 425 40.17 1.48 -56.78
N LEU E 426 40.75 2.65 -56.97
CA LEU E 426 40.60 3.74 -56.04
C LEU E 426 40.01 4.96 -56.67
N VAL E 427 39.09 5.62 -55.98
CA VAL E 427 38.64 6.95 -56.33
C VAL E 427 39.18 7.93 -55.31
N ALA E 428 39.81 8.99 -55.77
CA ALA E 428 40.42 9.98 -54.92
C ALA E 428 39.80 11.34 -55.06
N THR E 429 39.08 11.78 -54.05
CA THR E 429 38.35 13.02 -54.04
C THR E 429 38.95 14.03 -53.09
N PRO E 430 38.80 15.34 -53.32
CA PRO E 430 39.30 16.34 -52.39
C PRO E 430 38.28 16.93 -51.44
N PHE E 431 38.76 17.68 -50.48
CA PHE E 431 37.90 18.28 -49.50
C PHE E 431 38.42 19.48 -48.75
N SER E 432 37.56 20.43 -48.48
CA SER E 432 37.94 21.65 -47.81
C SER E 432 37.86 21.75 -46.28
N ASP E 433 36.71 21.36 -45.73
CA ASP E 433 36.54 21.33 -44.30
C ASP E 433 36.58 19.92 -43.85
N ILE E 434 36.65 19.72 -42.54
CA ILE E 434 36.71 18.43 -41.94
C ILE E 434 35.36 17.89 -41.70
N ALA E 435 34.42 18.76 -41.45
CA ALA E 435 33.02 18.46 -41.49
C ALA E 435 32.39 17.95 -42.71
N GLU E 436 32.94 18.31 -43.85
CA GLU E 436 32.51 17.84 -45.12
C GLU E 436 33.04 16.45 -45.41
N VAL E 437 34.22 16.12 -44.94
CA VAL E 437 34.82 14.85 -45.26
C VAL E 437 34.20 13.79 -44.44
N VAL E 438 33.75 14.18 -43.27
CA VAL E 438 33.15 13.31 -42.30
C VAL E 438 31.81 12.98 -42.83
N ASN E 439 31.11 13.95 -43.33
CA ASN E 439 29.86 13.72 -43.98
C ASN E 439 29.88 12.81 -45.16
N GLU E 440 30.95 12.87 -45.92
CA GLU E 440 31.17 12.06 -47.10
C GLU E 440 31.56 10.65 -46.77
N ALA E 441 32.26 10.49 -45.67
CA ALA E 441 32.63 9.21 -45.20
C ALA E 441 31.47 8.42 -44.73
N ASN E 442 30.55 9.11 -44.10
CA ASN E 442 29.26 8.60 -43.71
C ASN E 442 28.10 8.83 -44.59
N ARG E 443 28.37 9.02 -45.86
CA ARG E 443 27.41 8.92 -46.93
C ARG E 443 27.72 7.65 -47.61
N SER E 444 27.58 6.57 -46.88
CA SER E 444 27.79 5.25 -47.40
C SER E 444 26.77 4.44 -46.72
N VAL E 445 26.46 3.26 -47.25
CA VAL E 445 25.48 2.35 -46.64
C VAL E 445 26.19 1.34 -45.83
N TYR E 446 27.51 1.34 -45.97
CA TYR E 446 28.35 0.41 -45.23
C TYR E 446 29.05 1.22 -44.15
N GLY E 447 29.58 0.53 -43.15
CA GLY E 447 30.27 1.17 -42.04
C GLY E 447 31.39 0.41 -41.39
N LEU E 448 32.07 -0.43 -42.18
CA LEU E 448 33.19 -1.21 -41.67
C LEU E 448 34.48 -0.69 -41.08
N GLY E 449 35.25 0.09 -41.82
CA GLY E 449 36.50 0.67 -41.38
C GLY E 449 36.77 2.06 -41.89
N ALA E 450 37.89 2.66 -41.50
CA ALA E 450 38.24 3.98 -41.92
C ALA E 450 39.62 4.34 -41.44
N SER E 451 40.29 5.28 -42.09
CA SER E 451 41.59 5.77 -41.68
C SER E 451 41.62 7.28 -41.60
N ILE E 452 42.37 7.83 -40.64
CA ILE E 452 42.65 9.24 -40.53
C ILE E 452 44.14 9.31 -40.50
N TRP E 453 44.73 10.26 -41.19
CA TRP E 453 46.15 10.43 -41.34
C TRP E 453 46.49 11.84 -40.91
N THR E 454 47.28 11.99 -39.86
CA THR E 454 47.34 13.21 -39.10
C THR E 454 48.27 13.08 -37.87
N ASN E 455 48.94 14.13 -37.38
CA ASN E 455 49.49 14.19 -36.04
C ASN E 455 48.72 15.15 -35.23
N ASP E 456 47.52 15.47 -35.64
CA ASP E 456 46.57 16.27 -34.90
C ASP E 456 45.67 15.57 -33.95
N LEU E 457 46.04 15.54 -32.67
CA LEU E 457 45.26 14.82 -31.66
C LEU E 457 43.77 15.14 -31.65
N SER E 458 43.44 16.42 -31.63
CA SER E 458 42.08 16.86 -31.46
C SER E 458 41.32 16.30 -32.62
N ALA E 459 41.76 16.59 -33.83
CA ALA E 459 41.09 16.25 -35.06
C ALA E 459 40.98 14.79 -35.14
N ALA E 460 42.08 14.06 -35.15
CA ALA E 460 42.02 12.62 -35.16
C ALA E 460 41.02 11.96 -34.26
N LEU E 461 41.00 12.35 -33.02
CA LEU E 461 40.05 11.89 -32.06
C LEU E 461 38.63 12.35 -32.20
N ARG E 462 38.42 13.49 -32.82
CA ARG E 462 37.11 14.04 -33.03
C ARG E 462 36.51 13.72 -34.37
N ILE E 463 37.31 13.25 -35.31
CA ILE E 463 36.87 12.62 -36.53
C ILE E 463 36.36 11.28 -36.10
N ASN E 464 37.11 10.57 -35.28
CA ASN E 464 36.76 9.24 -34.85
C ASN E 464 35.54 9.21 -34.02
N ASP E 465 35.32 10.14 -33.20
CA ASP E 465 34.05 10.55 -32.65
C ASP E 465 32.85 10.58 -33.60
N GLU E 466 33.03 11.09 -34.82
CA GLU E 466 31.89 11.36 -35.72
C GLU E 466 31.71 10.39 -36.89
N LEU E 467 32.70 9.52 -37.09
CA LEU E 467 32.67 8.51 -38.12
C LEU E 467 31.73 7.45 -37.72
N GLU E 468 31.03 6.85 -38.66
CA GLU E 468 30.11 5.79 -38.41
C GLU E 468 30.75 4.53 -38.92
N ALA E 469 31.87 4.18 -38.37
CA ALA E 469 32.68 3.11 -38.84
C ALA E 469 33.00 2.27 -37.68
N GLY E 470 33.00 0.98 -37.87
CA GLY E 470 33.20 0.04 -36.80
C GLY E 470 34.60 -0.25 -36.39
N THR E 471 35.58 0.14 -37.21
CA THR E 471 36.99 0.01 -36.86
C THR E 471 37.89 1.07 -37.51
N VAL E 472 38.01 2.23 -36.87
CA VAL E 472 38.92 3.25 -37.29
C VAL E 472 40.38 3.03 -37.00
N TRP E 473 41.24 3.31 -37.97
CA TRP E 473 42.68 3.25 -37.80
C TRP E 473 43.15 4.65 -37.92
N VAL E 474 44.26 4.96 -37.28
CA VAL E 474 44.90 6.26 -37.40
C VAL E 474 46.33 6.05 -37.78
N ASN E 475 46.68 6.50 -38.98
CA ASN E 475 48.02 6.38 -39.55
C ASN E 475 48.43 4.97 -39.89
N THR E 476 47.41 4.17 -40.19
CA THR E 476 47.47 2.81 -40.68
C THR E 476 46.14 2.44 -41.28
N HIS E 477 45.98 1.21 -41.77
CA HIS E 477 44.77 0.69 -42.34
C HIS E 477 45.00 -0.78 -42.38
N ASN E 478 43.96 -1.56 -42.36
CA ASN E 478 43.93 -2.98 -42.65
C ASN E 478 44.53 -3.86 -41.59
N MET E 479 44.64 -3.34 -40.39
CA MET E 479 45.28 -3.99 -39.29
C MET E 479 44.31 -4.78 -38.47
N VAL E 480 44.54 -6.08 -38.39
CA VAL E 480 43.68 -7.04 -37.75
C VAL E 480 44.44 -7.87 -36.73
N ASP E 481 43.88 -8.15 -35.59
CA ASP E 481 44.61 -8.93 -34.62
C ASP E 481 43.68 -9.91 -34.05
N PRO E 482 44.15 -11.04 -33.55
CA PRO E 482 43.33 -11.96 -32.81
C PRO E 482 42.67 -11.36 -31.57
N ASN E 483 43.20 -10.32 -30.98
CA ASN E 483 42.65 -9.69 -29.81
C ASN E 483 41.81 -8.48 -30.07
N LEU E 484 41.73 -8.02 -31.32
CA LEU E 484 40.91 -6.85 -31.62
C LEU E 484 39.59 -7.20 -32.29
N PRO E 485 38.48 -6.89 -31.62
CA PRO E 485 37.18 -7.12 -32.22
C PRO E 485 36.95 -6.38 -33.53
N PHE E 486 36.15 -6.97 -34.39
CA PHE E 486 36.04 -6.54 -35.76
C PHE E 486 34.61 -6.67 -36.16
N GLY E 487 34.04 -5.71 -36.81
CA GLY E 487 32.67 -5.79 -37.23
C GLY E 487 32.39 -4.48 -37.85
N GLY E 488 31.21 -4.29 -38.40
CA GLY E 488 30.88 -3.06 -39.03
C GLY E 488 29.51 -2.63 -38.60
N PHE E 489 29.14 -1.44 -39.03
CA PHE E 489 27.87 -0.84 -38.74
C PHE E 489 27.06 -0.82 -40.01
N LYS E 490 25.79 -0.51 -39.93
CA LYS E 490 24.92 -0.42 -41.09
C LYS E 490 24.72 -1.65 -41.93
N ASP E 491 25.15 -1.59 -43.18
CA ASP E 491 25.00 -2.67 -44.14
C ASP E 491 26.19 -3.57 -44.23
N SER E 492 27.09 -3.47 -43.27
CA SER E 492 28.32 -4.22 -43.26
C SER E 492 28.25 -5.38 -42.33
N GLY E 493 27.18 -5.48 -41.59
CA GLY E 493 26.84 -6.71 -40.96
C GLY E 493 26.17 -6.60 -39.64
N VAL E 494 26.11 -7.72 -38.95
CA VAL E 494 25.69 -7.83 -37.57
C VAL E 494 26.73 -8.60 -36.76
N GLY E 495 27.27 -8.03 -35.70
CA GLY E 495 28.11 -8.79 -34.81
C GLY E 495 29.55 -8.47 -34.86
N ARG E 496 30.29 -8.97 -33.88
CA ARG E 496 31.73 -8.78 -33.78
C ARG E 496 32.50 -10.08 -33.73
N GLU E 497 33.72 -10.03 -34.24
CA GLU E 497 34.44 -11.21 -34.65
C GLU E 497 35.55 -11.75 -33.81
N HIS E 498 36.42 -10.91 -33.30
CA HIS E 498 37.60 -11.45 -32.63
C HIS E 498 37.74 -11.12 -31.20
N GLY E 499 38.89 -11.33 -30.64
CA GLY E 499 39.05 -10.99 -29.26
C GLY E 499 38.30 -11.62 -28.15
N ALA E 500 37.63 -10.80 -27.37
CA ALA E 500 36.72 -11.23 -26.34
C ALA E 500 35.32 -11.07 -26.85
N ALA E 501 35.17 -10.64 -28.07
CA ALA E 501 33.88 -10.60 -28.72
C ALA E 501 33.51 -11.92 -29.32
N ALA E 502 34.48 -12.79 -29.49
CA ALA E 502 34.31 -14.06 -30.14
C ALA E 502 33.59 -14.89 -29.18
N ILE E 503 34.07 -14.87 -27.96
CA ILE E 503 33.64 -15.73 -26.88
C ILE E 503 32.21 -15.56 -26.56
N GLU E 504 31.75 -14.30 -26.55
CA GLU E 504 30.35 -14.01 -26.31
C GLU E 504 29.43 -14.44 -27.46
N HIS E 505 29.99 -14.56 -28.66
CA HIS E 505 29.23 -14.90 -29.82
C HIS E 505 29.24 -16.36 -30.14
N TYR E 506 30.13 -17.10 -29.53
CA TYR E 506 30.24 -18.53 -29.68
C TYR E 506 29.95 -19.29 -28.41
N THR E 507 29.43 -18.60 -27.42
CA THR E 507 29.01 -19.17 -26.18
C THR E 507 27.71 -18.54 -25.83
N THR E 508 27.02 -19.13 -24.89
CA THR E 508 25.84 -18.52 -24.29
C THR E 508 25.83 -18.88 -22.82
N THR E 509 24.83 -18.55 -22.05
CA THR E 509 24.85 -18.94 -20.66
C THR E 509 23.57 -19.68 -20.27
N ARG E 510 23.64 -20.53 -19.26
CA ARG E 510 22.44 -21.02 -18.57
C ARG E 510 22.52 -20.53 -17.13
N SER E 511 21.39 -20.16 -16.57
CA SER E 511 21.34 -19.70 -15.19
C SER E 511 20.98 -20.83 -14.22
N LEU E 512 21.47 -20.72 -12.99
CA LEU E 512 21.18 -21.68 -11.96
C LEU E 512 21.02 -20.98 -10.62
N VAL E 513 19.83 -21.13 -10.03
CA VAL E 513 19.51 -20.54 -8.74
C VAL E 513 19.06 -21.64 -7.79
N ILE E 514 19.86 -21.90 -6.75
CA ILE E 514 19.53 -22.93 -5.74
C ILE E 514 18.99 -22.37 -4.43
N ALA E 515 17.76 -22.72 -4.08
CA ALA E 515 17.20 -22.36 -2.77
C ALA E 515 17.50 -23.45 -1.76
N TYR E 516 18.20 -23.08 -0.71
CA TYR E 516 18.62 -23.97 0.32
C TYR E 516 18.42 -23.16 1.56
N GLN F 36 -3.72 9.15 -24.75
CA GLN F 36 -3.10 9.88 -25.82
C GLN F 36 -1.75 9.25 -25.85
N MET F 37 -1.03 9.33 -26.96
CA MET F 37 0.30 8.78 -27.10
C MET F 37 1.31 9.83 -26.85
N LEU F 38 2.48 9.43 -26.48
CA LEU F 38 3.58 10.35 -26.33
C LEU F 38 4.57 10.35 -27.48
N ILE F 39 4.82 11.48 -28.09
CA ILE F 39 5.73 11.57 -29.18
C ILE F 39 6.34 12.90 -29.23
N GLY F 40 7.52 13.05 -28.67
CA GLY F 40 8.26 14.26 -28.75
C GLY F 40 8.01 15.17 -27.60
N GLY F 41 7.55 14.63 -26.51
CA GLY F 41 7.25 15.37 -25.31
C GLY F 41 5.84 15.82 -25.30
N GLN F 42 5.11 15.32 -26.26
CA GLN F 42 3.81 15.82 -26.63
C GLN F 42 2.77 14.79 -26.58
N TRP F 43 1.70 15.10 -25.88
CA TRP F 43 0.59 14.24 -25.75
C TRP F 43 -0.24 14.52 -26.93
N VAL F 44 -0.41 13.50 -27.70
CA VAL F 44 -0.83 13.58 -29.07
C VAL F 44 -1.86 12.48 -29.31
N SER F 45 -2.84 12.77 -30.16
CA SER F 45 -3.80 11.76 -30.59
C SER F 45 -3.33 11.16 -31.89
N ALA F 46 -3.97 10.11 -32.38
CA ALA F 46 -3.62 9.49 -33.64
C ALA F 46 -4.03 10.38 -34.76
N GLN F 47 -3.32 10.32 -35.86
CA GLN F 47 -3.55 11.19 -36.98
C GLN F 47 -4.86 10.98 -37.69
N SER F 48 -5.34 9.76 -37.68
CA SER F 48 -6.64 9.39 -38.14
C SER F 48 -7.78 9.70 -37.21
N GLY F 49 -7.45 9.87 -35.94
CA GLY F 49 -8.38 10.28 -34.94
C GLY F 49 -9.08 9.10 -34.42
N LYS F 50 -8.71 7.98 -35.00
CA LYS F 50 -9.21 6.66 -34.64
C LYS F 50 -8.63 6.27 -33.32
N THR F 51 -9.33 5.40 -32.70
CA THR F 51 -9.17 5.15 -31.27
C THR F 51 -9.53 3.68 -31.02
N LEU F 52 -9.26 3.15 -29.82
CA LEU F 52 -9.63 1.78 -29.50
C LEU F 52 -9.85 1.57 -27.99
N ASN F 53 -10.78 0.67 -27.64
CA ASN F 53 -11.13 0.39 -26.24
C ASN F 53 -10.19 -0.57 -25.50
N VAL F 54 -9.85 -0.17 -24.28
CA VAL F 54 -9.20 -0.97 -23.24
C VAL F 54 -10.29 -1.37 -22.22
N TYR F 55 -10.14 -2.42 -21.45
CA TYR F 55 -11.16 -2.82 -20.53
C TYR F 55 -10.69 -3.10 -19.15
N ASN F 56 -11.60 -3.31 -18.24
CA ASN F 56 -11.32 -3.86 -16.95
C ASN F 56 -11.74 -5.29 -17.02
N PRO F 57 -10.85 -6.24 -16.80
CA PRO F 57 -11.16 -7.63 -17.02
C PRO F 57 -12.02 -8.23 -15.95
N ALA F 58 -12.32 -7.44 -14.93
CA ALA F 58 -13.01 -7.95 -13.75
C ALA F 58 -14.51 -7.99 -14.02
N THR F 59 -14.95 -7.07 -14.87
CA THR F 59 -16.35 -6.95 -15.25
C THR F 59 -16.68 -6.98 -16.75
N GLY F 60 -15.63 -6.94 -17.55
CA GLY F 60 -15.75 -6.97 -18.99
C GLY F 60 -16.31 -5.67 -19.56
N ASP F 61 -15.93 -4.54 -18.96
CA ASP F 61 -16.44 -3.28 -19.48
C ASP F 61 -15.30 -2.38 -19.96
N ILE F 62 -15.67 -1.29 -20.63
CA ILE F 62 -14.68 -0.37 -21.15
C ILE F 62 -14.14 0.33 -19.93
N LEU F 63 -12.83 0.52 -19.86
CA LEU F 63 -12.22 1.28 -18.80
C LEU F 63 -11.96 2.61 -19.38
N THR F 64 -11.46 2.55 -20.58
CA THR F 64 -11.17 3.74 -21.38
C THR F 64 -10.85 3.48 -22.83
N GLU F 65 -10.26 4.47 -23.49
CA GLU F 65 -9.86 4.46 -24.90
C GLU F 65 -8.46 4.97 -25.06
N VAL F 66 -7.78 4.58 -26.11
CA VAL F 66 -6.44 5.05 -26.27
C VAL F 66 -6.28 5.14 -27.75
N PRO F 67 -5.21 5.68 -28.27
CA PRO F 67 -5.03 5.80 -29.71
C PRO F 67 -4.84 4.57 -30.51
N ASP F 68 -5.50 4.46 -31.66
CA ASP F 68 -5.34 3.39 -32.61
C ASP F 68 -4.46 3.83 -33.74
N GLY F 69 -3.15 3.88 -33.44
CA GLY F 69 -2.10 4.35 -34.27
C GLY F 69 -1.66 3.47 -35.41
N ASP F 70 -1.17 4.12 -36.43
CA ASP F 70 -0.89 3.44 -37.64
C ASP F 70 0.44 3.95 -38.00
N VAL F 71 0.81 3.88 -39.26
CA VAL F 71 2.17 3.91 -39.75
C VAL F 71 2.66 5.29 -39.99
N GLU F 72 1.73 6.23 -39.90
CA GLU F 72 1.90 7.65 -39.71
C GLU F 72 2.44 7.98 -38.39
N ASP F 73 1.88 7.40 -37.38
CA ASP F 73 2.30 7.64 -36.03
C ASP F 73 3.32 6.71 -35.34
N VAL F 74 3.86 5.82 -36.09
CA VAL F 74 4.98 5.07 -35.67
C VAL F 74 6.10 5.88 -36.26
N ASN F 75 5.79 6.53 -37.34
CA ASN F 75 6.76 7.22 -38.10
C ASN F 75 7.34 8.44 -37.46
N ALA F 76 6.48 9.17 -36.82
CA ALA F 76 6.78 10.41 -36.17
C ALA F 76 7.58 10.03 -34.98
N ALA F 77 7.11 9.02 -34.29
CA ALA F 77 7.71 8.55 -33.09
C ALA F 77 9.03 7.97 -33.31
N VAL F 78 9.27 7.35 -34.42
CA VAL F 78 10.59 6.85 -34.67
C VAL F 78 11.58 7.83 -35.25
N GLU F 79 11.11 8.98 -35.67
CA GLU F 79 11.90 10.00 -36.30
C GLU F 79 12.25 10.95 -35.27
N SER F 80 11.55 10.87 -34.18
CA SER F 80 11.72 11.72 -33.04
C SER F 80 12.72 11.20 -32.07
N ALA F 81 13.00 9.92 -32.12
CA ALA F 81 13.92 9.30 -31.25
C ALA F 81 15.18 9.30 -31.95
N ALA F 82 15.14 9.37 -33.25
CA ALA F 82 16.36 9.38 -33.97
C ALA F 82 16.83 10.79 -33.96
N ALA F 83 15.97 11.74 -33.72
CA ALA F 83 16.38 13.10 -33.67
C ALA F 83 17.21 13.46 -32.50
N THR F 84 16.78 12.80 -31.44
CA THR F 84 17.20 12.87 -30.09
C THR F 84 18.31 11.98 -29.66
N LEU F 85 18.58 10.96 -30.46
CA LEU F 85 19.68 10.06 -30.22
C LEU F 85 20.93 10.72 -30.79
N ARG F 86 20.70 11.51 -31.83
CA ARG F 86 21.75 12.31 -32.41
C ARG F 86 21.93 13.62 -31.74
N SER F 87 20.95 14.05 -30.97
CA SER F 87 20.98 15.19 -30.07
C SER F 87 22.26 15.25 -29.32
N ASP F 88 22.96 16.35 -29.21
CA ASP F 88 24.15 16.33 -28.38
C ASP F 88 23.81 16.31 -26.91
N THR F 89 22.64 16.84 -26.57
CA THR F 89 22.15 16.76 -25.21
C THR F 89 22.09 15.32 -24.68
N TRP F 90 21.61 14.39 -25.51
CA TRP F 90 21.46 13.02 -25.12
C TRP F 90 22.66 12.16 -25.41
N ARG F 91 23.29 12.34 -26.54
CA ARG F 91 24.47 11.59 -26.90
C ARG F 91 25.61 11.85 -25.97
N ARG F 92 25.78 13.11 -25.63
CA ARG F 92 26.90 13.55 -24.87
C ARG F 92 26.54 14.03 -23.51
N MET F 93 25.46 13.51 -22.94
CA MET F 93 25.01 13.70 -21.60
C MET F 93 25.98 13.00 -20.76
N PRO F 94 26.53 13.65 -19.75
CA PRO F 94 27.49 13.01 -18.87
C PRO F 94 26.84 11.81 -18.26
N PRO F 95 27.60 10.81 -17.88
CA PRO F 95 27.06 9.53 -17.49
C PRO F 95 26.44 9.43 -16.10
N SER F 96 26.43 10.47 -15.32
CA SER F 96 25.87 10.45 -13.99
C SER F 96 24.61 11.23 -14.04
N ALA F 97 24.33 11.76 -15.20
CA ALA F 97 23.16 12.52 -15.44
C ALA F 97 22.11 11.62 -15.95
N ARG F 98 22.50 10.57 -16.63
CA ARG F 98 21.64 9.54 -17.15
C ARG F 98 21.35 8.50 -16.12
N GLU F 99 22.20 8.42 -15.13
CA GLU F 99 22.05 7.60 -13.98
C GLU F 99 21.09 8.27 -13.05
N ARG F 100 21.05 9.59 -13.04
CA ARG F 100 20.21 10.34 -12.14
C ARG F 100 18.80 10.47 -12.59
N ILE F 101 18.55 10.35 -13.87
CA ILE F 101 17.22 10.36 -14.43
C ILE F 101 16.53 9.08 -14.09
N LEU F 102 17.23 7.98 -14.13
CA LEU F 102 16.70 6.67 -13.88
C LEU F 102 16.52 6.43 -12.40
N LEU F 103 17.30 7.12 -11.60
CA LEU F 103 17.15 7.12 -10.19
C LEU F 103 16.03 7.99 -9.76
N ARG F 104 15.84 9.13 -10.35
CA ARG F 104 14.77 9.99 -10.01
C ARG F 104 13.45 9.37 -10.28
N LEU F 105 13.35 8.62 -11.36
CA LEU F 105 12.12 7.97 -11.78
C LEU F 105 11.78 6.65 -11.10
N ALA F 106 12.71 5.98 -10.47
CA ALA F 106 12.42 4.92 -9.55
C ALA F 106 11.87 5.48 -8.28
N ASP F 107 12.38 6.63 -7.92
CA ASP F 107 11.90 7.47 -6.84
C ASP F 107 10.50 8.05 -7.10
N LEU F 108 10.08 8.17 -8.34
CA LEU F 108 8.73 8.57 -8.72
C LEU F 108 7.77 7.45 -9.12
N LEU F 109 8.22 6.24 -9.10
CA LEU F 109 7.35 5.19 -9.37
C LEU F 109 6.84 4.84 -8.02
N GLU F 110 7.71 4.96 -7.03
CA GLU F 110 7.39 4.66 -5.63
C GLU F 110 6.67 5.70 -4.86
N VAL F 111 6.84 6.94 -5.31
CA VAL F 111 6.08 8.06 -4.78
C VAL F 111 4.70 8.13 -5.43
N HIS F 112 4.56 7.55 -6.63
CA HIS F 112 3.27 7.58 -7.27
C HIS F 112 2.64 6.28 -7.33
N GLY F 113 2.93 5.46 -6.34
CA GLY F 113 2.75 4.04 -6.37
C GLY F 113 1.50 3.36 -5.98
N ASP F 114 0.70 3.97 -5.14
CA ASP F 114 -0.69 3.58 -4.96
C ASP F 114 -1.48 3.75 -6.27
N GLU F 115 -1.26 4.85 -7.00
CA GLU F 115 -2.01 5.17 -8.25
C GLU F 115 -1.67 4.24 -9.41
N LEU F 116 -0.37 4.07 -9.68
CA LEU F 116 0.07 3.05 -10.62
C LEU F 116 -0.35 1.63 -10.23
N ALA F 117 -0.38 1.30 -8.98
CA ALA F 117 -0.90 0.01 -8.58
C ALA F 117 -2.37 -0.17 -8.71
N ARG F 118 -3.20 0.83 -8.44
CA ARG F 118 -4.65 0.73 -8.74
C ARG F 118 -4.80 0.58 -10.28
N LEU F 119 -4.01 1.35 -11.04
CA LEU F 119 -4.06 1.32 -12.50
C LEU F 119 -3.88 -0.07 -13.14
N GLU F 120 -2.88 -0.79 -12.69
CA GLU F 120 -2.55 -2.11 -13.14
C GLU F 120 -3.71 -2.99 -12.84
N THR F 121 -4.01 -3.21 -11.58
CA THR F 121 -5.19 -3.94 -11.15
C THR F 121 -6.49 -3.73 -11.90
N LEU F 122 -6.83 -2.47 -12.15
CA LEU F 122 -7.85 -2.08 -13.10
C LEU F 122 -7.73 -2.67 -14.51
N ASN F 123 -6.64 -2.44 -15.19
CA ASN F 123 -6.38 -2.83 -16.57
C ASN F 123 -5.99 -4.31 -16.83
N ASN F 124 -5.27 -4.87 -15.90
CA ASN F 124 -4.67 -6.17 -15.96
C ASN F 124 -5.33 -7.28 -15.11
N GLY F 125 -5.90 -6.94 -13.95
CA GLY F 125 -6.70 -7.85 -13.25
C GLY F 125 -6.06 -8.43 -12.07
N LYS F 126 -4.84 -8.01 -11.90
CA LYS F 126 -3.86 -8.55 -11.05
C LYS F 126 -4.20 -8.10 -9.68
N LEU F 127 -3.83 -8.85 -8.67
CA LEU F 127 -4.10 -8.49 -7.32
C LEU F 127 -3.37 -7.27 -6.88
N LEU F 128 -4.06 -6.36 -6.24
CA LEU F 128 -3.51 -5.08 -5.88
C LEU F 128 -2.21 -5.14 -5.13
N ILE F 129 -2.05 -6.05 -4.19
CA ILE F 129 -0.80 -6.11 -3.47
C ILE F 129 0.37 -6.53 -4.30
N TYR F 130 0.14 -7.42 -5.24
CA TYR F 130 1.10 -7.73 -6.27
C TYR F 130 1.40 -6.70 -7.31
N SER F 131 0.54 -5.71 -7.41
CA SER F 131 0.74 -4.59 -8.28
C SER F 131 1.68 -3.69 -7.60
N LYS F 132 1.59 -3.62 -6.30
CA LYS F 132 2.37 -2.71 -5.51
C LYS F 132 3.74 -3.18 -5.25
N LEU F 133 3.89 -4.48 -5.28
CA LEU F 133 5.10 -5.17 -4.92
C LEU F 133 5.88 -5.65 -6.10
N MET F 134 5.19 -6.14 -7.11
CA MET F 134 5.85 -6.79 -8.22
C MET F 134 5.73 -5.98 -9.51
N GLU F 135 5.12 -4.81 -9.44
CA GLU F 135 5.01 -4.04 -10.62
C GLU F 135 5.46 -2.70 -10.31
N VAL F 136 5.06 -2.14 -9.19
CA VAL F 136 5.55 -0.83 -8.84
C VAL F 136 6.87 -0.95 -8.19
N GLY F 137 7.05 -1.99 -7.41
CA GLY F 137 8.19 -2.11 -6.56
C GLY F 137 9.36 -2.86 -7.11
N ALA F 138 9.13 -3.75 -8.04
CA ALA F 138 10.20 -4.47 -8.68
C ALA F 138 10.76 -3.71 -9.81
N SER F 139 9.88 -2.95 -10.46
CA SER F 139 10.27 -1.95 -11.44
C SER F 139 11.20 -0.91 -10.82
N ALA F 140 10.82 -0.32 -9.70
CA ALA F 140 11.70 0.65 -9.11
C ALA F 140 13.06 0.09 -8.84
N GLN F 141 13.15 -1.19 -8.56
CA GLN F 141 14.34 -1.92 -8.26
C GLN F 141 15.18 -2.18 -9.46
N TRP F 142 14.53 -2.36 -10.58
CA TRP F 142 15.15 -2.57 -11.85
C TRP F 142 15.76 -1.32 -12.33
N LEU F 143 15.11 -0.19 -12.12
CA LEU F 143 15.56 1.10 -12.55
C LEU F 143 16.85 1.29 -11.83
N ARG F 144 16.81 1.28 -10.53
CA ARG F 144 17.96 1.54 -9.72
C ARG F 144 19.09 0.75 -10.21
N TYR F 145 18.96 -0.56 -10.24
CA TYR F 145 19.98 -1.40 -10.81
C TYR F 145 20.60 -1.16 -12.13
N MET F 146 19.82 -0.65 -13.03
CA MET F 146 20.29 -0.47 -14.36
C MET F 146 20.81 0.88 -14.47
N ALA F 147 20.39 1.75 -13.59
CA ALA F 147 20.84 3.12 -13.51
C ALA F 147 22.26 3.17 -13.09
N GLY F 148 22.67 2.05 -12.57
CA GLY F 148 23.95 1.83 -11.96
C GLY F 148 24.99 1.44 -12.94
N TRP F 149 24.56 0.88 -14.04
CA TRP F 149 25.44 0.44 -15.07
C TRP F 149 25.61 1.46 -16.13
N ALA F 150 25.23 2.68 -15.87
CA ALA F 150 25.12 3.78 -16.82
C ALA F 150 26.49 4.28 -16.77
N THR F 151 26.95 4.17 -15.59
CA THR F 151 28.14 4.81 -15.13
C THR F 151 29.38 3.94 -15.24
N LYS F 152 29.18 2.70 -15.60
CA LYS F 152 30.14 1.64 -15.55
C LYS F 152 30.28 0.85 -16.83
N LEU F 153 30.00 1.47 -17.95
CA LEU F 153 30.05 0.88 -19.28
C LEU F 153 31.39 1.05 -19.93
N THR F 154 32.11 -0.04 -20.07
CA THR F 154 33.50 -0.01 -20.47
C THR F 154 33.90 -0.82 -21.69
N GLY F 155 34.88 -0.36 -22.40
CA GLY F 155 35.53 -1.13 -23.42
C GLY F 155 36.85 -1.63 -22.91
N SER F 156 37.78 -1.94 -23.78
CA SER F 156 39.01 -2.54 -23.41
C SER F 156 40.11 -1.78 -24.04
N THR F 157 41.31 -2.09 -23.64
CA THR F 157 42.52 -1.43 -23.99
C THR F 157 43.39 -2.61 -24.30
N LEU F 158 43.99 -2.71 -25.47
CA LEU F 158 44.55 -3.96 -25.95
C LEU F 158 45.98 -4.00 -26.44
N ASP F 159 46.58 -5.19 -26.39
CA ASP F 159 47.95 -5.35 -26.86
C ASP F 159 47.83 -5.50 -28.38
N LEU F 160 48.90 -5.84 -29.06
CA LEU F 160 48.80 -5.89 -30.51
C LEU F 160 50.07 -6.39 -31.14
N SER F 161 49.96 -7.50 -31.87
CA SER F 161 51.12 -8.02 -32.58
C SER F 161 50.79 -7.96 -34.06
N LEU F 162 51.14 -6.83 -34.68
CA LEU F 162 50.52 -6.41 -35.92
C LEU F 162 51.04 -6.94 -37.28
N PRO F 163 52.20 -6.49 -37.74
CA PRO F 163 53.14 -5.64 -37.02
C PRO F 163 53.58 -4.49 -37.90
N LEU F 164 53.76 -3.29 -37.34
CA LEU F 164 54.12 -2.15 -38.12
C LEU F 164 55.60 -2.16 -38.16
N PRO F 165 56.18 -1.18 -38.79
CA PRO F 165 57.59 -1.05 -38.91
C PRO F 165 58.15 -0.98 -37.51
N PRO F 166 59.48 -0.88 -37.35
CA PRO F 166 60.08 -0.59 -36.05
C PRO F 166 59.97 0.91 -35.77
N GLU F 167 60.14 1.32 -34.51
CA GLU F 167 60.02 2.73 -34.16
C GLU F 167 58.62 3.23 -34.48
N VAL F 168 57.68 2.29 -34.53
CA VAL F 168 56.28 2.57 -34.85
C VAL F 168 55.41 1.79 -33.88
N ARG F 169 55.03 2.46 -32.82
CA ARG F 169 54.34 1.91 -31.71
C ARG F 169 52.84 2.17 -31.97
N SER F 170 51.94 1.39 -31.38
CA SER F 170 50.48 1.62 -31.48
C SER F 170 49.71 1.48 -30.18
N ARG F 171 48.54 2.07 -30.13
CA ARG F 171 47.58 1.90 -29.09
C ARG F 171 46.26 1.42 -29.70
N ALA F 172 45.69 0.35 -29.17
CA ALA F 172 44.37 -0.14 -29.55
C ALA F 172 43.33 -0.10 -28.45
N SER F 173 42.11 0.21 -28.78
CA SER F 173 41.01 0.08 -27.83
C SER F 173 39.66 -0.21 -28.49
N THR F 174 38.69 -0.64 -27.70
CA THR F 174 37.32 -0.67 -28.14
C THR F 174 36.54 0.28 -27.28
N GLN F 175 35.44 0.80 -27.81
CA GLN F 175 34.66 1.78 -27.12
C GLN F 175 33.21 1.39 -27.15
N ARG F 176 32.67 1.09 -25.99
CA ARG F 176 31.27 0.79 -25.87
C ARG F 176 30.39 2.00 -26.23
N VAL F 177 29.42 1.80 -27.13
CA VAL F 177 28.58 2.86 -27.71
C VAL F 177 27.11 2.36 -27.71
N PRO F 178 26.11 3.25 -27.90
CA PRO F 178 24.73 2.71 -27.90
C PRO F 178 24.34 2.13 -29.25
N VAL F 179 23.32 1.27 -29.28
CA VAL F 179 22.85 0.54 -30.48
C VAL F 179 22.02 1.46 -31.42
N GLY F 180 21.21 2.35 -30.84
CA GLY F 180 20.48 3.34 -31.62
C GLY F 180 19.07 3.48 -31.08
N VAL F 181 18.10 3.55 -31.99
CA VAL F 181 16.69 3.60 -31.66
C VAL F 181 16.13 2.20 -31.36
N VAL F 182 15.47 2.07 -30.22
CA VAL F 182 14.98 0.77 -29.78
C VAL F 182 13.47 0.66 -29.95
N ALA F 183 13.06 -0.33 -30.76
CA ALA F 183 11.66 -0.73 -30.87
C ALA F 183 11.26 -1.71 -29.76
N ALA F 184 10.48 -1.25 -28.77
CA ALA F 184 10.15 -2.13 -27.64
C ALA F 184 8.70 -2.59 -27.62
N ILE F 185 8.48 -3.89 -27.83
CA ILE F 185 7.12 -4.40 -27.76
C ILE F 185 6.85 -5.26 -26.52
N ILE F 186 5.87 -4.83 -25.73
CA ILE F 186 5.67 -5.41 -24.39
C ILE F 186 4.42 -6.27 -24.32
N PRO F 187 4.51 -7.40 -23.60
CA PRO F 187 3.39 -8.34 -23.34
C PRO F 187 2.44 -7.84 -22.23
N TRP F 188 1.26 -8.43 -22.15
CA TRP F 188 0.20 -7.91 -21.27
C TRP F 188 0.12 -8.48 -19.85
N ASN F 189 1.02 -9.34 -19.47
CA ASN F 189 0.92 -9.98 -18.17
C ASN F 189 1.49 -9.17 -17.04
N PHE F 190 2.41 -8.28 -17.36
CA PHE F 190 3.04 -7.43 -16.36
C PHE F 190 3.40 -6.04 -16.90
N PRO F 191 2.41 -5.33 -17.32
CA PRO F 191 2.58 -4.14 -18.11
C PRO F 191 3.58 -3.11 -17.68
N LEU F 192 3.59 -2.64 -16.45
CA LEU F 192 4.60 -1.75 -15.92
C LEU F 192 6.02 -2.34 -15.90
N LEU F 193 6.16 -3.51 -15.28
CA LEU F 193 7.44 -4.17 -15.18
C LEU F 193 8.10 -4.55 -16.52
N MET F 194 7.35 -5.18 -17.42
CA MET F 194 7.88 -5.71 -18.67
C MET F 194 8.43 -4.59 -19.57
N ALA F 195 7.73 -3.43 -19.51
CA ALA F 195 8.19 -2.13 -20.01
C ALA F 195 9.47 -1.57 -19.38
N VAL F 196 9.54 -1.54 -18.05
CA VAL F 196 10.76 -1.18 -17.36
C VAL F 196 11.84 -2.14 -17.94
N TRP F 197 11.63 -3.42 -17.96
CA TRP F 197 12.65 -4.39 -18.37
C TRP F 197 13.42 -4.15 -19.65
N LYS F 198 12.81 -3.32 -20.45
CA LYS F 198 13.37 -2.85 -21.69
C LYS F 198 13.80 -1.41 -21.61
N ILE F 199 12.92 -0.49 -21.27
CA ILE F 199 13.35 0.92 -21.27
C ILE F 199 14.50 1.19 -20.28
N ALA F 200 14.44 0.56 -19.11
CA ALA F 200 15.44 0.79 -18.09
C ALA F 200 16.84 0.50 -18.62
N PRO F 201 17.07 -0.65 -19.24
CA PRO F 201 18.36 -0.98 -19.80
C PRO F 201 18.69 -0.30 -21.06
N ALA F 202 17.74 0.23 -21.79
CA ALA F 202 18.07 0.86 -23.06
C ALA F 202 18.50 2.27 -22.74
N LEU F 203 17.71 2.99 -21.96
CA LEU F 203 18.11 4.31 -21.49
C LEU F 203 19.43 4.36 -20.69
N ALA F 204 19.72 3.43 -19.83
CA ALA F 204 21.02 3.33 -19.20
C ALA F 204 22.07 3.44 -20.23
N CYS F 205 21.95 2.66 -21.30
CA CYS F 205 22.96 2.60 -22.35
C CYS F 205 23.16 3.87 -23.19
N GLY F 206 22.16 4.75 -23.27
CA GLY F 206 22.24 5.90 -24.18
C GLY F 206 21.43 5.64 -25.44
N ASN F 207 20.64 4.58 -25.42
CA ASN F 207 19.76 4.32 -26.52
C ASN F 207 18.54 5.15 -26.19
N THR F 208 17.82 5.56 -27.23
CA THR F 208 16.45 6.04 -27.12
C THR F 208 15.49 4.91 -27.51
N VAL F 209 14.21 5.02 -27.12
CA VAL F 209 13.27 3.93 -27.35
C VAL F 209 11.90 4.36 -27.89
N VAL F 210 11.31 3.50 -28.71
CA VAL F 210 9.93 3.65 -29.06
C VAL F 210 9.22 2.41 -28.53
N LEU F 211 8.29 2.65 -27.61
CA LEU F 211 7.70 1.56 -26.86
C LEU F 211 6.26 1.35 -27.31
N LYS F 212 5.94 0.11 -27.69
CA LYS F 212 4.54 -0.24 -27.93
C LYS F 212 3.98 -1.21 -26.88
N PRO F 213 3.07 -0.73 -26.01
CA PRO F 213 2.44 -1.71 -25.13
C PRO F 213 1.34 -2.53 -25.82
N ALA F 214 1.02 -3.67 -25.24
CA ALA F 214 -0.02 -4.58 -25.73
C ALA F 214 -1.26 -3.73 -25.84
N GLU F 215 -2.27 -4.25 -26.52
CA GLU F 215 -3.40 -3.42 -26.86
C GLU F 215 -4.42 -3.69 -25.77
N GLU F 216 -4.22 -4.78 -25.03
CA GLU F 216 -5.10 -5.12 -23.91
C GLU F 216 -4.72 -4.35 -22.64
N THR F 217 -3.52 -3.76 -22.67
CA THR F 217 -3.00 -2.99 -21.55
C THR F 217 -2.04 -1.82 -21.85
N PRO F 218 -2.52 -0.61 -22.16
CA PRO F 218 -1.58 0.47 -22.43
C PRO F 218 -1.33 1.51 -21.37
N LEU F 219 -2.19 1.63 -20.39
CA LEU F 219 -2.23 2.74 -19.39
C LEU F 219 -0.99 2.92 -18.51
N THR F 220 -0.41 1.88 -17.99
CA THR F 220 0.74 2.03 -17.12
C THR F 220 2.00 2.42 -17.82
N ALA F 221 2.13 2.11 -19.08
CA ALA F 221 3.27 2.63 -19.82
C ALA F 221 3.07 4.09 -20.20
N LEU F 222 1.82 4.53 -20.26
CA LEU F 222 1.57 5.94 -20.55
C LEU F 222 1.95 6.82 -19.39
N ARG F 223 1.67 6.34 -18.21
CA ARG F 223 2.05 6.98 -16.99
C ARG F 223 3.54 6.94 -16.81
N LEU F 224 4.15 5.85 -17.21
CA LEU F 224 5.59 5.61 -17.14
C LEU F 224 6.26 6.72 -17.92
N ALA F 225 5.88 6.84 -19.18
CA ALA F 225 6.38 7.89 -20.02
C ALA F 225 6.33 9.36 -19.55
N GLU F 226 5.26 9.76 -18.91
CA GLU F 226 5.19 11.05 -18.33
C GLU F 226 5.91 11.26 -17.02
N LEU F 227 6.14 10.23 -16.25
CA LEU F 227 7.00 10.25 -15.08
C LEU F 227 8.43 10.25 -15.52
N ALA F 228 8.69 9.69 -16.69
CA ALA F 228 10.06 9.69 -17.22
C ALA F 228 10.49 11.13 -17.44
N MET F 229 9.58 11.93 -17.98
CA MET F 229 9.87 13.34 -18.24
C MET F 229 9.93 14.22 -16.99
N GLU F 230 9.11 13.91 -15.97
CA GLU F 230 9.18 14.56 -14.64
C GLU F 230 10.57 14.32 -13.97
N ALA F 231 11.14 13.15 -14.18
CA ALA F 231 12.48 12.78 -13.76
C ALA F 231 13.64 13.38 -14.52
N GLY F 232 13.39 14.06 -15.63
CA GLY F 232 14.42 14.79 -16.36
C GLY F 232 14.82 14.19 -17.70
N LEU F 233 14.05 13.24 -18.18
CA LEU F 233 14.32 12.65 -19.49
C LEU F 233 13.90 13.60 -20.58
N PRO F 234 14.81 13.89 -21.50
CA PRO F 234 14.52 14.84 -22.58
C PRO F 234 13.43 14.34 -23.50
N ALA F 235 12.60 15.26 -24.01
CA ALA F 235 11.61 14.93 -25.05
C ALA F 235 12.22 14.09 -26.18
N GLY F 236 11.46 13.08 -26.60
CA GLY F 236 11.83 12.19 -27.69
C GLY F 236 12.59 10.95 -27.26
N ALA F 237 13.15 10.94 -26.05
CA ALA F 237 13.95 9.81 -25.56
C ALA F 237 13.11 8.55 -25.31
N LEU F 238 11.84 8.70 -24.99
CA LEU F 238 10.94 7.60 -24.77
C LEU F 238 9.65 8.03 -25.34
N ASN F 239 9.27 7.42 -26.44
CA ASN F 239 8.00 7.64 -27.05
C ASN F 239 7.19 6.43 -26.85
N VAL F 240 5.91 6.58 -26.71
CA VAL F 240 4.97 5.51 -26.53
C VAL F 240 3.92 5.59 -27.63
N VAL F 241 3.89 4.60 -28.51
CA VAL F 241 2.89 4.52 -29.52
C VAL F 241 1.86 3.47 -29.15
N THR F 242 0.59 3.62 -29.46
CA THR F 242 -0.41 2.67 -29.01
C THR F 242 -1.17 2.20 -30.22
N GLY F 243 -1.77 1.02 -30.22
CA GLY F 243 -2.44 0.54 -31.40
C GLY F 243 -2.62 -0.95 -31.47
N ARG F 244 -3.10 -1.46 -32.59
CA ARG F 244 -3.14 -2.89 -32.82
C ARG F 244 -1.80 -3.28 -33.44
N GLY F 245 -1.48 -4.55 -33.43
CA GLY F 245 -0.13 -4.99 -33.70
C GLY F 245 0.02 -5.62 -35.04
N GLU F 246 -1.09 -6.07 -35.56
CA GLU F 246 -1.18 -6.35 -36.94
C GLU F 246 -0.87 -5.04 -37.61
N THR F 247 -0.95 -3.89 -36.95
CA THR F 247 -0.38 -2.80 -37.74
C THR F 247 0.67 -1.86 -37.05
N ALA F 248 0.36 -1.33 -35.88
CA ALA F 248 1.34 -0.54 -35.14
C ALA F 248 2.65 -1.31 -35.03
N GLY F 249 2.59 -2.51 -34.45
CA GLY F 249 3.71 -3.43 -34.39
C GLY F 249 4.52 -3.53 -35.68
N ASP F 250 3.89 -3.88 -36.77
CA ASP F 250 4.58 -4.08 -38.04
C ASP F 250 5.32 -2.90 -38.52
N ALA F 251 4.70 -1.74 -38.40
CA ALA F 251 5.29 -0.48 -38.78
C ALA F 251 6.59 -0.28 -37.97
N LEU F 252 6.51 -0.54 -36.66
CA LEU F 252 7.65 -0.37 -35.77
C LEU F 252 8.81 -1.24 -36.15
N VAL F 253 8.52 -2.49 -36.47
CA VAL F 253 9.54 -3.50 -36.81
C VAL F 253 10.24 -3.17 -38.12
N ARG F 254 9.44 -2.79 -39.10
CA ARG F 254 9.92 -2.58 -40.46
C ARG F 254 10.41 -1.15 -40.71
N HIS F 255 10.77 -0.41 -39.66
CA HIS F 255 11.17 0.98 -39.84
C HIS F 255 12.69 0.93 -40.09
N PRO F 256 13.13 1.54 -41.18
CA PRO F 256 14.52 1.70 -41.49
C PRO F 256 15.42 2.38 -40.51
N LYS F 257 14.87 3.28 -39.71
CA LYS F 257 15.59 3.84 -38.55
C LYS F 257 15.51 3.20 -37.15
N VAL F 258 14.85 2.04 -37.04
CA VAL F 258 14.89 1.24 -35.84
C VAL F 258 16.10 0.30 -35.86
N ALA F 259 16.89 0.37 -34.79
CA ALA F 259 18.20 -0.28 -34.70
C ALA F 259 18.18 -1.64 -34.02
N LYS F 260 17.28 -1.80 -33.05
CA LYS F 260 17.08 -3.08 -32.38
C LYS F 260 15.59 -3.33 -32.17
N VAL F 261 15.17 -4.60 -32.19
CA VAL F 261 13.81 -4.96 -31.82
C VAL F 261 13.76 -5.91 -30.61
N ALA F 262 13.20 -5.43 -29.50
CA ALA F 262 13.02 -6.20 -28.30
C ALA F 262 11.57 -6.59 -28.18
N PHE F 263 11.26 -7.82 -28.51
CA PHE F 263 9.90 -8.35 -28.46
C PHE F 263 9.83 -9.43 -27.39
N THR F 264 8.63 -9.56 -26.82
CA THR F 264 8.22 -10.69 -25.99
C THR F 264 6.76 -10.93 -26.29
N GLY F 265 6.40 -12.18 -26.55
CA GLY F 265 4.99 -12.55 -26.72
C GLY F 265 4.82 -13.96 -27.26
N SER F 266 3.88 -14.12 -28.19
CA SER F 266 3.67 -15.37 -28.92
C SER F 266 4.97 -15.76 -29.61
N THR F 267 5.38 -17.01 -29.43
CA THR F 267 6.57 -17.48 -30.11
C THR F 267 6.45 -17.46 -31.66
N GLU F 268 5.23 -17.59 -32.15
CA GLU F 268 4.95 -17.50 -33.58
C GLU F 268 5.30 -16.11 -34.10
N VAL F 269 4.57 -15.10 -33.65
CA VAL F 269 4.85 -13.71 -34.07
C VAL F 269 6.34 -13.37 -34.01
N GLY F 270 7.07 -14.01 -33.10
CA GLY F 270 8.52 -13.85 -32.93
C GLY F 270 9.28 -14.29 -34.15
N ARG F 271 8.74 -15.29 -34.81
CA ARG F 271 9.29 -15.76 -36.05
C ARG F 271 9.11 -14.74 -37.16
N ILE F 272 7.99 -14.07 -37.18
CA ILE F 272 7.70 -12.98 -38.13
C ILE F 272 8.71 -11.86 -37.96
N ILE F 273 8.91 -11.46 -36.69
CA ILE F 273 9.89 -10.41 -36.32
C ILE F 273 11.33 -10.83 -36.73
N GLY F 274 11.71 -12.08 -36.38
CA GLY F 274 12.99 -12.67 -36.77
C GLY F 274 13.27 -12.43 -38.24
N SER F 275 12.48 -13.08 -39.11
CA SER F 275 12.61 -12.94 -40.57
C SER F 275 12.85 -11.48 -40.94
N ALA F 276 11.90 -10.63 -40.61
CA ALA F 276 11.96 -9.18 -40.88
C ALA F 276 13.25 -8.48 -40.39
N CYS F 277 13.69 -8.83 -39.18
CA CYS F 277 14.84 -8.18 -38.56
C CYS F 277 16.13 -8.61 -39.22
N GLY F 278 16.18 -9.86 -39.65
CA GLY F 278 17.36 -10.39 -40.29
C GLY F 278 17.68 -10.00 -41.70
N ARG F 279 16.64 -9.72 -42.48
CA ARG F 279 16.80 -9.14 -43.78
C ARG F 279 16.97 -7.69 -43.66
N SER F 280 16.43 -7.12 -42.60
CA SER F 280 16.87 -5.77 -42.23
C SER F 280 18.28 -5.51 -41.60
N LEU F 281 18.99 -6.58 -41.24
CA LEU F 281 20.29 -6.45 -40.58
C LEU F 281 20.19 -5.70 -39.24
N LYS F 282 19.10 -5.92 -38.51
CA LYS F 282 18.97 -5.30 -37.21
C LYS F 282 19.02 -6.33 -36.07
N ALA F 283 19.51 -5.86 -34.93
CA ALA F 283 19.66 -6.66 -33.74
C ALA F 283 18.24 -6.99 -33.24
N VAL F 284 18.09 -8.16 -32.61
CA VAL F 284 16.78 -8.58 -32.21
C VAL F 284 16.81 -9.26 -30.84
N SER F 285 15.92 -8.87 -29.97
CA SER F 285 15.72 -9.51 -28.70
C SER F 285 14.39 -10.12 -28.71
N LEU F 286 14.34 -11.38 -28.40
CA LEU F 286 13.12 -12.18 -28.47
C LEU F 286 12.96 -13.09 -27.27
N GLU F 287 11.96 -12.78 -26.45
CA GLU F 287 11.53 -13.69 -25.39
C GLU F 287 10.19 -14.39 -25.59
N LEU F 288 10.20 -15.56 -26.22
CA LEU F 288 8.99 -16.26 -26.62
C LEU F 288 8.58 -17.38 -25.66
N GLY F 289 7.65 -18.24 -26.06
CA GLY F 289 6.98 -19.16 -25.13
C GLY F 289 7.76 -20.16 -24.27
N GLY F 290 7.09 -20.70 -23.24
CA GLY F 290 7.67 -21.77 -22.40
C GLY F 290 6.72 -22.87 -21.95
N LYS F 291 7.20 -24.06 -21.71
CA LYS F 291 6.42 -25.05 -21.01
C LYS F 291 7.22 -25.61 -19.88
N SER F 292 7.63 -24.80 -18.91
CA SER F 292 8.56 -25.15 -17.83
C SER F 292 8.13 -26.41 -17.09
N PRO F 293 9.05 -27.39 -17.00
CA PRO F 293 8.74 -28.57 -16.19
C PRO F 293 9.17 -28.36 -14.76
N VAL F 294 8.52 -29.05 -13.83
CA VAL F 294 8.97 -29.05 -12.45
C VAL F 294 9.05 -30.47 -11.89
N ILE F 295 10.17 -30.79 -11.25
CA ILE F 295 10.54 -32.17 -10.99
C ILE F 295 10.75 -32.43 -9.49
N VAL F 296 9.92 -33.31 -8.95
CA VAL F 296 9.98 -33.68 -7.53
C VAL F 296 10.62 -35.08 -7.35
N LEU F 297 11.82 -35.10 -6.80
CA LEU F 297 12.52 -36.35 -6.58
C LEU F 297 12.06 -37.09 -5.33
N ALA F 298 12.46 -38.33 -5.16
CA ALA F 298 11.93 -39.23 -4.14
C ALA F 298 11.99 -38.70 -2.68
N ASP F 299 13.08 -38.03 -2.35
CA ASP F 299 13.40 -37.63 -0.99
C ASP F 299 12.75 -36.32 -0.57
N CYS F 300 12.17 -35.59 -1.52
CA CYS F 300 11.60 -34.29 -1.22
C CYS F 300 10.30 -34.43 -0.47
N ASP F 301 10.12 -33.60 0.54
CA ASP F 301 9.01 -33.65 1.46
C ASP F 301 7.86 -33.55 0.60
N PRO F 302 6.72 -34.11 0.94
CA PRO F 302 5.64 -34.06 -0.01
C PRO F 302 4.74 -32.84 0.07
N GLN F 303 4.57 -32.14 1.16
CA GLN F 303 3.78 -30.94 1.14
C GLN F 303 4.54 -29.70 0.72
N GLU F 304 5.86 -29.75 0.81
CA GLU F 304 6.77 -28.75 0.31
C GLU F 304 6.69 -28.72 -1.18
N ALA F 305 6.34 -29.85 -1.75
CA ALA F 305 6.36 -30.06 -3.17
C ALA F 305 5.05 -29.73 -3.75
N ALA F 306 4.00 -30.07 -3.06
CA ALA F 306 2.69 -29.75 -3.51
C ALA F 306 2.53 -28.25 -3.40
N GLU F 307 3.02 -27.69 -2.31
CA GLU F 307 2.97 -26.28 -2.10
C GLU F 307 3.82 -25.50 -3.06
N GLY F 308 4.94 -26.04 -3.43
CA GLY F 308 5.82 -25.41 -4.38
C GLY F 308 5.43 -25.54 -5.82
N ALA F 309 4.83 -26.64 -6.20
CA ALA F 309 4.19 -26.68 -7.52
C ALA F 309 3.10 -25.62 -7.68
N ALA F 310 2.24 -25.47 -6.68
CA ALA F 310 1.15 -24.48 -6.71
C ALA F 310 1.67 -23.07 -6.91
N ALA F 311 2.74 -22.72 -6.18
CA ALA F 311 3.39 -21.45 -6.40
C ALA F 311 4.02 -21.34 -7.79
N ALA F 312 4.53 -22.47 -8.30
CA ALA F 312 5.15 -22.52 -9.62
C ALA F 312 4.18 -22.28 -10.76
N ILE F 313 2.89 -22.50 -10.54
CA ILE F 313 1.90 -22.35 -11.65
C ILE F 313 0.60 -21.53 -11.43
N PHE F 314 0.28 -21.20 -10.20
CA PHE F 314 -0.83 -20.30 -9.88
C PHE F 314 -0.42 -18.84 -9.55
N PHE F 315 0.89 -18.59 -9.57
CA PHE F 315 1.48 -17.24 -9.54
C PHE F 315 1.17 -16.45 -10.83
N ASN F 316 0.51 -15.31 -10.68
CA ASN F 316 0.11 -14.52 -11.85
C ASN F 316 -0.87 -15.32 -12.71
N HIS F 317 -1.84 -15.93 -12.03
CA HIS F 317 -2.83 -16.79 -12.65
C HIS F 317 -2.27 -17.55 -13.80
N GLY F 318 -1.07 -18.07 -13.61
CA GLY F 318 -0.34 -18.86 -14.59
C GLY F 318 0.11 -18.17 -15.84
N GLN F 319 0.01 -16.86 -15.83
CA GLN F 319 0.24 -15.99 -16.95
C GLN F 319 1.64 -15.58 -16.82
N VAL F 320 2.51 -16.49 -17.16
CA VAL F 320 3.92 -16.24 -16.96
C VAL F 320 4.63 -17.16 -17.92
N CYS F 321 5.58 -16.63 -18.67
CA CYS F 321 6.34 -17.45 -19.61
C CYS F 321 6.89 -18.69 -18.91
N THR F 322 7.57 -18.47 -17.80
CA THR F 322 8.15 -19.53 -17.01
C THR F 322 7.32 -20.37 -16.04
N ALA F 323 6.00 -20.38 -16.17
CA ALA F 323 5.16 -21.01 -15.21
C ALA F 323 5.26 -22.45 -15.41
N GLY F 324 5.19 -23.23 -14.36
CA GLY F 324 5.58 -24.61 -14.35
C GLY F 324 4.33 -25.39 -14.52
N SER F 325 4.10 -25.74 -15.75
CA SER F 325 2.85 -26.17 -16.21
C SER F 325 2.92 -27.59 -16.41
N ARG F 326 4.11 -28.13 -16.41
CA ARG F 326 4.27 -29.58 -16.36
C ARG F 326 4.83 -30.04 -15.00
N LEU F 327 4.04 -30.81 -14.25
CA LEU F 327 4.53 -31.37 -12.99
C LEU F 327 4.89 -32.85 -13.12
N TYR F 328 6.10 -33.17 -12.71
CA TYR F 328 6.64 -34.51 -12.72
C TYR F 328 7.02 -34.89 -11.32
N VAL F 329 6.36 -35.87 -10.76
CA VAL F 329 6.60 -36.32 -9.41
C VAL F 329 6.96 -37.79 -9.41
N HIS F 330 7.82 -38.23 -8.53
CA HIS F 330 8.30 -39.60 -8.56
C HIS F 330 7.13 -40.48 -8.24
N GLU F 331 7.13 -41.69 -8.77
CA GLU F 331 6.22 -42.76 -8.47
C GLU F 331 5.85 -42.97 -7.04
N SER F 332 6.84 -42.89 -6.16
CA SER F 332 6.64 -43.19 -4.74
C SER F 332 5.70 -42.22 -4.02
N ILE F 333 5.85 -40.93 -4.29
CA ILE F 333 5.11 -39.93 -3.56
C ILE F 333 4.18 -39.18 -4.46
N TYR F 334 3.94 -39.67 -5.66
CA TYR F 334 3.09 -39.03 -6.65
C TYR F 334 1.70 -38.72 -6.19
N GLU F 335 1.00 -39.67 -5.63
CA GLU F 335 -0.33 -39.47 -5.17
C GLU F 335 -0.34 -38.63 -3.97
N ASP F 336 0.54 -38.87 -3.03
CA ASP F 336 0.67 -38.02 -1.87
C ASP F 336 0.70 -36.58 -2.27
N VAL F 337 1.64 -36.20 -3.13
CA VAL F 337 1.75 -34.88 -3.73
C VAL F 337 0.58 -34.28 -4.45
N ILE F 338 -0.12 -35.03 -5.28
CA ILE F 338 -1.23 -34.46 -6.01
C ILE F 338 -2.49 -34.37 -5.23
N GLN F 339 -2.60 -35.14 -4.17
CA GLN F 339 -3.66 -35.01 -3.21
C GLN F 339 -3.57 -33.68 -2.56
N ARG F 340 -2.39 -33.32 -2.10
CA ARG F 340 -2.20 -32.16 -1.28
C ARG F 340 -2.46 -31.02 -2.15
N LEU F 341 -1.86 -31.02 -3.31
CA LEU F 341 -1.99 -30.00 -4.34
C LEU F 341 -3.39 -29.62 -4.77
N ALA F 342 -4.31 -30.56 -4.79
CA ALA F 342 -5.67 -30.27 -5.08
C ALA F 342 -6.35 -29.66 -3.91
N VAL F 343 -5.85 -29.85 -2.71
CA VAL F 343 -6.39 -29.19 -1.56
C VAL F 343 -6.04 -27.75 -1.71
N ILE F 344 -4.80 -27.48 -2.09
CA ILE F 344 -4.31 -26.14 -2.30
C ILE F 344 -5.01 -25.34 -3.38
N GLY F 345 -5.30 -25.95 -4.51
CA GLY F 345 -5.96 -25.28 -5.59
C GLY F 345 -7.45 -25.17 -5.46
N GLU F 346 -8.01 -26.00 -4.61
CA GLU F 346 -9.43 -26.03 -4.41
C GLU F 346 -9.78 -24.85 -3.57
N SER F 347 -8.91 -24.59 -2.63
CA SER F 347 -8.95 -23.45 -1.77
C SER F 347 -8.47 -22.14 -2.26
N ILE F 348 -8.20 -21.96 -3.53
CA ILE F 348 -7.91 -20.64 -4.07
C ILE F 348 -9.23 -19.97 -4.38
N VAL F 349 -9.39 -18.74 -3.91
CA VAL F 349 -10.55 -17.93 -4.16
C VAL F 349 -10.25 -16.99 -5.28
N VAL F 350 -11.07 -17.04 -6.32
CA VAL F 350 -10.96 -16.23 -7.52
C VAL F 350 -11.85 -15.01 -7.47
N GLY F 351 -11.34 -13.83 -7.74
CA GLY F 351 -12.13 -12.65 -7.64
C GLY F 351 -11.49 -11.42 -8.20
N SER F 352 -12.10 -10.29 -7.95
CA SER F 352 -11.58 -9.01 -8.38
C SER F 352 -10.27 -8.71 -7.71
N GLY F 353 -9.43 -7.92 -8.32
CA GLY F 353 -8.12 -7.65 -7.77
C GLY F 353 -8.06 -6.66 -6.66
N LEU F 354 -9.20 -6.03 -6.49
CA LEU F 354 -9.45 -4.98 -5.57
C LEU F 354 -10.31 -5.39 -4.43
N GLU F 355 -10.55 -6.67 -4.26
CA GLU F 355 -11.36 -7.21 -3.21
C GLU F 355 -10.48 -7.93 -2.21
N GLN F 356 -10.91 -7.98 -0.97
CA GLN F 356 -10.17 -8.64 0.07
C GLN F 356 -10.56 -10.08 0.24
N GLY F 357 -9.60 -10.97 0.33
CA GLY F 357 -9.87 -12.37 0.51
C GLY F 357 -9.65 -13.19 -0.71
N VAL F 358 -9.16 -12.54 -1.74
CA VAL F 358 -9.01 -13.07 -3.08
C VAL F 358 -7.54 -13.42 -3.28
N HIS F 359 -7.28 -14.53 -3.95
CA HIS F 359 -5.95 -15.04 -4.14
C HIS F 359 -5.52 -15.00 -5.59
N MET F 360 -6.46 -15.19 -6.48
CA MET F 360 -6.24 -15.14 -7.90
C MET F 360 -7.22 -14.22 -8.54
N GLY F 361 -6.86 -13.61 -9.64
CA GLY F 361 -7.74 -12.75 -10.38
C GLY F 361 -8.03 -13.32 -11.74
N PRO F 362 -8.26 -12.47 -12.71
CA PRO F 362 -8.71 -12.91 -14.01
C PRO F 362 -7.65 -13.04 -15.11
N MET F 363 -8.11 -13.39 -16.29
CA MET F 363 -7.33 -13.35 -17.48
C MET F 363 -7.48 -11.96 -17.96
N VAL F 364 -6.62 -11.56 -18.88
CA VAL F 364 -6.44 -10.18 -19.23
C VAL F 364 -7.40 -9.77 -20.28
N SER F 365 -7.78 -10.72 -21.12
CA SER F 365 -8.72 -10.47 -22.19
C SER F 365 -9.64 -11.63 -22.37
N LYS F 366 -10.66 -11.43 -23.16
CA LYS F 366 -11.67 -12.42 -23.41
C LYS F 366 -11.30 -13.37 -24.48
N LYS F 367 -10.32 -13.04 -25.30
CA LYS F 367 -9.78 -13.96 -26.25
C LYS F 367 -8.88 -14.94 -25.59
N HIS F 368 -8.09 -14.53 -24.63
CA HIS F 368 -7.24 -15.42 -23.87
C HIS F 368 -7.99 -16.30 -22.90
N HIS F 369 -9.06 -15.80 -22.33
CA HIS F 369 -9.98 -16.55 -21.52
C HIS F 369 -10.60 -17.69 -22.29
N GLU F 370 -10.98 -17.43 -23.50
CA GLU F 370 -11.54 -18.41 -24.39
C GLU F 370 -10.58 -19.44 -24.89
N ASN F 371 -9.32 -19.12 -24.91
CA ASN F 371 -8.29 -20.00 -25.39
C ASN F 371 -7.80 -20.91 -24.34
N VAL F 372 -7.88 -20.43 -23.12
CA VAL F 372 -7.49 -21.12 -21.93
C VAL F 372 -8.53 -22.10 -21.59
N LEU F 373 -9.76 -21.80 -21.91
CA LEU F 373 -10.86 -22.71 -21.67
C LEU F 373 -10.99 -23.79 -22.69
N ARG F 374 -10.48 -23.58 -23.87
CA ARG F 374 -10.41 -24.54 -24.94
C ARG F 374 -9.36 -25.56 -24.74
N HIS F 375 -8.33 -25.21 -24.01
CA HIS F 375 -7.27 -26.10 -23.66
C HIS F 375 -7.62 -26.93 -22.50
N ILE F 376 -8.38 -26.38 -21.56
CA ILE F 376 -8.91 -27.15 -20.46
C ILE F 376 -9.77 -28.21 -21.09
N ARG F 377 -10.69 -27.82 -21.92
CA ARG F 377 -11.53 -28.73 -22.63
C ARG F 377 -10.95 -29.77 -23.53
N ASN F 378 -9.92 -29.50 -24.32
CA ASN F 378 -9.21 -30.57 -25.05
C ASN F 378 -8.58 -31.56 -24.08
N GLY F 379 -8.06 -31.09 -22.97
CA GLY F 379 -7.56 -31.94 -21.91
C GLY F 379 -8.47 -32.94 -21.26
N ILE F 380 -9.75 -32.62 -21.12
CA ILE F 380 -10.74 -33.56 -20.64
C ILE F 380 -11.07 -34.62 -21.68
N GLU F 381 -11.02 -34.22 -22.95
CA GLU F 381 -11.32 -35.14 -24.04
C GLU F 381 -10.13 -36.05 -24.33
N ASP F 382 -8.93 -35.58 -24.01
CA ASP F 382 -7.74 -36.34 -24.24
C ASP F 382 -7.47 -37.28 -23.11
N GLY F 383 -8.42 -37.42 -22.23
CA GLY F 383 -8.35 -38.46 -21.25
C GLY F 383 -7.55 -38.29 -20.00
N ALA F 384 -7.34 -37.06 -19.60
CA ALA F 384 -6.66 -36.80 -18.37
C ALA F 384 -7.67 -36.63 -17.28
N ASP F 385 -7.20 -36.75 -16.06
CA ASP F 385 -8.02 -36.78 -14.88
C ASP F 385 -8.12 -35.44 -14.27
N LEU F 386 -9.29 -34.86 -14.23
CA LEU F 386 -9.49 -33.62 -13.58
C LEU F 386 -9.64 -33.87 -12.12
N ILE F 387 -8.64 -33.44 -11.36
CA ILE F 387 -8.61 -33.61 -9.94
C ILE F 387 -8.96 -32.31 -9.29
N CYS F 388 -8.93 -31.23 -10.06
CA CYS F 388 -9.18 -29.92 -9.47
C CYS F 388 -9.50 -28.94 -10.58
N GLY F 389 -10.56 -28.17 -10.37
CA GLY F 389 -10.92 -27.13 -11.29
C GLY F 389 -11.85 -27.52 -12.38
N GLY F 390 -11.80 -26.79 -13.47
CA GLY F 390 -12.53 -27.10 -14.65
C GLY F 390 -12.91 -25.92 -15.47
N THR F 391 -14.01 -26.08 -16.15
CA THR F 391 -14.46 -25.22 -17.21
C THR F 391 -15.59 -24.28 -16.83
N GLU F 392 -16.15 -24.45 -15.63
CA GLU F 392 -17.23 -23.67 -15.09
C GLU F 392 -16.71 -22.38 -14.57
N ALA F 393 -17.55 -21.38 -14.60
CA ALA F 393 -17.17 -20.01 -14.30
C ALA F 393 -17.32 -19.74 -12.86
N PRO F 394 -16.31 -19.16 -12.27
CA PRO F 394 -16.29 -18.98 -10.84
C PRO F 394 -17.14 -17.80 -10.53
N CYS F 395 -17.12 -16.82 -11.43
CA CYS F 395 -17.81 -15.58 -11.21
C CYS F 395 -18.90 -15.36 -12.24
N ALA F 396 -19.60 -14.24 -12.08
CA ALA F 396 -20.67 -13.86 -12.95
C ALA F 396 -20.25 -12.96 -14.08
N GLN F 397 -19.32 -12.08 -13.80
CA GLN F 397 -18.79 -11.19 -14.79
C GLN F 397 -17.30 -11.40 -14.86
N GLY F 398 -16.69 -11.25 -16.02
CA GLY F 398 -15.25 -11.26 -16.12
C GLY F 398 -14.61 -12.43 -16.76
N PHE F 399 -13.33 -12.34 -16.95
CA PHE F 399 -12.59 -13.35 -17.64
C PHE F 399 -11.93 -14.28 -16.66
N PHE F 400 -12.72 -14.95 -15.85
CA PHE F 400 -12.25 -15.78 -14.78
C PHE F 400 -12.20 -17.26 -15.14
N VAL F 401 -11.15 -17.91 -14.68
CA VAL F 401 -10.95 -19.33 -14.87
C VAL F 401 -10.65 -19.89 -13.48
N LYS F 402 -11.07 -21.10 -13.23
CA LYS F 402 -10.79 -21.78 -12.01
C LYS F 402 -9.45 -22.40 -12.20
N PRO F 403 -8.62 -22.44 -11.16
CA PRO F 403 -7.36 -23.17 -11.24
C PRO F 403 -7.53 -24.66 -11.44
N THR F 404 -6.96 -25.23 -12.48
CA THR F 404 -7.25 -26.56 -12.93
C THR F 404 -6.04 -27.43 -12.89
N ILE F 405 -6.15 -28.62 -12.33
CA ILE F 405 -5.12 -29.62 -12.38
C ILE F 405 -5.53 -30.92 -13.06
N PHE F 406 -4.74 -31.38 -14.01
CA PHE F 406 -4.98 -32.62 -14.71
C PHE F 406 -3.93 -33.59 -14.31
N ALA F 407 -4.34 -34.78 -13.94
CA ALA F 407 -3.42 -35.84 -13.62
C ALA F 407 -3.14 -36.72 -14.79
N ASN F 408 -1.94 -36.74 -15.30
CA ASN F 408 -1.61 -37.69 -16.34
C ASN F 408 -1.00 -38.99 -15.88
N ARG F 409 -1.72 -39.78 -15.10
CA ARG F 409 -1.30 -41.10 -14.79
C ARG F 409 -1.53 -41.91 -16.02
N GLU F 410 -0.69 -42.87 -16.29
CA GLU F 410 -0.74 -43.55 -17.57
C GLU F 410 -0.02 -42.90 -18.71
N LYS F 411 0.68 -41.82 -18.42
CA LYS F 411 1.62 -41.20 -19.30
C LYS F 411 1.35 -41.15 -20.78
N LYS F 412 0.19 -40.65 -21.14
CA LYS F 412 -0.23 -40.55 -22.52
C LYS F 412 0.29 -39.28 -23.12
N ASP F 413 0.73 -39.26 -24.35
CA ASP F 413 1.22 -38.00 -24.86
C ASP F 413 0.10 -37.07 -25.25
N ILE F 414 -0.39 -36.34 -24.25
CA ILE F 414 -1.64 -35.60 -24.36
C ILE F 414 -1.71 -34.32 -25.20
N ARG F 415 -0.59 -33.66 -25.40
CA ARG F 415 -0.66 -32.30 -25.96
C ARG F 415 -0.91 -31.12 -25.03
N LEU F 416 -1.37 -31.41 -23.82
CA LEU F 416 -1.38 -30.44 -22.77
C LEU F 416 0.08 -30.40 -22.39
N LEU F 417 0.86 -31.23 -23.08
CA LEU F 417 2.28 -31.33 -22.82
C LEU F 417 3.03 -30.66 -23.95
N SER F 418 2.29 -30.06 -24.88
CA SER F 418 2.94 -29.42 -25.96
C SER F 418 2.37 -28.06 -26.24
N GLN F 419 1.31 -27.69 -25.57
CA GLN F 419 0.71 -26.40 -25.81
C GLN F 419 0.86 -25.53 -24.62
N GLU F 420 1.41 -24.32 -24.79
CA GLU F 420 1.45 -23.28 -23.82
C GLU F 420 0.10 -22.61 -23.61
N VAL F 421 -0.40 -22.70 -22.39
CA VAL F 421 -1.70 -22.22 -22.02
C VAL F 421 -1.61 -20.79 -21.56
N PHE F 422 -0.75 -20.49 -20.64
CA PHE F 422 -0.64 -19.16 -20.09
C PHE F 422 -1.86 -18.92 -19.23
N GLY F 423 -2.28 -19.93 -18.53
CA GLY F 423 -3.36 -19.79 -17.63
C GLY F 423 -3.08 -20.79 -16.58
N PRO F 424 -3.92 -20.83 -15.58
CA PRO F 424 -3.75 -21.70 -14.44
C PRO F 424 -4.05 -23.15 -14.67
N VAL F 425 -3.31 -23.83 -15.51
CA VAL F 425 -3.61 -25.20 -15.83
C VAL F 425 -2.37 -26.04 -15.68
N LEU F 426 -2.44 -27.09 -14.90
CA LEU F 426 -1.32 -27.97 -14.68
C LEU F 426 -1.60 -29.38 -15.09
N VAL F 427 -0.66 -30.04 -15.73
CA VAL F 427 -0.67 -31.46 -15.95
C VAL F 427 0.40 -32.10 -15.07
N ALA F 428 0.03 -33.10 -14.29
CA ALA F 428 0.91 -33.76 -13.38
C ALA F 428 1.13 -35.21 -13.72
N THR F 429 2.32 -35.54 -14.18
CA THR F 429 2.68 -36.88 -14.62
C THR F 429 3.67 -37.54 -13.70
N PRO F 430 3.70 -38.86 -13.60
CA PRO F 430 4.70 -39.54 -12.77
C PRO F 430 5.90 -40.08 -13.49
N PHE F 431 6.89 -40.52 -12.75
CA PHE F 431 8.10 -41.05 -13.31
C PHE F 431 8.94 -41.95 -12.45
N SER F 432 9.53 -42.96 -13.04
CA SER F 432 10.33 -43.91 -12.32
C SER F 432 11.83 -43.70 -12.16
N ASP F 433 12.52 -43.48 -13.27
CA ASP F 433 13.91 -43.10 -13.26
C ASP F 433 14.08 -41.62 -13.37
N ILE F 434 15.30 -41.19 -13.23
CA ILE F 434 15.64 -39.80 -13.36
C ILE F 434 16.03 -39.47 -14.74
N ALA F 435 16.59 -40.43 -15.45
CA ALA F 435 16.76 -40.39 -16.86
C ALA F 435 15.60 -40.28 -17.75
N GLU F 436 14.47 -40.76 -17.29
CA GLU F 436 13.22 -40.65 -18.00
C GLU F 436 12.61 -39.29 -17.82
N VAL F 437 12.79 -38.66 -16.67
CA VAL F 437 12.13 -37.40 -16.40
C VAL F 437 12.85 -36.32 -17.12
N VAL F 438 14.13 -36.52 -17.31
CA VAL F 438 15.03 -35.59 -17.94
C VAL F 438 14.68 -35.63 -19.38
N ASN F 439 14.51 -36.79 -19.92
CA ASN F 439 14.07 -36.93 -21.26
C ASN F 439 12.76 -36.31 -21.59
N GLU F 440 11.83 -36.32 -20.66
CA GLU F 440 10.52 -35.75 -20.80
C GLU F 440 10.51 -34.27 -20.67
N ALA F 441 11.42 -33.74 -19.86
CA ALA F 441 11.57 -32.36 -19.71
C ALA F 441 12.11 -31.70 -20.93
N ASN F 442 13.01 -32.40 -21.58
CA ASN F 442 13.53 -32.06 -22.89
C ASN F 442 12.92 -32.67 -24.09
N ARG F 443 11.69 -33.07 -23.97
CA ARG F 443 10.80 -33.39 -25.07
C ARG F 443 9.86 -32.24 -25.12
N SER F 444 10.38 -31.08 -25.38
CA SER F 444 9.62 -29.88 -25.53
C SER F 444 10.32 -29.13 -26.59
N VAL F 445 9.60 -28.22 -27.19
CA VAL F 445 10.05 -27.40 -28.28
C VAL F 445 10.58 -26.08 -27.74
N TYR F 446 10.26 -25.96 -26.49
CA TYR F 446 10.87 -24.86 -25.76
C TYR F 446 12.00 -25.34 -24.84
N GLY F 447 12.59 -24.37 -24.16
CA GLY F 447 13.58 -24.56 -23.11
C GLY F 447 13.92 -23.38 -22.18
N LEU F 448 12.90 -22.65 -21.74
CA LEU F 448 13.03 -21.50 -20.87
C LEU F 448 13.44 -21.63 -19.41
N GLY F 449 12.75 -22.43 -18.63
CA GLY F 449 13.04 -22.65 -17.23
C GLY F 449 12.75 -24.05 -16.74
N ALA F 450 13.03 -24.34 -15.48
CA ALA F 450 12.80 -25.64 -14.92
C ALA F 450 13.09 -25.64 -13.44
N SER F 451 12.51 -26.56 -12.69
CA SER F 451 12.76 -26.72 -11.26
C SER F 451 13.10 -28.14 -10.91
N ILE F 452 14.00 -28.34 -9.94
CA ILE F 452 14.29 -29.62 -9.35
C ILE F 452 14.07 -29.40 -7.89
N TRP F 453 13.46 -30.37 -7.22
CA TRP F 453 13.09 -30.29 -5.83
C TRP F 453 13.70 -31.50 -5.14
N THR F 454 14.61 -31.29 -4.19
CA THR F 454 15.56 -32.28 -3.77
C THR F 454 16.55 -31.73 -2.73
N ASN F 455 17.08 -32.53 -1.80
CA ASN F 455 18.29 -32.21 -1.05
C ASN F 455 19.39 -33.09 -1.48
N ASP F 456 19.27 -33.70 -2.63
CA ASP F 456 20.30 -34.48 -3.27
C ASP F 456 21.25 -33.77 -4.17
N LEU F 457 22.41 -33.40 -3.64
CA LEU F 457 23.41 -32.63 -4.39
C LEU F 457 23.75 -33.21 -5.77
N SER F 458 24.05 -34.50 -5.81
CA SER F 458 24.53 -35.12 -7.01
C SER F 458 23.45 -34.97 -8.03
N ALA F 459 22.25 -35.42 -7.71
CA ALA F 459 21.13 -35.48 -8.60
C ALA F 459 20.79 -34.10 -9.03
N ALA F 460 20.47 -33.21 -8.12
CA ALA F 460 20.21 -31.84 -8.50
C ALA F 460 21.14 -31.19 -9.46
N LEU F 461 22.42 -31.31 -9.22
CA LEU F 461 23.42 -30.83 -10.12
C LEU F 461 23.63 -31.56 -11.40
N ARG F 462 23.28 -32.82 -11.46
CA ARG F 462 23.41 -33.63 -12.64
C ARG F 462 22.16 -33.72 -13.48
N ILE F 463 21.02 -33.33 -12.94
CA ILE F 463 19.82 -33.05 -13.66
C ILE F 463 20.07 -31.76 -14.37
N ASN F 464 20.61 -30.77 -13.70
CA ASN F 464 20.85 -29.46 -14.24
C ASN F 464 21.87 -29.47 -15.32
N ASP F 465 22.87 -30.23 -15.21
CA ASP F 465 23.70 -30.75 -16.29
C ASP F 465 23.00 -31.18 -17.57
N GLU F 466 21.90 -31.90 -17.46
CA GLU F 466 21.27 -32.56 -18.62
C GLU F 466 19.99 -31.90 -19.17
N LEU F 467 19.47 -30.94 -18.42
CA LEU F 467 18.29 -30.20 -18.81
C LEU F 467 18.67 -29.25 -19.89
N GLU F 468 17.78 -29.00 -20.82
CA GLU F 468 17.98 -28.09 -21.91
C GLU F 468 17.15 -26.87 -21.63
N ALA F 469 17.43 -26.21 -20.53
CA ALA F 469 16.62 -25.15 -20.04
C ALA F 469 17.54 -24.04 -19.75
N GLY F 470 17.13 -22.83 -20.04
CA GLY F 470 17.96 -21.67 -19.90
C GLY F 470 18.05 -21.06 -18.54
N THR F 471 17.15 -21.43 -17.64
CA THR F 471 17.21 -20.98 -16.25
C THR F 471 16.61 -21.97 -15.26
N VAL F 472 17.42 -22.94 -14.80
CA VAL F 472 17.02 -23.85 -13.76
C VAL F 472 17.01 -23.32 -12.35
N TRP F 473 15.97 -23.63 -11.59
CA TRP F 473 15.86 -23.27 -10.20
C TRP F 473 15.91 -24.56 -9.46
N VAL F 474 16.39 -24.53 -8.23
CA VAL F 474 16.39 -25.69 -7.36
C VAL F 474 15.71 -25.31 -6.07
N ASN F 475 14.58 -25.93 -5.80
CA ASN F 475 13.76 -25.70 -4.62
C ASN F 475 13.11 -24.35 -4.58
N THR F 476 12.86 -23.82 -5.77
CA THR F 476 12.13 -22.61 -6.06
C THR F 476 11.71 -22.62 -7.52
N HIS F 477 11.05 -21.57 -7.99
CA HIS F 477 10.62 -21.40 -9.36
C HIS F 477 10.29 -19.96 -9.44
N ASN F 478 10.35 -19.39 -10.63
CA ASN F 478 9.83 -18.08 -10.98
C ASN F 478 10.59 -16.90 -10.44
N MET F 479 11.82 -17.14 -10.06
CA MET F 479 12.66 -16.16 -9.42
C MET F 479 13.48 -15.42 -10.41
N VAL F 480 13.28 -14.11 -10.44
CA VAL F 480 13.88 -13.19 -11.39
C VAL F 480 14.58 -12.05 -10.68
N ASP F 481 15.81 -11.71 -11.04
CA ASP F 481 16.47 -10.57 -10.44
C ASP F 481 16.85 -9.66 -11.53
N PRO F 482 17.11 -8.38 -11.21
CA PRO F 482 17.85 -7.49 -12.07
C PRO F 482 19.27 -7.92 -12.40
N ASN F 483 19.93 -8.70 -11.59
CA ASN F 483 21.28 -9.15 -11.82
C ASN F 483 21.39 -10.52 -12.41
N LEU F 484 20.29 -11.24 -12.57
CA LEU F 484 20.29 -12.56 -13.17
C LEU F 484 19.90 -12.56 -14.63
N PRO F 485 20.77 -12.97 -15.53
CA PRO F 485 20.39 -13.11 -16.91
C PRO F 485 19.29 -14.13 -17.16
N PHE F 486 18.50 -13.90 -18.18
CA PHE F 486 17.28 -14.63 -18.40
C PHE F 486 17.13 -14.83 -19.87
N GLY F 487 16.77 -16.01 -20.30
CA GLY F 487 16.59 -16.25 -21.70
C GLY F 487 16.28 -17.70 -21.78
N GLY F 488 15.99 -18.20 -22.96
CA GLY F 488 15.66 -19.58 -23.12
C GLY F 488 16.40 -20.14 -24.29
N PHE F 489 16.27 -21.44 -24.44
CA PHE F 489 16.88 -22.18 -25.52
C PHE F 489 15.81 -22.62 -26.47
N LYS F 490 16.17 -23.12 -27.62
CA LYS F 490 15.22 -23.61 -28.62
C LYS F 490 14.22 -22.64 -29.18
N ASP F 491 12.94 -22.88 -28.94
CA ASP F 491 11.85 -22.08 -29.44
C ASP F 491 11.39 -21.01 -28.49
N SER F 492 12.17 -20.75 -27.47
CA SER F 492 11.83 -19.82 -26.43
C SER F 492 12.53 -18.51 -26.61
N GLY F 493 13.43 -18.45 -27.57
CA GLY F 493 13.86 -17.19 -28.07
C GLY F 493 15.28 -17.14 -28.50
N VAL F 494 15.77 -15.93 -28.70
CA VAL F 494 17.16 -15.61 -28.93
C VAL F 494 17.61 -14.52 -27.99
N GLY F 495 18.64 -14.74 -27.19
CA GLY F 495 19.22 -13.67 -26.41
C GLY F 495 18.96 -13.73 -24.95
N ARG F 496 19.71 -12.96 -24.18
CA ARG F 496 19.50 -12.85 -22.74
C ARG F 496 19.20 -11.45 -22.30
N GLU F 497 18.53 -11.34 -21.17
CA GLU F 497 17.85 -10.15 -20.82
C GLU F 497 18.38 -9.28 -19.72
N HIS F 498 18.80 -9.83 -18.60
CA HIS F 498 19.14 -8.97 -17.47
C HIS F 498 20.55 -8.96 -17.07
N GLY F 499 20.85 -8.43 -15.92
CA GLY F 499 22.22 -8.44 -15.50
C GLY F 499 23.32 -7.73 -16.21
N ALA F 500 24.35 -8.47 -16.57
CA ALA F 500 25.42 -8.00 -17.40
C ALA F 500 25.21 -8.52 -18.78
N ALA F 501 24.13 -9.21 -19.01
CA ALA F 501 23.75 -9.62 -20.34
C ALA F 501 22.99 -8.53 -21.07
N ALA F 502 22.49 -7.57 -20.34
CA ALA F 502 21.69 -6.52 -20.86
C ALA F 502 22.59 -5.64 -21.59
N ILE F 503 23.66 -5.26 -20.91
CA ILE F 503 24.60 -4.27 -21.40
C ILE F 503 25.18 -4.72 -22.73
N GLU F 504 25.48 -6.00 -22.84
CA GLU F 504 26.02 -6.49 -24.08
C GLU F 504 25.05 -6.60 -25.23
N HIS F 505 23.79 -6.50 -24.94
CA HIS F 505 22.75 -6.55 -25.91
C HIS F 505 22.18 -5.21 -26.25
N TYR F 506 22.48 -4.21 -25.45
CA TYR F 506 22.05 -2.85 -25.67
C TYR F 506 23.21 -1.90 -25.93
N THR F 507 24.37 -2.45 -26.14
CA THR F 507 25.55 -1.71 -26.50
C THR F 507 26.23 -2.48 -27.58
N THR F 508 27.16 -1.84 -28.24
CA THR F 508 28.06 -2.50 -29.17
C THR F 508 29.42 -1.85 -29.05
N THR F 509 30.40 -2.19 -29.83
CA THR F 509 31.68 -1.51 -29.70
C THR F 509 32.14 -0.95 -31.03
N ARG F 510 32.96 0.10 -31.01
CA ARG F 510 33.76 0.49 -32.16
C ARG F 510 35.23 0.35 -31.78
N SER F 511 36.04 -0.10 -32.73
CA SER F 511 37.46 -0.25 -32.48
C SER F 511 38.26 0.97 -32.92
N LEU F 512 39.39 1.21 -32.25
CA LEU F 512 40.27 2.30 -32.59
C LEU F 512 41.71 1.89 -32.41
N VAL F 513 42.47 1.95 -33.51
CA VAL F 513 43.89 1.58 -33.51
C VAL F 513 44.69 2.77 -34.04
N ILE F 514 45.50 3.38 -33.18
CA ILE F 514 46.35 4.53 -33.58
C ILE F 514 47.81 4.16 -33.80
N ALA F 515 48.32 4.36 -35.01
CA ALA F 515 49.75 4.19 -35.29
C ALA F 515 50.47 5.50 -35.09
N TYR F 516 51.42 5.50 -34.19
CA TYR F 516 52.20 6.63 -33.82
C TYR F 516 53.56 6.09 -33.67
N GLN G 36 75.48 -24.69 -11.12
CA GLN G 36 75.97 -23.33 -11.18
C GLN G 36 74.70 -22.58 -11.03
N MET G 37 74.70 -21.27 -11.03
CA MET G 37 73.46 -20.55 -10.96
C MET G 37 73.36 -19.60 -12.12
N LEU G 38 72.18 -19.11 -12.41
CA LEU G 38 71.98 -18.36 -13.61
C LEU G 38 71.78 -16.86 -13.41
N ILE G 39 72.59 -16.05 -14.06
CA ILE G 39 72.48 -14.63 -13.92
C ILE G 39 72.95 -13.98 -15.16
N GLY G 40 72.02 -13.62 -16.02
CA GLY G 40 72.34 -12.88 -17.19
C GLY G 40 72.60 -13.73 -18.38
N GLY G 41 72.12 -14.95 -18.35
CA GLY G 41 72.31 -15.91 -19.41
C GLY G 41 73.51 -16.73 -19.18
N GLN G 42 74.08 -16.56 -18.01
CA GLN G 42 75.39 -17.01 -17.68
C GLN G 42 75.34 -17.95 -16.55
N TRP G 43 76.09 -19.01 -16.65
CA TRP G 43 76.18 -20.00 -15.64
C TRP G 43 77.37 -19.59 -14.90
N VAL G 44 77.15 -19.29 -13.67
CA VAL G 44 78.04 -18.52 -12.84
C VAL G 44 78.12 -19.18 -11.48
N SER G 45 79.28 -19.11 -10.87
CA SER G 45 79.46 -19.58 -9.49
C SER G 45 79.30 -18.41 -8.55
N ALA G 46 79.27 -18.63 -7.25
CA ALA G 46 79.16 -17.58 -6.27
C ALA G 46 80.44 -16.82 -6.20
N GLN G 47 80.39 -15.56 -5.88
CA GLN G 47 81.54 -14.71 -5.86
C GLN G 47 82.56 -15.03 -4.80
N SER G 48 82.09 -15.57 -3.69
CA SER G 48 82.92 -16.12 -2.65
C SER G 48 83.48 -17.48 -2.91
N GLY G 49 82.85 -18.19 -3.82
CA GLY G 49 83.33 -19.47 -4.28
C GLY G 49 82.82 -20.52 -3.37
N LYS G 50 82.10 -20.04 -2.38
CA LYS G 50 81.46 -20.85 -1.37
C LYS G 50 80.31 -21.56 -1.99
N THR G 51 79.95 -22.63 -1.36
CA THR G 51 79.11 -23.66 -1.98
C THR G 51 78.31 -24.32 -0.86
N LEU G 52 77.32 -25.15 -1.19
CA LEU G 52 76.56 -25.87 -0.18
C LEU G 52 75.95 -27.17 -0.71
N ASN G 53 75.87 -28.18 0.16
CA ASN G 53 75.35 -29.51 -0.21
C ASN G 53 73.82 -29.65 -0.25
N VAL G 54 73.36 -30.28 -1.32
CA VAL G 54 72.00 -30.79 -1.51
C VAL G 54 72.05 -32.33 -1.31
N TYR G 55 70.99 -32.94 -0.80
CA TYR G 55 70.98 -34.37 -0.49
C TYR G 55 69.82 -35.14 -1.02
N ASN G 56 69.93 -36.45 -0.91
CA ASN G 56 68.92 -37.35 -1.33
C ASN G 56 68.16 -37.95 -0.18
N PRO G 57 66.93 -37.55 0.04
CA PRO G 57 66.22 -37.96 1.23
C PRO G 57 66.05 -39.46 1.45
N ALA G 58 66.33 -40.31 0.50
CA ALA G 58 66.05 -41.69 0.66
C ALA G 58 67.22 -42.50 1.14
N THR G 59 68.42 -42.09 0.76
CA THR G 59 69.67 -42.61 1.24
C THR G 59 70.30 -41.34 1.62
N GLY G 60 70.35 -40.91 2.84
CA GLY G 60 70.62 -39.50 3.01
C GLY G 60 72.00 -38.99 2.68
N ASP G 61 72.52 -39.15 1.47
CA ASP G 61 73.85 -38.67 1.18
C ASP G 61 73.86 -37.54 0.19
N ILE G 62 74.97 -36.84 0.07
CA ILE G 62 75.17 -35.74 -0.84
C ILE G 62 74.75 -36.18 -2.22
N LEU G 63 73.97 -35.38 -2.93
CA LEU G 63 73.61 -35.66 -4.29
C LEU G 63 74.52 -34.81 -5.10
N THR G 64 74.63 -33.60 -4.63
CA THR G 64 75.52 -32.60 -5.23
C THR G 64 75.74 -31.36 -4.41
N GLU G 65 76.24 -30.31 -5.06
CA GLU G 65 76.54 -29.00 -4.50
C GLU G 65 75.99 -27.89 -5.35
N VAL G 66 75.72 -26.75 -4.79
CA VAL G 66 75.21 -25.69 -5.60
C VAL G 66 75.76 -24.47 -4.97
N PRO G 67 75.60 -23.30 -5.54
CA PRO G 67 76.15 -22.08 -4.96
C PRO G 67 75.58 -21.57 -3.68
N ASP G 68 76.41 -21.15 -2.75
CA ASP G 68 76.02 -20.52 -1.51
C ASP G 68 76.17 -19.03 -1.62
N GLY G 69 75.22 -18.43 -2.33
CA GLY G 69 75.16 -17.04 -2.68
C GLY G 69 74.77 -16.06 -1.61
N ASP G 70 75.28 -14.86 -1.76
CA ASP G 70 75.15 -13.90 -0.74
C ASP G 70 74.73 -12.70 -1.48
N VAL G 71 74.97 -11.53 -0.92
CA VAL G 71 74.29 -10.30 -1.23
C VAL G 71 74.94 -9.56 -2.36
N GLU G 72 76.11 -10.04 -2.74
CA GLU G 72 76.82 -9.83 -3.98
C GLU G 72 76.12 -10.42 -5.13
N ASP G 73 75.72 -11.64 -4.98
CA ASP G 73 75.04 -12.35 -6.03
C ASP G 73 73.51 -12.39 -6.10
N VAL G 74 72.89 -11.64 -5.25
CA VAL G 74 71.51 -11.38 -5.36
C VAL G 74 71.52 -10.08 -6.12
N ASN G 75 72.52 -9.30 -5.91
CA ASN G 75 72.56 -8.00 -6.48
C ASN G 75 72.78 -7.93 -7.95
N ALA G 76 73.58 -8.82 -8.46
CA ALA G 76 73.89 -8.91 -9.85
C ALA G 76 72.64 -9.37 -10.50
N ALA G 77 72.05 -10.36 -9.91
CA ALA G 77 70.86 -10.97 -10.43
C ALA G 77 69.70 -10.08 -10.40
N VAL G 78 69.61 -9.20 -9.45
CA VAL G 78 68.52 -8.26 -9.48
C VAL G 78 68.73 -7.02 -10.32
N GLU G 79 69.94 -6.80 -10.79
CA GLU G 79 70.30 -5.64 -11.55
C GLU G 79 70.26 -6.03 -12.94
N SER G 80 70.22 -7.31 -13.15
CA SER G 80 70.20 -7.91 -14.46
C SER G 80 68.82 -8.10 -14.97
N ALA G 81 67.84 -8.11 -14.10
CA ALA G 81 66.49 -8.29 -14.44
C ALA G 81 65.94 -6.96 -14.59
N ALA G 82 66.53 -6.00 -13.95
CA ALA G 82 66.03 -4.69 -14.09
C ALA G 82 66.61 -4.14 -15.34
N ALA G 83 67.68 -4.70 -15.83
CA ALA G 83 68.24 -4.23 -17.05
C ALA G 83 67.45 -4.52 -18.26
N THR G 84 66.80 -5.66 -18.13
CA THR G 84 66.10 -6.45 -19.11
C THR G 84 64.66 -6.14 -19.14
N LEU G 85 64.11 -5.75 -17.98
CA LEU G 85 62.73 -5.30 -17.90
C LEU G 85 62.60 -3.98 -18.66
N ARG G 86 63.64 -3.16 -18.56
CA ARG G 86 63.69 -1.92 -19.27
C ARG G 86 64.13 -2.08 -20.68
N SER G 87 64.73 -3.20 -21.01
CA SER G 87 65.07 -3.65 -22.35
C SER G 87 63.95 -3.40 -23.30
N ASP G 88 64.19 -2.84 -24.46
CA ASP G 88 63.13 -2.65 -25.41
C ASP G 88 62.75 -4.00 -26.01
N THR G 89 63.63 -4.98 -25.96
CA THR G 89 63.30 -6.27 -26.49
C THR G 89 62.25 -7.01 -25.67
N TRP G 90 62.23 -6.78 -24.38
CA TRP G 90 61.37 -7.46 -23.46
C TRP G 90 60.14 -6.64 -23.16
N ARG G 91 60.30 -5.35 -22.96
CA ARG G 91 59.19 -4.48 -22.68
C ARG G 91 58.23 -4.40 -23.82
N ARG G 92 58.78 -4.32 -25.01
CA ARG G 92 58.01 -4.11 -26.19
C ARG G 92 57.99 -5.28 -27.11
N MET G 93 58.15 -6.49 -26.59
CA MET G 93 58.03 -7.74 -27.23
C MET G 93 56.60 -7.89 -27.54
N PRO G 94 56.23 -8.19 -28.78
CA PRO G 94 54.84 -8.35 -29.13
C PRO G 94 54.27 -9.44 -28.28
N PRO G 95 52.98 -9.43 -28.03
CA PRO G 95 52.37 -10.28 -27.05
C PRO G 95 52.14 -11.75 -27.44
N SER G 96 52.50 -12.15 -28.63
CA SER G 96 52.30 -13.50 -29.06
C SER G 96 53.65 -14.13 -29.12
N ALA G 97 54.64 -13.34 -28.81
CA ALA G 97 56.00 -13.77 -28.79
C ALA G 97 56.33 -14.21 -27.42
N ARG G 98 55.68 -13.63 -26.43
CA ARG G 98 55.81 -13.97 -25.04
C ARG G 98 54.92 -15.12 -24.67
N GLU G 99 53.91 -15.34 -25.47
CA GLU G 99 53.02 -16.45 -25.38
C GLU G 99 53.71 -17.62 -25.99
N ARG G 100 54.55 -17.43 -26.97
CA ARG G 100 55.22 -18.51 -27.66
C ARG G 100 56.33 -19.08 -26.85
N ILE G 101 57.10 -18.25 -26.18
CA ILE G 101 58.14 -18.68 -25.28
C ILE G 101 57.66 -19.60 -24.21
N LEU G 102 56.51 -19.31 -23.64
CA LEU G 102 55.93 -20.08 -22.58
C LEU G 102 55.29 -21.35 -23.09
N LEU G 103 54.78 -21.30 -24.29
CA LEU G 103 54.38 -22.46 -25.01
C LEU G 103 55.53 -23.35 -25.41
N ARG G 104 56.62 -22.87 -25.96
CA ARG G 104 57.70 -23.78 -26.25
C ARG G 104 58.31 -24.45 -25.10
N LEU G 105 58.35 -23.75 -24.00
CA LEU G 105 58.91 -24.33 -22.79
C LEU G 105 58.04 -25.29 -22.01
N ALA G 106 56.74 -25.29 -22.21
CA ALA G 106 55.89 -26.35 -21.76
C ALA G 106 56.08 -27.57 -22.63
N ASP G 107 56.34 -27.31 -23.89
CA ASP G 107 56.74 -28.27 -24.89
C ASP G 107 58.14 -28.86 -24.62
N LEU G 108 58.99 -28.16 -23.91
CA LEU G 108 60.29 -28.67 -23.46
C LEU G 108 60.39 -29.18 -22.02
N LEU G 109 59.31 -29.09 -21.29
CA LEU G 109 59.31 -29.69 -20.01
C LEU G 109 58.91 -31.08 -20.27
N GLU G 110 58.00 -31.23 -21.19
CA GLU G 110 57.45 -32.54 -21.57
C GLU G 110 58.26 -33.39 -22.46
N VAL G 111 59.12 -32.73 -23.23
CA VAL G 111 60.12 -33.40 -24.05
C VAL G 111 61.33 -33.79 -23.21
N HIS G 112 61.55 -33.07 -22.10
CA HIS G 112 62.68 -33.40 -21.26
C HIS G 112 62.30 -33.99 -20.00
N GLY G 113 61.19 -34.68 -20.00
CA GLY G 113 60.42 -35.04 -18.83
C GLY G 113 60.66 -36.24 -18.03
N ASP G 114 61.22 -37.27 -18.60
CA ASP G 114 61.83 -38.35 -17.83
C ASP G 114 62.99 -37.84 -16.97
N GLU G 115 63.83 -36.96 -17.52
CA GLU G 115 65.04 -36.44 -16.80
C GLU G 115 64.71 -35.50 -15.64
N LEU G 116 63.84 -34.51 -15.90
CA LEU G 116 63.30 -33.71 -14.82
C LEU G 116 62.51 -34.53 -13.78
N ALA G 117 61.82 -35.55 -14.16
CA ALA G 117 61.18 -36.39 -13.20
C ALA G 117 62.09 -37.26 -12.39
N ARG G 118 63.17 -37.81 -12.95
CA ARG G 118 64.18 -38.52 -12.14
C ARG G 118 64.80 -37.49 -11.17
N LEU G 119 65.09 -36.28 -11.67
CA LEU G 119 65.69 -35.21 -10.87
C LEU G 119 64.94 -34.87 -9.57
N GLU G 120 63.65 -34.70 -9.66
CA GLU G 120 62.78 -34.39 -8.56
C GLU G 120 62.88 -35.51 -7.59
N THR G 121 62.42 -36.68 -7.95
CA THR G 121 62.55 -37.89 -7.14
C THR G 121 63.86 -38.11 -6.39
N LEU G 122 64.98 -37.91 -7.07
CA LEU G 122 66.29 -37.77 -6.46
C LEU G 122 66.42 -36.74 -5.34
N ASN G 123 66.12 -35.49 -5.61
CA ASN G 123 66.25 -34.36 -4.70
C ASN G 123 65.17 -34.19 -3.61
N ASN G 124 63.96 -34.53 -3.96
CA ASN G 124 62.76 -34.33 -3.19
C ASN G 124 62.16 -35.59 -2.52
N GLY G 125 62.27 -36.75 -3.14
CA GLY G 125 61.95 -37.95 -2.50
C GLY G 125 60.68 -38.55 -2.95
N LYS G 126 60.07 -37.82 -3.83
CA LYS G 126 58.73 -37.94 -4.26
C LYS G 126 58.69 -39.11 -5.17
N LEU G 127 57.55 -39.77 -5.27
CA LEU G 127 57.40 -40.89 -6.13
C LEU G 127 57.51 -40.55 -7.58
N LEU G 128 58.30 -41.30 -8.33
CA LEU G 128 58.59 -40.99 -9.69
C LEU G 128 57.40 -40.74 -10.56
N ILE G 129 56.34 -41.51 -10.43
CA ILE G 129 55.17 -41.27 -11.26
C ILE G 129 54.56 -39.94 -11.00
N TYR G 130 54.38 -39.58 -9.75
CA TYR G 130 54.03 -38.25 -9.36
C TYR G 130 54.88 -37.10 -9.79
N SER G 131 56.15 -37.36 -10.01
CA SER G 131 57.07 -36.40 -10.53
C SER G 131 56.75 -36.16 -11.95
N LYS G 132 56.31 -37.17 -12.64
CA LYS G 132 56.06 -37.13 -14.05
C LYS G 132 54.75 -36.53 -14.38
N LEU G 133 53.84 -36.64 -13.44
CA LEU G 133 52.46 -36.28 -13.60
C LEU G 133 52.12 -34.97 -12.94
N MET G 134 52.68 -34.74 -11.77
CA MET G 134 52.29 -33.60 -10.97
C MET G 134 53.40 -32.56 -10.87
N GLU G 135 54.52 -32.79 -11.55
CA GLU G 135 55.55 -31.83 -11.46
C GLU G 135 55.98 -31.55 -12.83
N VAL G 136 56.13 -32.54 -13.66
CA VAL G 136 56.51 -32.26 -15.02
C VAL G 136 55.28 -31.94 -15.81
N GLY G 137 54.20 -32.60 -15.51
CA GLY G 137 53.02 -32.53 -16.30
C GLY G 137 52.00 -31.52 -15.93
N ALA G 138 51.96 -31.12 -14.68
CA ALA G 138 51.07 -30.10 -14.23
C ALA G 138 51.75 -28.81 -14.49
N SER G 139 53.07 -28.82 -14.49
CA SER G 139 53.87 -27.66 -14.82
C SER G 139 53.79 -27.25 -16.21
N ALA G 140 53.69 -28.19 -17.10
CA ALA G 140 53.48 -27.90 -18.48
C ALA G 140 52.12 -27.35 -18.75
N GLN G 141 51.15 -27.72 -17.96
CA GLN G 141 49.77 -27.33 -18.05
C GLN G 141 49.54 -25.92 -17.57
N TRP G 142 50.29 -25.53 -16.58
CA TRP G 142 50.30 -24.22 -15.99
C TRP G 142 50.93 -23.22 -16.91
N LEU G 143 51.93 -23.63 -17.67
CA LEU G 143 52.62 -22.78 -18.60
C LEU G 143 51.60 -22.47 -19.64
N ARG G 144 51.08 -23.48 -20.28
CA ARG G 144 50.17 -23.32 -21.38
C ARG G 144 49.12 -22.37 -20.96
N TYR G 145 48.39 -22.66 -19.91
CA TYR G 145 47.41 -21.74 -19.40
C TYR G 145 47.69 -20.32 -19.14
N MET G 146 48.90 -20.03 -18.75
CA MET G 146 49.24 -18.71 -18.38
C MET G 146 49.79 -18.05 -19.57
N ALA G 147 50.28 -18.82 -20.51
CA ALA G 147 50.80 -18.35 -21.76
C ALA G 147 49.73 -17.76 -22.59
N GLY G 148 48.56 -18.28 -22.52
CA GLY G 148 47.37 -17.70 -23.06
C GLY G 148 46.74 -16.50 -22.45
N TRP G 149 47.33 -15.99 -21.40
CA TRP G 149 46.87 -14.78 -20.79
C TRP G 149 47.76 -13.66 -21.26
N ALA G 150 48.88 -14.02 -21.83
CA ALA G 150 49.87 -13.08 -22.30
C ALA G 150 49.35 -12.21 -23.36
N THR G 151 48.26 -12.64 -23.92
CA THR G 151 47.77 -12.08 -25.12
C THR G 151 46.36 -11.52 -24.95
N LYS G 152 45.88 -11.57 -23.73
CA LYS G 152 44.56 -11.20 -23.34
C LYS G 152 44.49 -10.28 -22.14
N LEU G 153 45.52 -9.50 -21.91
CA LEU G 153 45.66 -8.58 -20.80
C LEU G 153 45.14 -7.22 -21.13
N THR G 154 44.03 -6.85 -20.53
CA THR G 154 43.29 -5.66 -20.90
C THR G 154 43.01 -4.63 -19.81
N GLY G 155 42.96 -3.40 -20.19
CA GLY G 155 42.45 -2.35 -19.36
C GLY G 155 41.06 -1.98 -19.76
N SER G 156 40.61 -0.80 -19.45
CA SER G 156 39.26 -0.39 -19.70
C SER G 156 39.26 0.91 -20.39
N THR G 157 38.11 1.32 -20.84
CA THR G 157 37.88 2.46 -21.65
C THR G 157 36.68 3.03 -20.95
N LEU G 158 36.70 4.28 -20.51
CA LEU G 158 35.74 4.77 -19.54
C LEU G 158 34.97 6.04 -19.84
N ASP G 159 33.81 6.23 -19.27
CA ASP G 159 33.14 7.46 -19.49
C ASP G 159 33.30 8.24 -18.21
N LEU G 160 32.92 9.49 -18.25
CA LEU G 160 33.28 10.35 -17.23
C LEU G 160 32.33 11.47 -17.25
N SER G 161 32.12 12.06 -16.09
CA SER G 161 31.28 13.20 -15.93
C SER G 161 32.01 14.23 -15.11
N LEU G 162 32.77 15.10 -15.77
CA LEU G 162 34.01 15.74 -15.29
C LEU G 162 34.14 17.03 -14.41
N PRO G 163 33.57 18.26 -14.75
CA PRO G 163 33.33 18.46 -16.15
C PRO G 163 34.13 19.64 -16.66
N LEU G 164 34.53 19.56 -17.91
CA LEU G 164 35.46 20.48 -18.50
C LEU G 164 34.60 21.35 -19.26
N PRO G 165 35.08 22.41 -19.91
CA PRO G 165 34.03 23.21 -20.48
C PRO G 165 33.27 22.40 -21.47
N PRO G 166 32.20 22.92 -22.07
CA PRO G 166 31.36 22.11 -22.96
C PRO G 166 31.85 21.88 -24.38
N GLU G 167 32.81 22.68 -24.84
CA GLU G 167 33.35 22.54 -26.19
C GLU G 167 34.57 21.64 -26.13
N VAL G 168 34.70 20.93 -25.02
CA VAL G 168 35.81 20.06 -24.80
C VAL G 168 35.27 18.73 -24.34
N ARG G 169 35.68 17.73 -25.06
CA ARG G 169 35.33 16.36 -24.95
C ARG G 169 36.58 15.65 -24.41
N SER G 170 36.44 14.48 -23.82
CA SER G 170 37.59 13.78 -23.25
C SER G 170 37.42 12.30 -23.44
N ARG G 171 38.54 11.56 -23.48
CA ARG G 171 38.54 10.10 -23.55
C ARG G 171 39.52 9.55 -22.50
N ALA G 172 39.04 8.62 -21.67
CA ALA G 172 39.80 8.11 -20.52
C ALA G 172 39.91 6.59 -20.40
N SER G 173 41.13 6.10 -20.24
CA SER G 173 41.38 4.67 -20.19
C SER G 173 42.37 4.25 -19.09
N THR G 174 42.41 2.96 -18.78
CA THR G 174 43.48 2.43 -17.97
C THR G 174 44.24 1.45 -18.83
N GLN G 175 45.51 1.25 -18.51
CA GLN G 175 46.37 0.41 -19.28
C GLN G 175 47.09 -0.55 -18.38
N ARG G 176 46.78 -1.83 -18.55
CA ARG G 176 47.46 -2.86 -17.81
C ARG G 176 48.96 -2.94 -18.19
N VAL G 177 49.84 -2.90 -17.17
CA VAL G 177 51.30 -2.81 -17.32
C VAL G 177 51.95 -3.83 -16.36
N PRO G 178 53.26 -4.16 -16.53
CA PRO G 178 53.82 -5.13 -15.57
C PRO G 178 54.27 -4.46 -14.27
N VAL G 179 54.41 -5.24 -13.20
CA VAL G 179 54.74 -4.77 -11.84
C VAL G 179 56.25 -4.43 -11.72
N GLY G 180 57.11 -5.21 -12.36
CA GLY G 180 58.54 -4.92 -12.40
C GLY G 180 59.34 -6.18 -12.21
N VAL G 181 60.40 -6.10 -11.40
CA VAL G 181 61.23 -7.24 -11.05
C VAL G 181 60.58 -8.06 -9.92
N VAL G 182 60.48 -9.37 -10.15
CA VAL G 182 59.80 -10.24 -9.21
C VAL G 182 60.80 -11.08 -8.42
N ALA G 183 60.77 -10.91 -7.09
CA ALA G 183 61.49 -11.78 -6.16
C ALA G 183 60.68 -13.06 -5.84
N ALA G 184 61.08 -14.20 -6.38
CA ALA G 184 60.28 -15.43 -6.17
C ALA G 184 60.94 -16.44 -5.24
N ILE G 185 60.35 -16.65 -4.08
CA ILE G 185 60.89 -17.66 -3.17
C ILE G 185 60.03 -18.92 -3.06
N ILE G 186 60.62 -20.06 -3.39
CA ILE G 186 59.86 -21.30 -3.56
C ILE G 186 60.10 -22.29 -2.45
N PRO G 187 59.04 -22.98 -2.01
CA PRO G 187 59.08 -24.05 -0.99
C PRO G 187 59.56 -25.40 -1.54
N TRP G 188 59.94 -26.32 -0.66
CA TRP G 188 60.61 -27.56 -1.09
C TRP G 188 59.72 -28.77 -1.35
N ASN G 189 58.43 -28.64 -1.27
CA ASN G 189 57.57 -29.79 -1.43
C ASN G 189 57.23 -30.14 -2.85
N PHE G 190 57.30 -29.14 -3.70
CA PHE G 190 57.07 -29.30 -5.11
C PHE G 190 57.94 -28.32 -5.76
N PRO G 191 59.17 -28.67 -5.97
CA PRO G 191 60.13 -27.76 -6.53
C PRO G 191 59.96 -27.26 -7.93
N LEU G 192 59.74 -28.10 -8.93
CA LEU G 192 59.43 -27.70 -10.29
C LEU G 192 58.10 -26.91 -10.42
N LEU G 193 57.03 -27.50 -9.92
CA LEU G 193 55.72 -26.89 -9.98
C LEU G 193 55.59 -25.52 -9.27
N MET G 194 56.04 -25.44 -8.02
CA MET G 194 55.87 -24.25 -7.19
C MET G 194 56.59 -23.03 -7.80
N ALA G 195 57.75 -23.31 -8.41
CA ALA G 195 58.47 -22.41 -9.32
C ALA G 195 57.73 -21.98 -10.59
N VAL G 196 57.17 -22.93 -11.33
CA VAL G 196 56.30 -22.61 -12.46
C VAL G 196 55.01 -21.87 -12.03
N TRP G 197 54.57 -22.01 -10.79
CA TRP G 197 53.43 -21.26 -10.22
C TRP G 197 53.62 -19.76 -10.15
N LYS G 198 54.87 -19.40 -9.91
CA LYS G 198 55.32 -18.04 -9.91
C LYS G 198 55.94 -17.52 -11.19
N ILE G 199 56.90 -18.18 -11.81
CA ILE G 199 57.52 -17.65 -13.05
C ILE G 199 56.53 -17.62 -14.24
N ALA G 200 55.70 -18.65 -14.34
CA ALA G 200 54.75 -18.75 -15.45
C ALA G 200 53.86 -17.52 -15.52
N PRO G 201 53.24 -17.11 -14.43
CA PRO G 201 52.41 -15.93 -14.41
C PRO G 201 53.13 -14.64 -14.40
N ALA G 202 54.39 -14.59 -14.03
CA ALA G 202 55.09 -13.33 -13.99
C ALA G 202 55.56 -13.03 -15.40
N LEU G 203 56.22 -14.00 -16.02
CA LEU G 203 56.60 -13.87 -17.42
C LEU G 203 55.44 -13.62 -18.41
N ALA G 204 54.30 -14.25 -18.27
CA ALA G 204 53.14 -13.92 -19.05
C ALA G 204 52.92 -12.46 -19.02
N CYS G 205 52.94 -11.89 -17.82
CA CYS G 205 52.67 -10.46 -17.65
C CYS G 205 53.68 -9.47 -18.25
N GLY G 206 54.93 -9.88 -18.47
CA GLY G 206 55.97 -8.94 -18.89
C GLY G 206 56.85 -8.56 -17.72
N ASN G 207 56.68 -9.26 -16.61
CA ASN G 207 57.56 -9.05 -15.48
C ASN G 207 58.76 -9.91 -15.80
N THR G 208 59.91 -9.50 -15.28
CA THR G 208 61.08 -10.37 -15.14
C THR G 208 61.15 -10.89 -13.69
N VAL G 209 61.90 -11.98 -13.48
CA VAL G 209 61.94 -12.59 -12.14
C VAL G 209 63.33 -12.97 -11.64
N VAL G 210 63.51 -12.88 -10.33
CA VAL G 210 64.66 -13.46 -9.72
C VAL G 210 64.12 -14.54 -8.76
N LEU G 211 64.52 -15.78 -9.04
CA LEU G 211 63.92 -16.91 -8.37
C LEU G 211 64.92 -17.52 -7.39
N LYS G 212 64.50 -17.67 -6.14
CA LYS G 212 65.30 -18.43 -5.19
C LYS G 212 64.63 -19.74 -4.77
N PRO G 213 65.18 -20.89 -5.21
CA PRO G 213 64.61 -22.14 -4.67
C PRO G 213 65.11 -22.45 -3.25
N ALA G 214 64.36 -23.30 -2.56
CA ALA G 214 64.67 -23.75 -1.21
C ALA G 214 66.08 -24.29 -1.29
N GLU G 215 66.69 -24.52 -0.15
CA GLU G 215 68.10 -24.83 -0.13
C GLU G 215 68.15 -26.35 -0.08
N GLU G 216 67.03 -26.97 0.27
CA GLU G 216 66.95 -28.43 0.31
C GLU G 216 66.66 -29.00 -1.09
N THR G 217 66.26 -28.12 -1.99
CA THR G 217 65.94 -28.49 -3.37
C THR G 217 66.17 -27.46 -4.48
N PRO G 218 67.37 -27.32 -5.03
CA PRO G 218 67.56 -26.32 -6.09
C PRO G 218 67.62 -26.77 -7.53
N LEU G 219 67.86 -28.04 -7.78
CA LEU G 219 68.18 -28.62 -9.10
C LEU G 219 67.12 -28.46 -10.20
N THR G 220 65.86 -28.67 -9.93
CA THR G 220 64.85 -28.58 -10.95
C THR G 220 64.54 -27.18 -11.39
N ALA G 221 64.78 -26.21 -10.56
CA ALA G 221 64.65 -24.83 -11.03
C ALA G 221 65.86 -24.40 -11.85
N LEU G 222 66.99 -25.08 -11.65
CA LEU G 222 68.16 -24.76 -12.47
C LEU G 222 68.00 -25.25 -13.88
N ARG G 223 67.40 -26.40 -14.02
CA ARG G 223 67.06 -26.97 -15.29
C ARG G 223 65.97 -26.16 -15.94
N LEU G 224 65.04 -25.66 -15.17
CA LEU G 224 63.91 -24.85 -15.60
C LEU G 224 64.50 -23.64 -16.31
N ALA G 225 65.33 -22.91 -15.58
CA ALA G 225 66.01 -21.76 -16.16
C ALA G 225 66.78 -21.89 -17.48
N GLU G 226 67.47 -22.98 -17.68
CA GLU G 226 68.09 -23.24 -18.93
C GLU G 226 67.23 -23.72 -20.05
N LEU G 227 66.11 -24.35 -19.77
CA LEU G 227 65.08 -24.68 -20.74
C LEU G 227 64.32 -23.45 -21.09
N ALA G 228 64.27 -22.49 -20.17
CA ALA G 228 63.58 -21.23 -20.45
C ALA G 228 64.29 -20.53 -21.58
N MET G 229 65.61 -20.56 -21.56
CA MET G 229 66.42 -19.93 -22.59
C MET G 229 66.43 -20.69 -23.94
N GLU G 230 66.36 -22.02 -23.89
CA GLU G 230 66.18 -22.86 -25.09
C GLU G 230 64.83 -22.53 -25.82
N ALA G 231 63.81 -22.22 -25.07
CA ALA G 231 62.53 -21.76 -25.54
C ALA G 231 62.45 -20.34 -26.07
N GLY G 232 63.49 -19.54 -25.90
CA GLY G 232 63.56 -18.20 -26.50
C GLY G 232 63.47 -17.06 -25.50
N LEU G 233 63.58 -17.34 -24.23
CA LEU G 233 63.56 -16.29 -23.22
C LEU G 233 64.87 -15.57 -23.21
N PRO G 234 64.84 -14.25 -23.31
CA PRO G 234 66.06 -13.45 -23.36
C PRO G 234 66.84 -13.54 -22.06
N ALA G 235 68.18 -13.52 -22.16
CA ALA G 235 69.04 -13.42 -20.97
C ALA G 235 68.58 -12.33 -19.99
N GLY G 236 68.61 -12.68 -18.71
CA GLY G 236 68.24 -11.78 -17.63
C GLY G 236 66.79 -11.85 -17.21
N ALA G 237 65.91 -12.40 -18.06
CA ALA G 237 64.47 -12.46 -17.79
C ALA G 237 64.13 -13.41 -16.62
N LEU G 238 64.94 -14.42 -16.39
CA LEU G 238 64.74 -15.36 -15.32
C LEU G 238 66.09 -15.67 -14.82
N ASN G 239 66.42 -15.19 -13.64
CA ASN G 239 67.64 -15.50 -12.99
C ASN G 239 67.31 -16.38 -11.85
N VAL G 240 68.22 -17.28 -11.51
CA VAL G 240 68.08 -18.20 -10.41
C VAL G 240 69.25 -18.01 -9.48
N VAL G 241 69.02 -17.54 -8.28
CA VAL G 241 70.05 -17.42 -7.29
C VAL G 241 69.90 -18.55 -6.26
N THR G 242 70.97 -19.10 -5.72
CA THR G 242 70.85 -20.24 -4.81
C THR G 242 71.53 -19.88 -3.53
N GLY G 243 71.23 -20.60 -2.49
CA GLY G 243 71.78 -20.30 -1.16
C GLY G 243 70.92 -20.62 0.05
N ARG G 244 71.57 -20.64 1.21
CA ARG G 244 70.91 -20.71 2.51
C ARG G 244 69.84 -19.57 2.60
N GLY G 245 68.66 -19.92 3.14
CA GLY G 245 67.51 -19.00 3.19
C GLY G 245 67.76 -17.75 4.03
N GLU G 246 68.47 -17.92 5.13
CA GLU G 246 68.76 -16.81 6.06
C GLU G 246 69.38 -15.58 5.43
N THR G 247 70.21 -15.76 4.40
CA THR G 247 70.91 -14.60 3.83
C THR G 247 70.53 -14.29 2.33
N ALA G 248 70.60 -15.29 1.45
CA ALA G 248 70.15 -15.08 0.06
C ALA G 248 68.75 -14.47 0.06
N GLY G 249 67.80 -15.16 0.70
CA GLY G 249 66.45 -14.66 0.91
C GLY G 249 66.39 -13.19 1.31
N ASP G 250 67.02 -12.82 2.40
CA ASP G 250 66.95 -11.48 2.94
C ASP G 250 67.40 -10.44 1.99
N ALA G 251 68.50 -10.71 1.31
CA ALA G 251 69.06 -9.83 0.31
C ALA G 251 68.01 -9.58 -0.78
N LEU G 252 67.37 -10.67 -1.23
CA LEU G 252 66.35 -10.57 -2.28
C LEU G 252 65.18 -9.70 -1.90
N VAL G 253 64.71 -9.88 -0.66
CA VAL G 253 63.55 -9.15 -0.15
C VAL G 253 63.82 -7.67 0.01
N ARG G 254 64.99 -7.36 0.55
CA ARG G 254 65.36 -5.99 0.91
C ARG G 254 66.05 -5.24 -0.25
N HIS G 255 65.85 -5.68 -1.49
CA HIS G 255 66.52 -5.04 -2.62
C HIS G 255 65.60 -3.90 -3.06
N PRO G 256 66.14 -2.70 -3.13
CA PRO G 256 65.44 -1.54 -3.66
C PRO G 256 64.89 -1.60 -5.03
N LYS G 257 65.50 -2.38 -5.90
CA LYS G 257 64.90 -2.72 -7.23
C LYS G 257 63.97 -3.92 -7.43
N VAL G 258 63.64 -4.63 -6.35
CA VAL G 258 62.61 -5.66 -6.38
C VAL G 258 61.24 -5.04 -6.16
N ALA G 259 60.32 -5.32 -7.08
CA ALA G 259 59.00 -4.67 -7.15
C ALA G 259 57.89 -5.45 -6.47
N LYS G 260 57.99 -6.78 -6.49
CA LYS G 260 57.04 -7.63 -5.79
C LYS G 260 57.77 -8.78 -5.12
N VAL G 261 57.27 -9.25 -3.98
CA VAL G 261 57.77 -10.46 -3.34
C VAL G 261 56.72 -11.57 -3.24
N ALA G 262 56.95 -12.68 -3.95
CA ALA G 262 56.09 -13.83 -3.90
C ALA G 262 56.74 -14.91 -3.10
N PHE G 263 56.31 -15.08 -1.88
CA PHE G 263 56.85 -16.07 -0.96
C PHE G 263 55.78 -17.11 -0.66
N THR G 264 56.27 -18.33 -0.37
CA THR G 264 55.48 -19.41 0.21
C THR G 264 56.41 -20.16 1.14
N GLY G 265 55.96 -20.42 2.37
CA GLY G 265 56.73 -21.23 3.30
C GLY G 265 56.17 -21.19 4.70
N SER G 266 57.07 -21.13 5.69
CA SER G 266 56.72 -20.92 7.10
C SER G 266 55.89 -19.64 7.23
N THR G 267 54.75 -19.75 7.91
CA THR G 267 53.95 -18.55 8.14
C THR G 267 54.67 -17.47 8.97
N GLU G 268 55.60 -17.90 9.82
CA GLU G 268 56.41 -16.98 10.60
C GLU G 268 57.27 -16.12 9.68
N VAL G 269 58.21 -16.74 8.98
CA VAL G 269 59.07 -16.00 8.04
C VAL G 269 58.28 -15.04 7.13
N GLY G 270 57.03 -15.39 6.86
CA GLY G 270 56.10 -14.56 6.07
C GLY G 270 55.83 -13.23 6.73
N ARG G 271 55.75 -13.20 8.03
CA ARG G 271 55.62 -11.98 8.75
C ARG G 271 56.87 -11.13 8.76
N ILE G 272 58.05 -11.73 8.65
CA ILE G 272 59.31 -11.00 8.44
C ILE G 272 59.27 -10.29 7.09
N ILE G 273 58.88 -11.05 6.06
CA ILE G 273 58.75 -10.54 4.69
C ILE G 273 57.70 -9.39 4.63
N GLY G 274 56.52 -9.63 5.23
CA GLY G 274 55.46 -8.64 5.37
C GLY G 274 56.03 -7.30 5.82
N SER G 275 56.49 -7.26 7.08
CA SER G 275 57.09 -6.06 7.69
C SER G 275 58.00 -5.36 6.68
N ALA G 276 58.92 -6.13 6.17
CA ALA G 276 59.90 -5.61 5.28
C ALA G 276 59.26 -4.94 4.10
N CYS G 277 58.42 -5.69 3.44
CA CYS G 277 57.81 -5.31 2.16
C CYS G 277 56.95 -4.07 2.30
N GLY G 278 56.30 -3.93 3.45
CA GLY G 278 55.44 -2.79 3.70
C GLY G 278 56.07 -1.47 4.01
N ARG G 279 57.23 -1.49 4.61
CA ARG G 279 58.03 -0.30 4.79
C ARG G 279 58.78 -0.04 3.56
N SER G 280 59.07 -1.08 2.81
CA SER G 280 59.47 -0.83 1.42
C SER G 280 58.46 -0.37 0.33
N LEU G 281 57.17 -0.38 0.66
CA LEU G 281 56.12 -0.03 -0.30
C LEU G 281 56.12 -0.97 -1.53
N LYS G 282 56.39 -2.25 -1.29
CA LYS G 282 56.34 -3.20 -2.38
C LYS G 282 55.21 -4.20 -2.21
N ALA G 283 54.71 -4.67 -3.35
CA ALA G 283 53.62 -5.61 -3.42
C ALA G 283 54.15 -6.93 -2.87
N VAL G 284 53.26 -7.71 -2.25
CA VAL G 284 53.69 -8.93 -1.61
C VAL G 284 52.69 -10.05 -1.81
N SER G 285 53.17 -11.20 -2.21
CA SER G 285 52.38 -12.41 -2.30
C SER G 285 52.87 -13.36 -1.29
N LEU G 286 51.98 -13.84 -0.49
CA LEU G 286 52.31 -14.71 0.65
C LEU G 286 51.35 -15.87 0.77
N GLU G 287 51.87 -17.07 0.52
CA GLU G 287 51.15 -18.30 0.83
C GLU G 287 51.68 -19.12 2.01
N LEU G 288 51.19 -18.85 3.20
CA LEU G 288 51.70 -19.44 4.44
C LEU G 288 50.93 -20.66 4.92
N GLY G 289 51.02 -20.99 6.19
CA GLY G 289 50.49 -22.25 6.69
C GLY G 289 49.04 -22.68 6.68
N GLY G 290 48.77 -23.98 6.81
CA GLY G 290 47.38 -24.43 6.94
C GLY G 290 47.13 -25.56 7.92
N LYS G 291 45.90 -25.67 8.36
CA LYS G 291 45.50 -26.79 9.17
C LYS G 291 44.17 -27.25 8.71
N SER G 292 44.07 -27.62 7.43
CA SER G 292 42.81 -27.91 6.77
C SER G 292 41.98 -28.97 7.50
N PRO G 293 40.73 -28.63 7.83
CA PRO G 293 39.85 -29.64 8.42
C PRO G 293 39.12 -30.41 7.35
N VAL G 294 38.74 -31.64 7.65
CA VAL G 294 37.87 -32.40 6.75
C VAL G 294 36.71 -33.02 7.50
N ILE G 295 35.51 -32.83 6.97
CA ILE G 295 34.28 -33.05 7.72
C ILE G 295 33.37 -34.09 7.06
N VAL G 296 33.14 -35.19 7.77
CA VAL G 296 32.30 -36.28 7.30
C VAL G 296 30.91 -36.26 7.99
N LEU G 297 29.88 -35.93 7.25
CA LEU G 297 28.53 -35.86 7.79
C LEU G 297 27.87 -37.23 7.89
N ALA G 298 26.75 -37.32 8.58
CA ALA G 298 26.12 -38.59 8.94
C ALA G 298 25.81 -39.56 7.77
N ASP G 299 25.39 -38.98 6.65
CA ASP G 299 24.88 -39.75 5.51
C ASP G 299 25.97 -40.24 4.56
N CYS G 300 27.19 -39.76 4.74
CA CYS G 300 28.27 -40.10 3.83
C CYS G 300 28.73 -41.53 4.07
N ASP G 301 29.07 -42.22 3.00
CA ASP G 301 29.53 -43.60 3.09
C ASP G 301 30.91 -43.68 3.76
N PRO G 302 31.04 -44.54 4.78
CA PRO G 302 32.26 -44.83 5.51
C PRO G 302 33.47 -45.28 4.67
N GLN G 303 33.37 -46.18 3.76
CA GLN G 303 34.55 -46.42 3.03
C GLN G 303 34.89 -45.24 2.13
N GLU G 304 33.93 -44.56 1.50
CA GLU G 304 34.28 -43.39 0.70
C GLU G 304 34.95 -42.29 1.56
N ALA G 305 34.47 -42.13 2.80
CA ALA G 305 35.00 -41.09 3.69
C ALA G 305 36.44 -41.39 4.07
N ALA G 306 36.72 -42.63 4.48
CA ALA G 306 38.07 -43.02 4.89
C ALA G 306 39.09 -43.12 3.76
N GLU G 307 38.60 -43.44 2.57
CA GLU G 307 39.42 -43.36 1.36
C GLU G 307 39.63 -41.89 1.04
N GLY G 308 38.59 -41.09 1.29
CA GLY G 308 38.63 -39.63 1.17
C GLY G 308 39.64 -38.98 2.08
N ALA G 309 39.60 -39.29 3.38
CA ALA G 309 40.52 -38.72 4.33
C ALA G 309 41.98 -39.09 4.07
N ALA G 310 42.24 -40.36 3.79
CA ALA G 310 43.60 -40.86 3.49
C ALA G 310 44.22 -40.13 2.31
N ALA G 311 43.45 -39.94 1.26
CA ALA G 311 43.91 -39.14 0.14
C ALA G 311 44.12 -37.67 0.51
N ALA G 312 43.29 -37.17 1.43
CA ALA G 312 43.38 -35.80 1.90
C ALA G 312 44.62 -35.50 2.69
N ILE G 313 45.26 -36.51 3.28
CA ILE G 313 46.45 -36.29 4.14
C ILE G 313 47.75 -37.13 3.93
N PHE G 314 47.66 -38.21 3.17
CA PHE G 314 48.83 -38.98 2.78
C PHE G 314 49.35 -38.71 1.34
N PHE G 315 48.66 -37.82 0.64
CA PHE G 315 49.11 -37.24 -0.64
C PHE G 315 50.33 -36.32 -0.45
N ASN G 316 51.44 -36.65 -1.10
CA ASN G 316 52.65 -35.85 -0.95
C ASN G 316 53.26 -35.99 0.45
N HIS G 317 53.06 -37.17 1.03
CA HIS G 317 53.51 -37.52 2.32
C HIS G 317 53.05 -36.57 3.35
N GLY G 318 51.95 -35.89 3.09
CA GLY G 318 51.34 -34.88 3.93
C GLY G 318 51.97 -33.52 3.87
N GLN G 319 52.87 -33.36 2.92
CA GLN G 319 53.73 -32.23 2.76
C GLN G 319 53.01 -31.36 1.81
N VAL G 320 52.00 -30.71 2.33
CA VAL G 320 51.14 -29.93 1.47
C VAL G 320 50.48 -28.92 2.37
N CYS G 321 50.50 -27.65 1.97
CA CYS G 321 49.85 -26.60 2.77
C CYS G 321 48.43 -27.00 3.12
N THR G 322 47.66 -27.37 2.11
CA THR G 322 46.29 -27.80 2.27
C THR G 322 45.93 -29.19 2.73
N ALA G 323 46.82 -29.94 3.34
CA ALA G 323 46.61 -31.30 3.67
C ALA G 323 45.71 -31.35 4.81
N GLY G 324 44.83 -32.31 4.88
CA GLY G 324 43.70 -32.32 5.76
C GLY G 324 44.11 -33.12 6.93
N SER G 325 44.52 -32.40 7.93
CA SER G 325 45.27 -32.93 9.00
C SER G 325 44.39 -32.99 10.15
N ARG G 326 43.28 -32.32 10.06
CA ARG G 326 42.23 -32.52 11.07
C ARG G 326 41.04 -33.27 10.49
N LEU G 327 40.75 -34.48 11.00
CA LEU G 327 39.56 -35.21 10.58
C LEU G 327 38.44 -35.15 11.61
N TYR G 328 37.28 -34.75 11.16
CA TYR G 328 36.08 -34.64 11.96
C TYR G 328 35.02 -35.51 11.36
N VAL G 329 34.61 -36.54 12.08
CA VAL G 329 33.61 -37.48 11.63
C VAL G 329 32.46 -37.51 12.59
N HIS G 330 31.25 -37.70 12.11
CA HIS G 330 30.09 -37.63 12.97
C HIS G 330 30.16 -38.75 13.95
N GLU G 331 29.61 -38.56 15.13
CA GLU G 331 29.41 -39.56 16.15
C GLU G 331 28.94 -40.92 15.72
N SER G 332 27.98 -40.94 14.80
CA SER G 332 27.35 -42.19 14.38
C SER G 332 28.29 -43.15 13.66
N ILE G 333 29.13 -42.63 12.76
CA ILE G 333 29.95 -43.46 11.92
C ILE G 333 31.40 -43.24 12.19
N TYR G 334 31.74 -42.58 13.28
CA TYR G 334 33.10 -42.26 13.66
C TYR G 334 34.03 -43.43 13.75
N GLU G 335 33.65 -44.46 14.46
CA GLU G 335 34.48 -45.62 14.60
C GLU G 335 34.53 -46.37 13.34
N ASP G 336 33.41 -46.58 12.69
CA ASP G 336 33.39 -47.21 11.40
C ASP G 336 34.44 -46.64 10.50
N VAL G 337 34.42 -45.32 10.28
CA VAL G 337 35.41 -44.57 9.56
C VAL G 337 36.86 -44.66 9.95
N ILE G 338 37.19 -44.61 11.22
CA ILE G 338 38.57 -44.68 11.62
C ILE G 338 39.15 -46.04 11.66
N GLN G 339 38.31 -47.05 11.74
CA GLN G 339 38.69 -48.41 11.57
C GLN G 339 39.22 -48.61 10.20
N ARG G 340 38.48 -48.14 9.20
CA ARG G 340 38.75 -48.44 7.82
C ARG G 340 40.00 -47.74 7.53
N LEU G 341 40.07 -46.49 7.88
CA LEU G 341 41.21 -45.61 7.71
C LEU G 341 42.56 -46.11 8.19
N ALA G 342 42.58 -46.85 9.29
CA ALA G 342 43.79 -47.44 9.77
C ALA G 342 44.13 -48.65 8.97
N VAL G 343 43.19 -49.25 8.29
CA VAL G 343 43.50 -50.36 7.42
C VAL G 343 44.24 -49.75 6.26
N ILE G 344 43.75 -48.65 5.76
CA ILE G 344 44.37 -47.93 4.67
C ILE G 344 45.77 -47.42 4.90
N GLY G 345 46.03 -46.86 6.07
CA GLY G 345 47.33 -46.35 6.39
C GLY G 345 48.33 -47.37 6.83
N GLU G 346 47.83 -48.51 7.25
CA GLU G 346 48.68 -49.56 7.74
C GLU G 346 49.29 -50.21 6.55
N SER G 347 48.50 -50.32 5.52
CA SER G 347 48.91 -50.80 4.23
C SER G 347 49.61 -49.90 3.30
N ILE G 348 50.07 -48.73 3.71
CA ILE G 348 50.92 -47.90 2.89
C ILE G 348 52.36 -48.38 3.06
N VAL G 349 53.04 -48.63 1.97
CA VAL G 349 54.42 -49.03 1.94
C VAL G 349 55.28 -47.84 1.70
N VAL G 350 56.21 -47.58 2.61
CA VAL G 350 57.12 -46.46 2.57
C VAL G 350 58.47 -46.85 1.98
N GLY G 351 58.98 -46.10 1.03
CA GLY G 351 60.22 -46.47 0.41
C GLY G 351 60.79 -45.43 -0.49
N SER G 352 61.80 -45.80 -1.23
CA SER G 352 62.45 -44.93 -2.18
C SER G 352 61.50 -44.53 -3.28
N GLY G 353 61.70 -43.40 -3.91
CA GLY G 353 60.78 -42.95 -4.91
C GLY G 353 60.92 -43.56 -6.27
N LEU G 354 62.02 -44.27 -6.47
CA LEU G 354 62.28 -44.97 -7.72
C LEU G 354 62.08 -46.48 -7.63
N GLU G 355 61.58 -46.95 -6.49
CA GLU G 355 61.34 -48.36 -6.31
C GLU G 355 59.90 -48.68 -6.63
N GLN G 356 59.65 -49.89 -7.07
CA GLN G 356 58.32 -50.32 -7.40
C GLN G 356 57.60 -50.95 -6.24
N GLY G 357 56.37 -50.57 -6.01
CA GLY G 357 55.59 -51.13 -4.93
C GLY G 357 55.42 -50.21 -3.77
N VAL G 358 55.93 -49.02 -3.92
CA VAL G 358 56.03 -48.01 -2.90
C VAL G 358 54.93 -46.98 -3.12
N HIS G 359 54.33 -46.51 -2.04
CA HIS G 359 53.21 -45.62 -2.09
C HIS G 359 53.53 -44.25 -1.55
N MET G 360 54.40 -44.20 -0.57
CA MET G 360 54.85 -42.99 0.04
C MET G 360 56.35 -42.96 0.09
N GLY G 361 56.94 -41.79 0.04
CA GLY G 361 58.37 -41.64 0.13
C GLY G 361 58.75 -40.90 1.37
N PRO G 362 59.83 -40.17 1.34
CA PRO G 362 60.38 -39.55 2.52
C PRO G 362 60.05 -38.08 2.75
N MET G 363 60.62 -37.54 3.83
CA MET G 363 60.60 -36.14 4.09
C MET G 363 61.77 -35.64 3.35
N VAL G 364 61.84 -34.32 3.18
CA VAL G 364 62.72 -33.70 2.25
C VAL G 364 64.05 -33.44 2.87
N SER G 365 64.04 -33.22 4.17
CA SER G 365 65.25 -32.97 4.92
C SER G 365 65.20 -33.62 6.25
N LYS G 366 66.33 -33.64 6.94
CA LYS G 366 66.46 -34.27 8.21
C LYS G 366 66.06 -33.38 9.32
N LYS G 367 65.95 -32.10 9.11
CA LYS G 367 65.40 -31.21 10.08
C LYS G 367 63.92 -31.31 10.12
N HIS G 368 63.27 -31.46 8.98
CA HIS G 368 61.84 -31.65 8.92
C HIS G 368 61.39 -33.01 9.39
N HIS G 369 62.18 -34.03 9.15
CA HIS G 369 61.97 -35.34 9.67
C HIS G 369 61.97 -35.36 11.17
N GLU G 370 62.88 -34.65 11.76
CA GLU G 370 62.99 -34.52 13.19
C GLU G 370 61.92 -33.70 13.83
N ASN G 371 61.29 -32.84 13.09
CA ASN G 371 60.25 -31.98 13.58
C ASN G 371 58.92 -32.62 13.53
N VAL G 372 58.79 -33.50 12.57
CA VAL G 372 57.61 -34.28 12.32
C VAL G 372 57.54 -35.36 13.31
N LEU G 373 58.67 -35.85 13.74
CA LEU G 373 58.73 -36.90 14.74
C LEU G 373 58.54 -36.40 16.14
N ARG G 374 58.81 -35.14 16.39
CA ARG G 374 58.60 -34.47 17.65
C ARG G 374 57.17 -34.14 17.89
N HIS G 375 56.43 -33.97 16.83
CA HIS G 375 55.03 -33.72 16.89
C HIS G 375 54.25 -34.96 17.05
N ILE G 376 54.72 -36.05 16.47
CA ILE G 376 54.13 -37.36 16.69
C ILE G 376 54.28 -37.62 18.15
N ARG G 377 55.48 -37.50 18.67
CA ARG G 377 55.76 -37.67 20.05
C ARG G 377 55.08 -36.80 21.07
N ASN G 378 54.81 -35.56 20.77
CA ASN G 378 54.04 -34.70 21.59
C ASN G 378 52.60 -35.16 21.71
N GLY G 379 52.14 -35.62 20.60
CA GLY G 379 50.85 -36.24 20.49
C GLY G 379 50.52 -37.50 21.29
N ILE G 380 51.50 -38.36 21.49
CA ILE G 380 51.37 -39.52 22.35
C ILE G 380 51.34 -39.13 23.81
N GLU G 381 52.07 -38.08 24.16
CA GLU G 381 52.14 -37.61 25.54
C GLU G 381 50.89 -36.80 25.90
N ASP G 382 50.28 -36.20 24.89
CA ASP G 382 49.09 -35.40 25.10
C ASP G 382 47.87 -36.26 25.13
N GLY G 383 48.04 -37.53 25.15
CA GLY G 383 46.95 -38.42 25.39
C GLY G 383 46.02 -38.82 24.30
N ALA G 384 46.49 -38.77 23.08
CA ALA G 384 45.71 -39.21 21.97
C ALA G 384 46.04 -40.65 21.69
N ASP G 385 45.16 -41.29 20.96
CA ASP G 385 45.20 -42.71 20.70
C ASP G 385 45.86 -42.99 19.42
N LEU G 386 46.98 -43.66 19.43
CA LEU G 386 47.64 -44.06 18.24
C LEU G 386 46.98 -45.30 17.73
N ILE G 387 46.29 -45.16 16.62
CA ILE G 387 45.59 -46.24 15.99
C ILE G 387 46.37 -46.71 14.81
N CYS G 388 47.34 -45.93 14.38
CA CYS G 388 48.09 -46.29 13.19
C CYS G 388 49.38 -45.49 13.14
N GLY G 389 50.48 -46.18 12.91
CA GLY G 389 51.75 -45.54 12.74
C GLY G 389 52.56 -45.37 13.97
N GLY G 390 53.43 -44.39 13.96
CA GLY G 390 54.20 -44.01 15.11
C GLY G 390 55.53 -43.43 14.78
N THR G 391 56.43 -43.64 15.71
CA THR G 391 57.70 -42.98 15.78
C THR G 391 58.89 -43.82 15.34
N GLU G 392 58.66 -45.10 15.08
CA GLU G 392 59.64 -46.06 14.63
C GLU G 392 59.90 -45.89 13.19
N ALA G 393 61.11 -46.22 12.77
CA ALA G 393 61.60 -45.95 11.45
C ALA G 393 61.29 -47.09 10.55
N PRO G 394 60.75 -46.79 9.40
CA PRO G 394 60.26 -47.83 8.52
C PRO G 394 61.45 -48.38 7.81
N CYS G 395 62.42 -47.51 7.53
CA CYS G 395 63.57 -47.91 6.75
C CYS G 395 64.84 -47.78 7.56
N ALA G 396 65.95 -48.15 6.92
CA ALA G 396 67.25 -48.10 7.52
C ALA G 396 68.01 -46.82 7.25
N GLN G 397 67.82 -46.28 6.07
CA GLN G 397 68.43 -45.05 5.69
C GLN G 397 67.34 -44.09 5.28
N GLY G 398 67.51 -42.80 5.52
CA GLY G 398 66.60 -41.82 5.00
C GLY G 398 65.70 -41.14 5.96
N PHE G 399 64.98 -40.17 5.48
CA PHE G 399 64.14 -39.36 6.30
C PHE G 399 62.72 -39.84 6.23
N PHE G 400 62.49 -41.07 6.63
CA PHE G 400 61.22 -41.73 6.52
C PHE G 400 60.40 -41.69 7.79
N VAL G 401 59.11 -41.49 7.64
CA VAL G 401 58.14 -41.47 8.71
C VAL G 401 57.04 -42.42 8.29
N LYS G 402 56.45 -43.10 9.25
CA LYS G 402 55.33 -43.95 9.01
C LYS G 402 54.14 -43.07 9.04
N PRO G 403 53.13 -43.33 8.21
CA PRO G 403 51.88 -42.60 8.28
C PRO G 403 51.14 -42.83 9.57
N THR G 404 50.83 -41.79 10.32
CA THR G 404 50.36 -41.86 11.67
C THR G 404 48.98 -41.29 11.81
N ILE G 405 48.09 -41.99 12.47
CA ILE G 405 46.78 -41.47 12.83
C ILE G 405 46.52 -41.45 14.34
N PHE G 406 46.09 -40.32 14.85
CA PHE G 406 45.75 -40.17 16.24
C PHE G 406 44.28 -39.98 16.35
N ALA G 407 43.66 -40.74 17.22
CA ALA G 407 42.23 -40.69 17.50
C ALA G 407 42.05 -39.82 18.70
N ASN G 408 41.47 -38.66 18.53
CA ASN G 408 41.25 -37.78 19.61
C ASN G 408 39.87 -37.90 20.18
N ARG G 409 39.51 -39.13 20.57
CA ARG G 409 38.21 -39.37 21.19
C ARG G 409 38.27 -38.57 22.48
N GLU G 410 37.11 -38.16 22.98
CA GLU G 410 37.07 -37.32 24.17
C GLU G 410 37.27 -35.82 24.00
N LYS G 411 37.65 -35.42 22.80
CA LYS G 411 37.84 -34.05 22.44
C LYS G 411 38.65 -33.10 23.27
N LYS G 412 39.91 -33.47 23.37
CA LYS G 412 40.90 -32.79 24.12
C LYS G 412 41.72 -31.88 23.25
N ASP G 413 41.87 -30.63 23.65
CA ASP G 413 42.59 -29.77 22.79
C ASP G 413 43.96 -30.27 23.02
N ILE G 414 44.45 -31.17 22.18
CA ILE G 414 45.81 -31.63 22.32
C ILE G 414 46.56 -30.70 21.42
N ARG G 415 47.87 -30.68 21.43
CA ARG G 415 48.56 -29.77 20.57
C ARG G 415 48.79 -30.15 19.15
N LEU G 416 48.11 -31.20 18.69
CA LEU G 416 48.26 -31.68 17.33
C LEU G 416 47.25 -30.98 16.44
N LEU G 417 46.36 -30.22 17.08
CA LEU G 417 45.31 -29.51 16.37
C LEU G 417 45.67 -28.06 16.07
N SER G 418 46.77 -27.55 16.63
CA SER G 418 47.12 -26.20 16.39
C SER G 418 48.47 -26.11 15.73
N GLN G 419 49.09 -27.23 15.51
CA GLN G 419 50.41 -27.23 14.96
C GLN G 419 50.45 -27.84 13.60
N GLU G 420 50.83 -27.09 12.59
CA GLU G 420 51.12 -27.62 11.28
C GLU G 420 52.30 -28.50 11.33
N VAL G 421 52.11 -29.71 10.89
CA VAL G 421 53.12 -30.74 10.86
C VAL G 421 53.79 -30.76 9.51
N PHE G 422 53.04 -30.86 8.45
CA PHE G 422 53.58 -30.98 7.13
C PHE G 422 54.18 -32.35 6.99
N GLY G 423 53.55 -33.32 7.56
CA GLY G 423 53.98 -34.66 7.42
C GLY G 423 52.74 -35.45 7.52
N PRO G 424 52.86 -36.74 7.38
CA PRO G 424 51.72 -37.65 7.36
C PRO G 424 51.11 -37.93 8.71
N VAL G 425 50.52 -36.95 9.36
CA VAL G 425 50.00 -37.14 10.67
C VAL G 425 48.59 -36.61 10.72
N LEU G 426 47.64 -37.43 11.15
CA LEU G 426 46.25 -37.04 11.24
C LEU G 426 45.72 -37.16 12.63
N VAL G 427 44.95 -36.20 13.08
CA VAL G 427 44.14 -36.29 14.27
C VAL G 427 42.68 -36.40 13.87
N ALA G 428 41.98 -37.39 14.37
CA ALA G 428 40.60 -37.64 14.04
C ALA G 428 39.69 -37.50 15.22
N THR G 429 38.88 -36.47 15.23
CA THR G 429 37.97 -36.14 16.32
C THR G 429 36.53 -36.32 15.94
N PRO G 430 35.62 -36.61 16.88
CA PRO G 430 34.20 -36.72 16.56
C PRO G 430 33.36 -35.50 16.86
N PHE G 431 32.13 -35.54 16.40
CA PHE G 431 31.23 -34.43 16.61
C PHE G 431 29.75 -34.71 16.50
N SER G 432 28.96 -34.06 17.34
CA SER G 432 27.54 -34.27 17.36
C SER G 432 26.62 -33.40 16.51
N ASP G 433 26.77 -32.08 16.63
CA ASP G 433 26.00 -31.14 15.84
C ASP G 433 26.89 -30.38 14.84
N ILE G 434 26.33 -30.09 13.67
CA ILE G 434 27.06 -29.38 12.64
C ILE G 434 27.54 -28.03 12.94
N ALA G 435 26.88 -27.35 13.83
CA ALA G 435 27.36 -26.16 14.45
C ALA G 435 28.57 -26.20 15.29
N GLU G 436 28.88 -27.37 15.78
CA GLU G 436 30.03 -27.48 16.58
C GLU G 436 31.22 -27.90 15.80
N VAL G 437 31.01 -28.38 14.60
CA VAL G 437 32.11 -28.90 13.83
C VAL G 437 32.62 -27.71 13.09
N VAL G 438 31.73 -26.79 12.83
CA VAL G 438 31.98 -25.59 12.08
C VAL G 438 32.76 -24.72 13.00
N ASN G 439 32.38 -24.64 14.25
CA ASN G 439 33.14 -23.94 15.26
C ASN G 439 34.54 -24.40 15.37
N GLU G 440 34.74 -25.69 15.34
CA GLU G 440 36.01 -26.32 15.51
C GLU G 440 36.90 -26.16 14.31
N ALA G 441 36.31 -26.10 13.14
CA ALA G 441 37.02 -25.86 11.97
C ALA G 441 37.58 -24.49 11.88
N ASN G 442 36.81 -23.56 12.38
CA ASN G 442 37.22 -22.18 12.58
C ASN G 442 37.71 -21.78 13.92
N ARG G 443 38.22 -22.72 14.66
CA ARG G 443 39.06 -22.51 15.82
C ARG G 443 40.43 -22.87 15.37
N SER G 444 40.92 -22.12 14.40
CA SER G 444 42.24 -22.28 13.89
C SER G 444 42.69 -20.91 13.59
N VAL G 445 43.99 -20.75 13.50
CA VAL G 445 44.66 -19.50 13.26
C VAL G 445 44.91 -19.33 11.78
N TYR G 446 44.70 -20.43 11.07
CA TYR G 446 44.79 -20.44 9.65
C TYR G 446 43.42 -20.73 9.03
N GLY G 447 43.28 -20.47 7.74
CA GLY G 447 42.03 -20.71 7.05
C GLY G 447 42.19 -20.86 5.55
N LEU G 448 43.00 -21.83 5.15
CA LEU G 448 43.31 -22.10 3.74
C LEU G 448 42.35 -22.96 2.93
N GLY G 449 42.03 -24.14 3.46
CA GLY G 449 41.18 -25.07 2.77
C GLY G 449 40.28 -25.87 3.68
N ALA G 450 39.41 -26.70 3.13
CA ALA G 450 38.51 -27.50 3.91
C ALA G 450 37.72 -28.44 3.04
N SER G 451 37.22 -29.54 3.57
CA SER G 451 36.37 -30.47 2.85
C SER G 451 35.10 -30.78 3.61
N ILE G 452 34.00 -30.98 2.90
CA ILE G 452 32.75 -31.46 3.42
C ILE G 452 32.45 -32.66 2.60
N TRP G 453 31.96 -33.71 3.23
CA TRP G 453 31.67 -34.99 2.60
C TRP G 453 30.23 -35.34 2.92
N THR G 454 29.40 -35.41 1.94
CA THR G 454 28.07 -35.41 2.29
C THR G 454 27.42 -35.42 0.99
N ASN G 455 26.12 -35.59 1.01
CA ASN G 455 25.36 -35.54 -0.18
C ASN G 455 24.17 -34.77 0.09
N ASP G 456 24.28 -33.96 1.11
CA ASP G 456 23.29 -33.08 1.57
C ASP G 456 23.55 -31.73 0.95
N LEU G 457 22.66 -31.27 0.09
CA LEU G 457 22.80 -29.96 -0.54
C LEU G 457 22.78 -28.81 0.47
N SER G 458 21.74 -28.78 1.30
CA SER G 458 21.57 -27.70 2.25
C SER G 458 22.73 -27.57 3.17
N ALA G 459 23.21 -28.67 3.70
CA ALA G 459 24.23 -28.73 4.71
C ALA G 459 25.49 -28.37 4.02
N ALA G 460 25.91 -29.10 3.02
CA ALA G 460 27.09 -28.75 2.28
C ALA G 460 27.28 -27.30 1.91
N LEU G 461 26.27 -26.62 1.45
CA LEU G 461 26.40 -25.25 0.99
C LEU G 461 26.52 -24.20 2.05
N ARG G 462 25.84 -24.46 3.11
CA ARG G 462 25.66 -23.80 4.39
C ARG G 462 26.82 -23.98 5.33
N ILE G 463 27.42 -25.15 5.37
CA ILE G 463 28.69 -25.32 6.02
C ILE G 463 29.61 -24.39 5.31
N ASN G 464 29.61 -24.39 4.00
CA ASN G 464 30.51 -23.59 3.21
C ASN G 464 30.27 -22.13 3.35
N ASP G 465 29.08 -21.72 3.46
CA ASP G 465 28.65 -20.47 4.08
C ASP G 465 29.36 -20.02 5.36
N GLU G 466 29.59 -20.93 6.28
CA GLU G 466 30.06 -20.58 7.64
C GLU G 466 31.54 -20.86 7.93
N LEU G 467 32.19 -21.57 7.04
CA LEU G 467 33.60 -21.90 7.15
C LEU G 467 34.38 -20.68 6.85
N GLU G 468 35.51 -20.50 7.50
CA GLU G 468 36.39 -19.39 7.29
C GLU G 468 37.59 -19.92 6.56
N ALA G 469 37.37 -20.45 5.38
CA ALA G 469 38.38 -21.13 4.66
C ALA G 469 38.36 -20.58 3.29
N GLY G 470 39.51 -20.40 2.70
CA GLY G 470 39.64 -19.78 1.42
C GLY G 470 39.41 -20.63 0.21
N THR G 471 39.40 -21.95 0.39
CA THR G 471 39.08 -22.87 -0.70
C THR G 471 38.44 -24.18 -0.22
N VAL G 472 37.12 -24.18 -0.06
CA VAL G 472 36.38 -25.38 0.25
C VAL G 472 36.17 -26.35 -0.87
N TRP G 473 36.34 -27.63 -0.61
CA TRP G 473 36.07 -28.69 -1.54
C TRP G 473 34.93 -29.45 -0.98
N VAL G 474 34.13 -30.06 -1.83
CA VAL G 474 33.04 -30.93 -1.41
C VAL G 474 33.20 -32.26 -2.09
N ASN G 475 33.45 -33.29 -1.30
CA ASN G 475 33.66 -34.65 -1.76
C ASN G 475 34.93 -34.86 -2.54
N THR G 476 35.90 -34.03 -2.22
CA THR G 476 37.28 -34.06 -2.69
C THR G 476 38.13 -33.22 -1.76
N HIS G 477 39.42 -33.10 -2.04
CA HIS G 477 40.36 -32.31 -1.29
C HIS G 477 41.53 -32.21 -2.19
N ASN G 478 42.33 -31.17 -2.04
CA ASN G 478 43.65 -31.02 -2.63
C ASN G 478 43.67 -30.73 -4.10
N MET G 479 42.55 -30.28 -4.62
CA MET G 479 42.36 -30.05 -6.02
C MET G 479 42.69 -28.65 -6.41
N VAL G 480 43.66 -28.51 -7.30
CA VAL G 480 44.23 -27.26 -7.73
C VAL G 480 44.20 -27.15 -9.25
N ASP G 481 43.75 -26.04 -9.82
CA ASP G 481 43.78 -25.86 -11.26
C ASP G 481 44.61 -24.67 -11.53
N PRO G 482 45.03 -24.50 -12.79
CA PRO G 482 45.48 -23.22 -13.29
C PRO G 482 44.41 -22.15 -13.36
N ASN G 483 43.15 -22.48 -13.46
CA ASN G 483 42.07 -21.54 -13.55
C ASN G 483 41.37 -21.26 -12.25
N LEU G 484 41.71 -21.96 -11.19
CA LEU G 484 41.13 -21.74 -9.88
C LEU G 484 41.97 -20.90 -8.97
N PRO G 485 41.49 -19.74 -8.54
CA PRO G 485 42.23 -18.97 -7.57
C PRO G 485 42.40 -19.66 -6.23
N PHE G 486 43.49 -19.35 -5.55
CA PHE G 486 43.93 -20.09 -4.40
C PHE G 486 44.50 -19.12 -3.43
N GLY G 487 44.17 -19.22 -2.17
CA GLY G 487 44.70 -18.33 -1.19
C GLY G 487 44.02 -18.72 0.07
N GLY G 488 44.37 -18.10 1.18
CA GLY G 488 43.77 -18.44 2.43
C GLY G 488 43.42 -17.20 3.17
N PHE G 489 42.75 -17.39 4.28
CA PHE G 489 42.31 -16.32 5.14
C PHE G 489 43.13 -16.36 6.40
N LYS G 490 43.04 -15.35 7.23
CA LYS G 490 43.77 -15.30 8.50
C LYS G 490 45.27 -15.33 8.46
N ASP G 491 45.85 -16.38 9.03
CA ASP G 491 47.30 -16.53 9.12
C ASP G 491 47.88 -17.35 8.02
N SER G 492 47.12 -17.58 6.97
CA SER G 492 47.51 -18.42 5.87
C SER G 492 47.95 -17.60 4.70
N GLY G 493 47.79 -16.31 4.79
CA GLY G 493 48.48 -15.42 3.91
C GLY G 493 47.76 -14.19 3.53
N VAL G 494 48.29 -13.52 2.52
CA VAL G 494 47.66 -12.41 1.85
C VAL G 494 47.67 -12.64 0.34
N GLY G 495 46.52 -12.63 -0.32
CA GLY G 495 46.51 -12.66 -1.76
C GLY G 495 46.03 -13.93 -2.37
N ARG G 496 45.72 -13.90 -3.65
CA ARG G 496 45.34 -15.09 -4.39
C ARG G 496 46.25 -15.37 -5.55
N GLU G 497 46.28 -16.63 -5.95
CA GLU G 497 47.35 -17.12 -6.76
C GLU G 497 47.10 -17.47 -8.21
N HIS G 498 46.02 -18.12 -8.52
CA HIS G 498 45.90 -18.60 -9.90
C HIS G 498 44.80 -18.01 -10.69
N GLY G 499 44.48 -18.58 -11.80
CA GLY G 499 43.40 -18.04 -12.56
C GLY G 499 43.40 -16.68 -13.17
N ALA G 500 42.41 -15.89 -12.84
CA ALA G 500 42.32 -14.51 -13.20
C ALA G 500 42.70 -13.68 -12.01
N ALA G 501 43.07 -14.32 -10.93
CA ALA G 501 43.61 -13.63 -9.79
C ALA G 501 45.09 -13.37 -9.92
N ALA G 502 45.73 -14.07 -10.82
CA ALA G 502 47.14 -14.00 -11.02
C ALA G 502 47.40 -12.72 -11.67
N ILE G 503 46.66 -12.49 -12.75
CA ILE G 503 46.87 -11.35 -13.62
C ILE G 503 46.71 -10.05 -12.85
N GLU G 504 45.79 -10.04 -11.89
CA GLU G 504 45.61 -8.83 -11.13
C GLU G 504 46.64 -8.59 -10.06
N HIS G 505 47.43 -9.59 -9.77
CA HIS G 505 48.47 -9.54 -8.82
C HIS G 505 49.84 -9.40 -9.41
N TYR G 506 49.95 -9.63 -10.70
CA TYR G 506 51.18 -9.49 -11.45
C TYR G 506 51.11 -8.41 -12.49
N THR G 507 50.08 -7.61 -12.44
CA THR G 507 49.92 -6.45 -13.28
C THR G 507 49.43 -5.35 -12.42
N THR G 508 49.48 -4.15 -12.94
CA THR G 508 48.85 -3.00 -12.33
C THR G 508 48.31 -2.11 -13.42
N THR G 509 47.77 -0.95 -13.16
CA THR G 509 47.31 -0.13 -14.26
C THR G 509 47.90 1.28 -14.18
N ARG G 510 48.00 1.97 -15.31
CA ARG G 510 48.20 3.40 -15.33
C ARG G 510 46.98 4.02 -16.01
N SER G 511 46.54 5.17 -15.52
CA SER G 511 45.40 5.85 -16.11
C SER G 511 45.84 6.92 -17.11
N LEU G 512 44.97 7.16 -18.10
CA LEU G 512 45.22 8.18 -19.11
C LEU G 512 43.93 8.88 -19.46
N VAL G 513 43.90 10.20 -19.25
CA VAL G 513 42.75 11.03 -19.54
C VAL G 513 43.18 12.15 -20.48
N ILE G 514 42.68 12.12 -21.72
CA ILE G 514 43.01 13.16 -22.72
C ILE G 514 41.91 14.20 -22.93
N ALA G 515 42.18 15.46 -22.66
CA ALA G 515 41.25 16.54 -22.96
C ALA G 515 41.51 17.09 -24.34
N TYR G 516 40.50 17.15 -25.16
CA TYR G 516 40.57 17.75 -26.45
C TYR G 516 39.21 18.27 -26.71
N GLN H 36 30.91 15.16 19.93
CA GLN H 36 30.72 13.74 20.21
C GLN H 36 31.10 12.86 19.07
N MET H 37 31.80 11.79 19.38
CA MET H 37 32.09 10.75 18.39
C MET H 37 31.05 9.65 18.22
N LEU H 38 31.14 8.83 17.21
CA LEU H 38 30.14 7.80 17.01
C LEU H 38 30.64 6.39 17.16
N ILE H 39 30.02 5.61 18.02
CA ILE H 39 30.44 4.26 18.24
C ILE H 39 29.28 3.44 18.65
N GLY H 40 28.67 2.76 17.72
CA GLY H 40 27.62 1.84 18.01
C GLY H 40 26.27 2.45 17.93
N GLY H 41 26.15 3.55 17.21
CA GLY H 41 24.92 4.27 17.03
C GLY H 41 24.77 5.32 18.06
N GLN H 42 25.84 5.51 18.80
CA GLN H 42 25.84 6.26 20.02
C GLN H 42 26.81 7.36 20.03
N TRP H 43 26.32 8.53 20.36
CA TRP H 43 27.13 9.69 20.44
C TRP H 43 27.69 9.68 21.78
N VAL H 44 28.98 9.62 21.81
CA VAL H 44 29.76 9.21 22.94
C VAL H 44 30.94 10.16 23.06
N SER H 45 31.33 10.44 24.30
CA SER H 45 32.55 11.21 24.56
C SER H 45 33.71 10.26 24.79
N ALA H 46 34.92 10.75 24.89
CA ALA H 46 36.08 9.93 25.14
C ALA H 46 36.05 9.45 26.55
N GLN H 47 36.62 8.29 26.82
CA GLN H 47 36.58 7.68 28.12
C GLN H 47 37.36 8.41 29.18
N SER H 48 38.42 9.08 28.77
CA SER H 48 39.17 9.98 29.60
C SER H 48 38.57 11.33 29.82
N GLY H 49 37.68 11.71 28.94
CA GLY H 49 36.91 12.92 29.05
C GLY H 49 37.69 14.02 28.47
N LYS H 50 38.87 13.65 28.01
CA LYS H 50 39.80 14.54 27.37
C LYS H 50 39.28 14.88 26.01
N THR H 51 39.76 15.97 25.53
CA THR H 51 39.12 16.67 24.41
C THR H 51 40.23 17.41 23.65
N LEU H 52 39.93 17.96 22.47
CA LEU H 52 40.92 18.73 21.73
C LEU H 52 40.28 19.77 20.80
N ASN H 53 40.95 20.91 20.61
CA ASN H 53 40.44 22.01 19.77
C ASN H 53 40.66 21.86 18.27
N VAL H 54 39.58 22.15 17.53
CA VAL H 54 39.55 22.36 16.09
C VAL H 54 39.45 23.88 15.85
N TYR H 55 39.96 24.39 14.73
CA TYR H 55 40.06 25.82 14.42
C TYR H 55 39.41 26.29 13.13
N ASN H 56 39.24 27.60 12.99
CA ASN H 56 38.84 28.26 11.78
C ASN H 56 40.09 28.84 11.16
N PRO H 57 40.51 28.36 9.99
CA PRO H 57 41.80 28.80 9.40
C PRO H 57 41.83 30.26 8.91
N ALA H 58 40.64 30.83 8.71
CA ALA H 58 40.41 32.17 8.21
C ALA H 58 40.40 33.26 9.24
N THR H 59 40.15 32.85 10.49
CA THR H 59 40.16 33.78 11.62
C THR H 59 41.24 33.26 12.55
N GLY H 60 41.28 31.94 12.69
CA GLY H 60 42.36 31.27 13.37
C GLY H 60 42.01 30.83 14.76
N ASP H 61 40.78 31.13 15.15
CA ASP H 61 40.32 30.83 16.52
C ASP H 61 39.69 29.44 16.67
N ILE H 62 39.33 29.10 17.91
CA ILE H 62 38.72 27.81 18.19
C ILE H 62 37.38 27.87 17.50
N LEU H 63 36.98 26.81 16.82
CA LEU H 63 35.68 26.71 16.23
C LEU H 63 34.90 25.89 17.17
N THR H 64 35.54 24.85 17.60
CA THR H 64 34.99 23.92 18.59
C THR H 64 35.98 22.94 19.18
N GLU H 65 35.44 21.89 19.79
CA GLU H 65 36.18 20.81 20.45
C GLU H 65 35.65 19.47 20.04
N VAL H 66 36.45 18.44 20.10
CA VAL H 66 35.95 17.16 19.70
C VAL H 66 36.69 16.22 20.59
N PRO H 67 36.38 14.93 20.60
CA PRO H 67 37.07 13.99 21.46
C PRO H 67 38.50 13.68 21.19
N ASP H 68 39.33 13.62 22.23
CA ASP H 68 40.72 13.21 22.15
C ASP H 68 40.85 11.79 22.59
N GLY H 69 40.44 10.89 21.71
CA GLY H 69 40.38 9.46 21.89
C GLY H 69 41.66 8.69 21.87
N ASP H 70 41.63 7.60 22.60
CA ASP H 70 42.83 6.88 22.82
C ASP H 70 42.41 5.48 22.58
N VAL H 71 43.12 4.52 23.12
CA VAL H 71 43.16 3.16 22.68
C VAL H 71 42.09 2.31 23.30
N GLU H 72 41.43 2.91 24.28
CA GLU H 72 40.14 2.57 24.84
C GLU H 72 39.05 2.76 23.88
N ASP H 73 39.04 3.88 23.25
CA ASP H 73 38.02 4.22 22.30
C ASP H 73 38.22 3.97 20.80
N VAL H 74 39.29 3.32 20.48
CA VAL H 74 39.48 2.81 19.18
C VAL H 74 38.98 1.40 19.37
N ASN H 75 39.15 0.87 20.54
CA ASN H 75 38.83 -0.50 20.76
C ASN H 75 37.38 -0.84 20.78
N ALA H 76 36.58 0.06 21.29
CA ALA H 76 35.17 -0.11 21.38
C ALA H 76 34.67 -0.03 19.99
N ALA H 77 35.17 0.94 19.28
CA ALA H 77 34.77 1.20 17.94
C ALA H 77 35.17 0.15 17.01
N VAL H 78 36.27 -0.52 17.24
CA VAL H 78 36.61 -1.61 16.37
C VAL H 78 35.98 -2.95 16.72
N GLU H 79 35.35 -3.04 17.87
CA GLU H 79 34.77 -4.26 18.37
C GLU H 79 33.36 -4.19 18.05
N SER H 80 32.92 -3.02 17.72
CA SER H 80 31.56 -2.72 17.37
C SER H 80 31.28 -2.90 15.94
N ALA H 81 32.29 -2.87 15.10
CA ALA H 81 32.18 -3.01 13.71
C ALA H 81 32.38 -4.42 13.43
N ALA H 82 33.06 -5.10 14.30
CA ALA H 82 33.26 -6.48 14.08
C ALA H 82 32.04 -7.18 14.58
N ALA H 83 31.27 -6.55 15.42
CA ALA H 83 30.07 -7.17 15.90
C ALA H 83 29.00 -7.29 14.90
N THR H 84 29.03 -6.29 14.05
CA THR H 84 28.07 -5.86 13.08
C THR H 84 28.36 -6.42 11.74
N LEU H 85 29.64 -6.64 11.46
CA LEU H 85 30.04 -7.30 10.23
C LEU H 85 29.60 -8.75 10.27
N ARG H 86 29.65 -9.34 11.46
CA ARG H 86 29.18 -10.67 11.67
C ARG H 86 27.71 -10.75 11.87
N SER H 87 27.07 -9.63 12.18
CA SER H 87 25.64 -9.43 12.21
C SER H 87 24.96 -10.06 11.06
N ASP H 88 23.88 -10.81 11.13
CA ASP H 88 23.29 -11.32 9.89
C ASP H 88 22.60 -10.17 9.21
N THR H 89 21.97 -9.30 9.93
CA THR H 89 21.38 -8.18 9.27
C THR H 89 22.29 -7.27 8.42
N TRP H 90 23.62 -7.37 8.52
CA TRP H 90 24.53 -6.67 7.66
C TRP H 90 25.19 -7.62 6.70
N ARG H 91 25.59 -8.78 7.15
CA ARG H 91 26.22 -9.76 6.31
C ARG H 91 25.31 -10.25 5.24
N ARG H 92 24.08 -10.48 5.61
CA ARG H 92 23.11 -11.08 4.75
C ARG H 92 22.01 -10.16 4.35
N MET H 93 22.26 -8.86 4.32
CA MET H 93 21.43 -7.81 3.85
C MET H 93 21.37 -7.98 2.40
N PRO H 94 20.19 -8.04 1.80
CA PRO H 94 20.07 -8.21 0.38
C PRO H 94 20.79 -7.08 -0.29
N PRO H 95 21.26 -7.27 -1.50
CA PRO H 95 22.17 -6.35 -2.14
C PRO H 95 21.56 -5.07 -2.71
N SER H 96 20.27 -4.87 -2.63
CA SER H 96 19.63 -3.69 -3.16
C SER H 96 19.23 -2.88 -2.00
N ALA H 97 19.49 -3.39 -0.83
CA ALA H 97 19.19 -2.72 0.39
C ALA H 97 20.38 -1.95 0.81
N ARG H 98 21.55 -2.41 0.45
CA ARG H 98 22.81 -1.76 0.70
C ARG H 98 23.12 -0.74 -0.35
N GLU H 99 22.49 -0.88 -1.49
CA GLU H 99 22.53 0.05 -2.57
C GLU H 99 21.61 1.17 -2.24
N ARG H 100 20.54 0.92 -1.52
CA ARG H 100 19.55 1.93 -1.20
C ARG H 100 19.93 2.81 -0.06
N ILE H 101 20.79 2.34 0.83
CA ILE H 101 21.29 3.12 1.93
C ILE H 101 22.25 4.16 1.40
N LEU H 102 23.05 3.80 0.44
CA LEU H 102 24.05 4.66 -0.13
C LEU H 102 23.43 5.65 -1.10
N LEU H 103 22.33 5.29 -1.73
CA LEU H 103 21.43 6.09 -2.47
C LEU H 103 20.63 7.07 -1.69
N ARG H 104 20.09 6.68 -0.57
CA ARG H 104 19.40 7.61 0.28
C ARG H 104 20.29 8.61 0.99
N LEU H 105 21.56 8.30 1.23
CA LEU H 105 22.52 9.23 1.82
C LEU H 105 23.25 10.16 0.88
N ALA H 106 23.30 9.89 -0.40
CA ALA H 106 23.69 10.85 -1.40
C ALA H 106 22.60 11.86 -1.58
N ASP H 107 21.39 11.39 -1.46
CA ASP H 107 20.17 12.17 -1.42
C ASP H 107 20.06 13.05 -0.15
N LEU H 108 20.73 12.68 0.93
CA LEU H 108 20.84 13.50 2.14
C LEU H 108 22.11 14.31 2.32
N LEU H 109 22.96 14.28 1.34
CA LEU H 109 24.18 15.02 1.37
C LEU H 109 23.82 16.25 0.65
N GLU H 110 22.96 16.03 -0.31
CA GLU H 110 22.46 17.11 -1.17
C GLU H 110 21.29 17.88 -0.68
N VAL H 111 20.52 17.23 0.18
CA VAL H 111 19.42 17.88 0.88
C VAL H 111 19.96 18.64 2.10
N HIS H 112 21.11 18.24 2.62
CA HIS H 112 21.66 18.94 3.75
C HIS H 112 22.84 19.71 3.45
N GLY H 113 22.92 20.17 2.22
CA GLY H 113 24.10 20.63 1.56
C GLY H 113 24.63 22.00 1.65
N ASP H 114 23.79 22.97 1.91
CA ASP H 114 24.21 24.28 2.37
C ASP H 114 24.94 24.18 3.72
N GLU H 115 24.42 23.37 4.64
CA GLU H 115 24.99 23.24 6.03
C GLU H 115 26.34 22.53 6.06
N LEU H 116 26.42 21.38 5.41
CA LEU H 116 27.72 20.74 5.20
C LEU H 116 28.71 21.60 4.41
N ALA H 117 28.28 22.37 3.46
CA ALA H 117 29.18 23.28 2.80
C ALA H 117 29.63 24.45 3.62
N ARG H 118 28.79 25.05 4.46
CA ARG H 118 29.26 26.09 5.40
C ARG H 118 30.29 25.42 6.36
N LEU H 119 29.96 24.20 6.82
CA LEU H 119 30.83 23.45 7.74
C LEU H 119 32.28 23.28 7.27
N GLU H 120 32.46 22.87 6.05
CA GLU H 120 33.73 22.65 5.43
C GLU H 120 34.45 23.95 5.41
N THR H 121 33.96 24.91 4.68
CA THR H 121 34.50 26.26 4.66
C THR H 121 34.95 26.87 5.99
N LEU H 122 34.13 26.74 7.01
CA LEU H 122 34.51 26.97 8.39
C LEU H 122 35.76 26.24 8.90
N ASN H 123 35.79 24.94 8.83
CA ASN H 123 36.85 24.08 9.33
C ASN H 123 38.13 23.94 8.48
N ASN H 124 37.94 23.98 7.18
CA ASN H 124 38.95 23.74 6.18
C ASN H 124 39.46 24.99 5.42
N GLY H 125 38.62 25.99 5.19
CA GLY H 125 39.09 27.22 4.72
C GLY H 125 38.78 27.48 3.30
N LYS H 126 38.17 26.48 2.73
CA LYS H 126 37.97 26.25 1.35
C LYS H 126 36.88 27.17 0.94
N LEU H 127 36.87 27.58 -0.30
CA LEU H 127 35.85 28.44 -0.81
C LEU H 127 34.50 27.82 -0.84
N LEU H 128 33.50 28.52 -0.35
CA LEU H 128 32.19 27.98 -0.18
C LEU H 128 31.61 27.34 -1.41
N ILE H 129 31.77 27.92 -2.58
CA ILE H 129 31.24 27.31 -3.77
C ILE H 129 31.87 26.01 -4.13
N TYR H 130 33.15 25.88 -3.91
CA TYR H 130 33.83 24.61 -3.97
C TYR H 130 33.55 23.58 -2.93
N SER H 131 32.93 24.00 -1.84
CA SER H 131 32.49 23.13 -0.81
C SER H 131 31.22 22.53 -1.26
N LYS H 132 30.45 23.29 -1.99
CA LYS H 132 29.14 22.88 -2.42
C LYS H 132 29.16 22.01 -3.61
N LEU H 133 30.22 22.15 -4.39
CA LEU H 133 30.38 21.52 -5.67
C LEU H 133 31.30 20.35 -5.63
N MET H 134 32.38 20.48 -4.87
CA MET H 134 33.44 19.49 -4.89
C MET H 134 33.53 18.71 -3.58
N GLU H 135 32.63 18.99 -2.64
CA GLU H 135 32.70 18.28 -1.43
C GLU H 135 31.36 17.78 -1.15
N VAL H 136 30.35 18.58 -1.33
CA VAL H 136 29.01 18.09 -1.11
C VAL H 136 28.53 17.39 -2.32
N GLY H 137 28.89 17.90 -3.47
CA GLY H 137 28.34 17.45 -4.70
C GLY H 137 29.08 16.38 -5.43
N ALA H 138 30.36 16.25 -5.20
CA ALA H 138 31.15 15.20 -5.79
C ALA H 138 31.01 14.03 -4.90
N SER H 139 30.77 14.28 -3.63
CA SER H 139 30.53 13.25 -2.66
C SER H 139 29.27 12.54 -2.83
N ALA H 140 28.26 13.23 -3.25
CA ALA H 140 27.01 12.62 -3.58
C ALA H 140 27.10 11.78 -4.82
N GLN H 141 27.96 12.13 -5.73
CA GLN H 141 28.20 11.49 -7.00
C GLN H 141 28.96 10.21 -6.85
N TRP H 142 29.86 10.18 -5.90
CA TRP H 142 30.67 9.05 -5.54
C TRP H 142 29.85 8.00 -4.84
N LEU H 143 28.86 8.41 -4.08
CA LEU H 143 28.00 7.52 -3.35
C LEU H 143 27.23 6.82 -4.42
N ARG H 144 26.52 7.54 -5.22
CA ARG H 144 25.66 7.00 -6.23
C ARG H 144 26.42 5.99 -6.98
N TYR H 145 27.50 6.37 -7.60
CA TYR H 145 28.35 5.42 -8.29
C TYR H 145 28.81 4.15 -7.67
N MET H 146 29.02 4.18 -6.38
CA MET H 146 29.55 3.05 -5.73
C MET H 146 28.43 2.26 -5.22
N ALA H 147 27.29 2.89 -5.05
CA ALA H 147 26.08 2.26 -4.61
C ALA H 147 25.58 1.33 -5.65
N GLY H 148 25.76 1.63 -6.88
CA GLY H 148 25.56 0.74 -7.99
C GLY H 148 26.48 -0.39 -8.25
N TRP H 149 27.49 -0.53 -7.43
CA TRP H 149 28.40 -1.61 -7.52
C TRP H 149 28.10 -2.58 -6.41
N ALA H 150 27.15 -2.26 -5.57
CA ALA H 150 26.70 -3.07 -4.48
C ALA H 150 25.92 -4.24 -4.95
N THR H 151 25.51 -4.07 -6.17
CA THR H 151 24.47 -4.81 -6.80
C THR H 151 25.04 -5.72 -7.93
N LYS H 152 26.31 -5.56 -8.21
CA LYS H 152 26.98 -6.06 -9.36
C LYS H 152 28.32 -6.70 -9.07
N LEU H 153 28.51 -7.21 -7.87
CA LEU H 153 29.72 -7.84 -7.38
C LEU H 153 29.75 -9.31 -7.64
N THR H 154 30.60 -9.73 -8.55
CA THR H 154 30.59 -11.08 -9.07
C THR H 154 31.88 -11.88 -8.97
N GLY H 155 31.74 -13.17 -8.82
CA GLY H 155 32.84 -14.07 -8.97
C GLY H 155 32.76 -14.78 -10.30
N SER H 156 33.36 -15.93 -10.44
CA SER H 156 33.44 -16.60 -11.68
C SER H 156 33.02 -18.00 -11.51
N THR H 157 32.85 -18.69 -12.60
CA THR H 157 32.32 -20.01 -12.69
C THR H 157 33.32 -20.62 -13.63
N LEU H 158 33.97 -21.72 -13.30
CA LEU H 158 35.18 -22.15 -13.97
C LEU H 158 35.15 -23.48 -14.69
N ASP H 159 36.26 -23.84 -15.30
CA ASP H 159 36.46 -25.09 -15.99
C ASP H 159 37.47 -25.71 -15.06
N LEU H 160 37.75 -26.98 -15.27
CA LEU H 160 38.78 -27.64 -14.50
C LEU H 160 39.30 -28.79 -15.32
N SER H 161 40.60 -29.02 -15.21
CA SER H 161 41.24 -30.19 -15.80
C SER H 161 41.97 -30.77 -14.61
N LEU H 162 41.41 -31.77 -13.92
CA LEU H 162 41.84 -32.19 -12.55
C LEU H 162 42.99 -33.22 -12.31
N PRO H 163 42.72 -34.49 -12.54
CA PRO H 163 41.39 -34.90 -12.93
C PRO H 163 40.91 -35.82 -11.84
N LEU H 164 39.61 -35.87 -11.64
CA LEU H 164 39.11 -36.85 -10.72
C LEU H 164 38.88 -38.10 -11.58
N PRO H 165 38.41 -39.15 -10.96
CA PRO H 165 38.11 -40.39 -11.64
C PRO H 165 37.14 -40.11 -12.73
N PRO H 166 36.84 -41.12 -13.53
CA PRO H 166 35.81 -41.03 -14.54
C PRO H 166 34.56 -41.45 -13.83
N GLU H 167 33.44 -40.94 -14.33
CA GLU H 167 32.19 -40.96 -13.61
C GLU H 167 31.99 -39.82 -12.61
N VAL H 168 33.03 -39.02 -12.33
CA VAL H 168 32.89 -37.96 -11.41
C VAL H 168 33.18 -36.68 -12.16
N ARG H 169 32.23 -35.79 -12.07
CA ARG H 169 32.15 -34.51 -12.68
C ARG H 169 32.31 -33.50 -11.54
N SER H 170 32.70 -32.26 -11.86
CA SER H 170 32.92 -31.28 -10.81
C SER H 170 32.49 -29.91 -11.30
N ARG H 171 32.11 -29.02 -10.38
CA ARG H 171 31.78 -27.63 -10.70
C ARG H 171 32.52 -26.71 -9.73
N ALA H 172 33.23 -25.72 -10.27
CA ALA H 172 34.11 -24.83 -9.48
C ALA H 172 33.92 -23.33 -9.68
N SER H 173 33.77 -22.61 -8.58
CA SER H 173 33.51 -21.19 -8.63
C SER H 173 34.32 -20.37 -7.62
N THR H 174 34.38 -19.06 -7.80
CA THR H 174 34.87 -18.18 -6.77
C THR H 174 33.72 -17.29 -6.36
N GLN H 175 33.78 -16.80 -5.13
CA GLN H 175 32.72 -16.01 -4.59
C GLN H 175 33.28 -14.77 -3.97
N ARG H 176 32.94 -13.63 -4.56
CA ARG H 176 33.34 -12.35 -4.02
C ARG H 176 32.69 -12.10 -2.64
N VAL H 177 33.52 -11.75 -1.64
CA VAL H 177 33.12 -11.62 -0.23
C VAL H 177 33.75 -10.32 0.32
N PRO H 178 33.30 -9.80 1.50
CA PRO H 178 33.95 -8.56 1.97
C PRO H 178 35.24 -8.85 2.73
N VAL H 179 36.10 -7.84 2.84
CA VAL H 179 37.44 -7.94 3.46
C VAL H 179 37.36 -7.97 5.00
N GLY H 180 36.44 -7.20 5.58
CA GLY H 180 36.19 -7.24 7.02
C GLY H 180 36.00 -5.84 7.55
N VAL H 181 36.61 -5.55 8.71
CA VAL H 181 36.59 -4.23 9.31
C VAL H 181 37.64 -3.32 8.68
N VAL H 182 37.20 -2.13 8.27
CA VAL H 182 38.08 -1.21 7.56
C VAL H 182 38.51 -0.06 8.45
N ALA H 183 39.82 0.06 8.65
CA ALA H 183 40.44 1.23 9.30
C ALA H 183 40.65 2.38 8.28
N ALA H 184 39.86 3.43 8.35
CA ALA H 184 39.97 4.51 7.35
C ALA H 184 40.57 5.79 7.91
N ILE H 185 41.76 6.14 7.45
CA ILE H 185 42.36 7.41 7.90
C ILE H 185 42.39 8.48 6.81
N ILE H 186 41.75 9.62 7.09
CA ILE H 186 41.49 10.63 6.06
C ILE H 186 42.34 11.87 6.25
N PRO H 187 42.83 12.43 5.14
CA PRO H 187 43.61 13.69 5.09
C PRO H 187 42.74 14.94 5.19
N TRP H 188 43.35 16.09 5.49
CA TRP H 188 42.60 17.30 5.82
C TRP H 188 42.28 18.25 4.67
N ASN H 189 42.62 17.92 3.46
CA ASN H 189 42.40 18.84 2.35
C ASN H 189 41.03 18.80 1.76
N PHE H 190 40.35 17.70 1.93
CA PHE H 190 39.00 17.53 1.40
C PHE H 190 38.12 16.64 2.30
N PRO H 191 37.94 17.06 3.50
CA PRO H 191 37.39 16.25 4.55
C PRO H 191 36.17 15.43 4.29
N LEU H 192 35.08 15.98 3.77
CA LEU H 192 33.90 15.25 3.35
C LEU H 192 34.16 14.23 2.22
N LEU H 193 34.73 14.70 1.12
CA LEU H 193 35.01 13.87 -0.02
C LEU H 193 35.97 12.69 0.24
N MET H 194 37.11 12.96 0.87
CA MET H 194 38.16 11.97 1.08
C MET H 194 37.66 10.80 1.94
N ALA H 195 36.81 11.14 2.93
CA ALA H 195 35.97 10.21 3.68
C ALA H 195 34.96 9.38 2.88
N VAL H 196 34.17 10.04 2.04
CA VAL H 196 33.30 9.33 1.10
C VAL H 196 34.23 8.36 0.35
N TRP H 197 35.29 8.85 -0.30
CA TRP H 197 36.19 8.01 -1.09
C TRP H 197 36.54 6.63 -0.57
N LYS H 198 36.59 6.52 0.75
CA LYS H 198 36.76 5.26 1.46
C LYS H 198 35.43 4.63 1.91
N ILE H 199 34.62 5.33 2.70
CA ILE H 199 33.42 4.67 3.24
C ILE H 199 32.45 4.20 2.13
N ALA H 200 32.30 5.02 1.09
CA ALA H 200 31.39 4.71 0.00
C ALA H 200 31.70 3.35 -0.61
N PRO H 201 32.95 3.08 -0.96
CA PRO H 201 33.33 1.80 -1.52
C PRO H 201 33.45 0.70 -0.54
N ALA H 202 33.58 0.97 0.73
CA ALA H 202 33.73 -0.12 1.68
C ALA H 202 32.34 -0.62 2.00
N LEU H 203 31.45 0.29 2.36
CA LEU H 203 30.05 -0.07 2.54
C LEU H 203 29.34 -0.73 1.33
N ALA H 204 29.57 -0.30 0.13
CA ALA H 204 29.09 -0.99 -1.05
C ALA H 204 29.43 -2.43 -0.94
N CYS H 205 30.69 -2.72 -0.63
CA CYS H 205 31.17 -4.11 -0.57
C CYS H 205 30.58 -5.00 0.54
N GLY H 206 30.07 -4.42 1.62
CA GLY H 206 29.64 -5.23 2.77
C GLY H 206 30.69 -5.19 3.87
N ASN H 207 31.66 -4.30 3.72
CA ASN H 207 32.63 -4.11 4.77
C ASN H 207 31.95 -3.14 5.70
N THR H 208 32.33 -3.21 6.98
CA THR H 208 32.08 -2.14 7.94
C THR H 208 33.37 -1.31 8.10
N VAL H 209 33.26 -0.09 8.63
CA VAL H 209 34.43 0.79 8.72
C VAL H 209 34.58 1.52 10.05
N VAL H 210 35.84 1.74 10.43
CA VAL H 210 36.12 2.65 11.51
C VAL H 210 36.94 3.79 10.90
N LEU H 211 36.37 4.98 10.97
CA LEU H 211 36.92 6.11 10.25
C LEU H 211 37.56 7.08 11.23
N LYS H 212 38.83 7.41 10.97
CA LYS H 212 39.47 8.50 11.71
C LYS H 212 39.76 9.73 10.84
N PRO H 213 39.02 10.83 11.07
CA PRO H 213 39.41 12.04 10.33
C PRO H 213 40.63 12.74 10.95
N ALA H 214 41.28 13.57 10.14
CA ALA H 214 42.45 14.35 10.53
C ALA H 214 42.02 15.10 11.76
N GLU H 215 42.97 15.68 12.47
CA GLU H 215 42.68 16.23 13.76
C GLU H 215 42.44 17.71 13.51
N GLU H 216 42.88 18.19 12.34
CA GLU H 216 42.65 19.57 11.95
C GLU H 216 41.25 19.77 11.36
N THR H 217 40.60 18.66 11.03
CA THR H 217 39.26 18.67 10.46
C THR H 217 38.34 17.48 10.74
N PRO H 218 37.61 17.43 11.86
CA PRO H 218 36.75 16.29 12.09
C PRO H 218 35.26 16.42 11.87
N LEU H 219 34.74 17.63 11.79
CA LEU H 219 33.30 17.94 11.79
C LEU H 219 32.45 17.38 10.64
N THR H 220 32.91 17.41 9.43
CA THR H 220 32.11 16.91 8.32
C THR H 220 32.00 15.43 8.26
N ALA H 221 32.94 14.71 8.81
CA ALA H 221 32.76 13.26 8.91
C ALA H 221 31.83 12.90 10.06
N LEU H 222 31.70 13.79 11.04
CA LEU H 222 30.76 13.53 12.12
C LEU H 222 29.33 13.65 11.66
N ARG H 223 29.09 14.62 10.82
CA ARG H 223 27.82 14.82 10.19
C ARG H 223 27.54 13.72 9.22
N LEU H 224 28.54 13.25 8.54
CA LEU H 224 28.48 12.17 7.56
C LEU H 224 27.90 10.96 8.27
N ALA H 225 28.59 10.57 9.34
CA ALA H 225 28.13 9.46 10.15
C ALA H 225 26.69 9.44 10.69
N GLU H 226 26.16 10.56 11.10
CA GLU H 226 24.80 10.65 11.48
C GLU H 226 23.78 10.72 10.37
N LEU H 227 24.14 11.19 9.19
CA LEU H 227 23.32 11.11 8.00
C LEU H 227 23.36 9.71 7.47
N ALA H 228 24.43 8.98 7.76
CA ALA H 228 24.52 7.59 7.31
C ALA H 228 23.41 6.80 7.99
N MET H 229 23.20 7.07 9.27
CA MET H 229 22.17 6.39 10.04
C MET H 229 20.74 6.82 9.70
N GLU H 230 20.54 8.10 9.36
CA GLU H 230 19.26 8.63 8.84
C GLU H 230 18.86 7.91 7.51
N ALA H 231 19.84 7.59 6.69
CA ALA H 231 19.69 6.80 5.47
C ALA H 231 19.45 5.32 5.63
N GLY H 232 19.57 4.77 6.82
CA GLY H 232 19.22 3.38 7.09
C GLY H 232 20.41 2.47 7.40
N LEU H 233 21.57 3.04 7.61
CA LEU H 233 22.74 2.26 7.96
C LEU H 233 22.66 1.79 9.38
N PRO H 234 22.80 0.50 9.61
CA PRO H 234 22.68 -0.05 10.96
C PRO H 234 23.77 0.45 11.88
N ALA H 235 23.45 0.64 13.16
CA ALA H 235 24.46 0.95 14.19
C ALA H 235 25.69 0.04 14.10
N GLY H 236 26.86 0.66 14.24
CA GLY H 236 28.13 -0.03 14.22
C GLY H 236 28.79 -0.15 12.86
N ALA H 237 28.02 0.04 11.78
CA ALA H 237 28.54 -0.09 10.41
C ALA H 237 29.55 1.01 10.04
N LEU H 238 29.45 2.16 10.64
CA LEU H 238 30.34 3.26 10.40
C LEU H 238 30.52 3.91 11.71
N ASN H 239 31.69 3.76 12.29
CA ASN H 239 32.05 4.43 13.50
C ASN H 239 33.04 5.45 13.16
N VAL H 240 33.04 6.55 13.89
CA VAL H 240 33.96 7.64 13.72
C VAL H 240 34.68 7.89 15.03
N VAL H 241 35.98 7.65 15.07
CA VAL H 241 36.77 7.94 16.23
C VAL H 241 37.58 9.20 15.99
N THR H 242 37.81 10.04 16.98
CA THR H 242 38.50 11.31 16.75
C THR H 242 39.68 11.37 17.66
N GLY H 243 40.62 12.23 17.37
CA GLY H 243 41.84 12.33 18.15
C GLY H 243 43.11 12.73 17.42
N ARG H 244 44.11 13.13 18.21
CA ARG H 244 45.48 13.36 17.74
C ARG H 244 45.97 12.10 16.96
N GLY H 245 46.58 12.24 15.81
CA GLY H 245 46.81 11.08 15.00
C GLY H 245 47.75 10.06 15.60
N GLU H 246 48.53 10.52 16.54
CA GLU H 246 49.42 9.65 17.25
C GLU H 246 48.71 8.59 18.08
N THR H 247 47.99 8.98 19.07
CA THR H 247 47.40 7.96 19.87
C THR H 247 46.39 7.17 19.08
N ALA H 248 45.50 7.86 18.43
CA ALA H 248 44.29 7.28 17.85
C ALA H 248 44.65 6.45 16.61
N GLY H 249 45.31 7.08 15.65
CA GLY H 249 45.85 6.40 14.48
C GLY H 249 46.51 5.06 14.78
N ASP H 250 47.53 5.06 15.62
CA ASP H 250 48.30 3.88 15.92
C ASP H 250 47.49 2.76 16.44
N ALA H 251 46.58 3.06 17.36
CA ALA H 251 45.69 2.10 17.94
C ALA H 251 44.86 1.44 16.82
N LEU H 252 44.34 2.26 15.90
CA LEU H 252 43.54 1.77 14.79
C LEU H 252 44.27 0.81 13.90
N VAL H 253 45.51 1.16 13.58
CA VAL H 253 46.35 0.37 12.69
C VAL H 253 46.72 -0.97 13.29
N ARG H 254 47.10 -0.94 14.56
CA ARG H 254 47.63 -2.11 15.25
C ARG H 254 46.52 -2.95 15.92
N HIS H 255 45.28 -2.85 15.45
CA HIS H 255 44.20 -3.58 16.09
C HIS H 255 44.14 -4.94 15.38
N PRO H 256 44.20 -6.02 16.13
CA PRO H 256 44.03 -7.35 15.63
C PRO H 256 42.77 -7.70 14.90
N LYS H 257 41.69 -7.03 15.20
CA LYS H 257 40.45 -7.10 14.36
C LYS H 257 40.21 -6.15 13.19
N VAL H 258 41.17 -5.29 12.87
CA VAL H 258 41.14 -4.50 11.65
C VAL H 258 41.72 -5.29 10.48
N ALA H 259 40.95 -5.38 9.40
CA ALA H 259 41.23 -6.24 8.26
C ALA H 259 41.94 -5.56 7.11
N LYS H 260 41.65 -4.27 6.92
CA LYS H 260 42.36 -3.47 5.91
C LYS H 260 42.66 -2.09 6.48
N VAL H 261 43.76 -1.49 6.04
CA VAL H 261 44.07 -0.10 6.38
C VAL H 261 44.15 0.80 5.14
N ALA H 262 43.22 1.75 5.02
CA ALA H 262 43.21 2.72 3.96
C ALA H 262 43.67 4.05 4.48
N PHE H 263 44.90 4.39 4.19
CA PHE H 263 45.51 5.64 4.63
C PHE H 263 45.79 6.51 3.42
N THR H 264 45.77 7.82 3.67
CA THR H 264 46.27 8.85 2.77
C THR H 264 46.86 9.94 3.63
N GLY H 265 48.09 10.37 3.31
CA GLY H 265 48.71 11.49 4.02
C GLY H 265 50.16 11.65 3.68
N SER H 266 50.97 11.95 4.70
CA SER H 266 52.43 12.00 4.61
C SER H 266 52.93 10.66 4.09
N THR H 267 53.78 10.70 3.07
CA THR H 267 54.36 9.46 2.57
C THR H 267 55.24 8.73 3.62
N GLU H 268 55.81 9.49 4.54
CA GLU H 268 56.59 8.92 5.63
C GLU H 268 55.71 8.05 6.52
N VAL H 269 54.75 8.67 7.20
CA VAL H 269 53.81 7.91 8.05
C VAL H 269 53.26 6.65 7.37
N GLY H 270 53.16 6.70 6.04
CA GLY H 270 52.71 5.57 5.21
C GLY H 270 53.64 4.39 5.31
N ARG H 271 54.94 4.67 5.41
CA ARG H 271 55.94 3.64 5.68
C ARG H 271 55.64 2.95 7.02
N ILE H 272 55.37 3.75 8.05
CA ILE H 272 55.08 3.24 9.40
C ILE H 272 53.91 2.26 9.32
N ILE H 273 52.85 2.70 8.64
CA ILE H 273 51.64 1.88 8.42
C ILE H 273 51.98 0.58 7.64
N GLY H 274 52.74 0.73 6.55
CA GLY H 274 53.23 -0.39 5.74
C GLY H 274 53.81 -1.46 6.63
N SER H 275 54.97 -1.16 7.27
CA SER H 275 55.66 -2.07 8.19
C SER H 275 54.66 -2.80 9.07
N ALA H 276 53.92 -2.02 9.87
CA ALA H 276 52.89 -2.54 10.79
C ALA H 276 51.85 -3.48 10.13
N CYS H 277 51.38 -3.11 8.95
CA CYS H 277 50.33 -3.85 8.27
C CYS H 277 50.84 -5.17 7.72
N GLY H 278 52.10 -5.17 7.28
CA GLY H 278 52.70 -6.35 6.73
C GLY H 278 53.12 -7.45 7.65
N ARG H 279 53.50 -7.11 8.87
CA ARG H 279 53.75 -8.05 9.91
C ARG H 279 52.47 -8.44 10.52
N SER H 280 51.50 -7.55 10.47
CA SER H 280 50.13 -8.02 10.72
C SER H 280 49.35 -8.87 9.69
N LEU H 281 49.90 -9.03 8.49
CA LEU H 281 49.22 -9.75 7.40
C LEU H 281 47.87 -9.11 7.04
N LYS H 282 47.81 -7.78 7.06
CA LYS H 282 46.59 -7.12 6.67
C LYS H 282 46.77 -6.32 5.37
N ALA H 283 45.67 -6.21 4.63
CA ALA H 283 45.62 -5.52 3.38
C ALA H 283 45.83 -4.03 3.68
N VAL H 284 46.44 -3.31 2.74
CA VAL H 284 46.76 -1.91 2.99
C VAL H 284 46.53 -1.07 1.75
N SER H 285 45.86 0.04 1.93
CA SER H 285 45.69 1.04 0.89
C SER H 285 46.40 2.24 1.31
N LEU H 286 47.24 2.73 0.45
CA LEU H 286 48.13 3.87 0.76
C LEU H 286 48.21 4.83 -0.40
N GLU H 287 47.65 6.03 -0.19
CA GLU H 287 47.85 7.15 -1.11
C GLU H 287 48.75 8.28 -0.61
N LEU H 288 50.05 8.19 -0.86
CA LEU H 288 51.03 9.11 -0.31
C LEU H 288 51.41 10.25 -1.25
N GLY H 289 52.56 10.86 -1.06
CA GLY H 289 52.91 12.08 -1.77
C GLY H 289 53.09 12.23 -3.27
N GLY H 290 53.02 13.45 -3.77
CA GLY H 290 53.31 13.67 -5.19
C GLY H 290 54.10 14.92 -5.54
N LYS H 291 54.82 14.86 -6.66
CA LYS H 291 55.43 16.06 -7.25
C LYS H 291 55.10 16.14 -8.71
N SER H 292 53.80 16.25 -9.00
CA SER H 292 53.33 16.15 -10.38
C SER H 292 54.00 17.18 -11.30
N PRO H 293 54.60 16.70 -12.40
CA PRO H 293 55.15 17.65 -13.37
C PRO H 293 54.10 18.02 -14.40
N VAL H 294 54.23 19.20 -14.98
CA VAL H 294 53.38 19.58 -16.10
C VAL H 294 54.21 20.13 -17.25
N ILE H 295 53.94 19.62 -18.46
CA ILE H 295 54.84 19.76 -19.58
C ILE H 295 54.18 20.46 -20.78
N VAL H 296 54.71 21.63 -21.14
CA VAL H 296 54.20 22.42 -22.25
C VAL H 296 55.12 22.30 -23.48
N LEU H 297 54.66 21.64 -24.51
CA LEU H 297 55.43 21.45 -25.72
C LEU H 297 55.39 22.66 -26.63
N ALA H 298 56.25 22.70 -27.64
CA ALA H 298 56.48 23.88 -28.49
C ALA H 298 55.22 24.51 -29.14
N ASP H 299 54.32 23.65 -29.59
CA ASP H 299 53.17 24.03 -30.40
C ASP H 299 51.97 24.50 -29.59
N CYS H 300 52.01 24.29 -28.27
CA CYS H 300 50.88 24.63 -27.44
C CYS H 300 50.76 26.12 -27.25
N ASP H 301 49.53 26.62 -27.23
CA ASP H 301 49.30 28.05 -27.06
C ASP H 301 49.68 28.51 -25.64
N PRO H 302 50.47 29.59 -25.56
CA PRO H 302 50.92 30.24 -24.33
C PRO H 302 49.80 30.71 -23.38
N GLN H 303 48.75 31.32 -23.84
CA GLN H 303 47.79 31.62 -22.87
C GLN H 303 47.01 30.41 -22.38
N GLU H 304 46.78 29.42 -23.22
CA GLU H 304 46.17 28.18 -22.75
C GLU H 304 47.07 27.44 -21.76
N ALA H 305 48.38 27.45 -22.02
CA ALA H 305 49.34 26.76 -21.15
C ALA H 305 49.40 27.37 -19.77
N ALA H 306 49.51 28.70 -19.70
CA ALA H 306 49.60 29.40 -18.43
C ALA H 306 48.31 29.43 -17.62
N GLU H 307 47.18 29.40 -18.32
CA GLU H 307 45.88 29.22 -17.68
C GLU H 307 45.79 27.77 -17.21
N GLY H 308 46.38 26.86 -18.02
CA GLY H 308 46.53 25.46 -17.69
C GLY H 308 47.35 25.20 -16.43
N ALA H 309 48.54 25.78 -16.37
CA ALA H 309 49.41 25.59 -15.21
C ALA H 309 48.81 26.16 -13.92
N ALA H 310 48.27 27.38 -13.98
CA ALA H 310 47.64 28.03 -12.81
C ALA H 310 46.53 27.17 -12.22
N ALA H 311 45.68 26.62 -13.08
CA ALA H 311 44.67 25.70 -12.61
C ALA H 311 45.26 24.41 -12.05
N ALA H 312 46.39 23.98 -12.63
CA ALA H 312 47.08 22.77 -12.18
C ALA H 312 47.68 22.89 -10.80
N ILE H 313 47.94 24.10 -10.32
CA ILE H 313 48.60 24.29 -9.00
C ILE H 313 48.01 25.28 -7.95
N PHE H 314 47.10 26.13 -8.37
CA PHE H 314 46.37 27.00 -7.45
C PHE H 314 44.92 26.53 -7.10
N PHE H 315 44.53 25.39 -7.68
CA PHE H 315 43.33 24.64 -7.30
C PHE H 315 43.46 24.03 -5.89
N ASN H 316 42.52 24.37 -5.03
CA ASN H 316 42.52 24.03 -3.59
C ASN H 316 43.82 24.43 -2.88
N HIS H 317 44.24 25.63 -3.23
CA HIS H 317 45.35 26.34 -2.68
C HIS H 317 46.60 25.57 -2.77
N GLY H 318 46.67 24.65 -3.74
CA GLY H 318 47.78 23.75 -4.00
C GLY H 318 47.85 22.55 -3.10
N GLN H 319 46.80 22.36 -2.34
CA GLN H 319 46.70 21.38 -1.29
C GLN H 319 46.07 20.22 -1.93
N VAL H 320 46.88 19.53 -2.70
CA VAL H 320 46.33 18.44 -3.48
C VAL H 320 47.50 17.55 -3.79
N CYS H 321 47.36 16.25 -3.56
CA CYS H 321 48.44 15.30 -3.84
C CYS H 321 48.97 15.51 -5.27
N THR H 322 48.05 15.50 -6.23
CA THR H 322 48.38 15.70 -7.62
C THR H 322 48.63 17.07 -8.20
N ALA H 323 48.92 18.08 -7.40
CA ALA H 323 49.03 19.43 -7.86
C ALA H 323 50.28 19.55 -8.58
N GLY H 324 50.33 20.33 -9.62
CA GLY H 324 51.39 20.33 -10.59
C GLY H 324 52.30 21.42 -10.21
N SER H 325 53.32 21.03 -9.51
CA SER H 325 54.12 21.89 -8.74
C SER H 325 55.38 22.05 -9.44
N ARG H 326 55.63 21.19 -10.39
CA ARG H 326 56.75 21.40 -11.31
C ARG H 326 56.26 21.79 -12.71
N LEU H 327 56.59 23.00 -13.16
CA LEU H 327 56.25 23.41 -14.53
C LEU H 327 57.47 23.37 -15.46
N TYR H 328 57.32 22.68 -16.56
CA TYR H 328 58.32 22.53 -17.58
C TYR H 328 57.78 23.05 -18.88
N VAL H 329 58.35 24.12 -19.39
CA VAL H 329 57.93 24.75 -20.62
C VAL H 329 59.06 24.77 -21.61
N HIS H 330 58.79 24.64 -22.89
CA HIS H 330 59.83 24.54 -23.88
C HIS H 330 60.55 25.85 -23.91
N GLU H 331 61.83 25.83 -24.22
CA GLU H 331 62.66 26.98 -24.49
C GLU H 331 62.10 28.09 -25.29
N SER H 332 61.38 27.75 -26.35
CA SER H 332 60.85 28.73 -27.29
C SER H 332 59.80 29.67 -26.69
N ILE H 333 58.89 29.13 -25.89
CA ILE H 333 57.78 29.89 -25.39
C ILE H 333 57.81 30.00 -23.89
N TYR H 334 58.93 29.66 -23.28
CA TYR H 334 59.11 29.69 -21.84
C TYR H 334 58.81 30.98 -21.17
N GLU H 335 59.37 32.06 -21.66
CA GLU H 335 59.15 33.35 -21.09
C GLU H 335 57.79 33.82 -21.37
N ASP H 336 57.32 33.67 -22.58
CA ASP H 336 55.96 34.00 -22.92
C ASP H 336 55.01 33.44 -21.92
N VAL H 337 55.05 32.13 -21.69
CA VAL H 337 54.30 31.43 -20.66
C VAL H 337 54.40 31.85 -19.23
N ILE H 338 55.59 32.15 -18.73
CA ILE H 338 55.70 32.54 -17.34
C ILE H 338 55.39 33.96 -17.07
N GLN H 339 55.43 34.79 -18.09
CA GLN H 339 54.95 36.14 -18.03
C GLN H 339 53.50 36.12 -17.76
N ARG H 340 52.75 35.33 -18.50
CA ARG H 340 51.32 35.36 -18.51
C ARG H 340 50.93 34.86 -17.18
N LEU H 341 51.49 33.74 -16.80
CA LEU H 341 51.28 33.07 -15.54
C LEU H 341 51.41 33.89 -14.27
N ALA H 342 52.34 34.83 -14.25
CA ALA H 342 52.47 35.72 -13.14
C ALA H 342 51.42 36.78 -13.17
N VAL H 343 50.82 37.05 -14.31
CA VAL H 343 49.72 37.97 -14.37
C VAL H 343 48.58 37.27 -13.68
N ILE H 344 48.38 36.01 -13.99
CA ILE H 344 47.35 35.20 -13.40
C ILE H 344 47.42 35.01 -11.90
N GLY H 345 48.59 34.78 -11.37
CA GLY H 345 48.76 34.58 -9.96
C GLY H 345 48.84 35.83 -9.16
N GLU H 346 49.11 36.94 -9.81
CA GLU H 346 49.25 38.21 -9.16
C GLU H 346 47.86 38.67 -8.86
N SER H 347 46.98 38.42 -9.77
CA SER H 347 45.58 38.67 -9.68
C SER H 347 44.72 37.73 -8.93
N ILE H 348 45.26 36.78 -8.19
CA ILE H 348 44.45 35.97 -7.30
C ILE H 348 44.28 36.72 -6.00
N VAL H 349 43.04 36.84 -5.54
CA VAL H 349 42.71 37.47 -4.29
C VAL H 349 42.53 36.42 -3.25
N VAL H 350 43.30 36.53 -2.16
CA VAL H 350 43.30 35.61 -1.04
C VAL H 350 42.41 36.10 0.09
N GLY H 351 41.54 35.28 0.62
CA GLY H 351 40.65 35.72 1.65
C GLY H 351 39.87 34.64 2.29
N SER H 352 38.90 35.00 3.09
CA SER H 352 38.03 34.07 3.76
C SER H 352 37.21 33.30 2.79
N GLY H 353 36.77 32.11 3.12
CA GLY H 353 36.05 31.28 2.18
C GLY H 353 34.61 31.60 2.00
N LEU H 354 34.09 32.45 2.89
CA LEU H 354 32.70 32.88 2.81
C LEU H 354 32.54 34.33 2.32
N GLU H 355 33.64 34.93 1.89
CA GLU H 355 33.61 36.28 1.39
C GLU H 355 33.49 36.27 -0.12
N GLN H 356 32.90 37.29 -0.68
CA GLN H 356 32.74 37.39 -2.10
C GLN H 356 33.87 38.12 -2.76
N GLY H 357 34.38 37.58 -3.86
CA GLY H 357 35.47 38.21 -4.57
C GLY H 357 36.78 37.55 -4.38
N VAL H 358 36.76 36.46 -3.65
CA VAL H 358 37.92 35.72 -3.19
C VAL H 358 38.10 34.50 -4.08
N HIS H 359 39.33 34.17 -4.41
CA HIS H 359 39.65 33.10 -5.30
C HIS H 359 40.36 31.97 -4.64
N MET H 360 41.17 32.29 -3.64
CA MET H 360 41.90 31.33 -2.85
C MET H 360 41.67 31.59 -1.41
N GLY H 361 41.73 30.56 -0.59
CA GLY H 361 41.59 30.69 0.83
C GLY H 361 42.87 30.32 1.54
N PRO H 362 42.76 29.80 2.74
CA PRO H 362 43.92 29.56 3.56
C PRO H 362 44.49 28.13 3.59
N MET H 363 45.52 27.95 4.40
CA MET H 363 46.03 26.66 4.71
C MET H 363 45.20 26.22 5.84
N VAL H 364 45.26 24.94 6.17
CA VAL H 364 44.32 24.30 7.02
C VAL H 364 44.73 24.43 8.45
N SER H 365 46.02 24.50 8.68
CA SER H 365 46.57 24.63 10.00
C SER H 365 47.75 25.52 10.00
N LYS H 366 48.21 25.90 11.18
CA LYS H 366 49.30 26.79 11.36
C LYS H 366 50.61 26.12 11.30
N LYS H 367 50.66 24.82 11.45
CA LYS H 367 51.87 24.08 11.24
C LYS H 367 52.15 23.91 9.79
N HIS H 368 51.15 23.70 8.97
CA HIS H 368 51.30 23.61 7.54
C HIS H 368 51.58 24.94 6.88
N HIS H 369 51.03 26.01 7.40
CA HIS H 369 51.31 27.34 6.99
C HIS H 369 52.77 27.69 7.19
N GLU H 370 53.31 27.30 8.31
CA GLU H 370 54.69 27.49 8.65
C GLU H 370 55.66 26.66 7.87
N ASN H 371 55.21 25.55 7.34
CA ASN H 371 56.03 24.64 6.58
C ASN H 371 56.11 25.02 5.17
N VAL H 372 55.03 25.64 4.71
CA VAL H 372 54.86 26.11 3.37
C VAL H 372 55.64 27.35 3.21
N LEU H 373 55.76 28.12 4.26
CA LEU H 373 56.53 29.34 4.23
C LEU H 373 58.00 29.14 4.35
N ARG H 374 58.42 28.04 4.92
CA ARG H 374 59.80 27.62 5.03
C ARG H 374 60.35 27.11 3.75
N HIS H 375 59.48 26.58 2.93
CA HIS H 375 59.84 26.10 1.62
C HIS H 375 59.91 27.19 0.64
N ILE H 376 59.06 28.19 0.78
CA ILE H 376 59.14 29.40 -0.04
C ILE H 376 60.49 29.97 0.26
N ARG H 377 60.78 30.19 1.51
CA ARG H 377 62.05 30.70 1.93
C ARG H 377 63.32 29.96 1.62
N ASN H 378 63.38 28.64 1.67
CA ASN H 378 64.55 27.91 1.15
C ASN H 378 64.71 28.14 -0.34
N GLY H 379 63.62 28.22 -1.08
CA GLY H 379 63.63 28.56 -2.48
C GLY H 379 64.22 29.87 -2.92
N ILE H 380 64.07 30.92 -2.12
CA ILE H 380 64.72 32.19 -2.37
C ILE H 380 66.22 32.12 -2.11
N GLU H 381 66.61 31.33 -1.13
CA GLU H 381 68.01 31.18 -0.78
C GLU H 381 68.73 30.25 -1.75
N ASP H 382 67.98 29.35 -2.37
CA ASP H 382 68.54 28.42 -3.31
C ASP H 382 68.64 29.02 -4.68
N GLY H 383 68.39 30.30 -4.78
CA GLY H 383 68.66 31.00 -5.99
C GLY H 383 67.69 30.98 -7.13
N ALA H 384 66.44 30.76 -6.84
CA ALA H 384 65.43 30.80 -7.84
C ALA H 384 64.83 32.17 -7.86
N ASP H 385 64.17 32.48 -8.96
CA ASP H 385 63.66 33.79 -9.25
C ASP H 385 62.24 33.91 -8.84
N LEU H 386 61.93 34.74 -7.90
CA LEU H 386 60.58 35.00 -7.51
C LEU H 386 59.98 35.96 -8.48
N ILE H 387 59.06 35.46 -9.28
CA ILE H 387 58.39 36.24 -10.27
C ILE H 387 57.02 36.58 -9.79
N CYS H 388 56.57 35.90 -8.74
CA CYS H 388 55.22 36.13 -8.26
C CYS H 388 55.11 35.58 -6.85
N GLY H 389 54.52 36.39 -5.96
CA GLY H 389 54.25 35.96 -4.62
C GLY H 389 55.34 36.21 -3.63
N GLY H 390 55.34 35.43 -2.59
CA GLY H 390 56.39 35.45 -1.61
C GLY H 390 55.94 35.05 -0.24
N THR H 391 56.63 35.62 0.72
CA THR H 391 56.60 35.22 2.10
C THR H 391 55.80 36.15 3.01
N GLU H 392 55.36 37.27 2.48
CA GLU H 392 54.58 38.28 3.17
C GLU H 392 53.16 37.87 3.25
N ALA H 393 52.48 38.29 4.29
CA ALA H 393 51.16 37.85 4.63
C ALA H 393 50.14 38.69 3.96
N PRO H 394 49.18 38.06 3.34
CA PRO H 394 48.23 38.77 2.54
C PRO H 394 47.23 39.36 3.46
N CYS H 395 46.94 38.65 4.54
CA CYS H 395 45.90 39.06 5.47
C CYS H 395 46.49 39.34 6.84
N ALA H 396 45.61 39.76 7.73
CA ALA H 396 45.96 40.07 9.09
C ALA H 396 45.80 38.92 10.05
N GLN H 397 44.78 38.12 9.84
CA GLN H 397 44.54 36.96 10.64
C GLN H 397 44.51 35.75 9.73
N GLY H 398 44.94 34.60 10.19
CA GLY H 398 44.79 33.39 9.45
C GLY H 398 46.00 32.78 8.85
N PHE H 399 45.85 31.61 8.30
CA PHE H 399 46.94 30.87 7.76
C PHE H 399 47.04 31.05 6.28
N PHE H 400 47.24 32.28 5.86
CA PHE H 400 47.25 32.66 4.47
C PHE H 400 48.62 32.74 3.87
N VAL H 401 48.74 32.29 2.64
CA VAL H 401 49.97 32.33 1.86
C VAL H 401 49.58 32.96 0.53
N LYS H 402 50.48 33.70 -0.05
CA LYS H 402 50.30 34.28 -1.34
C LYS H 402 50.71 33.22 -2.32
N PRO H 403 50.03 33.12 -3.45
CA PRO H 403 50.47 32.21 -4.50
C PRO H 403 51.81 32.58 -5.09
N THR H 404 52.78 31.67 -5.06
CA THR H 404 54.15 31.95 -5.35
C THR H 404 54.64 31.19 -6.54
N ILE H 405 55.31 31.85 -7.46
CA ILE H 405 55.99 31.19 -8.56
C ILE H 405 57.50 31.45 -8.59
N PHE H 406 58.28 30.40 -8.70
CA PHE H 406 59.72 30.49 -8.80
C PHE H 406 60.11 30.07 -10.17
N ALA H 407 60.93 30.86 -10.82
CA ALA H 407 61.46 30.51 -12.10
C ALA H 407 62.80 29.86 -12.01
N ASN H 408 62.92 28.62 -12.42
CA ASN H 408 64.20 28.02 -12.37
C ASN H 408 64.99 28.07 -13.62
N ARG H 409 65.15 29.23 -14.22
CA ARG H 409 66.06 29.33 -15.32
C ARG H 409 67.36 28.88 -14.76
N GLU H 410 68.29 28.47 -15.59
CA GLU H 410 69.53 27.92 -15.08
C GLU H 410 69.55 26.52 -14.62
N LYS H 411 68.40 25.84 -14.70
CA LYS H 411 68.34 24.41 -14.39
C LYS H 411 69.16 23.93 -13.18
N LYS H 412 68.91 24.52 -12.02
CA LYS H 412 69.40 24.06 -10.72
C LYS H 412 68.60 23.11 -9.85
N ASP H 413 69.23 22.17 -9.19
CA ASP H 413 68.46 21.17 -8.51
C ASP H 413 68.25 21.95 -7.30
N ILE H 414 67.13 22.61 -7.13
CA ILE H 414 66.86 23.27 -5.86
C ILE H 414 65.97 22.26 -5.20
N ARG H 415 65.18 22.70 -4.23
CA ARG H 415 64.33 21.81 -3.44
C ARG H 415 62.83 21.99 -3.71
N LEU H 416 62.50 22.98 -4.52
CA LEU H 416 61.12 23.19 -4.95
C LEU H 416 60.72 21.94 -5.72
N LEU H 417 61.68 21.39 -6.46
CA LEU H 417 61.48 20.16 -7.21
C LEU H 417 61.08 18.94 -6.38
N SER H 418 61.90 18.56 -5.39
CA SER H 418 61.71 17.31 -4.74
C SER H 418 60.96 17.35 -3.47
N GLN H 419 60.77 18.51 -2.94
CA GLN H 419 60.00 18.63 -1.73
C GLN H 419 58.57 18.92 -2.02
N GLU H 420 57.68 18.02 -1.66
CA GLU H 420 56.27 18.30 -1.67
C GLU H 420 55.92 19.39 -0.68
N VAL H 421 55.31 20.45 -1.19
CA VAL H 421 54.92 21.60 -0.43
C VAL H 421 53.48 21.45 0.02
N PHE H 422 52.58 21.18 -0.87
CA PHE H 422 51.17 21.10 -0.56
C PHE H 422 50.68 22.50 -0.28
N GLY H 423 51.17 23.44 -1.03
CA GLY H 423 50.71 24.77 -0.91
C GLY H 423 50.89 25.33 -2.26
N PRO H 424 50.49 26.57 -2.44
CA PRO H 424 50.52 27.23 -3.73
C PRO H 424 51.87 27.67 -4.20
N VAL H 425 52.78 26.77 -4.47
CA VAL H 425 54.12 27.14 -4.83
C VAL H 425 54.51 26.40 -6.08
N LEU H 426 54.95 27.11 -7.11
CA LEU H 426 55.36 26.51 -8.35
C LEU H 426 56.78 26.82 -8.70
N VAL H 427 57.53 25.85 -9.18
CA VAL H 427 58.81 26.06 -9.82
C VAL H 427 58.67 25.81 -11.31
N ALA H 428 59.09 26.74 -12.12
CA ALA H 428 58.98 26.66 -13.55
C ALA H 428 60.30 26.62 -14.25
N THR H 429 60.66 25.49 -14.81
CA THR H 429 61.93 25.25 -15.46
C THR H 429 61.78 25.09 -16.96
N PRO H 430 62.80 25.40 -17.75
CA PRO H 430 62.73 25.19 -19.19
C PRO H 430 63.39 23.93 -19.71
N PHE H 431 63.17 23.64 -20.97
CA PHE H 431 63.72 22.45 -21.58
C PHE H 431 63.84 22.45 -23.08
N SER H 432 64.90 21.87 -23.59
CA SER H 432 65.15 21.82 -25.01
C SER H 432 64.65 20.63 -25.84
N ASP H 433 65.01 19.41 -25.47
CA ASP H 433 64.40 18.25 -26.08
C ASP H 433 63.58 17.43 -25.16
N ILE H 434 62.68 16.67 -25.75
CA ILE H 434 61.58 16.02 -25.10
C ILE H 434 62.03 14.89 -24.28
N ALA H 435 63.11 14.26 -24.67
CA ALA H 435 63.86 13.36 -23.87
C ALA H 435 64.45 13.80 -22.60
N GLU H 436 64.76 15.08 -22.51
CA GLU H 436 65.26 15.69 -21.31
C GLU H 436 64.16 15.98 -20.34
N VAL H 437 62.97 16.32 -20.82
CA VAL H 437 61.90 16.71 -19.94
C VAL H 437 61.31 15.51 -19.30
N VAL H 438 61.38 14.40 -20.01
CA VAL H 438 60.85 13.14 -19.62
C VAL H 438 61.75 12.64 -18.55
N ASN H 439 63.01 12.76 -18.74
CA ASN H 439 63.96 12.42 -17.73
C ASN H 439 63.84 13.17 -16.45
N GLU H 440 63.48 14.43 -16.52
CA GLU H 440 63.30 15.30 -15.39
C GLU H 440 62.01 15.05 -14.66
N ALA H 441 61.00 14.63 -15.38
CA ALA H 441 59.77 14.28 -14.82
C ALA H 441 59.84 13.05 -13.99
N ASN H 442 60.64 12.11 -14.48
CA ASN H 442 61.01 10.92 -13.76
C ASN H 442 62.29 10.89 -13.01
N ARG H 443 62.74 12.05 -12.60
CA ARG H 443 63.74 12.25 -11.58
C ARG H 443 62.99 12.74 -10.41
N SER H 444 62.11 11.90 -9.90
CA SER H 444 61.35 12.19 -8.74
C SER H 444 61.24 10.88 -8.06
N VAL H 445 60.85 10.98 -6.79
CA VAL H 445 60.67 9.88 -5.87
C VAL H 445 59.22 9.53 -5.78
N TYR H 446 58.39 10.45 -6.25
CA TYR H 446 56.97 10.27 -6.26
C TYR H 446 56.58 9.94 -7.70
N GLY H 447 55.49 9.26 -7.92
CA GLY H 447 54.99 9.09 -9.26
C GLY H 447 53.51 9.14 -9.54
N LEU H 448 52.78 10.07 -8.97
CA LEU H 448 51.33 10.10 -8.97
C LEU H 448 50.47 10.71 -10.08
N GLY H 449 50.96 11.68 -10.80
CA GLY H 449 50.27 12.27 -11.91
C GLY H 449 51.17 13.09 -12.83
N ALA H 450 50.65 13.60 -13.92
CA ALA H 450 51.42 14.37 -14.85
C ALA H 450 50.54 14.94 -15.93
N SER H 451 50.95 16.02 -16.57
CA SER H 451 50.23 16.62 -17.70
C SER H 451 51.13 16.85 -18.88
N ILE H 452 50.61 16.68 -20.09
CA ILE H 452 51.26 17.05 -21.33
C ILE H 452 50.31 17.96 -21.99
N TRP H 453 50.81 19.02 -22.60
CA TRP H 453 50.01 20.07 -23.23
C TRP H 453 50.51 20.21 -24.65
N THR H 454 49.69 19.88 -25.60
CA THR H 454 50.19 19.78 -26.89
C THR H 454 49.05 19.37 -27.70
N ASN H 455 49.24 19.40 -28.99
CA ASN H 455 48.28 18.93 -29.90
C ASN H 455 48.98 18.08 -30.88
N ASP H 456 50.01 17.41 -30.42
CA ASP H 456 50.80 16.52 -31.17
C ASP H 456 50.45 15.17 -30.67
N LEU H 457 49.92 14.32 -31.53
CA LEU H 457 49.50 12.97 -31.13
C LEU H 457 50.69 12.05 -30.82
N SER H 458 51.71 12.09 -31.66
CA SER H 458 52.83 11.18 -31.52
C SER H 458 53.44 11.48 -30.19
N ALA H 459 53.81 12.73 -29.96
CA ALA H 459 54.53 13.17 -28.81
C ALA H 459 53.72 12.91 -27.61
N ALA H 460 52.52 13.47 -27.51
CA ALA H 460 51.67 13.18 -26.39
C ALA H 460 51.55 11.75 -25.95
N LEU H 461 51.47 10.82 -26.87
CA LEU H 461 51.21 9.44 -26.53
C LEU H 461 52.39 8.72 -25.93
N ARG H 462 53.49 9.02 -26.62
CA ARG H 462 54.79 8.60 -26.22
C ARG H 462 55.30 9.43 -25.05
N ILE H 463 54.73 10.60 -24.73
CA ILE H 463 55.41 11.17 -23.61
C ILE H 463 54.89 10.26 -22.56
N ASN H 464 53.68 9.82 -22.78
CA ASN H 464 52.89 9.04 -21.86
C ASN H 464 53.35 7.63 -21.76
N ASP H 465 53.75 7.05 -22.81
CA ASP H 465 54.65 5.90 -22.87
C ASP H 465 55.83 5.87 -21.92
N GLU H 466 56.52 6.99 -21.76
CA GLU H 466 57.81 7.02 -21.04
C GLU H 466 57.78 7.62 -19.62
N LEU H 467 56.66 8.24 -19.27
CA LEU H 467 56.46 8.81 -17.96
C LEU H 467 56.25 7.72 -16.99
N GLU H 468 56.71 7.90 -15.77
CA GLU H 468 56.56 6.94 -14.72
C GLU H 468 55.54 7.50 -13.76
N ALA H 469 54.35 7.72 -14.25
CA ALA H 469 53.33 8.41 -13.52
C ALA H 469 52.12 7.57 -13.61
N GLY H 470 51.37 7.48 -12.55
CA GLY H 470 50.23 6.63 -12.47
C GLY H 470 48.95 7.14 -13.04
N THR H 471 48.88 8.45 -13.31
CA THR H 471 47.71 9.04 -13.96
C THR H 471 48.05 10.29 -14.79
N VAL H 472 48.45 10.09 -16.04
CA VAL H 472 48.66 11.16 -16.96
C VAL H 472 47.43 11.83 -17.55
N TRP H 473 47.42 13.14 -17.61
CA TRP H 473 46.37 13.91 -18.22
C TRP H 473 46.98 14.56 -19.41
N VAL H 474 46.19 14.82 -20.43
CA VAL H 474 46.63 15.54 -21.62
C VAL H 474 45.71 16.70 -21.84
N ASN H 475 46.23 17.91 -21.70
CA ASN H 475 45.50 19.15 -21.85
C ASN H 475 44.49 19.42 -20.78
N THR H 476 44.77 18.85 -19.62
CA THR H 476 44.06 19.03 -18.36
C THR H 476 44.96 18.58 -17.22
N HIS H 477 44.47 18.63 -15.99
CA HIS H 477 45.18 18.20 -14.80
C HIS H 477 44.12 18.12 -13.77
N ASN H 478 44.30 17.31 -12.77
CA ASN H 478 43.53 17.26 -11.54
C ASN H 478 42.16 16.67 -11.67
N MET H 479 41.94 15.93 -12.72
CA MET H 479 40.66 15.38 -13.06
C MET H 479 40.48 14.00 -12.49
N VAL H 480 39.48 13.86 -11.65
CA VAL H 480 39.18 12.66 -10.90
C VAL H 480 37.74 12.22 -11.11
N ASP H 481 37.48 10.95 -11.39
CA ASP H 481 36.12 10.48 -11.52
C ASP H 481 35.91 9.42 -10.52
N PRO H 482 34.66 9.06 -10.25
CA PRO H 482 34.33 7.82 -9.60
C PRO H 482 34.65 6.58 -10.43
N ASN H 483 34.71 6.65 -11.73
CA ASN H 483 35.00 5.52 -12.59
C ASN H 483 36.43 5.42 -13.03
N LEU H 484 37.27 6.37 -12.69
CA LEU H 484 38.68 6.35 -13.03
C LEU H 484 39.55 5.88 -11.91
N PRO H 485 40.27 4.77 -12.06
CA PRO H 485 41.22 4.38 -11.06
C PRO H 485 42.36 5.36 -10.84
N PHE H 486 42.87 5.41 -9.63
CA PHE H 486 43.77 6.44 -9.20
C PHE H 486 44.79 5.82 -8.31
N GLY H 487 46.05 6.13 -8.48
CA GLY H 487 47.06 5.59 -7.64
C GLY H 487 48.32 6.10 -8.20
N GLY H 488 49.44 5.81 -7.57
CA GLY H 488 50.70 6.31 -8.05
C GLY H 488 51.71 5.20 -8.03
N PHE H 489 52.86 5.50 -8.56
CA PHE H 489 53.97 4.59 -8.63
C PHE H 489 55.04 5.04 -7.67
N LYS H 490 56.05 4.24 -7.44
CA LYS H 490 57.15 4.59 -6.54
C LYS H 490 56.84 4.89 -5.10
N ASP H 491 57.08 6.11 -4.68
CA ASP H 491 56.89 6.55 -3.30
C ASP H 491 55.56 7.20 -3.06
N SER H 492 54.65 7.06 -4.00
CA SER H 492 53.36 7.69 -3.95
C SER H 492 52.29 6.73 -3.51
N GLY H 493 52.65 5.48 -3.39
CA GLY H 493 51.84 4.56 -2.64
C GLY H 493 51.83 3.17 -3.13
N VAL H 494 50.88 2.41 -2.63
CA VAL H 494 50.54 1.08 -3.10
C VAL H 494 49.05 0.98 -3.35
N GLY H 495 48.62 0.63 -4.54
CA GLY H 495 47.23 0.33 -4.76
C GLY H 495 46.48 1.35 -5.57
N ARG H 496 45.32 0.98 -6.05
CA ARG H 496 44.44 1.90 -6.77
C ARG H 496 43.10 2.08 -6.12
N GLU H 497 42.49 3.21 -6.39
CA GLU H 497 41.43 3.69 -5.59
C GLU H 497 40.02 3.64 -6.09
N HIS H 498 39.77 4.03 -7.34
CA HIS H 498 38.37 4.17 -7.75
C HIS H 498 37.92 3.25 -8.80
N GLY H 499 36.80 3.50 -9.38
CA GLY H 499 36.36 2.62 -10.43
C GLY H 499 36.02 1.19 -10.22
N ALA H 500 36.66 0.32 -10.97
CA ALA H 500 36.58 -1.11 -10.80
C ALA H 500 37.81 -1.57 -10.09
N ALA H 501 38.67 -0.66 -9.73
CA ALA H 501 39.81 -0.97 -8.91
C ALA H 501 39.46 -0.99 -7.43
N ALA H 502 38.34 -0.40 -7.08
CA ALA H 502 37.91 -0.25 -5.73
C ALA H 502 37.48 -1.58 -5.30
N ILE H 503 36.67 -2.21 -6.11
CA ILE H 503 35.96 -3.43 -5.82
C ILE H 503 36.81 -4.64 -5.85
N GLU H 504 37.94 -4.63 -6.42
CA GLU H 504 39.03 -5.51 -6.13
C GLU H 504 39.93 -5.34 -4.93
N HIS H 505 39.87 -4.17 -4.36
CA HIS H 505 40.62 -3.83 -3.18
C HIS H 505 39.83 -3.85 -1.92
N TYR H 506 38.52 -3.88 -2.05
CA TYR H 506 37.60 -3.96 -0.94
C TYR H 506 36.81 -5.24 -0.91
N THR H 507 37.19 -6.18 -1.74
CA THR H 507 36.61 -7.49 -1.76
C THR H 507 37.74 -8.46 -1.89
N THR H 508 37.44 -9.72 -1.65
CA THR H 508 38.36 -10.79 -1.93
C THR H 508 37.56 -11.98 -2.42
N THR H 509 38.12 -13.13 -2.67
CA THR H 509 37.30 -14.25 -3.08
C THR H 509 37.52 -15.47 -2.21
N ARG H 510 36.54 -16.35 -2.12
CA ARG H 510 36.75 -17.71 -1.62
C ARG H 510 36.44 -18.66 -2.77
N SER H 511 37.20 -19.74 -2.88
CA SER H 511 36.95 -20.72 -3.92
C SER H 511 36.10 -21.88 -3.43
N LEU H 512 35.35 -22.49 -4.34
CA LEU H 512 34.52 -23.64 -4.03
C LEU H 512 34.53 -24.61 -5.18
N VAL H 513 34.99 -25.84 -4.89
CA VAL H 513 35.06 -26.91 -5.88
C VAL H 513 34.28 -28.11 -5.36
N ILE H 514 33.16 -28.44 -6.01
CA ILE H 514 32.33 -29.60 -5.61
C ILE H 514 32.53 -30.82 -6.50
N ALA H 515 32.97 -31.94 -5.92
CA ALA H 515 33.04 -33.21 -6.64
C ALA H 515 31.75 -33.99 -6.46
N TYR H 516 31.10 -34.27 -7.56
CA TYR H 516 29.85 -34.95 -7.60
C TYR H 516 30.00 -35.86 -8.76
#